data_6OIW
#
_entry.id   6OIW
#
_cell.length_a   191.240
_cell.length_b   191.240
_cell.length_c   298.610
_cell.angle_alpha   90.00
_cell.angle_beta   90.00
_cell.angle_gamma   90.00
#
_symmetry.space_group_name_H-M   'P 43 21 2'
#
loop_
_entity.id
_entity.type
_entity.pdbx_description
1 polymer 'Deoxyguanosinetriphosphate triphosphohydrolase'
2 non-polymer 'MAGNESIUM ION'
3 non-polymer 'MANGANESE (II) ION'
4 non-polymer "2'-deoxyguanosine-5'-O-(1-thiotriphosphate)"
5 water water
#
_entity_poly.entity_id   1
_entity_poly.type   'polypeptide(L)'
_entity_poly.pdbx_seq_one_letter_code
;MAQIDFRKKINWHRRYRSPQGVKTEHEILRIFESDRGRIINSPAIRRLQQKTQVFPLERNAAVRTRLTHSMEVQQVGRYI
AKEILSRLKELKLLEAYGLDELTGPFESIVEMSCLMHDIGNPPFGHFGEAAINDWFRQRLHPEDAESQPLTDDRCSVAAL
RLRDGEEPLNELRRKIRQDLCHFEGNAQGIRLVHTLMRMNLTWAQVGGILKYTRPAWWRGETPETHHYLMKKPGYYLSEE
AYIARLRKELNLALYSRFPLTWIMEAADDISYCVADLEDAVEKRIFTVEQLYHHLHEAWGQHEKGSLFSLVVENAWEKSR
SNSLSRSTEDQFFMYLRVNTLNKLVPYAAQRFIDNLPAIFAGTFNHALLEDASECSDLLKLYKNVAVKHVFSHPDVERLE
LQGYRVISGLLEIYRPLLSLSLSDFTELVEKERVKRFPIESRLFHKLSTRHRLAYVEAVSKLPSDSPEFPLWEYYYRCRL
LQDYISGMTDLYAWDEYRRLMAVEQ
;
_entity_poly.pdbx_strand_id   A,B,C,D,E,F
#
# COMPACT_ATOMS: atom_id res chain seq x y z
N ALA A 2 -35.01 -1.34 -57.33
CA ALA A 2 -35.21 -2.54 -56.52
C ALA A 2 -36.07 -2.32 -55.25
N GLN A 3 -36.97 -3.29 -54.99
CA GLN A 3 -37.95 -3.37 -53.89
C GLN A 3 -37.32 -3.36 -52.46
N ILE A 4 -38.06 -2.76 -51.48
CA ILE A 4 -37.75 -2.83 -50.06
C ILE A 4 -38.52 -4.06 -49.57
N ASP A 5 -37.79 -5.15 -49.30
CA ASP A 5 -38.31 -6.42 -48.78
C ASP A 5 -37.42 -6.87 -47.65
N PHE A 6 -37.85 -6.60 -46.42
CA PHE A 6 -37.08 -6.91 -45.22
C PHE A 6 -36.90 -8.40 -44.99
N ARG A 7 -37.70 -9.23 -45.68
CA ARG A 7 -37.53 -10.68 -45.63
C ARG A 7 -36.15 -11.03 -46.21
N LYS A 8 -35.72 -10.31 -47.28
CA LYS A 8 -34.42 -10.39 -47.94
C LYS A 8 -33.20 -9.83 -47.07
N LYS A 9 -33.49 -9.10 -45.98
CA LYS A 9 -32.44 -8.54 -45.12
C LYS A 9 -32.39 -9.17 -43.72
N ILE A 10 -33.55 -9.42 -43.09
CA ILE A 10 -33.59 -10.04 -41.76
C ILE A 10 -33.37 -11.54 -41.94
N ASN A 11 -32.09 -11.93 -41.92
CA ASN A 11 -31.64 -13.31 -42.14
C ASN A 11 -31.44 -14.12 -40.86
N TRP A 12 -32.27 -15.19 -40.71
CA TRP A 12 -32.23 -16.03 -39.50
C TRP A 12 -31.31 -17.24 -39.60
N HIS A 13 -30.43 -17.28 -40.61
CA HIS A 13 -29.48 -18.38 -40.78
C HIS A 13 -28.21 -18.15 -40.02
N ARG A 14 -27.43 -19.21 -39.85
CA ARG A 14 -26.17 -19.18 -39.11
C ARG A 14 -24.98 -19.71 -39.94
N ARG A 15 -23.77 -19.24 -39.60
CA ARG A 15 -22.56 -19.65 -40.33
C ARG A 15 -22.15 -21.07 -40.06
N TYR A 16 -22.60 -21.65 -38.90
CA TYR A 16 -22.35 -23.01 -38.44
C TYR A 16 -23.67 -23.60 -37.99
N ARG A 17 -23.89 -24.90 -38.25
CA ARG A 17 -25.07 -25.69 -37.85
C ARG A 17 -26.37 -24.87 -37.95
N SER A 18 -26.65 -24.32 -39.15
CA SER A 18 -27.75 -23.40 -39.44
C SER A 18 -29.16 -23.96 -39.45
N PRO A 19 -30.15 -23.19 -38.93
CA PRO A 19 -31.55 -23.62 -39.07
C PRO A 19 -31.89 -23.51 -40.55
N GLN A 20 -32.57 -24.50 -41.10
CA GLN A 20 -32.83 -24.45 -42.53
C GLN A 20 -34.30 -24.62 -42.84
N GLY A 21 -34.66 -24.45 -44.10
CA GLY A 21 -36.04 -24.70 -44.54
C GLY A 21 -37.16 -23.80 -44.05
N VAL A 22 -38.35 -24.41 -43.92
CA VAL A 22 -39.59 -23.70 -43.61
C VAL A 22 -39.77 -23.46 -42.13
N LYS A 23 -39.98 -22.17 -41.78
CA LYS A 23 -40.15 -21.71 -40.39
C LYS A 23 -41.35 -20.79 -40.24
N THR A 24 -42.05 -20.94 -39.09
CA THR A 24 -43.22 -20.18 -38.60
C THR A 24 -42.74 -18.81 -38.15
N GLU A 25 -43.65 -17.82 -38.12
CA GLU A 25 -43.36 -16.49 -37.57
C GLU A 25 -42.76 -16.69 -36.16
N HIS A 26 -43.35 -17.63 -35.37
CA HIS A 26 -42.92 -17.97 -34.02
C HIS A 26 -41.55 -18.63 -34.06
N GLU A 27 -41.36 -19.59 -34.99
CA GLU A 27 -40.09 -20.31 -35.16
C GLU A 27 -38.93 -19.36 -35.39
N ILE A 28 -39.13 -18.37 -36.28
CA ILE A 28 -38.14 -17.35 -36.60
C ILE A 28 -37.88 -16.48 -35.36
N LEU A 29 -38.96 -16.11 -34.61
CA LEU A 29 -38.83 -15.32 -33.39
C LEU A 29 -37.84 -16.02 -32.43
N ARG A 30 -38.11 -17.32 -32.18
CA ARG A 30 -37.30 -18.18 -31.33
C ARG A 30 -35.82 -18.15 -31.69
N ILE A 31 -35.50 -18.13 -33.02
CA ILE A 31 -34.12 -18.09 -33.55
C ILE A 31 -33.42 -16.83 -33.06
N PHE A 32 -34.11 -15.69 -33.20
CA PHE A 32 -33.58 -14.40 -32.81
C PHE A 32 -33.52 -14.21 -31.29
N GLU A 33 -34.41 -14.93 -30.56
CA GLU A 33 -34.46 -14.91 -29.10
C GLU A 33 -33.29 -15.72 -28.62
N SER A 34 -32.87 -16.78 -29.36
CA SER A 34 -31.70 -17.56 -29.01
C SER A 34 -30.45 -16.67 -29.01
N ASP A 35 -30.33 -15.80 -30.02
CA ASP A 35 -29.24 -14.84 -30.12
C ASP A 35 -29.16 -14.01 -28.85
N ARG A 36 -30.32 -13.48 -28.36
CA ARG A 36 -30.39 -12.65 -27.15
C ARG A 36 -29.73 -13.33 -25.99
N GLY A 37 -30.09 -14.59 -25.78
CA GLY A 37 -29.55 -15.43 -24.73
C GLY A 37 -28.04 -15.62 -24.82
N ARG A 38 -27.56 -15.88 -26.05
CA ARG A 38 -26.14 -16.06 -26.34
C ARG A 38 -25.39 -14.80 -25.95
N ILE A 39 -25.83 -13.64 -26.45
CA ILE A 39 -25.24 -12.32 -26.22
C ILE A 39 -25.26 -11.92 -24.72
N ILE A 40 -26.43 -12.01 -24.06
CA ILE A 40 -26.60 -11.64 -22.66
C ILE A 40 -25.73 -12.49 -21.73
N ASN A 41 -25.68 -13.79 -22.01
CA ASN A 41 -24.87 -14.64 -21.16
C ASN A 41 -23.39 -14.67 -21.59
N SER A 42 -23.02 -13.89 -22.63
CA SER A 42 -21.64 -13.87 -23.09
C SER A 42 -20.69 -13.18 -22.12
N PRO A 43 -19.52 -13.82 -21.81
CA PRO A 43 -18.55 -13.19 -20.91
C PRO A 43 -17.97 -11.92 -21.50
N ALA A 44 -18.03 -11.83 -22.84
CA ALA A 44 -17.60 -10.65 -23.58
C ALA A 44 -18.37 -9.44 -23.12
N ILE A 45 -19.69 -9.62 -22.96
CA ILE A 45 -20.58 -8.57 -22.48
C ILE A 45 -20.34 -8.33 -20.99
N ARG A 46 -20.21 -9.41 -20.18
CA ARG A 46 -19.97 -9.26 -18.75
C ARG A 46 -18.71 -8.38 -18.48
N ARG A 47 -17.59 -8.68 -19.23
CA ARG A 47 -16.32 -7.96 -19.13
C ARG A 47 -16.50 -6.43 -19.29
N LEU A 48 -17.62 -5.99 -19.91
CA LEU A 48 -17.91 -4.56 -20.11
C LEU A 48 -18.14 -3.79 -18.83
N GLN A 49 -18.58 -4.44 -17.74
CA GLN A 49 -18.83 -3.73 -16.49
C GLN A 49 -17.52 -3.22 -15.85
N GLN A 50 -16.35 -3.63 -16.41
CA GLN A 50 -15.02 -3.26 -15.93
C GLN A 50 -14.21 -2.54 -17.03
N LYS A 51 -14.86 -2.24 -18.18
CA LYS A 51 -14.26 -1.46 -19.27
C LYS A 51 -14.86 -0.10 -19.09
N THR A 52 -14.08 1.00 -19.20
CA THR A 52 -14.70 2.28 -18.88
C THR A 52 -14.89 3.24 -20.05
N GLN A 53 -15.99 3.98 -19.93
CA GLN A 53 -16.47 4.95 -20.85
C GLN A 53 -16.27 6.27 -20.16
N VAL A 54 -15.61 7.19 -20.83
CA VAL A 54 -15.25 8.53 -20.38
C VAL A 54 -14.26 8.61 -19.26
N PHE A 55 -14.62 8.12 -18.10
CA PHE A 55 -13.75 8.23 -16.98
C PHE A 55 -13.00 6.97 -16.75
N PRO A 56 -11.68 7.06 -16.79
CA PRO A 56 -10.93 5.79 -16.57
C PRO A 56 -10.87 5.33 -15.12
N LEU A 57 -10.73 3.98 -14.92
CA LEU A 57 -10.64 3.26 -13.64
C LEU A 57 -11.53 3.88 -12.53
N GLU A 58 -12.73 4.36 -12.94
CA GLU A 58 -13.67 5.07 -12.10
C GLU A 58 -14.23 4.17 -10.99
N ARG A 59 -14.01 4.57 -9.71
CA ARG A 59 -14.37 3.82 -8.50
C ARG A 59 -15.77 4.10 -8.01
N ASN A 60 -16.46 5.01 -8.70
CA ASN A 60 -17.84 5.34 -8.38
C ASN A 60 -18.79 4.57 -9.30
N ALA A 61 -19.63 3.71 -8.69
CA ALA A 61 -20.62 2.87 -9.39
C ALA A 61 -21.66 3.72 -10.12
N ALA A 62 -21.92 4.94 -9.60
CA ALA A 62 -22.85 5.92 -10.11
C ALA A 62 -22.45 6.48 -11.47
N VAL A 63 -21.17 6.30 -11.83
CA VAL A 63 -20.64 6.67 -13.13
C VAL A 63 -20.81 5.45 -14.08
N ARG A 64 -21.15 5.72 -15.35
CA ARG A 64 -21.34 4.70 -16.36
C ARG A 64 -20.04 4.00 -16.77
N THR A 65 -20.18 2.69 -16.99
CA THR A 65 -19.19 1.78 -17.52
C THR A 65 -19.64 1.55 -18.98
N ARG A 66 -19.02 0.63 -19.69
CA ARG A 66 -19.47 0.23 -20.99
C ARG A 66 -20.80 -0.55 -20.94
N LEU A 67 -21.03 -1.34 -19.93
CA LEU A 67 -22.24 -2.09 -19.77
C LEU A 67 -23.37 -1.29 -19.49
N THR A 68 -22.98 -0.08 -18.96
CA THR A 68 -24.09 0.80 -18.69
C THR A 68 -24.40 1.65 -19.86
N HIS A 69 -23.43 2.12 -20.57
CA HIS A 69 -23.75 2.85 -21.75
C HIS A 69 -24.44 2.01 -22.78
N SER A 70 -23.97 0.79 -23.11
CA SER A 70 -24.57 -0.14 -24.05
C SER A 70 -26.00 -0.51 -23.62
N MET A 71 -26.24 -0.62 -22.29
CA MET A 71 -27.55 -0.89 -21.70
C MET A 71 -28.55 0.22 -22.00
N GLU A 72 -28.21 1.45 -21.74
CA GLU A 72 -28.96 2.68 -21.99
C GLU A 72 -29.16 2.85 -23.51
N VAL A 73 -28.11 2.59 -24.33
CA VAL A 73 -28.15 2.68 -25.80
C VAL A 73 -29.24 1.74 -26.31
N GLN A 74 -29.26 0.50 -25.74
CA GLN A 74 -30.23 -0.54 -26.04
C GLN A 74 -31.67 -0.01 -25.89
N GLN A 75 -31.95 0.79 -24.84
CA GLN A 75 -33.30 1.35 -24.67
C GLN A 75 -33.62 2.42 -25.72
N VAL A 76 -32.64 3.29 -26.08
CA VAL A 76 -32.84 4.33 -27.10
C VAL A 76 -33.11 3.64 -28.45
N GLY A 77 -32.35 2.58 -28.72
CA GLY A 77 -32.47 1.75 -29.92
C GLY A 77 -33.85 1.16 -30.04
N ARG A 78 -34.37 0.62 -28.89
CA ARG A 78 -35.70 0.03 -28.76
C ARG A 78 -36.74 1.10 -29.16
N TYR A 79 -36.68 2.30 -28.52
CA TYR A 79 -37.57 3.43 -28.78
C TYR A 79 -37.53 3.86 -30.27
N ILE A 80 -36.33 3.93 -30.89
CA ILE A 80 -36.21 4.31 -32.32
C ILE A 80 -36.87 3.26 -33.21
N ALA A 81 -36.55 1.97 -33.03
CA ALA A 81 -37.13 0.90 -33.87
C ALA A 81 -38.63 0.82 -33.67
N LYS A 82 -39.08 0.92 -32.37
CA LYS A 82 -40.49 0.89 -32.02
C LYS A 82 -41.21 2.02 -32.78
N GLU A 83 -40.60 3.23 -32.83
CA GLU A 83 -41.16 4.36 -33.56
C GLU A 83 -41.15 4.14 -35.09
N ILE A 84 -40.08 3.56 -35.65
CA ILE A 84 -39.98 3.28 -37.09
C ILE A 84 -41.15 2.37 -37.48
N LEU A 85 -41.32 1.26 -36.73
CA LEU A 85 -42.40 0.30 -36.98
C LEU A 85 -43.83 0.90 -36.83
N SER A 86 -44.05 1.73 -35.78
CA SER A 86 -45.33 2.42 -35.51
C SER A 86 -45.75 3.27 -36.69
N ARG A 87 -44.81 4.08 -37.18
CA ARG A 87 -44.97 4.97 -38.30
C ARG A 87 -45.20 4.18 -39.61
N LEU A 88 -44.42 3.12 -39.86
CA LEU A 88 -44.59 2.27 -41.04
C LEU A 88 -45.99 1.62 -41.07
N LYS A 89 -46.50 1.28 -39.86
CA LYS A 89 -47.83 0.73 -39.65
C LYS A 89 -48.86 1.78 -40.00
N GLU A 90 -48.68 3.03 -39.54
CA GLU A 90 -49.62 4.11 -39.90
C GLU A 90 -49.56 4.42 -41.41
N LEU A 91 -48.38 4.27 -42.03
CA LEU A 91 -48.24 4.52 -43.47
C LEU A 91 -48.79 3.35 -44.32
N LYS A 92 -49.10 2.21 -43.64
CA LYS A 92 -49.63 0.95 -44.20
C LYS A 92 -48.52 0.14 -44.93
N LEU A 93 -47.31 0.73 -44.99
CA LEU A 93 -46.10 0.20 -45.60
C LEU A 93 -45.47 -1.03 -44.91
N LEU A 94 -45.95 -1.41 -43.69
CA LEU A 94 -45.39 -2.54 -42.94
C LEU A 94 -45.48 -3.84 -43.71
N GLU A 95 -46.69 -4.18 -44.21
CA GLU A 95 -46.92 -5.38 -45.02
C GLU A 95 -46.12 -5.28 -46.29
N ALA A 96 -46.15 -4.09 -46.91
CA ALA A 96 -45.45 -3.75 -48.14
C ALA A 96 -43.92 -3.91 -48.09
N TYR A 97 -43.32 -3.60 -46.95
CA TYR A 97 -41.88 -3.70 -46.84
C TYR A 97 -41.41 -5.06 -46.31
N GLY A 98 -42.33 -6.01 -46.10
CA GLY A 98 -42.00 -7.35 -45.62
C GLY A 98 -41.70 -7.48 -44.14
N LEU A 99 -42.04 -6.43 -43.42
CA LEU A 99 -41.84 -6.32 -41.99
C LEU A 99 -42.98 -6.85 -41.16
N ASP A 100 -44.18 -7.01 -41.75
CA ASP A 100 -45.38 -7.46 -41.03
C ASP A 100 -45.15 -8.70 -40.19
N GLU A 101 -44.27 -9.61 -40.62
CA GLU A 101 -44.01 -10.82 -39.83
C GLU A 101 -42.63 -10.81 -39.11
N LEU A 102 -41.84 -9.76 -39.32
CA LEU A 102 -40.52 -9.63 -38.72
C LEU A 102 -40.42 -8.44 -37.73
N THR A 103 -41.52 -8.08 -37.05
CA THR A 103 -41.58 -6.98 -36.12
C THR A 103 -40.63 -7.16 -34.94
N GLY A 104 -40.72 -8.35 -34.34
CA GLY A 104 -39.92 -8.76 -33.21
C GLY A 104 -38.45 -8.80 -33.53
N PRO A 105 -38.05 -9.59 -34.57
CA PRO A 105 -36.64 -9.63 -34.97
C PRO A 105 -36.07 -8.25 -35.24
N PHE A 106 -36.83 -7.39 -35.96
CA PHE A 106 -36.41 -6.02 -36.26
C PHE A 106 -35.95 -5.30 -34.98
N GLU A 107 -36.84 -5.28 -33.97
CA GLU A 107 -36.63 -4.69 -32.66
C GLU A 107 -35.44 -5.36 -31.97
N SER A 108 -35.51 -6.70 -31.75
CA SER A 108 -34.46 -7.48 -31.10
C SER A 108 -33.06 -7.26 -31.70
N ILE A 109 -32.92 -7.35 -33.05
CA ILE A 109 -31.64 -7.13 -33.76
C ILE A 109 -31.03 -5.78 -33.35
N VAL A 110 -31.87 -4.70 -33.36
CA VAL A 110 -31.46 -3.35 -32.96
C VAL A 110 -30.97 -3.38 -31.52
N GLU A 111 -31.83 -3.85 -30.59
CA GLU A 111 -31.52 -3.95 -29.16
C GLU A 111 -30.19 -4.70 -28.91
N MET A 112 -30.01 -5.86 -29.56
CA MET A 112 -28.81 -6.65 -29.35
C MET A 112 -27.57 -6.02 -29.92
N SER A 113 -27.62 -5.51 -31.16
CA SER A 113 -26.45 -4.82 -31.75
C SER A 113 -26.11 -3.54 -31.01
N CYS A 114 -27.05 -3.00 -30.21
CA CYS A 114 -26.82 -1.85 -29.34
C CYS A 114 -25.98 -2.30 -28.17
N LEU A 115 -26.38 -3.40 -27.50
CA LEU A 115 -25.67 -3.96 -26.36
C LEU A 115 -24.24 -4.40 -26.74
N MET A 116 -24.08 -4.90 -27.98
CA MET A 116 -22.79 -5.36 -28.49
C MET A 116 -21.97 -4.28 -29.16
N HIS A 117 -22.48 -3.05 -29.33
CA HIS A 117 -21.75 -2.01 -30.03
C HIS A 117 -20.30 -1.76 -29.54
N ASP A 118 -19.99 -2.04 -28.29
CA ASP A 118 -18.67 -1.76 -27.72
C ASP A 118 -17.91 -2.94 -27.30
N ILE A 119 -18.35 -4.06 -27.76
CA ILE A 119 -17.81 -5.35 -27.37
C ILE A 119 -16.31 -5.48 -27.69
N GLY A 120 -15.87 -4.89 -28.80
CA GLY A 120 -14.47 -5.01 -29.21
C GLY A 120 -13.52 -3.91 -28.78
N ASN A 121 -13.92 -3.01 -27.96
CA ASN A 121 -13.08 -1.94 -27.55
C ASN A 121 -11.92 -2.32 -26.69
N PRO A 122 -10.81 -1.66 -26.86
CA PRO A 122 -9.65 -2.07 -26.05
C PRO A 122 -9.60 -1.48 -24.63
N PRO A 123 -8.66 -1.90 -23.73
CA PRO A 123 -8.64 -1.37 -22.38
C PRO A 123 -8.73 0.13 -22.21
N PHE A 124 -7.89 0.98 -22.78
CA PHE A 124 -8.16 2.36 -22.36
C PHE A 124 -8.84 3.19 -23.44
N GLY A 125 -9.81 2.57 -24.12
CA GLY A 125 -10.62 3.19 -25.16
C GLY A 125 -9.79 3.68 -26.32
N HIS A 126 -9.82 4.96 -26.57
CA HIS A 126 -9.09 5.55 -27.65
C HIS A 126 -7.65 5.59 -27.42
N PHE A 127 -7.26 5.45 -26.19
CA PHE A 127 -5.86 5.41 -25.81
C PHE A 127 -5.29 4.02 -25.98
N GLY A 128 -6.15 3.00 -25.88
CA GLY A 128 -5.79 1.60 -26.13
C GLY A 128 -5.46 1.51 -27.63
N GLU A 129 -6.44 1.96 -28.48
CA GLU A 129 -6.32 2.04 -29.94
C GLU A 129 -4.98 2.73 -30.19
N ALA A 130 -4.82 3.95 -29.64
CA ALA A 130 -3.62 4.77 -29.78
C ALA A 130 -2.35 3.99 -29.51
N ALA A 131 -2.23 3.43 -28.30
CA ALA A 131 -1.05 2.68 -27.89
C ALA A 131 -0.77 1.51 -28.81
N ILE A 132 -1.81 0.70 -29.13
CA ILE A 132 -1.70 -0.46 -30.02
C ILE A 132 -1.17 -0.05 -31.41
N ASN A 133 -1.82 0.95 -32.04
CA ASN A 133 -1.52 1.46 -33.37
C ASN A 133 -0.20 2.19 -33.48
N ASP A 134 0.20 2.88 -32.40
CA ASP A 134 1.48 3.62 -32.33
C ASP A 134 2.66 2.64 -32.16
N TRP A 135 2.51 1.61 -31.28
CA TRP A 135 3.45 0.48 -31.16
C TRP A 135 3.13 -0.21 -32.48
N PHE A 136 3.88 -1.10 -33.10
CA PHE A 136 3.37 -1.62 -34.41
C PHE A 136 3.68 -0.61 -35.51
N ARG A 137 3.11 0.64 -35.49
CA ARG A 137 3.49 1.59 -36.52
C ARG A 137 4.99 1.75 -36.44
N GLN A 138 5.54 1.79 -35.20
CA GLN A 138 6.99 1.87 -34.97
C GLN A 138 7.72 0.57 -35.40
N ARG A 139 7.04 -0.61 -35.28
CA ARG A 139 7.59 -1.93 -35.59
C ARG A 139 7.63 -2.18 -37.10
N LEU A 140 6.47 -2.20 -37.74
CA LEU A 140 6.31 -2.45 -39.17
C LEU A 140 5.75 -1.19 -39.87
N HIS A 141 6.56 -0.13 -40.08
CA HIS A 141 6.13 1.14 -40.66
C HIS A 141 5.28 0.98 -41.93
N PRO A 142 3.95 1.24 -41.87
CA PRO A 142 3.12 1.05 -43.06
C PRO A 142 3.27 2.17 -44.07
N GLU A 143 3.86 3.29 -43.61
CA GLU A 143 4.13 4.47 -44.40
C GLU A 143 5.00 4.12 -45.62
N ASP A 144 5.93 3.14 -45.42
CA ASP A 144 6.89 2.59 -46.40
C ASP A 144 6.29 1.61 -47.42
N ALA A 145 5.23 0.87 -47.05
CA ALA A 145 4.59 -0.11 -47.92
C ALA A 145 3.78 0.56 -49.03
N GLU A 146 3.07 1.66 -48.69
CA GLU A 146 2.32 2.48 -49.65
C GLU A 146 3.41 3.16 -50.46
N SER A 147 3.76 2.57 -51.65
CA SER A 147 4.79 3.01 -52.61
C SER A 147 5.37 1.79 -53.32
N GLN A 148 6.50 2.01 -54.02
CA GLN A 148 7.30 0.98 -54.68
C GLN A 148 8.22 0.40 -53.59
N PRO A 149 8.67 -0.88 -53.68
CA PRO A 149 9.58 -1.40 -52.65
C PRO A 149 10.80 -0.50 -52.61
N LEU A 150 10.97 0.19 -51.48
CA LEU A 150 12.01 1.19 -51.31
C LEU A 150 13.19 0.79 -50.43
N THR A 151 14.33 1.34 -50.77
CA THR A 151 15.58 1.24 -50.03
C THR A 151 15.57 2.62 -49.30
N ASP A 152 15.46 2.69 -47.95
CA ASP A 152 15.47 1.61 -46.96
C ASP A 152 14.20 1.57 -46.12
N ASP A 153 13.57 0.41 -46.21
CA ASP A 153 12.31 0.05 -45.59
C ASP A 153 12.45 -0.05 -44.07
N ARG A 154 11.80 0.88 -43.38
CA ARG A 154 11.84 1.06 -41.92
C ARG A 154 11.28 -0.10 -41.09
N CYS A 155 10.58 -1.02 -41.75
CA CYS A 155 9.92 -2.19 -41.16
C CYS A 155 10.93 -3.14 -40.57
N SER A 156 10.83 -3.39 -39.24
CA SER A 156 11.72 -4.27 -38.49
C SER A 156 11.56 -5.71 -38.92
N VAL A 157 10.31 -6.09 -39.24
CA VAL A 157 9.92 -7.43 -39.69
C VAL A 157 10.57 -7.74 -41.02
N ALA A 158 11.54 -8.64 -40.97
CA ALA A 158 12.31 -9.07 -42.12
C ALA A 158 11.43 -9.58 -43.27
N ALA A 159 10.45 -10.40 -42.93
CA ALA A 159 9.54 -11.00 -43.89
C ALA A 159 8.66 -9.97 -44.62
N LEU A 160 7.94 -9.14 -43.83
CA LEU A 160 7.00 -8.08 -44.25
C LEU A 160 7.64 -6.92 -45.06
N ARG A 161 8.98 -6.75 -44.95
CA ARG A 161 9.74 -5.72 -45.65
C ARG A 161 9.57 -5.91 -47.14
N LEU A 162 9.14 -4.83 -47.82
CA LEU A 162 8.87 -4.78 -49.27
C LEU A 162 10.06 -5.20 -50.08
N ARG A 163 10.11 -6.48 -50.47
CA ARG A 163 11.21 -7.03 -51.26
C ARG A 163 11.23 -6.44 -52.68
N ASP A 164 12.38 -5.78 -53.02
CA ASP A 164 12.62 -5.02 -54.23
C ASP A 164 12.24 -5.72 -55.51
N GLY A 165 11.57 -4.93 -56.35
CA GLY A 165 11.05 -5.32 -57.65
C GLY A 165 10.05 -6.46 -57.70
N GLU A 166 10.57 -7.65 -58.05
CA GLU A 166 9.97 -8.95 -58.39
C GLU A 166 8.88 -9.57 -57.45
N GLU A 167 8.04 -8.77 -56.77
CA GLU A 167 7.04 -9.40 -55.92
C GLU A 167 5.60 -8.84 -56.00
N PRO A 168 4.60 -9.71 -56.34
CA PRO A 168 3.19 -9.29 -56.25
C PRO A 168 2.68 -9.56 -54.81
N LEU A 169 3.45 -10.38 -54.03
CA LEU A 169 3.19 -10.67 -52.62
C LEU A 169 3.68 -9.50 -51.78
N ASN A 170 4.25 -8.47 -52.45
CA ASN A 170 4.57 -7.17 -51.86
C ASN A 170 3.21 -6.52 -51.51
N GLU A 171 2.15 -6.84 -52.31
CA GLU A 171 0.80 -6.36 -52.08
C GLU A 171 0.26 -6.95 -50.78
N LEU A 172 0.56 -8.23 -50.50
CA LEU A 172 0.17 -8.86 -49.23
C LEU A 172 0.85 -8.15 -48.05
N ARG A 173 2.16 -7.84 -48.22
CA ARG A 173 2.98 -7.14 -47.23
C ARG A 173 2.34 -5.79 -46.88
N ARG A 174 1.91 -5.02 -47.92
CA ARG A 174 1.22 -3.71 -47.79
C ARG A 174 -0.04 -3.87 -46.96
N LYS A 175 -0.86 -4.85 -47.37
CA LYS A 175 -2.12 -5.22 -46.74
C LYS A 175 -1.89 -5.52 -45.23
N ILE A 176 -0.98 -6.48 -44.93
CA ILE A 176 -0.63 -6.90 -43.57
C ILE A 176 -0.15 -5.71 -42.72
N ARG A 177 0.83 -4.94 -43.24
CA ARG A 177 1.38 -3.77 -42.55
C ARG A 177 0.35 -2.67 -42.22
N GLN A 178 -0.59 -2.39 -43.14
CA GLN A 178 -1.59 -1.37 -42.89
C GLN A 178 -2.65 -1.89 -41.91
N ASP A 179 -3.14 -3.13 -42.14
CA ASP A 179 -4.20 -3.77 -41.35
C ASP A 179 -3.81 -3.85 -39.87
N LEU A 180 -2.56 -4.31 -39.59
CA LEU A 180 -2.06 -4.46 -38.22
C LEU A 180 -1.97 -3.12 -37.50
N CYS A 181 -1.58 -2.02 -38.21
CA CYS A 181 -1.52 -0.65 -37.66
C CYS A 181 -2.87 0.06 -37.58
N HIS A 182 -3.92 -0.63 -37.96
CA HIS A 182 -5.24 -0.06 -37.97
C HIS A 182 -6.21 -0.79 -37.11
N PHE A 183 -5.95 -0.89 -35.84
CA PHE A 183 -6.86 -1.47 -34.89
C PHE A 183 -8.06 -0.56 -34.72
N GLU A 184 -9.23 -1.13 -34.56
CA GLU A 184 -10.44 -0.37 -34.33
C GLU A 184 -11.34 -1.20 -33.44
N GLY A 185 -12.14 -0.58 -32.62
CA GLY A 185 -13.07 -1.27 -31.78
C GLY A 185 -14.11 -2.02 -32.54
N ASN A 186 -14.55 -1.43 -33.60
CA ASN A 186 -15.53 -1.91 -34.50
C ASN A 186 -15.17 -3.07 -35.29
N ALA A 187 -13.93 -3.14 -35.71
CA ALA A 187 -13.37 -4.22 -36.53
C ALA A 187 -13.09 -5.46 -35.66
N GLN A 188 -12.53 -5.21 -34.45
CA GLN A 188 -12.17 -6.20 -33.42
C GLN A 188 -13.45 -6.84 -32.89
N GLY A 189 -14.55 -6.10 -33.05
CA GLY A 189 -15.90 -6.49 -32.65
C GLY A 189 -16.36 -7.68 -33.44
N ILE A 190 -16.19 -7.61 -34.79
CA ILE A 190 -16.57 -8.66 -35.72
C ILE A 190 -15.66 -9.87 -35.49
N ARG A 191 -14.35 -9.60 -35.27
CA ARG A 191 -13.34 -10.63 -34.99
C ARG A 191 -13.73 -11.41 -33.74
N LEU A 192 -14.17 -10.67 -32.72
CA LEU A 192 -14.57 -11.17 -31.44
C LEU A 192 -15.79 -12.07 -31.53
N VAL A 193 -16.93 -11.57 -32.05
CA VAL A 193 -18.17 -12.37 -32.16
C VAL A 193 -17.99 -13.59 -33.04
N HIS A 194 -17.14 -13.49 -34.08
CA HIS A 194 -16.96 -14.62 -34.98
C HIS A 194 -15.78 -15.53 -34.66
N THR A 195 -14.55 -15.09 -34.95
CA THR A 195 -13.32 -15.88 -34.84
C THR A 195 -12.95 -16.28 -33.41
N LEU A 196 -13.12 -15.34 -32.46
CA LEU A 196 -12.68 -15.51 -31.08
C LEU A 196 -13.71 -16.09 -30.12
N MET A 197 -14.96 -15.63 -30.15
CA MET A 197 -16.00 -16.08 -29.24
C MET A 197 -16.81 -17.24 -29.81
N ARG A 198 -16.81 -17.38 -31.14
CA ARG A 198 -17.54 -18.40 -31.88
C ARG A 198 -19.01 -18.48 -31.39
N MET A 199 -19.65 -17.30 -31.34
CA MET A 199 -21.03 -17.10 -30.84
C MET A 199 -22.09 -17.73 -31.70
N ASN A 200 -21.82 -17.87 -32.99
CA ASN A 200 -22.72 -18.41 -34.02
C ASN A 200 -24.05 -17.69 -34.01
N LEU A 201 -23.98 -16.36 -34.13
CA LEU A 201 -25.17 -15.55 -34.18
C LEU A 201 -25.82 -15.70 -35.59
N THR A 202 -27.05 -15.16 -35.77
CA THR A 202 -27.69 -15.15 -37.08
C THR A 202 -26.97 -14.09 -37.90
N TRP A 203 -26.98 -14.25 -39.23
CA TRP A 203 -26.33 -13.31 -40.15
C TRP A 203 -26.83 -11.90 -39.93
N ALA A 204 -28.16 -11.73 -39.75
CA ALA A 204 -28.78 -10.44 -39.50
C ALA A 204 -28.19 -9.80 -38.24
N GLN A 205 -28.02 -10.59 -37.15
CA GLN A 205 -27.45 -10.10 -35.88
C GLN A 205 -26.01 -9.61 -36.00
N VAL A 206 -25.22 -10.25 -36.86
CA VAL A 206 -23.83 -9.91 -37.10
C VAL A 206 -23.78 -8.66 -37.99
N GLY A 207 -24.70 -8.56 -38.94
CA GLY A 207 -24.76 -7.43 -39.84
C GLY A 207 -24.97 -6.12 -39.10
N GLY A 208 -25.73 -6.24 -38.00
CA GLY A 208 -26.08 -5.14 -37.10
C GLY A 208 -24.91 -4.51 -36.39
N ILE A 209 -23.84 -5.32 -36.14
CA ILE A 209 -22.67 -4.80 -35.46
C ILE A 209 -21.57 -4.37 -36.47
N LEU A 210 -21.84 -4.46 -37.80
CA LEU A 210 -20.90 -4.00 -38.83
C LEU A 210 -21.22 -2.54 -39.14
N LYS A 211 -20.65 -1.64 -38.35
CA LYS A 211 -20.78 -0.19 -38.49
C LYS A 211 -20.13 0.50 -39.64
N TYR A 212 -18.90 0.13 -39.96
CA TYR A 212 -18.16 0.74 -41.06
C TYR A 212 -17.77 -0.32 -42.03
N THR A 213 -17.68 0.06 -43.27
CA THR A 213 -17.48 -0.83 -44.41
C THR A 213 -16.06 -0.78 -44.98
N ARG A 214 -15.16 -0.06 -44.29
CA ARG A 214 -13.78 0.08 -44.74
C ARG A 214 -12.92 -1.08 -44.27
N PRO A 215 -12.19 -1.73 -45.18
CA PRO A 215 -11.27 -2.80 -44.78
C PRO A 215 -10.07 -2.17 -44.06
N ALA A 216 -9.61 -2.75 -42.93
CA ALA A 216 -8.52 -2.14 -42.13
C ALA A 216 -7.22 -1.91 -42.91
N TRP A 217 -6.97 -2.72 -43.95
CA TRP A 217 -5.80 -2.58 -44.81
C TRP A 217 -5.94 -1.46 -45.83
N TRP A 218 -7.13 -0.84 -45.96
CA TRP A 218 -7.38 0.24 -46.91
C TRP A 218 -6.33 1.34 -46.73
N ARG A 219 -5.68 1.72 -47.85
CA ARG A 219 -4.60 2.71 -47.87
C ARG A 219 -4.99 3.99 -48.62
N GLY A 220 -5.93 3.86 -49.57
CA GLY A 220 -6.42 4.93 -50.45
C GLY A 220 -7.16 6.08 -49.79
N GLU A 221 -8.04 6.75 -50.57
CA GLU A 221 -8.79 7.94 -50.13
C GLU A 221 -10.29 7.74 -49.94
N THR A 222 -10.80 6.48 -50.01
CA THR A 222 -12.21 6.07 -49.90
C THR A 222 -13.09 6.69 -50.99
N PRO A 223 -13.99 5.89 -51.59
CA PRO A 223 -14.88 6.44 -52.63
C PRO A 223 -15.75 7.56 -52.10
N GLU A 224 -15.78 8.68 -52.85
CA GLU A 224 -16.52 9.92 -52.57
C GLU A 224 -17.96 9.64 -52.21
N THR A 225 -18.48 8.52 -52.75
CA THR A 225 -19.82 8.01 -52.54
C THR A 225 -19.94 7.44 -51.14
N HIS A 226 -18.98 6.58 -50.75
CA HIS A 226 -18.95 5.85 -49.48
C HIS A 226 -18.01 6.42 -48.38
N HIS A 227 -17.70 7.74 -48.46
CA HIS A 227 -16.80 8.49 -47.55
C HIS A 227 -17.13 8.30 -46.08
N TYR A 228 -18.45 8.34 -45.76
CA TYR A 228 -19.00 8.21 -44.41
C TYR A 228 -18.99 6.79 -43.93
N LEU A 229 -19.55 5.87 -44.72
CA LEU A 229 -19.61 4.45 -44.36
C LEU A 229 -18.21 3.84 -44.17
N MET A 230 -17.22 4.39 -44.88
CA MET A 230 -15.82 3.97 -44.82
C MET A 230 -14.96 4.88 -43.93
N LYS A 231 -15.60 5.71 -43.07
CA LYS A 231 -15.02 6.64 -42.08
C LYS A 231 -13.83 5.98 -41.33
N LYS A 232 -14.07 4.86 -40.67
CA LYS A 232 -13.03 4.10 -39.98
C LYS A 232 -13.06 2.63 -40.32
N PRO A 233 -12.06 1.84 -39.99
CA PRO A 233 -12.07 0.45 -40.46
C PRO A 233 -13.20 -0.31 -39.77
N GLY A 234 -13.89 -1.11 -40.55
CA GLY A 234 -15.02 -1.89 -40.08
C GLY A 234 -14.77 -3.37 -39.95
N TYR A 235 -13.65 -3.86 -40.50
CA TYR A 235 -13.25 -5.26 -40.48
C TYR A 235 -11.78 -5.47 -40.87
N TYR A 236 -11.15 -6.51 -40.31
CA TYR A 236 -9.74 -6.83 -40.59
C TYR A 236 -9.56 -7.79 -41.77
N LEU A 237 -8.29 -7.97 -42.20
CA LEU A 237 -7.85 -8.87 -43.27
C LEU A 237 -8.22 -10.29 -42.87
N SER A 238 -8.09 -10.58 -41.57
CA SER A 238 -8.41 -11.86 -40.95
C SER A 238 -9.89 -12.24 -41.04
N GLU A 239 -10.79 -11.30 -41.38
CA GLU A 239 -12.22 -11.60 -41.51
C GLU A 239 -12.76 -11.26 -42.92
N GLU A 240 -11.87 -10.93 -43.86
CA GLU A 240 -12.27 -10.56 -45.23
C GLU A 240 -13.30 -11.57 -45.82
N ALA A 241 -13.06 -12.86 -45.57
CA ALA A 241 -13.90 -13.93 -46.05
C ALA A 241 -15.23 -14.00 -45.34
N TYR A 242 -15.22 -13.81 -44.03
CA TYR A 242 -16.45 -13.83 -43.22
C TYR A 242 -17.36 -12.76 -43.74
N ILE A 243 -16.82 -11.51 -43.79
CA ILE A 243 -17.49 -10.31 -44.28
C ILE A 243 -18.03 -10.54 -45.69
N ALA A 244 -17.29 -11.30 -46.51
CA ALA A 244 -17.73 -11.64 -47.84
C ALA A 244 -18.96 -12.57 -47.80
N ARG A 245 -19.03 -13.58 -46.90
CA ARG A 245 -20.21 -14.46 -46.81
C ARG A 245 -21.36 -13.63 -46.28
N LEU A 246 -21.07 -12.81 -45.25
CA LEU A 246 -22.03 -11.93 -44.60
C LEU A 246 -22.66 -11.02 -45.63
N ARG A 247 -21.83 -10.50 -46.56
CA ARG A 247 -22.31 -9.61 -47.62
C ARG A 247 -23.33 -10.34 -48.45
N LYS A 248 -22.98 -11.59 -48.84
CA LYS A 248 -23.84 -12.44 -49.65
C LYS A 248 -25.13 -12.76 -48.94
N GLU A 249 -25.03 -13.19 -47.67
CA GLU A 249 -26.16 -13.59 -46.82
C GLU A 249 -27.15 -12.47 -46.53
N LEU A 250 -26.65 -11.23 -46.49
CA LEU A 250 -27.50 -10.09 -46.23
C LEU A 250 -27.79 -9.26 -47.49
N ASN A 251 -27.37 -9.77 -48.67
CA ASN A 251 -27.53 -9.11 -49.97
C ASN A 251 -27.04 -7.66 -49.91
N LEU A 252 -25.78 -7.51 -49.44
CA LEU A 252 -25.08 -6.24 -49.31
C LEU A 252 -24.07 -6.10 -50.43
N ALA A 253 -24.05 -4.88 -51.02
CA ALA A 253 -23.10 -4.51 -52.05
C ALA A 253 -21.74 -4.30 -51.40
N LEU A 254 -20.64 -4.31 -52.17
CA LEU A 254 -19.32 -4.06 -51.60
C LEU A 254 -19.31 -2.68 -50.94
N TYR A 255 -18.81 -2.65 -49.70
CA TYR A 255 -18.74 -1.46 -48.84
C TYR A 255 -20.14 -0.87 -48.49
N SER A 256 -21.22 -1.69 -48.61
CA SER A 256 -22.57 -1.26 -48.24
C SER A 256 -22.86 -1.80 -46.85
N ARG A 257 -23.61 -1.00 -46.07
CA ARG A 257 -23.99 -1.23 -44.67
C ARG A 257 -25.33 -1.96 -44.51
N PHE A 258 -25.53 -2.66 -43.35
CA PHE A 258 -26.79 -3.31 -43.04
C PHE A 258 -27.85 -2.26 -42.63
N PRO A 259 -29.10 -2.35 -43.17
CA PRO A 259 -30.13 -1.33 -42.89
C PRO A 259 -30.45 -1.01 -41.43
N LEU A 260 -30.24 -1.94 -40.52
CA LEU A 260 -30.60 -1.65 -39.14
C LEU A 260 -29.51 -0.89 -38.39
N THR A 261 -28.29 -0.84 -38.94
CA THR A 261 -27.15 -0.24 -38.28
C THR A 261 -27.38 1.24 -37.96
N TRP A 262 -27.97 2.01 -38.89
CA TRP A 262 -28.23 3.47 -38.73
C TRP A 262 -29.11 3.77 -37.55
N ILE A 263 -29.95 2.77 -37.13
CA ILE A 263 -30.81 2.86 -35.96
C ILE A 263 -29.94 2.82 -34.68
N MET A 264 -29.06 1.79 -34.51
CA MET A 264 -28.20 1.69 -33.31
C MET A 264 -27.12 2.74 -33.28
N GLU A 265 -26.71 3.23 -34.43
CA GLU A 265 -25.72 4.30 -34.54
C GLU A 265 -26.30 5.58 -33.94
N ALA A 266 -27.55 5.89 -34.34
CA ALA A 266 -28.30 7.05 -33.86
C ALA A 266 -28.47 6.91 -32.34
N ALA A 267 -28.95 5.71 -31.91
CA ALA A 267 -29.17 5.35 -30.52
C ALA A 267 -27.92 5.56 -29.68
N ASP A 268 -26.74 5.34 -30.27
CA ASP A 268 -25.46 5.52 -29.60
C ASP A 268 -25.17 6.99 -29.36
N ASP A 269 -25.34 7.85 -30.35
CA ASP A 269 -25.09 9.28 -30.18
C ASP A 269 -26.09 9.90 -29.25
N ILE A 270 -27.38 9.63 -29.47
CA ILE A 270 -28.44 10.18 -28.62
C ILE A 270 -28.14 9.96 -27.12
N SER A 271 -27.49 8.90 -26.73
CA SER A 271 -27.24 8.72 -25.30
C SER A 271 -25.97 9.17 -24.69
N TYR A 272 -24.87 8.91 -25.33
CA TYR A 272 -23.67 9.25 -24.72
C TYR A 272 -23.53 10.66 -24.44
N CYS A 273 -24.05 11.52 -25.29
CA CYS A 273 -23.89 12.93 -25.04
C CYS A 273 -24.44 13.40 -23.73
N VAL A 274 -25.66 13.09 -23.42
CA VAL A 274 -26.27 13.51 -22.19
C VAL A 274 -25.65 12.90 -20.98
N ALA A 275 -25.33 11.65 -21.10
CA ALA A 275 -24.76 10.91 -20.01
C ALA A 275 -23.43 11.40 -19.65
N ASP A 276 -22.63 11.79 -20.62
CA ASP A 276 -21.30 12.25 -20.29
C ASP A 276 -21.34 13.50 -19.44
N LEU A 277 -22.38 14.33 -19.57
CA LEU A 277 -22.60 15.58 -18.85
C LEU A 277 -23.19 15.32 -17.45
N GLU A 278 -24.05 14.27 -17.33
CA GLU A 278 -24.67 13.84 -16.07
C GLU A 278 -23.58 13.36 -15.13
N ASP A 279 -22.68 12.49 -15.66
CA ASP A 279 -21.53 11.90 -14.99
C ASP A 279 -20.54 12.96 -14.52
N ALA A 280 -20.26 13.98 -15.37
CA ALA A 280 -19.37 15.10 -15.05
C ALA A 280 -19.87 15.86 -13.82
N VAL A 281 -21.20 16.12 -13.74
CA VAL A 281 -21.86 16.80 -12.61
C VAL A 281 -21.71 15.95 -11.36
N GLU A 282 -21.89 14.65 -11.44
CA GLU A 282 -21.65 13.82 -10.29
C GLU A 282 -20.20 13.75 -9.90
N LYS A 283 -19.29 13.66 -10.83
CA LYS A 283 -17.87 13.62 -10.48
C LYS A 283 -17.44 14.96 -9.97
N ARG A 284 -18.40 15.85 -9.78
CA ARG A 284 -18.24 17.21 -9.28
C ARG A 284 -17.30 18.08 -10.15
N ILE A 285 -17.25 17.82 -11.50
CA ILE A 285 -16.45 18.57 -12.46
C ILE A 285 -16.95 19.99 -12.57
N PHE A 286 -18.27 20.15 -12.65
CA PHE A 286 -19.00 21.42 -12.67
C PHE A 286 -20.39 21.19 -12.07
N THR A 287 -21.04 22.26 -11.62
CA THR A 287 -22.38 22.13 -11.07
C THR A 287 -23.37 22.09 -12.24
N VAL A 288 -24.64 21.77 -11.94
CA VAL A 288 -25.72 21.74 -12.91
C VAL A 288 -25.96 23.19 -13.46
N GLU A 289 -25.80 24.22 -12.57
CA GLU A 289 -25.91 25.64 -12.95
C GLU A 289 -24.75 26.02 -13.87
N GLN A 290 -23.52 25.56 -13.54
CA GLN A 290 -22.31 25.79 -14.34
C GLN A 290 -22.51 25.21 -15.74
N LEU A 291 -23.05 23.97 -15.81
CA LEU A 291 -23.31 23.26 -17.05
C LEU A 291 -24.29 24.03 -17.90
N TYR A 292 -25.42 24.49 -17.31
CA TYR A 292 -26.43 25.24 -18.03
C TYR A 292 -25.85 26.45 -18.72
N HIS A 293 -24.94 27.16 -18.03
CA HIS A 293 -24.30 28.33 -18.60
C HIS A 293 -23.37 27.96 -19.75
N HIS A 294 -22.68 26.82 -19.67
CA HIS A 294 -21.81 26.38 -20.75
C HIS A 294 -22.58 26.06 -22.00
N LEU A 295 -23.76 25.43 -21.85
CA LEU A 295 -24.64 25.08 -22.96
C LEU A 295 -25.18 26.35 -23.64
N HIS A 296 -25.65 27.30 -22.84
CA HIS A 296 -26.18 28.57 -23.30
C HIS A 296 -25.10 29.37 -24.02
N GLU A 297 -23.83 29.21 -23.59
CA GLU A 297 -22.62 29.86 -24.14
C GLU A 297 -22.34 29.30 -25.54
N ALA A 298 -22.36 27.96 -25.68
CA ALA A 298 -22.09 27.18 -26.88
C ALA A 298 -23.11 27.34 -27.99
N TRP A 299 -24.43 27.32 -27.71
CA TRP A 299 -25.49 27.52 -28.71
C TRP A 299 -25.52 29.02 -28.92
N GLY A 300 -24.54 29.48 -29.68
CA GLY A 300 -24.24 30.89 -29.91
C GLY A 300 -25.15 31.64 -30.86
N GLN A 301 -26.14 32.41 -30.37
CA GLN A 301 -26.67 32.56 -29.02
C GLN A 301 -28.08 33.03 -29.34
N HIS A 302 -28.73 32.18 -30.14
CA HIS A 302 -30.03 32.31 -30.77
C HIS A 302 -31.12 32.70 -29.80
N GLU A 303 -31.41 34.02 -29.77
CA GLU A 303 -32.43 34.75 -28.98
C GLU A 303 -33.87 34.36 -29.40
N LYS A 304 -33.96 33.54 -30.45
CA LYS A 304 -35.19 32.97 -31.01
C LYS A 304 -35.56 31.71 -30.21
N GLY A 305 -36.87 31.47 -30.05
CA GLY A 305 -37.43 30.32 -29.35
C GLY A 305 -37.15 29.04 -30.11
N SER A 306 -35.88 28.64 -30.11
CA SER A 306 -35.31 27.50 -30.81
C SER A 306 -35.55 26.18 -30.06
N LEU A 307 -34.82 25.15 -30.49
CA LEU A 307 -34.81 23.82 -29.89
C LEU A 307 -34.07 23.90 -28.56
N PHE A 308 -33.06 24.80 -28.45
CA PHE A 308 -32.31 25.01 -27.21
C PHE A 308 -33.31 25.31 -26.10
N SER A 309 -34.19 26.27 -26.34
CA SER A 309 -35.20 26.68 -25.37
C SER A 309 -36.19 25.55 -25.06
N LEU A 310 -36.63 24.84 -26.07
CA LEU A 310 -37.56 23.73 -25.95
C LEU A 310 -37.03 22.51 -25.19
N VAL A 311 -35.70 22.32 -25.16
CA VAL A 311 -35.05 21.15 -24.58
C VAL A 311 -34.22 21.52 -23.35
N VAL A 312 -33.15 22.34 -23.54
CA VAL A 312 -32.21 22.74 -22.50
C VAL A 312 -32.86 23.73 -21.50
N GLU A 313 -33.31 24.93 -21.94
CA GLU A 313 -33.98 25.89 -21.04
C GLU A 313 -35.18 25.24 -20.35
N ASN A 314 -35.91 24.35 -21.07
CA ASN A 314 -37.08 23.64 -20.53
C ASN A 314 -36.71 22.75 -19.34
N ALA A 315 -35.73 21.85 -19.53
CA ALA A 315 -35.23 20.91 -18.53
C ALA A 315 -34.70 21.68 -17.34
N TRP A 316 -34.17 22.88 -17.60
CA TRP A 316 -33.61 23.76 -16.61
C TRP A 316 -34.64 24.41 -15.66
N GLU A 317 -35.76 24.85 -16.23
CA GLU A 317 -36.82 25.53 -15.49
C GLU A 317 -37.68 24.60 -14.64
N LYS A 318 -37.91 23.37 -15.11
CA LYS A 318 -38.67 22.38 -14.35
C LYS A 318 -37.82 21.85 -13.15
N SER A 319 -36.49 21.75 -13.33
CA SER A 319 -35.53 21.23 -12.36
C SER A 319 -35.34 22.11 -11.17
N ARG A 320 -34.75 23.31 -11.37
CA ARG A 320 -34.53 24.26 -10.30
C ARG A 320 -35.91 24.79 -9.84
N SER A 321 -36.51 24.07 -8.85
CA SER A 321 -37.85 24.27 -8.26
C SER A 321 -39.02 23.94 -9.28
N ASN A 322 -40.25 23.53 -8.84
CA ASN A 322 -40.77 23.30 -7.47
C ASN A 322 -41.26 21.83 -7.43
N SER A 323 -40.62 20.97 -6.60
CA SER A 323 -40.98 19.55 -6.57
C SER A 323 -40.82 18.80 -5.22
N LEU A 324 -41.79 17.86 -4.98
CA LEU A 324 -41.90 16.86 -3.91
C LEU A 324 -40.99 15.70 -4.39
N SER A 325 -40.71 15.70 -5.72
CA SER A 325 -39.86 14.78 -6.47
C SER A 325 -38.36 14.95 -6.06
N ARG A 326 -38.00 16.16 -5.53
CA ARG A 326 -36.68 16.58 -4.96
C ARG A 326 -35.43 16.41 -5.91
N SER A 327 -34.22 16.75 -5.37
CA SER A 327 -32.89 16.69 -6.01
C SER A 327 -32.82 17.41 -7.37
N THR A 328 -32.46 18.73 -7.35
CA THR A 328 -32.35 19.65 -8.52
C THR A 328 -31.59 19.02 -9.67
N GLU A 329 -30.41 18.48 -9.37
CA GLU A 329 -29.54 17.84 -10.34
C GLU A 329 -30.29 16.68 -11.02
N ASP A 330 -30.88 15.73 -10.22
CA ASP A 330 -31.62 14.57 -10.71
C ASP A 330 -32.75 14.93 -11.69
N GLN A 331 -33.61 15.90 -11.32
CA GLN A 331 -34.71 16.38 -12.15
C GLN A 331 -34.20 16.93 -13.44
N PHE A 332 -33.13 17.79 -13.40
CA PHE A 332 -32.55 18.38 -14.61
C PHE A 332 -32.20 17.36 -15.66
N PHE A 333 -31.39 16.38 -15.30
CA PHE A 333 -30.94 15.36 -16.23
C PHE A 333 -32.07 14.47 -16.70
N MET A 334 -33.05 14.17 -15.82
CA MET A 334 -34.23 13.40 -16.17
C MET A 334 -34.97 14.11 -17.31
N TYR A 335 -35.24 15.43 -17.14
CA TYR A 335 -35.93 16.23 -18.14
C TYR A 335 -35.09 16.43 -19.38
N LEU A 336 -33.79 16.73 -19.22
CA LEU A 336 -32.91 16.91 -20.37
C LEU A 336 -32.94 15.68 -21.26
N ARG A 337 -32.80 14.47 -20.67
CA ARG A 337 -32.84 13.17 -21.38
C ARG A 337 -34.17 13.07 -22.10
N VAL A 338 -35.27 13.12 -21.34
CA VAL A 338 -36.64 13.03 -21.85
C VAL A 338 -36.89 13.98 -23.02
N ASN A 339 -36.67 15.30 -22.84
CA ASN A 339 -36.84 16.33 -23.88
C ASN A 339 -36.01 15.99 -25.13
N THR A 340 -34.72 15.64 -24.94
CA THR A 340 -33.84 15.24 -26.04
C THR A 340 -34.45 14.04 -26.80
N LEU A 341 -34.85 12.97 -26.07
CA LEU A 341 -35.46 11.76 -26.64
C LEU A 341 -36.71 12.07 -27.43
N ASN A 342 -37.59 12.86 -26.84
CA ASN A 342 -38.87 13.24 -27.44
C ASN A 342 -38.72 14.08 -28.69
N LYS A 343 -37.56 14.70 -28.90
CA LYS A 343 -37.37 15.48 -30.11
C LYS A 343 -36.52 14.72 -31.13
N LEU A 344 -35.44 14.04 -30.66
CA LEU A 344 -34.51 13.34 -31.53
C LEU A 344 -34.96 11.97 -31.99
N VAL A 345 -35.58 11.14 -31.10
CA VAL A 345 -36.06 9.79 -31.48
C VAL A 345 -37.03 9.88 -32.65
N PRO A 346 -38.07 10.76 -32.59
CA PRO A 346 -38.98 10.88 -33.73
C PRO A 346 -38.27 11.32 -35.01
N TYR A 347 -37.37 12.34 -34.93
CA TYR A 347 -36.61 12.81 -36.08
C TYR A 347 -35.80 11.66 -36.71
N ALA A 348 -35.05 10.92 -35.87
CA ALA A 348 -34.27 9.78 -36.31
C ALA A 348 -35.20 8.79 -37.01
N ALA A 349 -36.31 8.40 -36.35
CA ALA A 349 -37.32 7.45 -36.86
C ALA A 349 -37.83 7.88 -38.24
N GLN A 350 -38.17 9.20 -38.37
CA GLN A 350 -38.65 9.79 -39.63
C GLN A 350 -37.55 9.79 -40.70
N ARG A 351 -36.32 10.24 -40.35
CA ARG A 351 -35.14 10.23 -41.22
C ARG A 351 -34.94 8.85 -41.85
N PHE A 352 -34.98 7.77 -41.02
CA PHE A 352 -34.83 6.39 -41.44
C PHE A 352 -35.89 6.04 -42.50
N ILE A 353 -37.18 6.33 -42.22
CA ILE A 353 -38.30 6.04 -43.12
C ILE A 353 -38.20 6.85 -44.39
N ASP A 354 -37.84 8.14 -44.28
CA ASP A 354 -37.69 9.04 -45.41
C ASP A 354 -36.62 8.60 -46.42
N ASN A 355 -35.46 8.17 -45.94
CA ASN A 355 -34.39 7.75 -46.83
C ASN A 355 -34.26 6.22 -46.91
N LEU A 356 -35.34 5.49 -46.52
CA LEU A 356 -35.40 4.02 -46.49
C LEU A 356 -34.88 3.33 -47.77
N PRO A 357 -35.17 3.78 -49.03
CA PRO A 357 -34.58 3.09 -50.19
C PRO A 357 -33.03 2.99 -50.12
N ALA A 358 -32.34 4.14 -49.93
CA ALA A 358 -30.87 4.19 -49.83
C ALA A 358 -30.33 3.48 -48.59
N ILE A 359 -31.04 3.60 -47.47
CA ILE A 359 -30.68 2.97 -46.21
C ILE A 359 -30.77 1.45 -46.35
N PHE A 360 -31.81 0.95 -47.06
CA PHE A 360 -32.06 -0.46 -47.34
C PHE A 360 -30.94 -0.99 -48.21
N ALA A 361 -30.61 -0.26 -49.30
CA ALA A 361 -29.50 -0.58 -50.19
C ALA A 361 -28.14 -0.58 -49.45
N GLY A 362 -28.07 0.20 -48.37
CA GLY A 362 -26.89 0.35 -47.53
C GLY A 362 -25.89 1.29 -48.16
N THR A 363 -26.34 2.12 -49.11
CA THR A 363 -25.52 3.06 -49.85
C THR A 363 -25.60 4.47 -49.27
N PHE A 364 -26.65 4.77 -48.44
CA PHE A 364 -26.92 6.07 -47.80
C PHE A 364 -25.66 6.63 -47.10
N ASN A 365 -25.14 7.81 -47.49
CA ASN A 365 -23.86 8.22 -46.90
C ASN A 365 -23.95 9.24 -45.85
N HIS A 366 -24.90 9.07 -44.96
CA HIS A 366 -25.05 9.96 -43.82
C HIS A 366 -25.54 9.18 -42.64
N ALA A 367 -25.36 9.75 -41.43
CA ALA A 367 -25.90 9.21 -40.18
C ALA A 367 -27.32 9.76 -40.11
N LEU A 368 -28.20 9.07 -39.38
CA LEU A 368 -29.60 9.49 -39.26
C LEU A 368 -29.75 10.93 -38.71
N LEU A 369 -28.84 11.35 -37.78
CA LEU A 369 -28.85 12.71 -37.23
C LEU A 369 -27.76 13.52 -37.98
N GLU A 370 -28.20 14.25 -39.04
CA GLU A 370 -27.42 15.05 -40.01
C GLU A 370 -28.31 16.10 -40.73
N ASP A 371 -27.82 17.31 -40.93
CA ASP A 371 -26.58 17.87 -40.37
C ASP A 371 -26.98 19.31 -40.25
N ALA A 372 -27.75 19.72 -41.28
CA ALA A 372 -28.39 21.03 -41.38
C ALA A 372 -29.50 21.06 -40.33
N SER A 373 -29.99 19.85 -39.87
CA SER A 373 -31.04 19.80 -38.85
C SER A 373 -30.63 20.43 -37.55
N GLU A 374 -31.59 21.18 -36.95
CA GLU A 374 -31.47 21.82 -35.64
C GLU A 374 -31.32 20.68 -34.61
N CYS A 375 -31.91 19.51 -34.92
CA CYS A 375 -31.85 18.29 -34.14
C CYS A 375 -30.39 17.83 -34.04
N SER A 376 -29.69 17.74 -35.19
CA SER A 376 -28.29 17.35 -35.28
C SER A 376 -27.39 18.33 -34.50
N ASP A 377 -27.74 19.63 -34.53
CA ASP A 377 -27.02 20.70 -33.85
C ASP A 377 -27.05 20.55 -32.34
N LEU A 378 -28.20 20.11 -31.77
CA LEU A 378 -28.38 19.89 -30.33
C LEU A 378 -27.37 18.86 -29.85
N LEU A 379 -27.20 17.77 -30.56
CA LEU A 379 -26.28 16.72 -30.20
C LEU A 379 -24.90 17.23 -30.24
N LYS A 380 -24.60 18.04 -31.22
CA LYS A 380 -23.29 18.67 -31.35
C LYS A 380 -22.99 19.60 -30.20
N LEU A 381 -23.99 20.29 -29.71
CA LEU A 381 -23.84 21.17 -28.62
C LEU A 381 -23.36 20.45 -27.41
N TYR A 382 -23.98 19.33 -27.12
CA TYR A 382 -23.61 18.54 -25.99
C TYR A 382 -22.21 18.03 -26.15
N LYS A 383 -21.88 17.57 -27.35
CA LYS A 383 -20.54 17.07 -27.56
C LYS A 383 -19.53 18.17 -27.32
N ASN A 384 -19.77 19.37 -27.81
CA ASN A 384 -18.83 20.46 -27.61
C ASN A 384 -18.63 20.86 -26.19
N VAL A 385 -19.70 20.87 -25.42
CA VAL A 385 -19.56 21.23 -24.03
C VAL A 385 -18.71 20.21 -23.36
N ALA A 386 -18.97 18.94 -23.62
CA ALA A 386 -18.19 17.90 -23.01
C ALA A 386 -16.77 17.94 -23.42
N VAL A 387 -16.50 18.18 -24.69
CA VAL A 387 -15.13 18.18 -25.14
C VAL A 387 -14.35 19.24 -24.49
N LYS A 388 -14.92 20.43 -24.39
CA LYS A 388 -14.24 21.52 -23.72
C LYS A 388 -14.13 21.44 -22.24
N HIS A 389 -15.17 20.98 -21.62
CA HIS A 389 -15.25 21.07 -20.15
C HIS A 389 -15.24 19.76 -19.37
N VAL A 390 -15.30 18.61 -20.05
CA VAL A 390 -15.27 17.34 -19.33
C VAL A 390 -13.99 16.59 -19.67
N PHE A 391 -13.77 16.36 -20.93
CA PHE A 391 -12.62 15.61 -21.40
C PHE A 391 -11.29 16.28 -21.28
N SER A 392 -11.33 17.58 -21.12
CA SER A 392 -10.19 18.46 -20.92
C SER A 392 -9.74 18.49 -19.44
N HIS A 393 -10.53 17.89 -18.54
CA HIS A 393 -10.22 17.83 -17.11
C HIS A 393 -8.89 17.11 -16.83
N PRO A 394 -7.99 17.73 -16.03
CA PRO A 394 -6.68 17.12 -15.76
C PRO A 394 -6.68 15.70 -15.21
N ASP A 395 -7.63 15.37 -14.33
CA ASP A 395 -7.67 14.03 -13.76
C ASP A 395 -8.01 13.00 -14.83
N VAL A 396 -8.92 13.38 -15.76
CA VAL A 396 -9.33 12.55 -16.89
C VAL A 396 -8.13 12.37 -17.81
N GLU A 397 -7.50 13.50 -18.23
CA GLU A 397 -6.31 13.56 -19.10
C GLU A 397 -5.14 12.73 -18.58
N ARG A 398 -4.90 12.76 -17.24
CA ARG A 398 -3.80 12.01 -16.64
C ARG A 398 -4.02 10.54 -16.73
N LEU A 399 -5.25 10.10 -16.47
CA LEU A 399 -5.58 8.68 -16.56
C LEU A 399 -5.43 8.17 -17.99
N GLU A 400 -5.65 9.06 -18.94
CA GLU A 400 -5.47 8.76 -20.32
C GLU A 400 -4.04 8.57 -20.67
N LEU A 401 -3.16 9.44 -20.19
CA LEU A 401 -1.70 9.35 -20.30
C LEU A 401 -1.20 8.07 -19.66
N GLN A 402 -1.79 7.71 -18.50
CA GLN A 402 -1.47 6.50 -17.74
C GLN A 402 -1.82 5.27 -18.54
N GLY A 403 -3.06 5.25 -19.06
CA GLY A 403 -3.60 4.14 -19.84
C GLY A 403 -2.72 3.81 -21.03
N TYR A 404 -2.26 4.87 -21.73
CA TYR A 404 -1.38 4.77 -22.87
C TYR A 404 -0.06 4.10 -22.47
N ARG A 405 0.56 4.51 -21.32
CA ARG A 405 1.79 3.90 -20.82
C ARG A 405 1.56 2.42 -20.56
N VAL A 406 0.47 2.06 -19.85
CA VAL A 406 0.09 0.69 -19.52
C VAL A 406 0.01 -0.18 -20.76
N ILE A 407 -0.80 0.20 -21.77
CA ILE A 407 -0.97 -0.61 -22.97
C ILE A 407 0.33 -0.72 -23.73
N SER A 408 1.04 0.41 -23.89
CA SER A 408 2.33 0.41 -24.58
C SER A 408 3.33 -0.53 -23.89
N GLY A 409 3.33 -0.49 -22.55
CA GLY A 409 4.18 -1.30 -21.69
C GLY A 409 3.94 -2.78 -21.87
N LEU A 410 2.65 -3.18 -21.83
CA LEU A 410 2.24 -4.57 -22.02
C LEU A 410 2.72 -5.07 -23.38
N LEU A 411 2.57 -4.23 -24.45
CA LEU A 411 2.99 -4.57 -25.81
C LEU A 411 4.49 -4.82 -25.84
N GLU A 412 5.24 -3.95 -25.16
CA GLU A 412 6.67 -4.07 -25.09
C GLU A 412 7.06 -5.29 -24.27
N ILE A 413 6.24 -5.65 -23.27
CA ILE A 413 6.47 -6.81 -22.41
C ILE A 413 6.44 -8.09 -23.25
N TYR A 414 5.42 -8.21 -24.13
CA TYR A 414 5.23 -9.39 -24.98
C TYR A 414 6.00 -9.35 -26.28
N ARG A 415 6.64 -8.19 -26.59
CA ARG A 415 7.46 -7.99 -27.80
C ARG A 415 8.31 -9.22 -28.17
N PRO A 416 9.05 -9.86 -27.21
CA PRO A 416 9.87 -11.05 -27.56
C PRO A 416 9.18 -12.20 -28.28
N LEU A 417 7.81 -12.32 -28.15
CA LEU A 417 7.06 -13.37 -28.84
C LEU A 417 7.06 -13.05 -30.33
N LEU A 418 6.90 -11.75 -30.68
CA LEU A 418 6.90 -11.28 -32.07
C LEU A 418 8.31 -11.25 -32.63
N SER A 419 9.32 -11.29 -31.74
CA SER A 419 10.73 -11.24 -32.12
C SER A 419 11.27 -12.61 -32.54
N LEU A 420 10.64 -13.69 -32.06
CA LEU A 420 11.00 -15.08 -32.37
C LEU A 420 10.89 -15.41 -33.87
N SER A 421 11.73 -16.36 -34.35
CA SER A 421 11.70 -16.82 -35.74
C SER A 421 10.44 -17.68 -35.97
N LEU A 422 10.04 -17.88 -37.23
CA LEU A 422 8.86 -18.70 -37.53
C LEU A 422 9.01 -20.09 -36.95
N SER A 423 10.16 -20.75 -37.21
CA SER A 423 10.46 -22.10 -36.71
C SER A 423 10.37 -22.17 -35.19
N ASP A 424 11.06 -21.24 -34.49
CA ASP A 424 11.10 -21.16 -33.03
C ASP A 424 9.72 -20.89 -32.47
N PHE A 425 8.94 -20.00 -33.10
CA PHE A 425 7.61 -19.72 -32.57
C PHE A 425 6.66 -20.90 -32.77
N THR A 426 6.73 -21.58 -33.93
CA THR A 426 5.88 -22.74 -34.21
C THR A 426 6.30 -23.92 -33.33
N GLU A 427 7.60 -23.98 -32.94
CA GLU A 427 8.13 -24.95 -32.00
C GLU A 427 7.43 -24.69 -30.66
N LEU A 428 7.39 -23.42 -30.25
CA LEU A 428 6.77 -22.98 -29.02
C LEU A 428 5.28 -23.32 -29.03
N VAL A 429 4.64 -23.17 -30.20
CA VAL A 429 3.21 -23.48 -30.36
C VAL A 429 2.99 -24.98 -30.23
N GLU A 430 3.90 -25.80 -30.84
CA GLU A 430 3.86 -27.27 -30.80
C GLU A 430 4.12 -27.80 -29.39
N LYS A 431 5.40 -27.86 -28.97
CA LYS A 431 5.79 -28.30 -27.63
C LYS A 431 5.63 -27.09 -26.71
N GLU A 432 4.41 -26.92 -26.13
CA GLU A 432 3.98 -25.80 -25.27
C GLU A 432 5.13 -25.13 -24.48
N ARG A 433 6.03 -25.91 -23.90
CA ARG A 433 7.17 -25.38 -23.16
C ARG A 433 8.54 -25.75 -23.76
N VAL A 434 9.25 -24.78 -24.32
CA VAL A 434 10.57 -24.93 -24.98
C VAL A 434 11.69 -24.62 -23.98
N LYS A 435 12.71 -25.48 -23.97
CA LYS A 435 13.84 -25.38 -23.05
C LYS A 435 14.67 -24.13 -23.22
N ARG A 436 15.12 -23.83 -24.46
CA ARG A 436 15.96 -22.66 -24.72
C ARG A 436 15.22 -21.32 -24.69
N PHE A 437 13.87 -21.32 -24.53
CA PHE A 437 13.07 -20.09 -24.46
C PHE A 437 12.21 -20.07 -23.21
N PRO A 438 12.80 -19.84 -22.02
CA PRO A 438 11.98 -19.87 -20.79
C PRO A 438 10.96 -18.74 -20.73
N ILE A 439 11.46 -17.49 -20.95
CA ILE A 439 10.68 -16.25 -20.87
C ILE A 439 9.56 -16.29 -21.92
N GLU A 440 9.91 -16.61 -23.16
CA GLU A 440 9.01 -16.68 -24.29
C GLU A 440 7.91 -17.73 -24.04
N SER A 441 8.26 -18.90 -23.45
CA SER A 441 7.32 -19.97 -23.12
C SER A 441 6.33 -19.44 -22.13
N ARG A 442 6.86 -18.91 -21.01
CA ARG A 442 6.08 -18.36 -19.93
C ARG A 442 5.10 -17.26 -20.38
N LEU A 443 5.59 -16.36 -21.25
CA LEU A 443 4.82 -15.27 -21.84
C LEU A 443 3.73 -15.84 -22.75
N PHE A 444 4.06 -16.88 -23.57
CA PHE A 444 3.12 -17.53 -24.47
C PHE A 444 1.97 -18.13 -23.68
N HIS A 445 2.26 -18.71 -22.51
CA HIS A 445 1.28 -19.30 -21.61
C HIS A 445 0.31 -18.27 -21.03
N LYS A 446 0.77 -17.02 -20.83
CA LYS A 446 -0.01 -15.89 -20.31
C LYS A 446 -1.22 -15.55 -21.21
N LEU A 447 -1.04 -15.77 -22.54
CA LEU A 447 -2.06 -15.53 -23.57
C LEU A 447 -3.27 -16.46 -23.38
N SER A 448 -4.49 -15.88 -23.45
CA SER A 448 -5.75 -16.63 -23.28
C SER A 448 -5.88 -17.76 -24.26
N THR A 449 -6.26 -18.95 -23.79
CA THR A 449 -6.43 -20.16 -24.62
C THR A 449 -7.32 -19.90 -25.84
N ARG A 450 -8.42 -19.13 -25.66
CA ARG A 450 -9.32 -18.75 -26.76
C ARG A 450 -8.54 -18.10 -27.92
N HIS A 451 -7.70 -17.06 -27.58
CA HIS A 451 -6.84 -16.30 -28.50
C HIS A 451 -5.80 -17.15 -29.15
N ARG A 452 -5.24 -18.12 -28.40
CA ARG A 452 -4.21 -19.01 -28.88
C ARG A 452 -4.75 -20.02 -29.85
N LEU A 453 -5.96 -20.57 -29.56
CA LEU A 453 -6.60 -21.56 -30.43
C LEU A 453 -6.89 -20.94 -31.77
N ALA A 454 -7.33 -19.67 -31.75
CA ALA A 454 -7.65 -18.89 -32.92
C ALA A 454 -6.43 -18.80 -33.82
N TYR A 455 -5.22 -18.57 -33.23
CA TYR A 455 -3.95 -18.50 -33.97
C TYR A 455 -3.71 -19.86 -34.64
N VAL A 456 -3.74 -20.93 -33.82
CA VAL A 456 -3.51 -22.30 -34.26
C VAL A 456 -4.44 -22.67 -35.43
N GLU A 457 -5.76 -22.46 -35.24
CA GLU A 457 -6.81 -22.73 -36.21
C GLU A 457 -6.54 -21.98 -37.51
N ALA A 458 -6.17 -20.71 -37.43
CA ALA A 458 -5.93 -19.89 -38.61
C ALA A 458 -4.72 -20.30 -39.41
N VAL A 459 -3.61 -20.51 -38.70
CA VAL A 459 -2.33 -20.88 -39.29
C VAL A 459 -2.38 -22.31 -39.87
N SER A 460 -3.14 -23.21 -39.22
CA SER A 460 -3.33 -24.59 -39.66
C SER A 460 -3.93 -24.65 -41.08
N LYS A 461 -4.91 -23.77 -41.35
CA LYS A 461 -5.61 -23.64 -42.61
C LYS A 461 -4.72 -23.07 -43.77
N LEU A 462 -3.54 -22.49 -43.46
CA LEU A 462 -2.65 -21.94 -44.47
C LEU A 462 -1.85 -23.02 -45.19
N PRO A 463 -1.57 -22.89 -46.52
CA PRO A 463 -0.70 -23.88 -47.20
C PRO A 463 0.77 -23.61 -46.87
N SER A 464 1.40 -24.53 -46.11
CA SER A 464 2.78 -24.38 -45.63
C SER A 464 3.83 -24.11 -46.72
N ASP A 465 3.67 -24.77 -47.87
CA ASP A 465 4.53 -24.69 -49.05
C ASP A 465 4.62 -23.28 -49.65
N SER A 466 3.49 -22.53 -49.62
CA SER A 466 3.30 -21.18 -50.17
C SER A 466 4.32 -20.15 -49.68
N PRO A 467 4.79 -19.24 -50.57
CA PRO A 467 5.72 -18.18 -50.11
C PRO A 467 5.00 -17.12 -49.26
N GLU A 468 3.65 -17.17 -49.26
CA GLU A 468 2.76 -16.29 -48.51
C GLU A 468 2.77 -16.68 -47.04
N PHE A 469 2.92 -18.01 -46.76
CA PHE A 469 2.89 -18.62 -45.42
C PHE A 469 3.64 -17.84 -44.30
N PRO A 470 4.94 -17.48 -44.43
CA PRO A 470 5.61 -16.76 -43.32
C PRO A 470 5.01 -15.40 -42.98
N LEU A 471 4.48 -14.73 -44.01
CA LEU A 471 3.85 -13.44 -43.93
C LEU A 471 2.51 -13.60 -43.23
N TRP A 472 1.73 -14.61 -43.63
CA TRP A 472 0.43 -14.89 -43.02
C TRP A 472 0.54 -15.25 -41.56
N GLU A 473 1.57 -16.08 -41.24
CA GLU A 473 1.84 -16.54 -39.88
C GLU A 473 2.12 -15.34 -39.00
N TYR A 474 3.03 -14.43 -39.43
CA TYR A 474 3.36 -13.25 -38.66
C TYR A 474 2.16 -12.35 -38.46
N TYR A 475 1.29 -12.24 -39.49
CA TYR A 475 0.05 -11.47 -39.40
C TYR A 475 -0.80 -12.03 -38.26
N TYR A 476 -1.02 -13.36 -38.27
CA TYR A 476 -1.82 -14.06 -37.27
C TYR A 476 -1.18 -14.06 -35.89
N ARG A 477 0.16 -13.96 -35.83
CA ARG A 477 0.90 -13.91 -34.57
C ARG A 477 0.67 -12.55 -33.91
N CYS A 478 0.71 -11.48 -34.72
CA CYS A 478 0.47 -10.11 -34.27
C CYS A 478 -0.98 -9.97 -33.88
N ARG A 479 -1.89 -10.61 -34.67
CA ARG A 479 -3.32 -10.58 -34.39
C ARG A 479 -3.55 -11.17 -33.01
N LEU A 480 -2.94 -12.36 -32.74
CA LEU A 480 -3.02 -13.09 -31.46
C LEU A 480 -2.70 -12.17 -30.30
N LEU A 481 -1.62 -11.38 -30.43
CA LEU A 481 -1.18 -10.44 -29.40
C LEU A 481 -2.17 -9.29 -29.18
N GLN A 482 -2.64 -8.65 -30.29
CA GLN A 482 -3.64 -7.58 -30.26
C GLN A 482 -4.93 -8.08 -29.61
N ASP A 483 -5.41 -9.29 -29.98
CA ASP A 483 -6.60 -9.89 -29.36
C ASP A 483 -6.42 -9.99 -27.85
N TYR A 484 -5.23 -10.47 -27.35
CA TYR A 484 -4.99 -10.63 -25.91
C TYR A 484 -5.17 -9.32 -25.18
N ILE A 485 -4.38 -8.27 -25.61
CA ILE A 485 -4.33 -6.90 -25.10
C ILE A 485 -5.70 -6.23 -25.15
N SER A 486 -6.33 -6.14 -26.34
CA SER A 486 -7.65 -5.54 -26.51
C SER A 486 -8.73 -6.25 -25.69
N GLY A 487 -8.50 -7.53 -25.46
CA GLY A 487 -9.37 -8.41 -24.68
C GLY A 487 -9.52 -8.04 -23.22
N MET A 488 -8.43 -7.49 -22.65
CA MET A 488 -8.36 -7.10 -21.25
C MET A 488 -9.29 -5.94 -20.91
N THR A 489 -9.65 -5.84 -19.59
CA THR A 489 -10.41 -4.73 -19.04
C THR A 489 -9.38 -3.66 -18.67
N ASP A 490 -9.83 -2.45 -18.38
CA ASP A 490 -8.97 -1.34 -17.96
C ASP A 490 -8.15 -1.81 -16.77
N LEU A 491 -8.82 -2.48 -15.83
CA LEU A 491 -8.26 -2.98 -14.59
C LEU A 491 -7.25 -4.08 -14.76
N TYR A 492 -7.58 -5.10 -15.58
CA TYR A 492 -6.68 -6.23 -15.79
C TYR A 492 -5.40 -5.79 -16.44
N ALA A 493 -5.50 -4.92 -17.44
CA ALA A 493 -4.34 -4.39 -18.15
C ALA A 493 -3.44 -3.64 -17.19
N TRP A 494 -4.03 -2.82 -16.31
CA TRP A 494 -3.30 -2.04 -15.34
C TRP A 494 -2.58 -2.92 -14.36
N ASP A 495 -3.25 -3.97 -13.88
CA ASP A 495 -2.67 -4.92 -12.92
C ASP A 495 -1.58 -5.75 -13.55
N GLU A 496 -1.86 -6.35 -14.73
CA GLU A 496 -0.91 -7.18 -15.49
C GLU A 496 0.38 -6.46 -15.73
N TYR A 497 0.30 -5.16 -16.12
CA TYR A 497 1.45 -4.32 -16.38
C TYR A 497 2.30 -4.16 -15.10
N ARG A 498 1.63 -3.93 -13.96
CA ARG A 498 2.25 -3.78 -12.64
C ARG A 498 2.90 -5.08 -12.13
N ARG A 499 2.18 -6.21 -12.27
CA ARG A 499 2.65 -7.53 -11.85
C ARG A 499 3.87 -7.91 -12.69
N LEU A 500 3.83 -7.69 -14.04
CA LEU A 500 4.94 -8.02 -14.93
C LEU A 500 6.08 -7.03 -14.88
N MET A 501 5.94 -5.93 -14.14
CA MET A 501 7.04 -4.97 -13.94
C MET A 501 7.73 -5.22 -12.59
N ALA A 502 7.12 -6.11 -11.76
CA ALA A 502 7.50 -6.50 -10.41
C ALA A 502 7.45 -5.29 -9.47
N VAL A 503 6.41 -4.44 -9.66
CA VAL A 503 6.18 -3.21 -8.88
C VAL A 503 4.93 -3.34 -7.98
N GLU A 504 4.36 -4.57 -7.95
CA GLU A 504 3.17 -4.96 -7.17
C GLU A 504 3.22 -6.52 -7.02
N GLN A 505 3.63 -6.99 -5.80
CA GLN A 505 3.72 -8.40 -5.33
C GLN A 505 4.16 -8.49 -3.86
N ALA B 2 35.72 56.61 -7.03
CA ALA B 2 34.64 56.07 -6.20
C ALA B 2 34.90 56.28 -4.69
N GLN B 3 33.81 56.36 -3.91
CA GLN B 3 33.77 56.53 -2.45
C GLN B 3 32.63 55.64 -1.92
N ILE B 4 32.73 55.17 -0.65
CA ILE B 4 31.69 54.32 -0.06
C ILE B 4 30.47 55.17 0.27
N ASP B 5 29.44 55.08 -0.59
CA ASP B 5 28.17 55.78 -0.46
C ASP B 5 27.07 54.78 -0.71
N PHE B 6 26.49 54.26 0.37
CA PHE B 6 25.43 53.27 0.33
C PHE B 6 24.11 53.79 -0.27
N ARG B 7 23.94 55.15 -0.40
CA ARG B 7 22.77 55.75 -1.06
C ARG B 7 22.80 55.28 -2.53
N LYS B 8 24.04 55.15 -3.11
CA LYS B 8 24.34 54.71 -4.48
C LYS B 8 24.16 53.18 -4.70
N LYS B 9 24.04 52.38 -3.62
CA LYS B 9 23.85 50.93 -3.71
C LYS B 9 22.45 50.47 -3.27
N ILE B 10 21.87 51.13 -2.24
CA ILE B 10 20.53 50.77 -1.78
C ILE B 10 19.51 51.50 -2.66
N ASN B 11 19.03 50.78 -3.69
CA ASN B 11 18.09 51.29 -4.69
C ASN B 11 16.67 50.90 -4.34
N TRP B 12 15.84 51.91 -4.06
CA TRP B 12 14.44 51.72 -3.72
C TRP B 12 13.55 51.63 -4.96
N HIS B 13 14.14 51.77 -6.17
CA HIS B 13 13.40 51.74 -7.43
C HIS B 13 13.09 50.31 -7.88
N ARG B 14 12.06 50.18 -8.73
CA ARG B 14 11.62 48.88 -9.25
C ARG B 14 11.74 48.80 -10.77
N ARG B 15 11.66 47.57 -11.32
CA ARG B 15 11.74 47.36 -12.77
C ARG B 15 10.46 47.85 -13.42
N TYR B 16 9.32 47.49 -12.83
CA TYR B 16 7.98 47.82 -13.31
C TYR B 16 7.28 48.74 -12.30
N ARG B 17 6.45 49.71 -12.80
CA ARG B 17 5.62 50.66 -12.03
C ARG B 17 6.36 51.26 -10.80
N SER B 18 7.63 51.64 -11.00
CA SER B 18 8.58 52.09 -9.98
C SER B 18 8.18 53.32 -9.17
N PRO B 19 8.48 53.33 -7.84
CA PRO B 19 8.28 54.56 -7.06
C PRO B 19 9.25 55.63 -7.61
N GLN B 20 8.80 56.89 -7.80
CA GLN B 20 9.65 57.91 -8.44
C GLN B 20 10.08 59.06 -7.53
N GLY B 21 11.35 59.46 -7.70
CA GLY B 21 12.02 60.58 -7.05
C GLY B 21 11.93 60.67 -5.54
N VAL B 22 11.75 61.93 -5.04
CA VAL B 22 11.61 62.42 -3.65
C VAL B 22 11.83 61.35 -2.54
N LYS B 23 10.72 60.77 -2.00
CA LYS B 23 10.60 59.72 -0.99
C LYS B 23 11.20 60.08 0.38
N THR B 24 10.34 60.04 1.41
CA THR B 24 10.60 60.30 2.84
C THR B 24 11.45 59.15 3.40
N GLU B 25 12.14 59.38 4.53
CA GLU B 25 12.90 58.37 5.27
C GLU B 25 11.95 57.19 5.57
N HIS B 26 10.70 57.52 5.95
CA HIS B 26 9.63 56.58 6.23
C HIS B 26 9.15 55.92 4.95
N GLU B 27 8.99 56.71 3.84
CA GLU B 27 8.57 56.19 2.53
C GLU B 27 9.58 55.16 2.01
N ILE B 28 10.90 55.42 2.22
CA ILE B 28 12.03 54.54 1.87
C ILE B 28 11.91 53.24 2.67
N LEU B 29 11.53 53.33 3.94
CA LEU B 29 11.33 52.17 4.79
C LEU B 29 10.12 51.34 4.28
N ARG B 30 8.97 52.00 4.07
CA ARG B 30 7.72 51.41 3.60
C ARG B 30 7.84 50.72 2.23
N ILE B 31 8.81 51.14 1.38
CA ILE B 31 9.09 50.51 0.07
C ILE B 31 9.74 49.14 0.31
N PHE B 32 10.74 49.11 1.20
CA PHE B 32 11.46 47.89 1.55
C PHE B 32 10.63 46.93 2.39
N GLU B 33 9.66 47.47 3.15
CA GLU B 33 8.71 46.69 3.95
C GLU B 33 7.72 46.03 3.02
N SER B 34 7.37 46.71 1.90
CA SER B 34 6.49 46.12 0.88
C SER B 34 7.13 44.85 0.30
N ASP B 35 8.45 44.89 0.07
CA ASP B 35 9.21 43.75 -0.44
C ASP B 35 9.08 42.56 0.52
N ARG B 36 9.20 42.81 1.85
CA ARG B 36 9.06 41.76 2.87
C ARG B 36 7.74 41.00 2.70
N GLY B 37 6.65 41.76 2.59
CA GLY B 37 5.31 41.23 2.41
C GLY B 37 5.17 40.39 1.16
N ARG B 38 5.76 40.88 0.05
CA ARG B 38 5.76 40.19 -1.26
C ARG B 38 6.47 38.83 -1.12
N ILE B 39 7.69 38.83 -0.57
CA ILE B 39 8.53 37.67 -0.37
C ILE B 39 7.88 36.64 0.59
N ILE B 40 7.41 37.08 1.78
CA ILE B 40 6.78 36.22 2.79
C ILE B 40 5.50 35.56 2.24
N ASN B 41 4.68 36.33 1.54
CA ASN B 41 3.46 35.75 1.00
C ASN B 41 3.67 35.01 -0.33
N SER B 42 4.93 34.88 -0.81
CA SER B 42 5.15 34.16 -2.07
C SER B 42 5.02 32.67 -1.87
N PRO B 43 4.25 32.00 -2.78
CA PRO B 43 4.12 30.53 -2.70
C PRO B 43 5.46 29.85 -2.92
N ALA B 44 6.39 30.55 -3.61
CA ALA B 44 7.76 30.09 -3.88
C ALA B 44 8.49 29.84 -2.55
N ILE B 45 8.20 30.70 -1.52
CA ILE B 45 8.75 30.55 -0.18
C ILE B 45 7.99 29.46 0.58
N ARG B 46 6.63 29.42 0.49
CA ARG B 46 5.82 28.39 1.13
C ARG B 46 6.29 26.98 0.71
N ARG B 47 6.53 26.79 -0.62
CA ARG B 47 7.01 25.56 -1.24
C ARG B 47 8.29 25.05 -0.57
N LEU B 48 9.06 25.94 0.11
CA LEU B 48 10.30 25.61 0.80
C LEU B 48 10.12 24.61 1.96
N GLN B 49 8.90 24.54 2.58
CA GLN B 49 8.64 23.62 3.70
C GLN B 49 8.56 22.15 3.24
N GLN B 50 8.55 21.92 1.92
CA GLN B 50 8.46 20.60 1.30
C GLN B 50 9.66 20.34 0.37
N LYS B 51 10.64 21.24 0.44
CA LYS B 51 11.86 21.08 -0.37
C LYS B 51 12.76 20.65 0.78
N THR B 52 13.22 19.42 0.76
CA THR B 52 14.11 18.89 1.84
C THR B 52 15.48 19.51 1.70
N GLN B 53 16.20 19.65 2.80
CA GLN B 53 17.60 20.13 2.79
C GLN B 53 18.38 19.09 3.58
N VAL B 54 19.42 18.52 2.98
CA VAL B 54 20.28 17.44 3.55
C VAL B 54 19.48 16.14 3.69
N PHE B 55 18.40 16.13 4.46
CA PHE B 55 17.66 14.85 4.55
C PHE B 55 16.42 14.95 3.67
N PRO B 56 16.24 14.07 2.68
CA PRO B 56 15.09 14.12 1.83
C PRO B 56 13.81 13.50 2.39
N LEU B 57 12.69 13.98 1.87
CA LEU B 57 11.37 13.38 2.15
C LEU B 57 11.29 13.10 3.64
N GLU B 58 12.01 13.88 4.41
CA GLU B 58 11.99 13.66 5.84
C GLU B 58 10.62 13.89 6.45
N ARG B 59 10.15 12.89 7.23
CA ARG B 59 8.85 12.87 7.91
C ARG B 59 8.89 13.45 9.32
N ASN B 60 10.09 13.61 9.91
CA ASN B 60 10.20 14.19 11.25
C ASN B 60 10.25 15.70 11.12
N ALA B 61 9.24 16.38 11.71
CA ALA B 61 9.10 17.83 11.67
C ALA B 61 10.27 18.53 12.35
N ALA B 62 10.86 17.84 13.35
CA ALA B 62 12.00 18.28 14.15
C ALA B 62 13.28 18.48 13.32
N VAL B 63 13.25 17.94 12.11
CA VAL B 63 14.43 18.05 11.23
C VAL B 63 14.36 19.26 10.33
N ARG B 64 15.51 19.76 9.91
CA ARG B 64 15.50 20.98 9.07
C ARG B 64 14.94 20.78 7.68
N THR B 65 14.30 21.82 7.15
CA THR B 65 13.72 21.84 5.79
C THR B 65 14.46 22.97 5.06
N ARG B 66 14.04 23.28 3.86
CA ARG B 66 14.66 24.44 3.21
C ARG B 66 14.10 25.65 3.95
N LEU B 67 12.82 25.61 4.24
CA LEU B 67 12.23 26.82 4.84
C LEU B 67 12.86 27.11 6.18
N THR B 68 12.90 26.13 7.07
CA THR B 68 13.44 26.41 8.40
C THR B 68 14.90 26.81 8.27
N HIS B 69 15.70 26.11 7.50
CA HIS B 69 17.12 26.55 7.40
C HIS B 69 17.26 27.94 6.77
N SER B 70 16.29 28.42 6.02
CA SER B 70 16.32 29.80 5.50
C SER B 70 15.78 30.80 6.54
N MET B 71 14.93 30.35 7.45
CA MET B 71 14.39 31.15 8.55
C MET B 71 15.49 31.39 9.58
N GLU B 72 16.29 30.38 9.81
CA GLU B 72 17.36 30.54 10.82
C GLU B 72 18.44 31.40 10.19
N VAL B 73 18.77 31.13 8.94
CA VAL B 73 19.79 31.93 8.21
C VAL B 73 19.47 33.41 8.33
N GLN B 74 18.17 33.75 8.17
CA GLN B 74 17.58 35.08 8.29
C GLN B 74 17.96 35.69 9.63
N GLN B 75 17.90 34.91 10.74
CA GLN B 75 18.27 35.42 12.06
C GLN B 75 19.79 35.66 12.19
N VAL B 76 20.63 34.77 11.60
CA VAL B 76 22.10 34.93 11.62
C VAL B 76 22.47 36.20 10.84
N GLY B 77 21.79 36.39 9.70
CA GLY B 77 21.95 37.54 8.83
C GLY B 77 21.62 38.83 9.54
N ARG B 78 20.51 38.81 10.32
CA ARG B 78 20.04 39.92 11.14
C ARG B 78 21.15 40.28 12.15
N TYR B 79 21.65 39.31 12.94
CA TYR B 79 22.72 39.47 13.92
C TYR B 79 23.99 40.05 13.26
N ILE B 80 24.40 39.55 12.07
CA ILE B 80 25.59 40.07 11.36
C ILE B 80 25.39 41.53 10.92
N ALA B 81 24.24 41.84 10.26
CA ALA B 81 23.90 43.19 9.79
C ALA B 81 23.81 44.15 10.96
N LYS B 82 23.17 43.70 12.07
CA LYS B 82 23.01 44.47 13.31
C LYS B 82 24.39 44.81 13.87
N GLU B 83 25.33 43.83 13.89
CA GLU B 83 26.69 44.05 14.37
C GLU B 83 27.51 44.96 13.47
N ILE B 84 27.38 44.84 12.12
CA ILE B 84 28.08 45.73 11.18
C ILE B 84 27.70 47.17 11.48
N LEU B 85 26.38 47.45 11.55
CA LEU B 85 25.85 48.78 11.83
C LEU B 85 26.25 49.32 13.21
N SER B 86 26.23 48.48 14.27
CA SER B 86 26.63 48.85 15.64
C SER B 86 28.10 49.24 15.71
N ARG B 87 28.97 48.32 15.20
CA ARG B 87 30.43 48.46 15.16
C ARG B 87 30.80 49.66 14.30
N LEU B 88 30.08 49.85 13.18
CA LEU B 88 30.24 50.99 12.27
C LEU B 88 29.63 52.29 12.86
N LYS B 89 28.76 52.19 13.89
CA LYS B 89 28.15 53.35 14.58
C LYS B 89 29.17 53.90 15.57
N GLU B 90 29.87 53.00 16.29
CA GLU B 90 30.92 53.39 17.23
C GLU B 90 32.10 53.93 16.41
N LEU B 91 32.71 53.05 15.59
CA LEU B 91 33.87 53.30 14.75
C LEU B 91 33.53 53.46 13.22
N LYS B 92 33.23 54.68 12.67
CA LYS B 92 33.04 56.03 13.24
C LYS B 92 31.58 56.56 13.00
N LEU B 93 30.94 56.54 11.76
CA LEU B 93 31.25 56.14 10.35
C LEU B 93 29.98 56.06 9.46
N LEU B 94 28.80 55.75 10.09
CA LEU B 94 27.49 55.63 9.44
C LEU B 94 27.16 56.83 8.57
N GLU B 95 27.43 58.04 9.09
CA GLU B 95 27.23 59.32 8.43
C GLU B 95 27.95 59.36 7.07
N ALA B 96 29.26 59.01 7.07
CA ALA B 96 30.19 59.00 5.94
C ALA B 96 29.79 58.14 4.77
N TYR B 97 28.99 57.10 5.02
CA TYR B 97 28.60 56.18 3.98
C TYR B 97 27.15 56.33 3.49
N GLY B 98 26.41 57.33 3.99
CA GLY B 98 25.02 57.57 3.63
C GLY B 98 24.06 56.51 4.14
N LEU B 99 24.57 55.64 5.02
CA LEU B 99 23.89 54.51 5.65
C LEU B 99 23.13 54.96 6.91
N ASP B 100 23.46 56.17 7.41
CA ASP B 100 22.88 56.83 8.61
C ASP B 100 21.35 56.94 8.56
N GLU B 101 20.79 56.85 7.35
CA GLU B 101 19.38 56.95 7.07
C GLU B 101 18.86 55.66 6.44
N LEU B 102 19.75 54.76 6.04
CA LEU B 102 19.37 53.49 5.42
C LEU B 102 19.62 52.27 6.33
N THR B 103 19.54 52.47 7.65
CA THR B 103 19.76 51.42 8.65
C THR B 103 18.78 50.26 8.52
N GLY B 104 17.50 50.60 8.42
CA GLY B 104 16.40 49.67 8.26
C GLY B 104 16.50 48.88 6.97
N PRO B 105 16.57 49.57 5.80
CA PRO B 105 16.72 48.85 4.52
C PRO B 105 17.92 47.90 4.52
N PHE B 106 19.08 48.37 5.03
CA PHE B 106 20.30 47.56 5.14
C PHE B 106 20.01 46.20 5.78
N GLU B 107 19.37 46.20 6.97
CA GLU B 107 19.03 44.95 7.64
C GLU B 107 17.89 44.16 6.91
N SER B 108 16.76 44.84 6.49
CA SER B 108 15.65 44.19 5.78
C SER B 108 16.06 43.54 4.46
N ILE B 109 17.07 44.11 3.76
CA ILE B 109 17.60 43.52 2.52
C ILE B 109 18.36 42.23 2.87
N VAL B 110 19.23 42.28 3.90
CA VAL B 110 19.98 41.10 4.37
C VAL B 110 19.01 40.01 4.83
N GLU B 111 18.09 40.34 5.79
CA GLU B 111 17.04 39.47 6.34
C GLU B 111 16.23 38.74 5.22
N MET B 112 15.77 39.51 4.19
CA MET B 112 14.98 38.98 3.08
C MET B 112 15.78 38.15 2.10
N SER B 113 16.88 38.71 1.59
CA SER B 113 17.65 37.93 0.62
C SER B 113 18.26 36.73 1.33
N CYS B 114 17.91 36.50 2.58
CA CYS B 114 18.47 35.33 3.27
C CYS B 114 17.40 34.26 3.19
N LEU B 115 16.19 34.68 3.46
CA LEU B 115 14.99 33.85 3.36
C LEU B 115 14.86 33.33 1.94
N MET B 116 15.10 34.19 0.94
CA MET B 116 14.97 33.82 -0.49
C MET B 116 16.17 33.03 -0.99
N HIS B 117 17.26 32.95 -0.25
CA HIS B 117 18.34 32.10 -0.79
C HIS B 117 17.80 30.67 -0.75
N ASP B 118 18.04 29.92 -1.82
CA ASP B 118 17.59 28.53 -2.11
C ASP B 118 16.18 28.54 -2.71
N ILE B 119 15.63 29.71 -2.99
CA ILE B 119 14.24 29.70 -3.53
C ILE B 119 14.22 29.02 -4.89
N GLY B 120 15.30 29.08 -5.65
CA GLY B 120 15.44 28.45 -6.95
C GLY B 120 15.98 27.03 -7.00
N ASN B 121 16.26 26.43 -5.83
CA ASN B 121 16.81 25.08 -5.77
C ASN B 121 15.85 24.02 -6.30
N PRO B 122 16.35 23.04 -7.11
CA PRO B 122 15.45 22.03 -7.69
C PRO B 122 15.02 20.95 -6.68
N PRO B 123 14.03 20.07 -7.02
CA PRO B 123 13.57 19.06 -6.05
C PRO B 123 14.64 18.26 -5.31
N PHE B 124 15.58 17.55 -5.95
CA PHE B 124 16.40 16.82 -5.01
C PHE B 124 17.77 17.47 -4.77
N GLY B 125 17.75 18.79 -4.60
CA GLY B 125 18.94 19.58 -4.30
C GLY B 125 20.00 19.45 -5.37
N HIS B 126 21.15 18.88 -5.07
CA HIS B 126 22.17 18.76 -6.07
C HIS B 126 22.00 17.62 -7.02
N PHE B 127 21.05 16.75 -6.75
CA PHE B 127 20.72 15.62 -7.57
C PHE B 127 19.66 16.05 -8.50
N GLY B 128 19.02 17.10 -8.13
CA GLY B 128 18.09 17.72 -9.06
C GLY B 128 18.95 18.39 -10.12
N GLU B 129 19.95 19.24 -9.66
CA GLU B 129 20.94 19.94 -10.49
C GLU B 129 21.63 18.91 -11.40
N ALA B 130 22.10 17.79 -10.79
CA ALA B 130 22.77 16.67 -11.45
C ALA B 130 21.92 16.07 -12.55
N ALA B 131 20.71 15.58 -12.21
CA ALA B 131 19.79 14.94 -13.16
C ALA B 131 19.47 15.84 -14.34
N ILE B 132 19.15 17.13 -14.08
CA ILE B 132 18.82 18.15 -15.09
C ILE B 132 19.99 18.35 -16.05
N ASN B 133 21.18 18.68 -15.52
CA ASN B 133 22.37 18.89 -16.34
C ASN B 133 22.86 17.66 -17.10
N ASP B 134 22.80 16.49 -16.46
CA ASP B 134 23.24 15.23 -17.07
C ASP B 134 22.31 14.85 -18.23
N TRP B 135 20.98 15.05 -18.05
CA TRP B 135 19.98 14.78 -19.09
C TRP B 135 20.18 15.71 -20.28
N PHE B 136 20.47 17.00 -20.01
CA PHE B 136 20.64 17.95 -21.08
C PHE B 136 21.99 17.78 -21.79
N ARG B 137 23.05 17.39 -21.05
CA ARG B 137 24.39 17.14 -21.62
C ARG B 137 24.39 16.05 -22.68
N GLN B 138 23.66 14.94 -22.40
CA GLN B 138 23.50 13.78 -23.29
C GLN B 138 22.67 14.09 -24.53
N ARG B 139 21.80 15.12 -24.44
CA ARG B 139 20.94 15.57 -25.53
C ARG B 139 21.73 16.52 -26.45
N LEU B 140 22.20 17.65 -25.92
CA LEU B 140 22.96 18.67 -26.65
C LEU B 140 24.35 18.82 -26.04
N HIS B 141 25.30 17.97 -26.48
CA HIS B 141 26.69 17.93 -25.97
C HIS B 141 27.42 19.29 -26.07
N PRO B 142 27.63 20.00 -24.93
CA PRO B 142 28.31 21.30 -25.00
C PRO B 142 29.83 21.16 -25.16
N GLU B 143 30.34 19.96 -24.89
CA GLU B 143 31.75 19.59 -25.00
C GLU B 143 32.30 19.83 -26.42
N ASP B 144 31.50 19.43 -27.44
CA ASP B 144 31.81 19.54 -28.87
C ASP B 144 31.66 20.97 -29.42
N ALA B 145 30.95 21.82 -28.69
CA ALA B 145 30.77 23.21 -29.10
C ALA B 145 31.92 24.08 -28.55
N GLU B 146 33.16 23.59 -28.69
CA GLU B 146 34.33 24.31 -28.19
C GLU B 146 34.88 25.31 -29.22
N SER B 147 35.48 24.79 -30.32
CA SER B 147 36.06 25.57 -31.41
C SER B 147 35.20 25.39 -32.67
N GLN B 148 35.90 25.03 -33.73
CA GLN B 148 35.38 24.80 -35.09
C GLN B 148 34.38 23.67 -34.98
N PRO B 149 33.42 23.57 -35.91
CA PRO B 149 32.36 22.57 -35.86
C PRO B 149 32.76 21.10 -36.01
N LEU B 150 33.99 20.86 -36.49
CA LEU B 150 34.50 19.51 -36.82
C LEU B 150 34.49 18.58 -35.61
N THR B 151 34.14 17.31 -35.85
CA THR B 151 33.60 16.89 -37.16
C THR B 151 32.07 16.78 -37.07
N ASP B 152 31.58 16.10 -36.04
CA ASP B 152 30.12 15.93 -35.77
C ASP B 152 29.88 16.48 -34.37
N ASP B 153 28.87 17.34 -34.17
CA ASP B 153 28.72 17.92 -32.82
C ASP B 153 27.81 16.91 -32.07
N ARG B 154 28.45 16.04 -31.30
CA ARG B 154 27.44 15.00 -31.04
C ARG B 154 26.07 15.49 -30.57
N CYS B 155 25.65 16.67 -30.99
CA CYS B 155 24.37 17.27 -30.64
C CYS B 155 23.17 16.56 -31.33
N SER B 156 22.06 16.28 -30.59
CA SER B 156 20.85 15.67 -31.18
C SER B 156 20.03 16.74 -31.88
N VAL B 157 19.97 17.95 -31.26
CA VAL B 157 19.24 19.13 -31.76
C VAL B 157 19.90 19.59 -33.03
N ALA B 158 19.24 19.33 -34.16
CA ALA B 158 19.73 19.65 -35.49
C ALA B 158 20.03 21.14 -35.65
N ALA B 159 19.14 22.01 -35.11
CA ALA B 159 19.29 23.46 -35.18
C ALA B 159 20.54 23.93 -34.46
N LEU B 160 20.82 23.39 -33.23
CA LEU B 160 21.94 23.75 -32.38
C LEU B 160 23.33 23.19 -32.75
N ARG B 161 23.45 22.36 -33.79
CA ARG B 161 24.76 21.84 -34.20
C ARG B 161 25.61 22.96 -34.80
N LEU B 162 26.89 23.10 -34.38
CA LEU B 162 27.80 24.13 -34.96
C LEU B 162 28.18 23.67 -36.33
N ARG B 163 28.07 24.55 -37.31
CA ARG B 163 28.43 24.28 -38.69
C ARG B 163 28.89 25.63 -39.26
N ASP B 164 29.88 25.72 -40.17
CA ASP B 164 30.74 24.70 -40.78
C ASP B 164 32.11 25.34 -41.14
N GLY B 165 32.17 26.41 -41.96
CA GLY B 165 31.08 27.09 -42.66
C GLY B 165 30.46 28.21 -41.87
N GLU B 166 31.27 28.88 -41.02
CA GLU B 166 30.91 29.99 -40.11
C GLU B 166 30.20 31.16 -40.85
N GLU B 167 28.94 31.56 -40.49
CA GLU B 167 28.00 31.20 -39.38
C GLU B 167 28.51 31.68 -37.98
N PRO B 168 28.53 33.02 -37.68
CA PRO B 168 28.90 33.47 -36.33
C PRO B 168 27.68 33.29 -35.41
N LEU B 169 26.60 32.81 -36.04
CA LEU B 169 25.32 32.38 -35.50
C LEU B 169 25.55 31.06 -34.72
N ASN B 170 26.70 30.37 -34.94
CA ASN B 170 26.98 29.21 -34.12
C ASN B 170 27.57 29.65 -32.73
N GLU B 171 27.97 30.97 -32.56
CA GLU B 171 28.33 31.49 -31.23
C GLU B 171 27.08 31.42 -30.34
N LEU B 172 25.88 31.70 -30.90
CA LEU B 172 24.62 31.60 -30.16
C LEU B 172 24.38 30.15 -29.76
N ARG B 173 24.66 29.21 -30.68
CA ARG B 173 24.52 27.77 -30.47
C ARG B 173 25.40 27.31 -29.30
N ARG B 174 26.67 27.79 -29.24
CA ARG B 174 27.65 27.53 -28.17
C ARG B 174 27.08 28.01 -26.82
N LYS B 175 26.65 29.30 -26.77
CA LYS B 175 26.04 29.95 -25.61
C LYS B 175 24.81 29.14 -25.11
N ILE B 176 23.85 28.83 -26.01
CA ILE B 176 22.62 28.07 -25.70
C ILE B 176 22.97 26.67 -25.14
N ARG B 177 23.84 25.91 -25.85
CA ARG B 177 24.30 24.58 -25.44
C ARG B 177 24.99 24.54 -24.07
N GLN B 178 25.81 25.54 -23.75
CA GLN B 178 26.47 25.57 -22.45
C GLN B 178 25.50 25.96 -21.32
N ASP B 179 24.63 26.95 -21.57
CA ASP B 179 23.64 27.51 -20.64
C ASP B 179 22.62 26.45 -20.14
N LEU B 180 22.04 25.67 -21.09
CA LEU B 180 21.05 24.64 -20.79
C LEU B 180 21.65 23.47 -19.99
N CYS B 181 22.96 23.24 -20.15
CA CYS B 181 23.70 22.21 -19.43
C CYS B 181 24.27 22.75 -18.12
N HIS B 182 23.99 24.02 -17.81
CA HIS B 182 24.51 24.67 -16.60
C HIS B 182 23.42 25.25 -15.70
N PHE B 183 22.41 24.43 -15.39
CA PHE B 183 21.39 24.79 -14.44
C PHE B 183 22.05 24.92 -13.04
N GLU B 184 21.54 25.87 -12.27
CA GLU B 184 21.96 26.17 -10.91
C GLU B 184 20.80 26.71 -10.05
N GLY B 185 20.87 26.47 -8.77
CA GLY B 185 19.85 26.96 -7.91
C GLY B 185 19.78 28.46 -7.87
N ASN B 186 20.93 29.12 -7.84
CA ASN B 186 20.91 30.55 -7.82
C ASN B 186 20.46 31.19 -9.08
N ALA B 187 21.01 30.78 -10.18
CA ALA B 187 20.65 31.34 -11.47
C ALA B 187 19.16 31.27 -11.68
N GLN B 188 18.56 30.12 -11.27
CA GLN B 188 17.13 29.83 -11.37
C GLN B 188 16.37 30.70 -10.38
N GLY B 189 17.05 31.13 -9.32
CA GLY B 189 16.47 32.02 -8.32
C GLY B 189 16.14 33.38 -8.90
N ILE B 190 17.11 33.96 -9.67
CA ILE B 190 16.95 35.25 -10.33
C ILE B 190 15.84 35.13 -11.38
N ARG B 191 15.84 34.02 -12.14
CA ARG B 191 14.83 33.72 -13.14
C ARG B 191 13.45 33.67 -12.50
N LEU B 192 13.38 33.03 -11.32
CA LEU B 192 12.18 32.84 -10.53
C LEU B 192 11.63 34.15 -10.04
N VAL B 193 12.40 34.93 -9.25
CA VAL B 193 11.93 36.21 -8.72
C VAL B 193 11.52 37.19 -9.81
N HIS B 194 12.22 37.17 -10.96
CA HIS B 194 11.92 38.11 -12.02
C HIS B 194 10.96 37.60 -13.10
N THR B 195 11.44 36.73 -13.99
CA THR B 195 10.68 36.26 -15.16
C THR B 195 9.44 35.41 -14.83
N LEU B 196 9.55 34.52 -13.82
CA LEU B 196 8.52 33.55 -13.47
C LEU B 196 7.51 33.98 -12.41
N MET B 197 7.96 34.61 -11.33
CA MET B 197 7.07 35.05 -10.24
C MET B 197 6.59 36.46 -10.40
N ARG B 198 7.33 37.25 -11.18
CA ARG B 198 7.06 38.67 -11.44
C ARG B 198 6.77 39.42 -10.14
N MET B 199 7.66 39.22 -9.13
CA MET B 199 7.57 39.78 -7.79
C MET B 199 7.72 41.28 -7.75
N ASN B 200 8.44 41.85 -8.73
CA ASN B 200 8.73 43.28 -8.85
C ASN B 200 9.33 43.83 -7.55
N LEU B 201 10.42 43.19 -7.12
CA LEU B 201 11.15 43.62 -5.95
C LEU B 201 11.96 44.88 -6.30
N THR B 202 12.55 45.53 -5.30
CA THR B 202 13.39 46.70 -5.51
C THR B 202 14.76 46.23 -6.02
N TRP B 203 15.46 47.04 -6.85
CA TRP B 203 16.77 46.66 -7.42
C TRP B 203 17.74 46.14 -6.37
N ALA B 204 17.80 46.82 -5.20
CA ALA B 204 18.63 46.44 -4.07
C ALA B 204 18.29 45.02 -3.57
N GLN B 205 16.98 44.72 -3.39
CA GLN B 205 16.51 43.42 -2.94
C GLN B 205 16.92 42.25 -3.86
N VAL B 206 16.95 42.52 -5.21
CA VAL B 206 17.32 41.59 -6.28
C VAL B 206 18.85 41.36 -6.30
N GLY B 207 19.62 42.44 -6.13
CA GLY B 207 21.08 42.39 -6.08
C GLY B 207 21.58 41.53 -4.93
N GLY B 208 20.80 41.50 -3.85
CA GLY B 208 21.03 40.72 -2.64
C GLY B 208 20.96 39.21 -2.83
N ILE B 209 20.22 38.73 -3.86
CA ILE B 209 20.09 37.30 -4.13
C ILE B 209 21.02 36.84 -5.31
N LEU B 210 21.93 37.72 -5.77
CA LEU B 210 22.89 37.34 -6.81
C LEU B 210 24.20 36.87 -6.20
N LYS B 211 24.24 35.63 -5.77
CA LYS B 211 25.42 35.12 -5.12
C LYS B 211 26.62 34.86 -5.99
N TYR B 212 26.45 34.59 -7.26
CA TYR B 212 27.59 34.48 -8.17
C TYR B 212 27.40 35.35 -9.39
N THR B 213 28.50 35.81 -9.97
CA THR B 213 28.43 36.72 -11.11
C THR B 213 28.90 36.09 -12.40
N ARG B 214 28.77 34.77 -12.49
CA ARG B 214 29.17 34.07 -13.70
C ARG B 214 27.98 33.81 -14.59
N PRO B 215 28.10 34.09 -15.91
CA PRO B 215 26.99 33.76 -16.82
C PRO B 215 26.96 32.24 -17.01
N ALA B 216 25.78 31.61 -16.92
CA ALA B 216 25.65 30.16 -17.08
C ALA B 216 26.36 29.61 -18.33
N TRP B 217 26.25 30.37 -19.43
CA TRP B 217 26.83 30.14 -20.75
C TRP B 217 28.37 30.32 -20.83
N TRP B 218 29.04 30.63 -19.68
CA TRP B 218 30.51 30.80 -19.60
C TRP B 218 31.18 29.46 -19.88
N ARG B 219 32.12 29.47 -20.83
CA ARG B 219 32.79 28.28 -21.33
C ARG B 219 34.26 28.16 -20.88
N GLY B 220 34.96 29.29 -20.78
CA GLY B 220 36.35 29.33 -20.34
C GLY B 220 36.53 28.85 -18.92
N GLU B 221 37.65 28.14 -18.64
CA GLU B 221 37.90 27.64 -17.28
C GLU B 221 38.76 28.69 -16.55
N THR B 222 38.16 29.88 -16.38
CA THR B 222 38.76 31.12 -15.91
C THR B 222 37.75 32.00 -15.09
N PRO B 223 38.00 33.30 -14.78
CA PRO B 223 39.18 34.12 -15.09
C PRO B 223 40.16 34.09 -13.92
N GLU B 224 40.14 35.16 -13.12
CA GLU B 224 40.89 35.50 -11.91
C GLU B 224 40.31 36.85 -11.52
N THR B 225 40.69 37.45 -10.35
CA THR B 225 40.18 38.75 -9.84
C THR B 225 38.73 38.61 -9.35
N HIS B 226 37.94 37.84 -10.11
CA HIS B 226 36.54 37.48 -9.95
C HIS B 226 36.43 35.92 -9.91
N HIS B 227 37.56 35.22 -9.66
CA HIS B 227 37.73 33.77 -9.56
C HIS B 227 36.64 33.07 -8.70
N TYR B 228 36.51 33.50 -7.43
CA TYR B 228 35.56 33.08 -6.39
C TYR B 228 34.15 33.52 -6.73
N LEU B 229 33.98 34.80 -7.09
CA LEU B 229 32.68 35.37 -7.45
C LEU B 229 32.03 34.66 -8.62
N MET B 230 32.88 34.10 -9.51
CA MET B 230 32.45 33.37 -10.70
C MET B 230 32.53 31.82 -10.51
N LYS B 231 32.51 31.37 -9.26
CA LYS B 231 32.68 29.98 -8.94
C LYS B 231 31.66 29.11 -9.62
N LYS B 232 30.39 29.51 -9.56
CA LYS B 232 29.26 28.84 -10.19
C LYS B 232 28.41 29.78 -10.99
N PRO B 233 27.54 29.30 -11.85
CA PRO B 233 26.79 30.30 -12.64
C PRO B 233 25.79 30.99 -11.71
N GLY B 234 25.66 32.30 -11.87
CA GLY B 234 24.77 33.13 -11.05
C GLY B 234 23.56 33.69 -11.77
N TYR B 235 23.53 33.55 -13.14
CA TYR B 235 22.43 33.99 -14.02
C TYR B 235 22.48 33.30 -15.37
N TYR B 236 21.29 33.10 -15.98
CA TYR B 236 21.16 32.47 -17.29
C TYR B 236 21.19 33.46 -18.46
N LEU B 237 21.27 32.93 -19.70
CA LEU B 237 21.26 33.67 -20.96
C LEU B 237 19.92 34.43 -21.05
N SER B 238 18.83 33.78 -20.58
CA SER B 238 17.47 34.29 -20.52
C SER B 238 17.32 35.53 -19.62
N GLU B 239 18.30 35.83 -18.75
CA GLU B 239 18.25 37.01 -17.89
C GLU B 239 19.44 37.97 -18.11
N GLU B 240 20.28 37.72 -19.14
CA GLU B 240 21.47 38.54 -19.46
C GLU B 240 21.14 40.05 -19.44
N ALA B 241 19.99 40.41 -20.01
CA ALA B 241 19.49 41.78 -20.11
C ALA B 241 19.05 42.33 -18.77
N TYR B 242 18.33 41.51 -17.97
CA TYR B 242 17.85 41.91 -16.64
C TYR B 242 19.05 42.26 -15.80
N ILE B 243 20.01 41.32 -15.73
CA ILE B 243 21.29 41.44 -15.03
C ILE B 243 22.04 42.66 -15.49
N ALA B 244 21.94 42.99 -16.79
CA ALA B 244 22.55 44.20 -17.35
C ALA B 244 21.93 45.46 -16.76
N ARG B 245 20.58 45.53 -16.66
CA ARG B 245 19.90 46.70 -16.06
C ARG B 245 20.19 46.77 -14.58
N LEU B 246 20.19 45.60 -13.91
CA LEU B 246 20.48 45.46 -12.49
C LEU B 246 21.89 45.99 -12.21
N ARG B 247 22.87 45.64 -13.07
CA ARG B 247 24.25 46.08 -12.96
C ARG B 247 24.29 47.61 -12.96
N LYS B 248 23.55 48.24 -13.92
CA LYS B 248 23.46 49.69 -14.06
C LYS B 248 22.80 50.33 -12.85
N GLU B 249 21.64 49.78 -12.42
CA GLU B 249 20.85 50.28 -11.29
C GLU B 249 21.57 50.21 -9.95
N LEU B 250 22.47 49.23 -9.80
CA LEU B 250 23.21 49.08 -8.55
C LEU B 250 24.67 49.51 -8.67
N ASN B 251 25.03 50.12 -9.82
CA ASN B 251 26.39 50.60 -10.14
C ASN B 251 27.42 49.51 -9.86
N LEU B 252 27.18 48.35 -10.49
CA LEU B 252 28.02 47.16 -10.41
C LEU B 252 28.81 47.02 -11.68
N ALA B 253 30.11 46.71 -11.52
CA ALA B 253 31.03 46.46 -12.62
C ALA B 253 30.72 45.10 -13.20
N LEU B 254 31.19 44.80 -14.42
CA LEU B 254 30.94 43.49 -14.98
C LEU B 254 31.56 42.42 -14.09
N TYR B 255 30.75 41.39 -13.77
CA TYR B 255 31.07 40.28 -12.89
C TYR B 255 31.39 40.72 -11.43
N SER B 256 30.92 41.93 -11.02
CA SER B 256 31.07 42.39 -9.64
C SER B 256 29.74 42.09 -8.89
N ARG B 257 29.85 41.73 -7.60
CA ARG B 257 28.74 41.34 -6.72
C ARG B 257 28.13 42.51 -5.93
N PHE B 258 26.88 42.34 -5.42
CA PHE B 258 26.23 43.36 -4.59
C PHE B 258 26.85 43.35 -3.17
N PRO B 259 27.16 44.54 -2.58
CA PRO B 259 27.81 44.57 -1.25
C PRO B 259 27.13 43.82 -0.09
N LEU B 260 25.82 43.65 -0.11
CA LEU B 260 25.18 43.02 1.02
C LEU B 260 25.18 41.48 0.95
N THR B 261 25.43 40.88 -0.24
CA THR B 261 25.41 39.42 -0.42
C THR B 261 26.43 38.69 0.49
N TRP B 262 27.65 39.25 0.73
CA TRP B 262 28.70 38.64 1.57
C TRP B 262 28.24 38.45 3.00
N ILE B 263 27.26 39.29 3.46
CA ILE B 263 26.65 39.21 4.79
C ILE B 263 25.75 37.98 4.78
N MET B 264 24.78 37.69 3.89
CA MET B 264 23.84 36.60 3.64
C MET B 264 24.59 35.28 3.58
N GLU B 265 25.62 35.27 2.73
CA GLU B 265 26.41 34.07 2.43
C GLU B 265 26.94 33.57 3.74
N ALA B 266 27.43 34.51 4.54
CA ALA B 266 28.08 34.12 5.79
C ALA B 266 27.06 33.42 6.66
N ALA B 267 25.88 34.00 6.76
CA ALA B 267 24.85 33.37 7.59
C ALA B 267 24.56 32.01 7.00
N ASP B 268 24.51 31.89 5.67
CA ASP B 268 24.18 30.58 5.02
C ASP B 268 25.14 29.50 5.53
N ASP B 269 26.40 29.87 5.66
CA ASP B 269 27.41 28.93 6.15
C ASP B 269 27.37 28.71 7.64
N ILE B 270 27.18 29.75 8.42
CA ILE B 270 27.05 29.55 9.83
C ILE B 270 25.85 28.80 10.29
N SER B 271 24.71 29.09 9.72
CA SER B 271 23.51 28.39 10.11
C SER B 271 23.52 26.95 9.65
N TYR B 272 23.85 26.74 8.39
CA TYR B 272 23.83 25.38 7.90
C TYR B 272 24.81 24.42 8.45
N CYS B 273 26.03 24.84 8.64
CA CYS B 273 27.01 23.92 9.14
C CYS B 273 26.66 23.47 10.53
N VAL B 274 26.25 24.40 11.37
CA VAL B 274 25.94 23.96 12.72
C VAL B 274 24.74 23.08 12.80
N ALA B 275 23.69 23.40 12.04
CA ALA B 275 22.40 22.72 12.19
C ALA B 275 22.30 21.28 11.92
N ASP B 276 22.99 20.90 10.89
CA ASP B 276 23.06 19.58 10.29
C ASP B 276 23.55 18.53 11.28
N LEU B 277 24.47 18.92 12.19
CA LEU B 277 24.98 18.03 13.23
C LEU B 277 23.90 17.78 14.29
N GLU B 278 23.13 18.83 14.54
CA GLU B 278 22.04 18.76 15.53
C GLU B 278 21.10 17.68 15.02
N ASP B 279 20.63 17.90 13.80
CA ASP B 279 19.69 16.99 13.11
C ASP B 279 20.20 15.57 13.22
N ALA B 280 21.42 15.34 12.72
CA ALA B 280 22.02 14.00 12.68
C ALA B 280 21.84 13.28 14.01
N VAL B 281 22.05 14.02 15.13
CA VAL B 281 21.89 13.51 16.50
C VAL B 281 20.43 13.12 16.73
N GLU B 282 19.49 13.98 16.25
CA GLU B 282 18.04 13.78 16.32
C GLU B 282 17.67 12.52 15.52
N LYS B 283 18.13 12.43 14.27
CA LYS B 283 17.94 11.29 13.35
C LYS B 283 18.66 10.01 13.87
N ARG B 284 19.21 10.07 15.12
CA ARG B 284 19.93 9.02 15.83
C ARG B 284 21.09 8.43 15.00
N ILE B 285 21.73 9.26 14.10
CA ILE B 285 22.89 8.85 13.28
C ILE B 285 24.07 8.57 14.21
N PHE B 286 24.20 9.39 15.28
CA PHE B 286 25.20 9.25 16.34
C PHE B 286 24.68 9.94 17.60
N THR B 287 25.30 9.63 18.74
CA THR B 287 24.92 10.29 19.99
C THR B 287 25.68 11.61 20.08
N VAL B 288 25.32 12.45 21.04
CA VAL B 288 25.98 13.73 21.29
C VAL B 288 27.43 13.48 21.74
N GLU B 289 27.66 12.38 22.52
CA GLU B 289 28.98 11.98 22.98
C GLU B 289 29.82 11.50 21.79
N GLN B 290 29.19 10.70 20.87
CA GLN B 290 29.82 10.20 19.65
C GLN B 290 30.27 11.37 18.80
N LEU B 291 29.40 12.40 18.65
CA LEU B 291 29.67 13.60 17.88
C LEU B 291 30.85 14.35 18.45
N TYR B 292 30.87 14.56 19.78
CA TYR B 292 31.97 15.28 20.43
C TYR B 292 33.31 14.65 20.13
N HIS B 293 33.36 13.31 20.12
CA HIS B 293 34.58 12.59 19.82
C HIS B 293 34.98 12.72 18.36
N HIS B 294 34.02 12.79 17.43
CA HIS B 294 34.33 12.99 16.02
C HIS B 294 34.95 14.36 15.77
N LEU B 295 34.46 15.39 16.49
CA LEU B 295 34.95 16.77 16.39
C LEU B 295 36.39 16.84 16.94
N HIS B 296 36.63 16.19 18.09
CA HIS B 296 37.91 16.09 18.79
C HIS B 296 39.04 15.52 17.92
N GLU B 297 38.73 14.49 17.11
CA GLU B 297 39.66 13.81 16.20
C GLU B 297 39.92 14.64 14.93
N ALA B 298 38.86 15.31 14.40
CA ALA B 298 38.95 16.16 13.21
C ALA B 298 39.80 17.42 13.44
N TRP B 299 39.88 17.87 14.70
CA TRP B 299 40.66 19.03 15.12
C TRP B 299 42.10 18.59 15.40
N GLY B 300 42.96 18.76 14.40
CA GLY B 300 44.37 18.42 14.49
C GLY B 300 45.09 19.43 15.37
N GLN B 301 45.71 18.94 16.47
CA GLN B 301 46.40 19.72 17.51
C GLN B 301 45.38 20.58 18.28
N HIS B 302 45.26 20.35 19.61
CA HIS B 302 44.29 21.07 20.43
C HIS B 302 44.88 22.36 21.05
N GLU B 303 45.91 22.28 21.92
CA GLU B 303 46.59 23.44 22.53
C GLU B 303 45.70 24.21 23.54
N LYS B 304 46.30 24.72 24.65
CA LYS B 304 45.65 25.51 25.72
C LYS B 304 44.69 26.57 25.18
N GLY B 305 43.52 26.71 25.80
CA GLY B 305 42.49 27.70 25.44
C GLY B 305 42.26 27.95 23.96
N SER B 306 42.10 26.86 23.18
CA SER B 306 41.88 26.87 21.73
C SER B 306 40.43 27.26 21.42
N LEU B 307 40.10 27.53 20.13
CA LEU B 307 38.73 27.87 19.72
C LEU B 307 37.79 26.69 19.97
N PHE B 308 38.28 25.44 19.72
CA PHE B 308 37.57 24.17 19.96
C PHE B 308 37.18 24.09 21.45
N SER B 309 38.07 24.57 22.34
CA SER B 309 37.81 24.58 23.78
C SER B 309 36.81 25.69 24.07
N LEU B 310 37.10 26.90 23.55
CA LEU B 310 36.32 28.15 23.67
C LEU B 310 34.86 28.01 23.23
N VAL B 311 34.60 27.17 22.21
CA VAL B 311 33.28 27.01 21.60
C VAL B 311 32.63 25.61 21.82
N VAL B 312 33.33 24.51 21.42
CA VAL B 312 32.77 23.14 21.47
C VAL B 312 33.03 22.43 22.85
N GLU B 313 34.17 22.66 23.50
CA GLU B 313 34.43 22.06 24.80
C GLU B 313 33.68 22.85 25.87
N ASN B 314 33.49 24.17 25.64
CA ASN B 314 32.77 25.10 26.49
C ASN B 314 31.30 24.68 26.58
N ALA B 315 30.78 24.14 25.46
CA ALA B 315 29.41 23.65 25.28
C ALA B 315 29.30 22.19 25.74
N TRP B 316 30.45 21.52 26.00
CA TRP B 316 30.54 20.13 26.39
C TRP B 316 30.43 19.91 27.92
N GLU B 317 31.20 20.68 28.71
CA GLU B 317 31.14 20.57 30.17
C GLU B 317 29.84 21.18 30.68
N LYS B 318 29.37 22.24 29.99
CA LYS B 318 28.10 22.90 30.28
C LYS B 318 26.91 21.95 29.98
N SER B 319 27.09 20.95 29.08
CA SER B 319 26.06 19.98 28.67
C SER B 319 25.84 18.80 29.62
N ARG B 320 26.87 18.39 30.41
CA ARG B 320 26.71 17.26 31.34
C ARG B 320 25.84 17.65 32.54
N SER B 321 24.61 17.07 32.59
CA SER B 321 23.55 17.23 33.61
C SER B 321 23.20 18.72 33.93
N ASN B 322 23.69 19.23 35.10
CA ASN B 322 23.59 20.59 35.64
C ASN B 322 22.15 21.11 35.90
N SER B 323 21.28 21.21 34.83
CA SER B 323 19.90 21.74 34.93
C SER B 323 18.75 20.76 34.51
N LEU B 324 17.60 20.79 35.26
CA LEU B 324 16.39 19.94 35.11
C LEU B 324 15.40 20.41 34.03
N SER B 325 14.71 19.45 33.36
CA SER B 325 13.75 19.63 32.24
C SER B 325 14.44 20.22 30.98
N ARG B 326 15.77 20.39 31.09
CA ARG B 326 16.73 20.91 30.12
C ARG B 326 17.68 19.72 29.88
N SER B 327 17.40 18.92 28.83
CA SER B 327 18.17 17.71 28.52
C SER B 327 19.59 17.98 28.02
N THR B 328 20.54 17.13 28.46
CA THR B 328 21.99 17.12 28.17
C THR B 328 22.35 17.30 26.69
N GLU B 329 21.63 16.59 25.79
CA GLU B 329 21.81 16.65 24.32
C GLU B 329 21.19 17.91 23.70
N ASP B 330 20.21 18.55 24.38
CA ASP B 330 19.57 19.79 23.92
C ASP B 330 20.36 20.97 24.46
N GLN B 331 21.02 20.77 25.62
CA GLN B 331 21.85 21.78 26.28
C GLN B 331 23.12 22.00 25.44
N PHE B 332 23.67 20.92 24.87
CA PHE B 332 24.87 20.97 24.05
C PHE B 332 24.72 21.83 22.80
N PHE B 333 23.70 21.55 21.99
CA PHE B 333 23.50 22.28 20.75
C PHE B 333 23.15 23.74 20.97
N MET B 334 22.35 24.07 22.04
CA MET B 334 21.99 25.45 22.35
C MET B 334 23.24 26.27 22.70
N TYR B 335 24.22 25.66 23.40
CA TYR B 335 25.48 26.32 23.75
C TYR B 335 26.43 26.32 22.56
N LEU B 336 26.53 25.21 21.81
CA LEU B 336 27.39 25.14 20.61
C LEU B 336 27.02 26.24 19.63
N ARG B 337 25.72 26.42 19.35
CA ARG B 337 25.16 27.46 18.47
C ARG B 337 25.60 28.81 19.00
N VAL B 338 25.20 29.14 20.24
CA VAL B 338 25.52 30.39 20.93
C VAL B 338 27.01 30.73 20.86
N ASN B 339 27.89 29.81 21.33
CA ASN B 339 29.35 29.99 21.30
C ASN B 339 29.85 30.28 19.89
N THR B 340 29.40 29.49 18.90
CA THR B 340 29.77 29.67 17.49
C THR B 340 29.35 31.07 17.02
N LEU B 341 28.09 31.47 17.27
CA LEU B 341 27.55 32.79 16.91
C LEU B 341 28.35 33.92 17.52
N ASN B 342 28.64 33.82 18.83
CA ASN B 342 29.37 34.81 19.58
C ASN B 342 30.80 34.98 19.12
N LYS B 343 31.36 34.00 18.41
CA LYS B 343 32.73 34.12 17.92
C LYS B 343 32.76 34.45 16.43
N LEU B 344 31.89 33.81 15.64
CA LEU B 344 31.85 34.00 14.19
C LEU B 344 31.14 35.25 13.71
N VAL B 345 29.97 35.60 14.30
CA VAL B 345 29.21 36.80 13.89
C VAL B 345 30.08 38.05 14.01
N PRO B 346 30.76 38.28 15.16
CA PRO B 346 31.63 39.45 15.25
C PRO B 346 32.75 39.44 14.20
N TYR B 347 33.41 38.26 13.99
CA TYR B 347 34.49 38.12 13.00
C TYR B 347 33.99 38.51 11.62
N ALA B 348 32.83 37.93 11.22
CA ALA B 348 32.21 38.22 9.93
C ALA B 348 31.94 39.74 9.84
N ALA B 349 31.29 40.32 10.87
CA ALA B 349 30.98 41.75 10.96
C ALA B 349 32.22 42.60 10.76
N GLN B 350 33.32 42.25 11.47
CA GLN B 350 34.62 42.94 11.38
C GLN B 350 35.25 42.77 10.00
N ARG B 351 35.27 41.53 9.45
CA ARG B 351 35.79 41.22 8.12
C ARG B 351 35.12 42.12 7.07
N PHE B 352 33.78 42.30 7.16
CA PHE B 352 32.98 43.13 6.27
C PHE B 352 33.40 44.60 6.31
N ILE B 353 33.61 45.13 7.52
CA ILE B 353 34.05 46.50 7.73
C ILE B 353 35.49 46.70 7.27
N ASP B 354 36.37 45.73 7.58
CA ASP B 354 37.79 45.76 7.24
C ASP B 354 38.05 45.81 5.73
N ASN B 355 37.34 45.01 4.94
CA ASN B 355 37.53 44.96 3.50
C ASN B 355 36.44 45.70 2.75
N LEU B 356 35.68 46.59 3.46
CA LEU B 356 34.54 47.34 2.91
C LEU B 356 34.81 48.03 1.56
N PRO B 357 35.97 48.68 1.27
CA PRO B 357 36.16 49.26 -0.06
C PRO B 357 35.95 48.25 -1.21
N ALA B 358 36.67 47.11 -1.16
CA ALA B 358 36.59 46.02 -2.15
C ALA B 358 35.22 45.34 -2.18
N ILE B 359 34.62 45.13 -1.00
CA ILE B 359 33.29 44.52 -0.84
C ILE B 359 32.24 45.43 -1.49
N PHE B 360 32.35 46.77 -1.25
CA PHE B 360 31.46 47.79 -1.82
C PHE B 360 31.56 47.80 -3.35
N ALA B 361 32.80 47.81 -3.86
CA ALA B 361 33.09 47.75 -5.29
C ALA B 361 32.58 46.43 -5.91
N GLY B 362 32.48 45.38 -5.07
CA GLY B 362 32.06 44.05 -5.47
C GLY B 362 33.15 43.29 -6.18
N THR B 363 34.42 43.72 -6.01
CA THR B 363 35.61 43.13 -6.60
C THR B 363 36.28 42.10 -5.66
N PHE B 364 36.04 42.21 -4.33
CA PHE B 364 36.56 41.35 -3.27
C PHE B 364 36.44 39.85 -3.63
N ASN B 365 37.56 39.14 -3.81
CA ASN B 365 37.51 37.75 -4.29
C ASN B 365 37.52 36.66 -3.17
N HIS B 366 36.82 36.93 -2.04
CA HIS B 366 36.70 35.98 -0.92
C HIS B 366 35.37 36.14 -0.23
N ALA B 367 35.11 35.33 0.78
CA ALA B 367 33.92 35.45 1.61
C ALA B 367 34.39 35.76 3.02
N LEU B 368 33.52 36.41 3.82
CA LEU B 368 33.80 36.74 5.23
C LEU B 368 33.74 35.35 5.90
N LEU B 369 34.93 34.80 6.28
CA LEU B 369 35.14 33.45 6.85
C LEU B 369 35.93 32.49 5.90
N GLU B 370 36.66 33.01 4.89
CA GLU B 370 37.43 32.19 3.93
C GLU B 370 38.91 32.02 4.33
N ASP B 371 39.40 32.87 5.25
CA ASP B 371 40.77 32.95 5.76
C ASP B 371 41.34 31.62 6.30
N ALA B 372 42.65 31.61 6.60
CA ALA B 372 43.36 30.50 7.24
C ALA B 372 43.26 30.73 8.78
N SER B 373 42.31 31.63 9.18
CA SER B 373 41.99 32.04 10.55
C SER B 373 41.38 30.88 11.32
N GLU B 374 41.57 30.87 12.64
CA GLU B 374 41.06 29.83 13.53
C GLU B 374 39.53 29.81 13.45
N CYS B 375 38.91 31.01 13.21
CA CYS B 375 37.48 31.27 13.00
C CYS B 375 36.96 30.40 11.85
N SER B 376 37.63 30.51 10.69
CA SER B 376 37.33 29.80 9.45
C SER B 376 37.50 28.28 9.60
N ASP B 377 38.51 27.87 10.40
CA ASP B 377 38.82 26.47 10.68
C ASP B 377 37.69 25.77 11.42
N LEU B 378 37.03 26.48 12.37
CA LEU B 378 35.90 25.96 13.15
C LEU B 378 34.78 25.53 12.21
N LEU B 379 34.46 26.38 11.22
CA LEU B 379 33.43 26.09 10.23
C LEU B 379 33.77 24.86 9.42
N LYS B 380 35.04 24.77 8.99
CA LYS B 380 35.56 23.64 8.20
C LYS B 380 35.42 22.35 9.01
N LEU B 381 35.67 22.41 10.34
CA LEU B 381 35.57 21.27 11.27
C LEU B 381 34.17 20.69 11.24
N TYR B 382 33.14 21.55 11.45
CA TYR B 382 31.74 21.15 11.41
C TYR B 382 31.38 20.49 10.09
N LYS B 383 31.79 21.11 8.99
CA LYS B 383 31.53 20.57 7.67
C LYS B 383 32.20 19.25 7.37
N ASN B 384 33.42 19.09 7.78
CA ASN B 384 34.14 17.87 7.55
C ASN B 384 33.50 16.73 8.27
N VAL B 385 33.07 16.97 9.49
CA VAL B 385 32.47 15.92 10.27
C VAL B 385 31.26 15.45 9.61
N ALA B 386 30.42 16.37 9.19
CA ALA B 386 29.17 16.02 8.57
C ALA B 386 29.39 15.33 7.32
N VAL B 387 30.32 15.78 6.50
CA VAL B 387 30.52 15.07 5.23
C VAL B 387 30.94 13.67 5.44
N LYS B 388 31.82 13.42 6.39
CA LYS B 388 32.17 12.06 6.68
C LYS B 388 31.09 11.26 7.42
N HIS B 389 30.41 11.84 8.39
CA HIS B 389 29.53 11.05 9.26
C HIS B 389 28.04 11.30 9.11
N VAL B 390 27.63 12.30 8.34
CA VAL B 390 26.19 12.54 8.18
C VAL B 390 25.78 12.29 6.75
N PHE B 391 26.38 12.96 5.82
CA PHE B 391 26.02 12.80 4.44
C PHE B 391 26.27 11.42 3.90
N SER B 392 27.34 10.84 4.35
CA SER B 392 27.83 9.53 3.96
C SER B 392 26.87 8.42 4.38
N HIS B 393 25.88 8.73 5.24
CA HIS B 393 24.90 7.76 5.73
C HIS B 393 24.13 7.06 4.60
N PRO B 394 24.03 5.70 4.66
CA PRO B 394 23.40 4.95 3.56
C PRO B 394 21.95 5.27 3.27
N ASP B 395 21.17 5.72 4.28
CA ASP B 395 19.76 6.08 4.07
C ASP B 395 19.66 7.42 3.32
N VAL B 396 20.57 8.36 3.66
CA VAL B 396 20.67 9.68 3.03
C VAL B 396 21.06 9.46 1.57
N GLU B 397 22.18 8.74 1.35
CA GLU B 397 22.73 8.40 0.04
C GLU B 397 21.71 7.73 -0.88
N ARG B 398 20.97 6.76 -0.34
CA ARG B 398 20.01 6.02 -1.16
C ARG B 398 18.97 7.00 -1.65
N LEU B 399 18.52 7.86 -0.76
CA LEU B 399 17.45 8.80 -1.15
C LEU B 399 17.95 9.70 -2.27
N GLU B 400 19.18 10.16 -2.18
CA GLU B 400 19.70 11.02 -3.25
C GLU B 400 19.65 10.19 -4.53
N LEU B 401 20.01 8.92 -4.45
CA LEU B 401 20.02 8.13 -5.69
C LEU B 401 18.62 8.06 -6.25
N GLN B 402 17.62 7.84 -5.42
CA GLN B 402 16.26 7.80 -6.01
C GLN B 402 15.96 9.17 -6.58
N GLY B 403 16.25 10.19 -5.81
CA GLY B 403 15.94 11.53 -6.30
C GLY B 403 16.39 11.75 -7.73
N TYR B 404 17.63 11.31 -8.01
CA TYR B 404 18.22 11.39 -9.32
C TYR B 404 17.39 10.63 -10.35
N ARG B 405 16.98 9.36 -10.02
CA ARG B 405 16.11 8.55 -10.91
C ARG B 405 14.82 9.27 -11.20
N VAL B 406 14.14 9.78 -10.15
CA VAL B 406 12.88 10.54 -10.23
C VAL B 406 12.97 11.74 -11.20
N ILE B 407 13.95 12.64 -10.99
CA ILE B 407 14.08 13.82 -11.85
C ILE B 407 14.40 13.41 -13.27
N SER B 408 15.34 12.46 -13.43
CA SER B 408 15.74 11.98 -14.75
C SER B 408 14.56 11.42 -15.50
N GLY B 409 13.74 10.66 -14.78
CA GLY B 409 12.54 10.01 -15.33
C GLY B 409 11.55 11.00 -15.88
N LEU B 410 11.20 11.98 -15.06
CA LEU B 410 10.30 13.04 -15.43
C LEU B 410 10.80 13.78 -16.68
N LEU B 411 12.11 14.09 -16.75
CA LEU B 411 12.70 14.75 -17.93
C LEU B 411 12.45 13.88 -19.15
N GLU B 412 12.66 12.55 -18.99
CA GLU B 412 12.44 11.60 -20.07
C GLU B 412 10.96 11.50 -20.41
N ILE B 413 10.07 11.66 -19.39
CA ILE B 413 8.61 11.63 -19.56
C ILE B 413 8.17 12.77 -20.49
N TYR B 414 8.68 13.99 -20.25
CA TYR B 414 8.32 15.16 -21.03
C TYR B 414 9.15 15.34 -22.30
N ARG B 415 10.23 14.53 -22.47
CA ARG B 415 11.12 14.57 -23.66
C ARG B 415 10.35 14.83 -24.97
N PRO B 416 9.21 14.14 -25.25
CA PRO B 416 8.49 14.38 -26.51
C PRO B 416 8.09 15.82 -26.84
N LEU B 417 8.00 16.71 -25.81
CA LEU B 417 7.67 18.11 -26.03
C LEU B 417 8.86 18.80 -26.70
N LEU B 418 10.10 18.45 -26.28
CA LEU B 418 11.36 18.95 -26.85
C LEU B 418 11.68 18.28 -28.19
N SER B 419 11.01 17.15 -28.47
CA SER B 419 11.20 16.39 -29.70
C SER B 419 10.39 16.96 -30.86
N LEU B 420 9.28 17.66 -30.55
CA LEU B 420 8.39 18.29 -31.52
C LEU B 420 9.10 19.34 -32.39
N SER B 421 8.63 19.51 -33.65
CA SER B 421 9.17 20.51 -34.58
C SER B 421 8.76 21.90 -34.11
N LEU B 422 9.47 22.97 -34.56
CA LEU B 422 9.11 24.33 -34.16
C LEU B 422 7.65 24.64 -34.50
N SER B 423 7.26 24.36 -35.76
CA SER B 423 5.90 24.62 -36.25
C SER B 423 4.87 23.83 -35.43
N ASP B 424 5.12 22.51 -35.20
CA ASP B 424 4.30 21.60 -34.41
C ASP B 424 4.14 22.10 -32.97
N PHE B 425 5.27 22.40 -32.29
CA PHE B 425 5.24 22.88 -30.92
C PHE B 425 4.50 24.21 -30.80
N THR B 426 4.72 25.15 -31.75
CA THR B 426 4.04 26.46 -31.71
C THR B 426 2.54 26.29 -32.01
N GLU B 427 2.18 25.23 -32.77
CA GLU B 427 0.79 24.87 -33.07
C GLU B 427 0.14 24.41 -31.78
N LEU B 428 0.90 23.64 -30.98
CA LEU B 428 0.46 23.15 -29.68
C LEU B 428 0.30 24.31 -28.70
N VAL B 429 1.20 25.31 -28.80
CA VAL B 429 1.18 26.49 -27.93
C VAL B 429 -0.05 27.34 -28.28
N GLU B 430 -0.34 27.48 -29.60
CA GLU B 430 -1.49 28.24 -30.12
C GLU B 430 -2.81 27.58 -29.77
N LYS B 431 -3.22 26.54 -30.51
CA LYS B 431 -4.45 25.79 -30.23
C LYS B 431 -4.08 24.79 -29.16
N GLU B 432 -4.11 25.23 -27.86
CA GLU B 432 -3.65 24.49 -26.66
C GLU B 432 -3.81 22.93 -26.73
N ARG B 433 -4.77 22.49 -27.51
CA ARG B 433 -5.04 21.09 -27.73
C ARG B 433 -4.94 20.80 -29.21
N VAL B 434 -4.10 19.86 -29.59
CA VAL B 434 -3.89 19.42 -30.99
C VAL B 434 -4.36 17.97 -31.16
N LYS B 435 -5.10 17.75 -32.25
CA LYS B 435 -5.72 16.47 -32.57
C LYS B 435 -4.70 15.33 -32.78
N ARG B 436 -3.71 15.54 -33.66
CA ARG B 436 -2.70 14.51 -33.98
C ARG B 436 -1.64 14.31 -32.89
N PHE B 437 -1.65 15.11 -31.81
CA PHE B 437 -0.70 14.98 -30.71
C PHE B 437 -1.43 14.85 -29.38
N PRO B 438 -2.05 13.69 -29.09
CA PRO B 438 -2.78 13.56 -27.82
C PRO B 438 -1.89 13.62 -26.58
N ILE B 439 -0.82 12.79 -26.59
CA ILE B 439 0.15 12.65 -25.50
C ILE B 439 0.84 13.97 -25.23
N GLU B 440 1.37 14.57 -26.30
CA GLU B 440 2.08 15.86 -26.27
C GLU B 440 1.16 16.98 -25.75
N SER B 441 -0.14 16.99 -26.18
CA SER B 441 -1.15 17.95 -25.72
C SER B 441 -1.30 17.83 -24.24
N ARG B 442 -1.52 16.63 -23.78
CA ARG B 442 -1.76 16.23 -22.41
C ARG B 442 -0.64 16.52 -21.48
N LEU B 443 0.58 16.35 -21.94
CA LEU B 443 1.84 16.65 -21.28
C LEU B 443 2.04 18.15 -21.21
N PHE B 444 1.74 18.88 -22.29
CA PHE B 444 1.84 20.33 -22.35
C PHE B 444 0.95 20.98 -21.30
N HIS B 445 -0.25 20.43 -21.10
CA HIS B 445 -1.22 20.91 -20.11
C HIS B 445 -0.73 20.76 -18.69
N LYS B 446 0.07 19.71 -18.43
CA LYS B 446 0.66 19.39 -17.13
C LYS B 446 1.55 20.53 -16.60
N LEU B 447 2.22 21.24 -17.54
CA LEU B 447 3.12 22.37 -17.27
C LEU B 447 2.37 23.54 -16.65
N SER B 448 2.91 24.12 -15.57
CA SER B 448 2.31 25.25 -14.84
C SER B 448 2.12 26.45 -15.75
N THR B 449 0.93 27.05 -15.68
CA THR B 449 0.55 28.20 -16.49
C THR B 449 1.58 29.33 -16.41
N ARG B 450 2.14 29.57 -15.18
CA ARG B 450 3.18 30.58 -14.96
C ARG B 450 4.37 30.36 -15.89
N HIS B 451 4.88 29.09 -15.93
CA HIS B 451 6.01 28.64 -16.74
C HIS B 451 5.75 28.75 -18.22
N ARG B 452 4.49 28.45 -18.63
CA ARG B 452 4.03 28.46 -20.01
C ARG B 452 3.92 29.88 -20.53
N LEU B 453 3.38 30.81 -19.69
CA LEU B 453 3.24 32.22 -20.05
C LEU B 453 4.57 32.84 -20.31
N ALA B 454 5.56 32.47 -19.49
CA ALA B 454 6.94 32.92 -19.56
C ALA B 454 7.52 32.57 -20.92
N TYR B 455 7.26 31.31 -21.42
CA TYR B 455 7.71 30.84 -22.73
C TYR B 455 7.05 31.73 -23.80
N VAL B 456 5.72 31.85 -23.77
CA VAL B 456 4.94 32.63 -24.71
C VAL B 456 5.45 34.08 -24.80
N GLU B 457 5.55 34.74 -23.63
CA GLU B 457 6.02 36.10 -23.46
C GLU B 457 7.41 36.28 -24.08
N ALA B 458 8.33 35.35 -23.81
CA ALA B 458 9.71 35.42 -24.29
C ALA B 458 9.82 35.26 -25.79
N VAL B 459 9.15 34.24 -26.32
CA VAL B 459 9.18 33.89 -27.73
C VAL B 459 8.44 34.94 -28.57
N SER B 460 7.36 35.55 -28.00
CA SER B 460 6.60 36.61 -28.66
C SER B 460 7.48 37.82 -29.01
N LYS B 461 8.37 38.18 -28.08
CA LYS B 461 9.31 39.30 -28.18
C LYS B 461 10.43 39.07 -29.23
N LEU B 462 10.64 37.81 -29.70
CA LEU B 462 11.66 37.49 -30.70
C LEU B 462 11.24 37.90 -32.12
N PRO B 463 12.18 38.41 -32.98
CA PRO B 463 11.83 38.70 -34.38
C PRO B 463 11.77 37.41 -35.18
N SER B 464 10.55 37.03 -35.63
CA SER B 464 10.28 35.78 -36.34
C SER B 464 11.15 35.55 -37.60
N ASP B 465 11.39 36.64 -38.36
CA ASP B 465 12.19 36.66 -39.60
C ASP B 465 13.65 36.20 -39.40
N SER B 466 14.25 36.56 -38.23
CA SER B 466 15.63 36.29 -37.83
C SER B 466 16.05 34.82 -37.92
N PRO B 467 17.29 34.53 -38.39
CA PRO B 467 17.76 33.14 -38.40
C PRO B 467 18.09 32.62 -36.99
N GLU B 468 18.11 33.55 -36.01
CA GLU B 468 18.34 33.29 -34.59
C GLU B 468 17.10 32.65 -33.98
N PHE B 469 15.89 33.06 -34.45
CA PHE B 469 14.57 32.64 -33.96
C PHE B 469 14.43 31.13 -33.62
N PRO B 470 14.73 30.15 -34.52
CA PRO B 470 14.53 28.73 -34.16
C PRO B 470 15.38 28.25 -32.98
N LEU B 471 16.59 28.83 -32.87
CA LEU B 471 17.57 28.55 -31.83
C LEU B 471 17.07 29.14 -30.52
N TRP B 472 16.59 30.38 -30.56
CA TRP B 472 16.05 31.05 -29.37
C TRP B 472 14.82 30.37 -28.85
N GLU B 473 13.93 29.93 -29.77
CA GLU B 473 12.69 29.22 -29.42
C GLU B 473 13.04 27.93 -28.66
N TYR B 474 13.97 27.12 -29.22
CA TYR B 474 14.37 25.88 -28.56
C TYR B 474 14.98 26.12 -27.20
N TYR B 475 15.78 27.20 -27.07
CA TYR B 475 16.37 27.59 -25.79
C TYR B 475 15.26 27.82 -24.77
N TYR B 476 14.26 28.64 -25.14
CA TYR B 476 13.11 28.98 -24.29
C TYR B 476 12.19 27.82 -24.02
N ARG B 477 12.15 26.84 -24.94
CA ARG B 477 11.35 25.63 -24.80
C ARG B 477 11.98 24.73 -23.74
N CYS B 478 13.33 24.59 -23.78
CA CYS B 478 14.09 23.84 -22.79
C CYS B 478 14.00 24.52 -21.45
N ARG B 479 13.99 25.88 -21.43
CA ARG B 479 13.83 26.67 -20.22
C ARG B 479 12.45 26.38 -19.59
N LEU B 480 11.35 26.43 -20.39
CA LEU B 480 9.99 26.07 -19.90
C LEU B 480 9.98 24.70 -19.17
N LEU B 481 10.70 23.72 -19.71
CA LEU B 481 10.79 22.39 -19.11
C LEU B 481 11.56 22.36 -17.79
N GLN B 482 12.78 22.96 -17.77
CA GLN B 482 13.62 23.06 -16.59
C GLN B 482 12.90 23.83 -15.49
N ASP B 483 12.16 24.90 -15.87
CA ASP B 483 11.36 25.74 -14.97
C ASP B 483 10.28 24.89 -14.28
N TYR B 484 9.60 24.00 -15.04
CA TYR B 484 8.56 23.15 -14.49
C TYR B 484 9.11 22.23 -13.43
N ILE B 485 10.14 21.40 -13.81
CA ILE B 485 10.87 20.40 -13.01
C ILE B 485 11.48 21.02 -11.76
N SER B 486 12.34 22.05 -11.91
CA SER B 486 12.98 22.73 -10.78
C SER B 486 11.96 23.33 -9.81
N GLY B 487 10.81 23.71 -10.36
CA GLY B 487 9.68 24.29 -9.64
C GLY B 487 9.05 23.38 -8.61
N MET B 488 9.05 22.08 -8.88
CA MET B 488 8.47 21.05 -8.02
C MET B 488 9.18 20.90 -6.70
N THR B 489 8.46 20.35 -5.71
CA THR B 489 9.01 20.01 -4.40
C THR B 489 9.53 18.60 -4.55
N ASP B 490 10.29 18.14 -3.55
CA ASP B 490 10.81 16.77 -3.50
C ASP B 490 9.65 15.80 -3.66
N LEU B 491 8.56 16.07 -2.93
CA LEU B 491 7.38 15.25 -2.89
C LEU B 491 6.55 15.27 -4.15
N TYR B 492 6.34 16.44 -4.76
CA TYR B 492 5.56 16.52 -5.99
C TYR B 492 6.23 15.80 -7.12
N ALA B 493 7.56 15.96 -7.25
CA ALA B 493 8.36 15.31 -8.25
C ALA B 493 8.26 13.80 -8.09
N TRP B 494 8.36 13.31 -6.86
CA TRP B 494 8.30 11.89 -6.55
C TRP B 494 6.95 11.31 -6.89
N ASP B 495 5.88 12.04 -6.57
CA ASP B 495 4.50 11.61 -6.86
C ASP B 495 4.21 11.62 -8.34
N GLU B 496 4.53 12.75 -9.01
CA GLU B 496 4.35 12.93 -10.46
C GLU B 496 4.98 11.80 -11.26
N TYR B 497 6.21 11.42 -10.87
CA TYR B 497 6.97 10.37 -11.51
C TYR B 497 6.25 9.04 -11.39
N ARG B 498 5.71 8.75 -10.19
CA ARG B 498 4.99 7.52 -9.91
C ARG B 498 3.62 7.45 -10.61
N ARG B 499 2.86 8.58 -10.59
CA ARG B 499 1.57 8.70 -11.26
C ARG B 499 1.74 8.49 -12.76
N LEU B 500 2.76 9.15 -13.36
CA LEU B 500 3.03 9.07 -14.79
C LEU B 500 3.71 7.77 -15.21
N MET B 501 4.11 6.92 -14.25
CA MET B 501 4.69 5.61 -14.58
C MET B 501 3.64 4.50 -14.47
N ALA B 502 2.44 4.87 -13.96
CA ALA B 502 1.29 4.00 -13.69
C ALA B 502 1.65 2.91 -12.66
N VAL B 503 2.40 3.34 -11.63
CA VAL B 503 2.88 2.51 -10.51
C VAL B 503 2.26 2.98 -9.16
N GLU B 504 1.22 3.85 -9.25
CA GLU B 504 0.51 4.41 -8.11
C GLU B 504 -0.90 4.85 -8.56
N ALA C 2 42.54 -48.38 -8.44
CA ALA C 2 43.58 -47.81 -7.57
C ALA C 2 43.72 -48.58 -6.21
N GLN C 3 44.27 -47.88 -5.19
CA GLN C 3 44.42 -48.28 -3.80
C GLN C 3 43.72 -47.14 -3.04
N ILE C 4 42.58 -47.50 -2.50
CA ILE C 4 41.63 -46.65 -1.83
C ILE C 4 42.10 -46.42 -0.40
N ASP C 5 42.55 -45.18 -0.12
CA ASP C 5 42.99 -44.75 1.19
C ASP C 5 42.35 -43.42 1.48
N PHE C 6 41.26 -43.43 2.24
CA PHE C 6 40.51 -42.23 2.57
C PHE C 6 41.26 -41.24 3.43
N ARG C 7 42.37 -41.69 4.04
CA ARG C 7 43.25 -40.80 4.79
C ARG C 7 43.82 -39.77 3.83
N LYS C 8 44.12 -40.19 2.56
CA LYS C 8 44.61 -39.38 1.44
C LYS C 8 43.54 -38.40 0.86
N LYS C 9 42.27 -38.59 1.20
CA LYS C 9 41.20 -37.72 0.67
C LYS C 9 40.52 -36.84 1.74
N ILE C 10 40.29 -37.38 2.96
CA ILE C 10 39.67 -36.64 4.06
C ILE C 10 40.76 -35.78 4.69
N ASN C 11 40.93 -34.57 4.13
CA ASN C 11 41.96 -33.61 4.50
C ASN C 11 41.48 -32.56 5.49
N TRP C 12 42.05 -32.59 6.70
CA TRP C 12 41.69 -31.68 7.79
C TRP C 12 42.51 -30.38 7.84
N HIS C 13 43.36 -30.14 6.84
CA HIS C 13 44.13 -28.92 6.83
C HIS C 13 43.30 -27.81 6.26
N ARG C 14 43.72 -26.55 6.51
CA ARG C 14 43.05 -25.33 6.02
C ARG C 14 43.95 -24.52 5.11
N ARG C 15 43.37 -23.57 4.37
CA ARG C 15 44.13 -22.71 3.47
C ARG C 15 44.95 -21.71 4.27
N TYR C 16 44.34 -21.11 5.28
CA TYR C 16 44.94 -20.10 6.14
C TYR C 16 45.03 -20.63 7.53
N ARG C 17 46.03 -20.18 8.31
CA ARG C 17 46.26 -20.57 9.71
C ARG C 17 45.78 -22.03 9.93
N SER C 18 46.43 -22.98 9.23
CA SER C 18 46.05 -24.39 9.22
C SER C 18 46.47 -25.18 10.44
N PRO C 19 45.67 -26.16 10.91
CA PRO C 19 46.15 -27.06 11.97
C PRO C 19 47.28 -27.90 11.39
N GLN C 20 48.36 -28.14 12.14
CA GLN C 20 49.46 -28.90 11.54
C GLN C 20 49.92 -30.04 12.37
N GLY C 21 50.28 -31.14 11.70
CA GLY C 21 50.92 -32.33 12.25
C GLY C 21 50.29 -33.23 13.29
N VAL C 22 50.35 -34.53 12.96
CA VAL C 22 49.88 -35.65 13.76
C VAL C 22 48.35 -35.54 14.02
N LYS C 23 47.88 -34.96 15.17
CA LYS C 23 46.43 -34.88 15.48
C LYS C 23 45.80 -36.32 15.60
N THR C 24 45.35 -36.69 16.81
CA THR C 24 44.72 -37.99 17.07
C THR C 24 43.35 -38.05 16.39
N GLU C 25 42.68 -39.20 16.50
CA GLU C 25 41.34 -39.44 15.94
C GLU C 25 40.38 -38.37 16.45
N HIS C 26 40.42 -38.08 17.78
CA HIS C 26 39.60 -37.08 18.44
C HIS C 26 39.95 -35.70 17.94
N GLU C 27 41.25 -35.38 17.87
CA GLU C 27 41.74 -34.07 17.42
C GLU C 27 41.20 -33.75 16.03
N ILE C 28 41.26 -34.73 15.08
CA ILE C 28 40.77 -34.59 13.72
C ILE C 28 39.25 -34.40 13.75
N LEU C 29 38.52 -35.15 14.62
CA LEU C 29 37.07 -35.02 14.76
C LEU C 29 36.72 -33.56 15.06
N ARG C 30 37.38 -33.00 16.11
CA ARG C 30 37.21 -31.64 16.57
C ARG C 30 37.36 -30.60 15.41
N ILE C 31 38.34 -30.84 14.49
CA ILE C 31 38.64 -29.97 13.34
C ILE C 31 37.40 -29.89 12.45
N PHE C 32 36.83 -31.05 12.14
CA PHE C 32 35.66 -31.17 11.29
C PHE C 32 34.40 -30.67 11.95
N GLU C 33 34.36 -30.76 13.30
CA GLU C 33 33.26 -30.27 14.12
C GLU C 33 33.31 -28.76 14.11
N SER C 34 34.53 -28.17 14.08
CA SER C 34 34.67 -26.72 13.98
C SER C 34 34.04 -26.20 12.69
N ASP C 35 34.21 -26.95 11.59
CA ASP C 35 33.64 -26.59 10.29
C ASP C 35 32.11 -26.53 10.40
N ARG C 36 31.46 -27.51 11.10
CA ARG C 36 30.00 -27.56 11.32
C ARG C 36 29.52 -26.26 11.93
N GLY C 37 30.18 -25.85 13.00
CA GLY C 37 29.88 -24.61 13.71
C GLY C 37 30.02 -23.38 12.83
N ARG C 38 31.09 -23.32 12.04
CA ARG C 38 31.35 -22.22 11.10
C ARG C 38 30.20 -22.12 10.09
N ILE C 39 29.85 -23.23 9.44
CA ILE C 39 28.80 -23.34 8.45
C ILE C 39 27.43 -23.02 9.03
N ILE C 40 27.03 -23.64 10.15
CA ILE C 40 25.72 -23.44 10.79
C ILE C 40 25.54 -21.97 11.26
N ASN C 41 26.57 -21.39 11.83
CA ASN C 41 26.47 -20.02 12.27
C ASN C 41 26.74 -19.00 11.15
N SER C 42 27.00 -19.48 9.91
CA SER C 42 27.26 -18.58 8.78
C SER C 42 26.00 -17.87 8.32
N PRO C 43 26.11 -16.54 8.13
CA PRO C 43 24.97 -15.78 7.62
C PRO C 43 24.58 -16.21 6.20
N ALA C 44 25.54 -16.78 5.45
CA ALA C 44 25.34 -17.30 4.10
C ALA C 44 24.32 -18.43 4.13
N ILE C 45 24.32 -19.24 5.24
CA ILE C 45 23.35 -20.31 5.40
C ILE C 45 22.04 -19.72 5.98
N ARG C 46 22.08 -18.75 6.91
CA ARG C 46 20.87 -18.10 7.41
C ARG C 46 20.06 -17.48 6.26
N ARG C 47 20.76 -16.77 5.34
CA ARG C 47 20.21 -16.15 4.14
C ARG C 47 19.35 -17.12 3.32
N LEU C 48 19.59 -18.44 3.46
CA LEU C 48 18.81 -19.43 2.73
C LEU C 48 17.33 -19.48 3.10
N GLN C 49 16.94 -19.08 4.34
CA GLN C 49 15.53 -19.13 4.73
C GLN C 49 14.67 -18.08 3.97
N GLN C 50 15.33 -17.21 3.22
CA GLN C 50 14.74 -16.14 2.43
C GLN C 50 15.11 -16.30 0.93
N LYS C 51 15.81 -17.41 0.55
CA LYS C 51 16.11 -17.76 -0.85
C LYS C 51 15.08 -18.85 -1.21
N THR C 52 14.50 -18.77 -2.42
CA THR C 52 13.41 -19.63 -2.90
C THR C 52 13.78 -21.03 -3.36
N GLN C 53 12.89 -21.98 -3.13
CA GLN C 53 12.96 -23.32 -3.67
C GLN C 53 11.58 -23.61 -4.23
N VAL C 54 11.46 -23.88 -5.52
CA VAL C 54 10.25 -24.17 -6.34
C VAL C 54 9.22 -22.97 -6.32
N PHE C 55 8.60 -22.62 -5.15
CA PHE C 55 7.62 -21.53 -5.02
C PHE C 55 8.25 -20.19 -4.59
N PRO C 56 8.36 -19.17 -5.52
CA PRO C 56 9.02 -17.89 -5.15
C PRO C 56 8.23 -17.03 -4.15
N LEU C 57 9.00 -16.16 -3.41
CA LEU C 57 8.56 -15.17 -2.40
C LEU C 57 7.32 -15.66 -1.60
N GLU C 58 7.37 -16.91 -1.14
CA GLU C 58 6.25 -17.53 -0.45
C GLU C 58 6.14 -17.15 1.02
N ARG C 59 4.88 -16.90 1.43
CA ARG C 59 4.54 -16.49 2.78
C ARG C 59 3.92 -17.61 3.61
N ASN C 60 3.95 -18.85 3.08
CA ASN C 60 3.53 -20.02 3.86
C ASN C 60 4.81 -20.71 4.36
N ALA C 61 5.00 -20.73 5.69
CA ALA C 61 6.16 -21.33 6.33
C ALA C 61 6.21 -22.84 6.09
N ALA C 62 5.03 -23.46 5.87
CA ALA C 62 4.82 -24.90 5.60
C ALA C 62 5.46 -25.34 4.27
N VAL C 63 5.73 -24.36 3.38
CA VAL C 63 6.42 -24.56 2.11
C VAL C 63 7.95 -24.47 2.38
N ARG C 64 8.70 -25.30 1.67
CA ARG C 64 10.15 -25.33 1.80
C ARG C 64 10.83 -24.13 1.18
N THR C 65 11.85 -23.64 1.88
CA THR C 65 12.77 -22.60 1.44
C THR C 65 14.05 -23.35 1.06
N ARG C 66 15.10 -22.65 0.66
CA ARG C 66 16.35 -23.30 0.32
C ARG C 66 16.92 -23.90 1.55
N LEU C 67 16.71 -23.25 2.72
CA LEU C 67 17.22 -23.75 4.01
C LEU C 67 16.56 -25.04 4.47
N THR C 68 15.21 -25.07 4.48
CA THR C 68 14.48 -26.26 4.91
C THR C 68 14.73 -27.41 3.96
N HIS C 69 14.90 -27.14 2.66
CA HIS C 69 15.25 -28.18 1.72
C HIS C 69 16.66 -28.70 2.03
N SER C 70 17.67 -27.80 2.12
CA SER C 70 19.05 -28.16 2.40
C SER C 70 19.15 -28.98 3.68
N MET C 71 18.31 -28.67 4.68
CA MET C 71 18.21 -29.38 5.94
C MET C 71 17.73 -30.83 5.76
N GLU C 72 16.74 -31.02 4.88
CA GLU C 72 16.17 -32.33 4.53
C GLU C 72 17.20 -33.14 3.75
N VAL C 73 17.93 -32.50 2.79
CA VAL C 73 18.99 -33.13 1.98
C VAL C 73 20.06 -33.69 2.93
N GLN C 74 20.43 -32.88 3.93
CA GLN C 74 21.38 -33.20 4.99
C GLN C 74 21.02 -34.53 5.66
N GLN C 75 19.72 -34.78 5.95
CA GLN C 75 19.30 -36.03 6.56
C GLN C 75 19.43 -37.22 5.59
N VAL C 76 19.09 -37.04 4.30
CA VAL C 76 19.24 -38.10 3.28
C VAL C 76 20.75 -38.46 3.15
N GLY C 77 21.60 -37.43 3.11
CA GLY C 77 23.04 -37.54 3.04
C GLY C 77 23.61 -38.33 4.20
N ARG C 78 23.08 -38.05 5.43
CA ARG C 78 23.44 -38.74 6.68
C ARG C 78 23.14 -40.22 6.51
N TYR C 79 21.89 -40.56 6.14
CA TYR C 79 21.42 -41.92 5.91
C TYR C 79 22.28 -42.66 4.88
N ILE C 80 22.63 -42.02 3.74
CA ILE C 80 23.47 -42.62 2.69
C ILE C 80 24.88 -42.91 3.23
N ALA C 81 25.52 -41.89 3.86
CA ALA C 81 26.86 -41.99 4.44
C ALA C 81 26.90 -43.08 5.51
N LYS C 82 25.87 -43.10 6.39
CA LYS C 82 25.71 -44.09 7.46
C LYS C 82 25.63 -45.50 6.87
N GLU C 83 24.85 -45.67 5.77
CA GLU C 83 24.73 -46.96 5.09
C GLU C 83 25.99 -47.38 4.38
N ILE C 84 26.74 -46.45 3.72
CA ILE C 84 28.01 -46.77 3.05
C ILE C 84 28.98 -47.35 4.08
N LEU C 85 29.12 -46.65 5.21
CA LEU C 85 30.01 -47.08 6.29
C LEU C 85 29.60 -48.43 6.91
N SER C 86 28.30 -48.67 7.11
CA SER C 86 27.78 -49.91 7.68
C SER C 86 28.14 -51.09 6.78
N ARG C 87 28.01 -50.92 5.44
CA ARG C 87 28.32 -51.98 4.46
C ARG C 87 29.78 -52.23 4.38
N LEU C 88 30.57 -51.16 4.33
CA LEU C 88 32.01 -51.26 4.31
C LEU C 88 32.54 -52.03 5.56
N LYS C 89 31.86 -51.81 6.72
CA LYS C 89 32.15 -52.51 7.97
C LYS C 89 31.73 -53.95 7.81
N GLU C 90 30.56 -54.20 7.18
CA GLU C 90 30.12 -55.57 6.91
C GLU C 90 31.08 -56.33 5.95
N LEU C 91 31.71 -55.61 4.97
CA LEU C 91 32.65 -56.15 3.98
C LEU C 91 34.09 -56.27 4.50
N LYS C 92 34.33 -55.72 5.72
CA LYS C 92 35.60 -55.67 6.47
C LYS C 92 36.61 -54.61 5.88
N LEU C 93 36.18 -54.03 4.75
CA LEU C 93 36.88 -53.02 3.97
C LEU C 93 37.10 -51.63 4.64
N LEU C 94 36.44 -51.37 5.81
CA LEU C 94 36.57 -50.09 6.50
C LEU C 94 38.00 -49.79 6.89
N GLU C 95 38.65 -50.75 7.59
CA GLU C 95 40.05 -50.60 7.99
C GLU C 95 40.94 -50.50 6.74
N ALA C 96 40.65 -51.34 5.75
CA ALA C 96 41.34 -51.42 4.47
C ALA C 96 41.31 -50.12 3.66
N TYR C 97 40.23 -49.34 3.78
CA TYR C 97 40.11 -48.10 3.04
C TYR C 97 40.49 -46.83 3.84
N GLY C 98 41.15 -47.00 4.99
CA GLY C 98 41.59 -45.90 5.85
C GLY C 98 40.46 -45.13 6.52
N LEU C 99 39.24 -45.65 6.41
CA LEU C 99 38.05 -45.04 6.99
C LEU C 99 37.82 -45.38 8.43
N ASP C 100 38.43 -46.48 8.96
CA ASP C 100 38.24 -46.92 10.35
C ASP C 100 38.39 -45.80 11.39
N GLU C 101 39.23 -44.80 11.13
CA GLU C 101 39.42 -43.70 12.06
C GLU C 101 38.77 -42.39 11.60
N LEU C 102 38.20 -42.38 10.39
CA LEU C 102 37.56 -41.20 9.82
C LEU C 102 36.05 -41.35 9.59
N THR C 103 35.39 -42.15 10.43
CA THR C 103 33.96 -42.43 10.34
C THR C 103 33.11 -41.16 10.51
N GLY C 104 33.43 -40.40 11.55
CA GLY C 104 32.77 -39.15 11.88
C GLY C 104 32.96 -38.10 10.82
N PRO C 105 34.23 -37.77 10.45
CA PRO C 105 34.45 -36.78 9.38
C PRO C 105 33.73 -37.15 8.09
N PHE C 106 33.79 -38.44 7.68
CA PHE C 106 33.10 -38.93 6.48
C PHE C 106 31.64 -38.50 6.48
N GLU C 107 30.92 -38.83 7.55
CA GLU C 107 29.51 -38.48 7.78
C GLU C 107 29.34 -36.96 7.79
N SER C 108 30.05 -36.25 8.70
CA SER C 108 29.98 -34.80 8.82
C SER C 108 30.21 -34.06 7.51
N ILE C 109 31.29 -34.39 6.75
CA ILE C 109 31.61 -33.75 5.46
C ILE C 109 30.40 -33.84 4.53
N VAL C 110 29.78 -35.03 4.43
CA VAL C 110 28.59 -35.25 3.61
C VAL C 110 27.44 -34.33 4.09
N GLU C 111 27.06 -34.43 5.38
CA GLU C 111 26.02 -33.63 6.00
C GLU C 111 26.24 -32.12 5.72
N MET C 112 27.48 -31.60 5.96
CA MET C 112 27.75 -30.19 5.76
C MET C 112 27.70 -29.77 4.32
N SER C 113 28.33 -30.52 3.39
CA SER C 113 28.29 -30.17 1.97
C SER C 113 26.88 -30.32 1.43
N CYS C 114 26.00 -31.02 2.18
CA CYS C 114 24.57 -31.15 1.86
C CYS C 114 23.86 -29.86 2.21
N LEU C 115 24.10 -29.32 3.41
CA LEU C 115 23.56 -28.04 3.88
C LEU C 115 24.06 -26.86 3.00
N MET C 116 25.33 -26.94 2.53
CA MET C 116 25.97 -25.92 1.71
C MET C 116 25.74 -26.03 0.21
N HIS C 117 25.17 -27.13 -0.34
CA HIS C 117 24.84 -27.09 -1.78
C HIS C 117 23.79 -25.96 -1.83
N ASP C 118 23.65 -25.24 -2.94
CA ASP C 118 22.67 -24.12 -2.94
C ASP C 118 23.20 -22.81 -2.29
N ILE C 119 24.30 -22.82 -1.46
CA ILE C 119 24.83 -21.60 -0.82
C ILE C 119 25.07 -20.48 -1.82
N GLY C 120 25.56 -20.82 -3.02
CA GLY C 120 25.88 -19.88 -4.08
C GLY C 120 24.80 -19.52 -5.07
N ASN C 121 23.58 -20.08 -4.89
CA ASN C 121 22.45 -19.85 -5.79
C ASN C 121 21.99 -18.39 -5.78
N PRO C 122 21.72 -17.79 -6.98
CA PRO C 122 21.34 -16.37 -7.03
C PRO C 122 19.88 -16.12 -6.62
N PRO C 123 19.44 -14.85 -6.44
CA PRO C 123 18.07 -14.59 -6.02
C PRO C 123 16.96 -15.37 -6.69
N PHE C 124 16.79 -15.34 -8.01
CA PHE C 124 15.59 -16.10 -8.41
C PHE C 124 15.89 -17.46 -9.04
N GLY C 125 16.84 -18.16 -8.44
CA GLY C 125 17.25 -19.48 -8.85
C GLY C 125 17.77 -19.54 -10.26
N HIS C 126 17.18 -20.36 -11.09
CA HIS C 126 17.61 -20.47 -12.47
C HIS C 126 17.36 -19.22 -13.23
N PHE C 127 16.36 -18.43 -12.81
CA PHE C 127 16.01 -17.18 -13.47
C PHE C 127 16.95 -16.05 -13.06
N GLY C 128 17.69 -16.29 -11.98
CA GLY C 128 18.75 -15.42 -11.48
C GLY C 128 19.95 -15.65 -12.38
N GLU C 129 20.31 -16.96 -12.60
CA GLU C 129 21.39 -17.44 -13.48
C GLU C 129 21.13 -16.89 -14.91
N ALA C 130 19.90 -17.09 -15.38
CA ALA C 130 19.41 -16.65 -16.69
C ALA C 130 19.63 -15.16 -16.87
N ALA C 131 19.06 -14.31 -15.97
CA ALA C 131 19.16 -12.87 -16.04
C ALA C 131 20.61 -12.39 -16.06
N ILE C 132 21.46 -12.92 -15.16
CA ILE C 132 22.89 -12.56 -15.06
C ILE C 132 23.63 -12.86 -16.36
N ASN C 133 23.54 -14.10 -16.86
CA ASN C 133 24.22 -14.52 -18.10
C ASN C 133 23.71 -13.82 -19.37
N ASP C 134 22.38 -13.62 -19.45
CA ASP C 134 21.77 -12.96 -20.58
C ASP C 134 22.19 -11.47 -20.64
N TRP C 135 22.28 -10.79 -19.46
CA TRP C 135 22.73 -9.39 -19.37
C TRP C 135 24.20 -9.28 -19.76
N PHE C 136 25.02 -10.25 -19.33
CA PHE C 136 26.43 -10.17 -19.64
C PHE C 136 26.69 -10.53 -21.08
N ARG C 137 25.92 -11.49 -21.59
CA ARG C 137 26.04 -11.96 -22.96
C ARG C 137 25.78 -10.84 -24.00
N GLN C 138 24.84 -9.93 -23.70
CA GLN C 138 24.53 -8.81 -24.58
C GLN C 138 25.70 -7.83 -24.55
N ARG C 139 26.27 -7.58 -23.34
CA ARG C 139 27.36 -6.62 -23.10
C ARG C 139 28.64 -7.05 -23.85
N LEU C 140 29.27 -8.14 -23.43
CA LEU C 140 30.45 -8.69 -24.09
C LEU C 140 29.94 -9.94 -24.81
N HIS C 141 30.09 -10.04 -26.14
CA HIS C 141 29.56 -11.22 -26.84
C HIS C 141 30.58 -12.36 -26.83
N PRO C 142 30.40 -13.46 -26.07
CA PRO C 142 31.45 -14.49 -26.07
C PRO C 142 31.43 -15.31 -27.35
N GLU C 143 30.34 -15.20 -28.10
CA GLU C 143 30.08 -15.86 -29.38
C GLU C 143 31.21 -15.52 -30.36
N ASP C 144 31.53 -14.22 -30.46
CA ASP C 144 32.52 -13.63 -31.36
C ASP C 144 33.97 -13.94 -30.99
N ALA C 145 34.21 -14.31 -29.75
CA ALA C 145 35.55 -14.59 -29.28
C ALA C 145 36.09 -15.95 -29.68
N GLU C 146 35.27 -16.83 -30.26
CA GLU C 146 35.69 -18.18 -30.64
C GLU C 146 36.95 -18.28 -31.60
N SER C 147 36.96 -17.61 -32.80
CA SER C 147 38.09 -17.67 -33.75
C SER C 147 39.25 -16.71 -33.39
N GLN C 148 39.90 -16.05 -34.38
CA GLN C 148 41.01 -15.10 -34.16
C GLN C 148 40.59 -13.60 -34.43
N PRO C 149 40.05 -13.17 -35.59
CA PRO C 149 39.70 -11.76 -35.73
C PRO C 149 38.26 -11.50 -35.28
N LEU C 150 37.60 -10.45 -35.82
CA LEU C 150 36.25 -10.09 -35.37
C LEU C 150 35.17 -10.19 -36.51
N THR C 151 35.07 -9.25 -37.53
CA THR C 151 35.80 -7.99 -37.83
C THR C 151 35.17 -6.84 -37.04
N ASP C 152 34.01 -7.15 -36.44
CA ASP C 152 33.11 -6.33 -35.60
C ASP C 152 33.27 -6.64 -34.08
N ASP C 153 33.07 -7.93 -33.69
CA ASP C 153 33.14 -8.50 -32.33
C ASP C 153 31.90 -8.22 -31.50
N ARG C 154 31.28 -7.03 -31.69
CA ARG C 154 30.05 -6.59 -30.98
C ARG C 154 30.22 -6.41 -29.46
N CYS C 155 31.34 -6.90 -28.88
CA CYS C 155 31.65 -6.76 -27.46
C CYS C 155 31.79 -5.27 -27.22
N SER C 156 30.96 -4.71 -26.31
CA SER C 156 30.94 -3.28 -25.98
C SER C 156 32.25 -2.84 -25.31
N VAL C 157 32.80 -3.74 -24.47
CA VAL C 157 34.05 -3.53 -23.72
C VAL C 157 35.20 -3.45 -24.71
N ALA C 158 35.71 -2.24 -24.89
CA ALA C 158 36.81 -1.93 -25.80
C ALA C 158 38.06 -2.77 -25.52
N ALA C 159 38.39 -2.95 -24.23
CA ALA C 159 39.55 -3.71 -23.78
C ALA C 159 39.45 -5.18 -24.18
N LEU C 160 38.27 -5.79 -23.97
CA LEU C 160 38.00 -7.20 -24.24
C LEU C 160 37.79 -7.58 -25.72
N ARG C 161 37.73 -6.62 -26.65
CA ARG C 161 37.58 -6.96 -28.07
C ARG C 161 38.90 -7.60 -28.55
N LEU C 162 38.80 -8.64 -29.39
CA LEU C 162 39.89 -9.45 -29.93
C LEU C 162 40.82 -8.77 -30.97
N ARG C 163 41.49 -7.66 -30.60
CA ARG C 163 42.46 -6.97 -31.47
C ARG C 163 43.61 -7.96 -31.86
N ASP C 164 43.80 -8.37 -33.17
CA ASP C 164 43.15 -8.07 -34.46
C ASP C 164 43.87 -8.77 -35.67
N GLY C 165 45.21 -8.64 -35.84
CA GLY C 165 46.17 -7.96 -34.97
C GLY C 165 46.76 -8.89 -33.92
N GLU C 166 46.95 -10.18 -34.31
CA GLU C 166 47.44 -11.37 -33.58
C GLU C 166 48.12 -11.09 -32.20
N GLU C 167 47.44 -11.56 -31.13
CA GLU C 167 47.86 -11.42 -29.73
C GLU C 167 47.61 -12.71 -28.92
N PRO C 168 48.53 -13.10 -28.00
CA PRO C 168 48.26 -14.26 -27.12
C PRO C 168 47.37 -13.80 -25.96
N LEU C 169 47.30 -12.47 -25.79
CA LEU C 169 46.52 -11.69 -24.84
C LEU C 169 45.05 -11.90 -25.21
N ASN C 170 44.79 -12.22 -26.48
CA ASN C 170 43.46 -12.52 -27.04
C ASN C 170 42.85 -13.73 -26.35
N GLU C 171 43.71 -14.67 -25.90
CA GLU C 171 43.29 -15.88 -25.19
C GLU C 171 42.68 -15.49 -23.85
N LEU C 172 43.25 -14.47 -23.17
CA LEU C 172 42.71 -13.98 -21.89
C LEU C 172 41.33 -13.38 -22.11
N ARG C 173 41.18 -12.61 -23.21
CA ARG C 173 39.91 -11.97 -23.60
C ARG C 173 38.82 -13.04 -23.79
N ARG C 174 39.15 -14.15 -24.50
CA ARG C 174 38.27 -15.30 -24.74
C ARG C 174 37.81 -15.89 -23.40
N LYS C 175 38.78 -16.24 -22.52
CA LYS C 175 38.58 -16.80 -21.19
C LYS C 175 37.65 -15.87 -20.37
N ILE C 176 37.98 -14.55 -20.27
CA ILE C 176 37.21 -13.55 -19.51
C ILE C 176 35.76 -13.44 -20.03
N ARG C 177 35.60 -13.28 -21.35
CA ARG C 177 34.29 -13.16 -22.00
C ARG C 177 33.40 -14.40 -21.80
N GLN C 178 33.97 -15.62 -21.85
CA GLN C 178 33.19 -16.84 -21.64
C GLN C 178 32.81 -17.01 -20.18
N ASP C 179 33.76 -16.76 -19.25
CA ASP C 179 33.62 -16.90 -17.81
C ASP C 179 32.50 -16.02 -17.20
N LEU C 180 32.48 -14.72 -17.59
CA LEU C 180 31.50 -13.75 -17.09
C LEU C 180 30.10 -14.04 -17.59
N CYS C 181 29.99 -14.72 -18.75
CA CYS C 181 28.72 -15.14 -19.33
C CYS C 181 28.33 -16.53 -18.86
N HIS C 182 29.13 -17.13 -17.96
CA HIS C 182 28.87 -18.45 -17.46
C HIS C 182 28.77 -18.53 -15.96
N PHE C 183 27.94 -17.67 -15.40
CA PHE C 183 27.63 -17.72 -13.98
C PHE C 183 26.89 -19.07 -13.68
N GLU C 184 27.20 -19.72 -12.55
CA GLU C 184 26.58 -20.96 -12.08
C GLU C 184 26.63 -20.97 -10.55
N GLY C 185 25.51 -21.34 -9.89
CA GLY C 185 25.42 -21.40 -8.44
C GLY C 185 26.58 -22.15 -7.80
N ASN C 186 26.91 -23.31 -8.39
CA ASN C 186 28.00 -24.19 -7.98
C ASN C 186 29.36 -23.47 -7.94
N ALA C 187 29.71 -22.74 -9.04
CA ALA C 187 30.97 -22.01 -9.22
C ALA C 187 31.08 -20.84 -8.26
N GLN C 188 29.89 -20.20 -8.02
CA GLN C 188 29.70 -19.04 -7.13
C GLN C 188 29.77 -19.51 -5.69
N GLY C 189 29.46 -20.78 -5.45
CA GLY C 189 29.51 -21.38 -4.13
C GLY C 189 30.93 -21.46 -3.61
N ILE C 190 31.85 -21.90 -4.50
CA ILE C 190 33.28 -22.03 -4.19
C ILE C 190 33.83 -20.63 -3.92
N ARG C 191 33.44 -19.67 -4.80
CA ARG C 191 33.84 -18.27 -4.69
C ARG C 191 33.39 -17.71 -3.35
N LEU C 192 32.15 -18.03 -2.96
CA LEU C 192 31.49 -17.61 -1.74
C LEU C 192 32.20 -18.14 -0.52
N VAL C 193 32.33 -19.47 -0.35
CA VAL C 193 32.98 -20.04 0.84
C VAL C 193 34.42 -19.60 0.99
N HIS C 194 35.11 -19.40 -0.14
CA HIS C 194 36.51 -19.03 -0.05
C HIS C 194 36.79 -17.53 -0.11
N THR C 195 36.70 -16.93 -1.30
CA THR C 195 37.07 -15.54 -1.59
C THR C 195 36.19 -14.50 -0.87
N LEU C 196 34.88 -14.74 -0.79
CA LEU C 196 33.88 -13.81 -0.27
C LEU C 196 33.51 -13.94 1.20
N MET C 197 33.32 -15.14 1.71
CA MET C 197 32.94 -15.34 3.11
C MET C 197 34.16 -15.53 3.99
N ARG C 198 35.26 -15.95 3.37
CA ARG C 198 36.50 -16.22 4.07
C ARG C 198 36.23 -17.10 5.32
N MET C 199 35.50 -18.22 5.08
CA MET C 199 35.20 -19.28 6.04
C MET C 199 36.49 -20.04 5.94
N ASN C 200 37.04 -20.53 6.98
CA ASN C 200 38.31 -21.14 6.64
C ASN C 200 38.10 -22.63 6.68
N LEU C 201 37.28 -23.15 5.77
CA LEU C 201 36.92 -24.55 5.86
C LEU C 201 38.12 -25.48 5.59
N THR C 202 37.98 -26.76 5.96
CA THR C 202 39.02 -27.73 5.67
C THR C 202 38.95 -28.00 4.18
N TRP C 203 40.05 -28.44 3.58
CA TRP C 203 40.12 -28.80 2.15
C TRP C 203 39.09 -29.84 1.79
N ALA C 204 38.92 -30.88 2.63
CA ALA C 204 37.92 -31.93 2.43
C ALA C 204 36.52 -31.34 2.37
N GLN C 205 36.19 -30.40 3.28
CA GLN C 205 34.88 -29.74 3.32
C GLN C 205 34.60 -28.92 2.06
N VAL C 206 35.63 -28.31 1.46
CA VAL C 206 35.51 -27.51 0.25
C VAL C 206 35.35 -28.42 -0.96
N GLY C 207 36.06 -29.56 -0.96
CA GLY C 207 35.98 -30.55 -2.04
C GLY C 207 34.58 -31.13 -2.19
N GLY C 208 33.87 -31.19 -1.06
CA GLY C 208 32.50 -31.66 -0.98
C GLY C 208 31.50 -30.79 -1.71
N ILE C 209 31.76 -29.48 -1.80
CA ILE C 209 30.85 -28.57 -2.48
C ILE C 209 31.29 -28.28 -3.93
N LEU C 210 32.34 -28.97 -4.41
CA LEU C 210 32.77 -28.87 -5.82
C LEU C 210 32.06 -29.99 -6.63
N LYS C 211 30.80 -29.71 -7.13
CA LYS C 211 29.99 -30.69 -7.84
C LYS C 211 30.43 -30.89 -9.26
N TYR C 212 30.84 -29.83 -9.95
CA TYR C 212 31.30 -29.97 -11.33
C TYR C 212 32.76 -29.61 -11.50
N THR C 213 33.40 -30.18 -12.51
CA THR C 213 34.82 -29.98 -12.73
C THR C 213 35.13 -29.13 -13.98
N ARG C 214 34.10 -28.56 -14.59
CA ARG C 214 34.27 -27.71 -15.77
C ARG C 214 34.61 -26.27 -15.39
N PRO C 215 35.71 -25.74 -15.98
CA PRO C 215 36.06 -24.33 -15.74
C PRO C 215 35.03 -23.45 -16.46
N ALA C 216 34.48 -22.43 -15.79
CA ALA C 216 33.47 -21.56 -16.38
C ALA C 216 33.79 -21.06 -17.79
N TRP C 217 35.08 -20.72 -18.04
CA TRP C 217 35.60 -20.22 -19.33
C TRP C 217 35.67 -21.27 -20.43
N TRP C 218 35.45 -22.57 -20.10
CA TRP C 218 35.49 -23.67 -21.06
C TRP C 218 34.59 -23.33 -22.24
N ARG C 219 35.18 -23.44 -23.46
CA ARG C 219 34.49 -23.08 -24.70
C ARG C 219 34.08 -24.25 -25.58
N GLY C 220 34.88 -25.31 -25.64
CA GLY C 220 34.58 -26.45 -26.51
C GLY C 220 33.63 -27.51 -25.99
N GLU C 221 33.66 -28.67 -26.68
CA GLU C 221 32.90 -29.85 -26.29
C GLU C 221 33.72 -30.50 -25.17
N THR C 222 33.06 -30.87 -24.06
CA THR C 222 33.70 -31.48 -22.90
C THR C 222 34.26 -32.87 -23.24
N PRO C 223 35.42 -33.29 -22.63
CA PRO C 223 35.97 -34.64 -22.93
C PRO C 223 35.01 -35.84 -22.70
N GLU C 224 34.94 -36.80 -23.66
CA GLU C 224 34.05 -37.97 -23.64
C GLU C 224 34.02 -38.72 -22.33
N THR C 225 35.18 -38.74 -21.64
CA THR C 225 35.51 -39.39 -20.35
C THR C 225 35.02 -38.64 -19.10
N HIS C 226 34.78 -37.33 -19.24
CA HIS C 226 34.38 -36.42 -18.19
C HIS C 226 33.15 -35.62 -18.52
N HIS C 227 32.41 -36.04 -19.55
CA HIS C 227 31.19 -35.38 -20.01
C HIS C 227 30.24 -35.00 -18.91
N TYR C 228 30.00 -35.94 -17.96
CA TYR C 228 29.08 -35.78 -16.83
C TYR C 228 29.62 -34.84 -15.77
N LEU C 229 30.85 -35.09 -15.33
CA LEU C 229 31.49 -34.27 -14.31
C LEU C 229 31.67 -32.82 -14.76
N MET C 230 31.78 -32.60 -16.07
CA MET C 230 31.92 -31.27 -16.67
C MET C 230 30.61 -30.73 -17.26
N LYS C 231 29.46 -31.32 -16.86
CA LYS C 231 28.08 -30.99 -17.26
C LYS C 231 27.84 -29.46 -17.27
N LYS C 232 28.04 -28.83 -16.12
CA LYS C 232 27.85 -27.41 -15.86
C LYS C 232 29.21 -26.80 -15.40
N PRO C 233 29.42 -25.46 -15.33
CA PRO C 233 30.68 -24.95 -14.78
C PRO C 233 30.71 -25.20 -13.29
N GLY C 234 31.88 -25.63 -12.81
CA GLY C 234 32.11 -25.95 -11.41
C GLY C 234 32.93 -24.95 -10.64
N TYR C 235 33.64 -24.06 -11.38
CA TYR C 235 34.50 -23.01 -10.82
C TYR C 235 34.85 -21.92 -11.85
N TYR C 236 35.09 -20.69 -11.36
CA TYR C 236 35.43 -19.54 -12.19
C TYR C 236 36.94 -19.35 -12.39
N LEU C 237 37.30 -18.44 -13.31
CA LEU C 237 38.67 -18.04 -13.64
C LEU C 237 39.32 -17.46 -12.40
N SER C 238 38.52 -16.71 -11.61
CA SER C 238 38.91 -16.06 -10.36
C SER C 238 39.29 -17.05 -9.26
N GLU C 239 38.96 -18.33 -9.45
CA GLU C 239 39.24 -19.36 -8.49
C GLU C 239 40.22 -20.38 -9.00
N GLU C 240 40.64 -20.30 -10.29
CA GLU C 240 41.51 -21.29 -10.95
C GLU C 240 42.66 -21.76 -10.06
N ALA C 241 43.28 -20.82 -9.35
CA ALA C 241 44.39 -21.06 -8.43
C ALA C 241 43.96 -21.80 -7.17
N TYR C 242 42.82 -21.41 -6.58
CA TYR C 242 42.29 -22.05 -5.37
C TYR C 242 42.04 -23.50 -5.70
N ILE C 243 41.27 -23.74 -6.77
CA ILE C 243 40.90 -25.04 -7.30
C ILE C 243 42.14 -25.86 -7.58
N ALA C 244 43.22 -25.21 -8.04
CA ALA C 244 44.49 -25.87 -8.28
C ALA C 244 45.10 -26.36 -6.98
N ARG C 245 45.06 -25.55 -5.89
CA ARG C 245 45.62 -26.01 -4.61
C ARG C 245 44.73 -27.08 -4.01
N LEU C 246 43.43 -26.90 -4.16
CA LEU C 246 42.42 -27.86 -3.70
C LEU C 246 42.65 -29.22 -4.37
N ARG C 247 42.91 -29.21 -5.70
CA ARG C 247 43.19 -30.41 -6.47
C ARG C 247 44.39 -31.12 -5.84
N LYS C 248 45.49 -30.38 -5.52
CA LYS C 248 46.71 -30.91 -4.91
C LYS C 248 46.43 -31.47 -3.53
N GLU C 249 45.73 -30.68 -2.69
CA GLU C 249 45.41 -31.02 -1.30
C GLU C 249 44.50 -32.26 -1.18
N LEU C 250 43.67 -32.50 -2.18
CA LEU C 250 42.77 -33.64 -2.16
C LEU C 250 43.19 -34.74 -3.11
N ASN C 251 44.39 -34.61 -3.71
CA ASN C 251 44.96 -35.56 -4.66
C ASN C 251 43.94 -35.90 -5.77
N LEU C 252 43.45 -34.84 -6.41
CA LEU C 252 42.49 -34.91 -7.50
C LEU C 252 43.16 -34.64 -8.79
N ALA C 253 42.82 -35.43 -9.80
CA ALA C 253 43.33 -35.26 -11.16
C ALA C 253 42.62 -34.09 -11.81
N LEU C 254 43.16 -33.55 -12.90
CA LEU C 254 42.47 -32.46 -13.58
C LEU C 254 41.07 -32.92 -14.02
N TYR C 255 40.07 -32.08 -13.69
CA TYR C 255 38.66 -32.31 -13.96
C TYR C 255 38.11 -33.54 -13.21
N SER C 256 38.80 -34.01 -12.14
CA SER C 256 38.31 -35.13 -11.31
C SER C 256 37.62 -34.55 -10.08
N ARG C 257 36.55 -35.24 -9.64
CA ARG C 257 35.67 -34.86 -8.52
C ARG C 257 36.08 -35.46 -7.19
N PHE C 258 35.67 -34.81 -6.08
CA PHE C 258 35.92 -35.31 -4.73
C PHE C 258 35.02 -36.55 -4.42
N PRO C 259 35.57 -37.66 -3.86
CA PRO C 259 34.77 -38.88 -3.67
C PRO C 259 33.48 -38.74 -2.86
N LEU C 260 33.38 -37.77 -1.98
CA LEU C 260 32.16 -37.68 -1.17
C LEU C 260 31.02 -36.95 -1.85
N THR C 261 31.32 -36.21 -2.92
CA THR C 261 30.34 -35.41 -3.65
C THR C 261 29.17 -36.25 -4.17
N TRP C 262 29.41 -37.45 -4.74
CA TRP C 262 28.38 -38.37 -5.30
C TRP C 262 27.36 -38.78 -4.27
N ILE C 263 27.73 -38.74 -2.97
CA ILE C 263 26.85 -39.05 -1.84
C ILE C 263 25.88 -37.92 -1.70
N MET C 264 26.41 -36.71 -1.57
CA MET C 264 25.66 -35.47 -1.42
C MET C 264 24.71 -35.26 -2.60
N GLU C 265 25.22 -35.44 -3.81
CA GLU C 265 24.51 -35.29 -5.08
C GLU C 265 23.27 -36.17 -5.11
N ALA C 266 23.45 -37.46 -4.72
CA ALA C 266 22.40 -38.46 -4.64
C ALA C 266 21.33 -38.00 -3.66
N ALA C 267 21.74 -37.60 -2.45
CA ALA C 267 20.85 -37.13 -1.38
C ALA C 267 19.97 -35.98 -1.82
N ASP C 268 20.53 -35.09 -2.64
CA ASP C 268 19.88 -33.90 -3.20
C ASP C 268 18.72 -34.31 -4.11
N ASP C 269 19.01 -35.11 -5.17
CA ASP C 269 18.01 -35.61 -6.11
C ASP C 269 16.89 -36.34 -5.36
N ILE C 270 17.27 -37.29 -4.47
CA ILE C 270 16.35 -38.10 -3.67
C ILE C 270 15.32 -37.26 -2.89
N SER C 271 15.74 -36.11 -2.28
CA SER C 271 14.82 -35.33 -1.44
C SER C 271 14.05 -34.23 -2.13
N TYR C 272 14.51 -33.63 -3.19
CA TYR C 272 13.65 -32.67 -3.78
C TYR C 272 12.55 -33.24 -4.47
N CYS C 273 12.69 -34.43 -5.01
CA CYS C 273 11.61 -34.98 -5.81
C CYS C 273 10.35 -35.17 -5.05
N VAL C 274 10.41 -35.86 -3.95
CA VAL C 274 9.25 -36.11 -3.15
C VAL C 274 8.74 -34.84 -2.54
N ALA C 275 9.64 -33.98 -2.12
CA ALA C 275 9.28 -32.77 -1.46
C ALA C 275 8.55 -31.86 -2.24
N ASP C 276 8.88 -31.75 -3.50
CA ASP C 276 8.20 -30.78 -4.34
C ASP C 276 6.77 -31.01 -4.60
N LEU C 277 6.36 -32.25 -4.59
CA LEU C 277 5.03 -32.81 -4.79
C LEU C 277 4.20 -32.59 -3.52
N GLU C 278 4.85 -32.67 -2.33
CA GLU C 278 4.24 -32.46 -1.02
C GLU C 278 3.77 -31.02 -0.92
N ASP C 279 4.66 -30.07 -1.31
CA ASP C 279 4.43 -28.62 -1.32
C ASP C 279 3.31 -28.24 -2.26
N ALA C 280 3.26 -28.86 -3.45
CA ALA C 280 2.24 -28.63 -4.46
C ALA C 280 0.86 -28.95 -3.90
N VAL C 281 0.73 -30.09 -3.17
CA VAL C 281 -0.51 -30.54 -2.52
C VAL C 281 -0.92 -29.52 -1.46
N GLU C 282 0.08 -29.02 -0.67
CA GLU C 282 -0.11 -28.01 0.37
C GLU C 282 -0.60 -26.71 -0.27
N LYS C 283 -0.02 -26.28 -1.36
CA LYS C 283 -0.44 -25.03 -1.95
C LYS C 283 -1.84 -25.15 -2.49
N ARG C 284 -2.30 -26.36 -2.60
CA ARG C 284 -3.59 -26.72 -3.18
C ARG C 284 -3.53 -26.73 -4.74
N ILE C 285 -2.34 -27.03 -5.35
CA ILE C 285 -2.17 -27.16 -6.82
C ILE C 285 -2.98 -28.38 -7.30
N PHE C 286 -3.00 -29.46 -6.51
CA PHE C 286 -3.81 -30.66 -6.75
C PHE C 286 -4.05 -31.37 -5.44
N THR C 287 -5.00 -32.32 -5.44
CA THR C 287 -5.24 -33.13 -4.24
C THR C 287 -4.25 -34.29 -4.23
N VAL C 288 -4.15 -34.99 -3.10
CA VAL C 288 -3.30 -36.17 -2.95
C VAL C 288 -3.80 -37.29 -3.90
N GLU C 289 -5.15 -37.39 -4.09
CA GLU C 289 -5.78 -38.35 -5.00
C GLU C 289 -5.45 -37.99 -6.45
N GLN C 290 -5.50 -36.68 -6.80
CA GLN C 290 -5.16 -36.14 -8.11
C GLN C 290 -3.70 -36.50 -8.42
N LEU C 291 -2.80 -36.30 -7.43
CA LEU C 291 -1.38 -36.61 -7.56
C LEU C 291 -1.15 -38.07 -7.84
N TYR C 292 -1.81 -38.96 -7.07
CA TYR C 292 -1.67 -40.40 -7.25
C TYR C 292 -1.99 -40.83 -8.66
N HIS C 293 -3.04 -40.23 -9.23
CA HIS C 293 -3.43 -40.53 -10.60
C HIS C 293 -2.42 -40.02 -11.62
N HIS C 294 -1.79 -38.86 -11.36
CA HIS C 294 -0.76 -38.33 -12.27
C HIS C 294 0.46 -39.23 -12.33
N LEU C 295 0.84 -39.79 -11.15
CA LEU C 295 1.99 -40.69 -11.03
C LEU C 295 1.69 -41.99 -11.78
N HIS C 296 0.50 -42.56 -11.55
CA HIS C 296 0.17 -43.82 -12.19
C HIS C 296 0.19 -43.73 -13.70
N GLU C 297 -0.26 -42.58 -14.23
CA GLU C 297 -0.23 -42.27 -15.65
C GLU C 297 1.24 -42.37 -16.09
N ALA C 298 2.06 -41.40 -15.61
CA ALA C 298 3.46 -41.18 -15.92
C ALA C 298 4.39 -42.40 -15.89
N TRP C 299 4.02 -43.44 -15.12
CA TRP C 299 4.84 -44.65 -14.99
C TRP C 299 4.63 -45.60 -16.18
N GLY C 300 5.75 -46.21 -16.63
CA GLY C 300 5.88 -47.13 -17.76
C GLY C 300 4.66 -47.95 -18.15
N GLN C 301 3.97 -48.44 -17.11
CA GLN C 301 2.70 -49.17 -17.04
C GLN C 301 2.47 -49.44 -15.53
N HIS C 302 3.27 -50.30 -14.83
CA HIS C 302 4.30 -51.25 -15.33
C HIS C 302 3.69 -52.65 -15.48
N GLU C 303 3.02 -53.23 -14.45
CA GLU C 303 2.80 -52.77 -13.05
C GLU C 303 3.17 -53.94 -12.16
N LYS C 304 3.01 -55.12 -12.77
CA LYS C 304 3.30 -56.47 -12.36
C LYS C 304 4.43 -56.53 -11.32
N GLY C 305 5.67 -56.55 -11.81
CA GLY C 305 6.87 -56.59 -10.98
C GLY C 305 7.54 -55.23 -10.91
N SER C 306 6.75 -54.23 -10.46
CA SER C 306 7.19 -52.85 -10.36
C SER C 306 7.69 -52.44 -8.98
N LEU C 307 8.43 -51.33 -8.95
CA LEU C 307 8.94 -50.63 -7.80
C LEU C 307 7.84 -49.63 -7.45
N PHE C 308 7.07 -49.21 -8.48
CA PHE C 308 5.94 -48.29 -8.34
C PHE C 308 4.98 -48.88 -7.34
N SER C 309 4.69 -50.18 -7.47
CA SER C 309 3.81 -50.89 -6.56
C SER C 309 4.37 -50.86 -5.13
N LEU C 310 5.62 -51.24 -4.93
CA LEU C 310 6.21 -51.28 -3.60
C LEU C 310 6.46 -49.90 -2.98
N VAL C 311 6.39 -48.81 -3.77
CA VAL C 311 6.67 -47.48 -3.22
C VAL C 311 5.43 -46.54 -3.24
N VAL C 312 4.99 -46.07 -4.43
CA VAL C 312 3.89 -45.12 -4.53
C VAL C 312 2.54 -45.80 -4.28
N GLU C 313 2.26 -46.97 -4.88
CA GLU C 313 1.01 -47.70 -4.64
C GLU C 313 0.89 -48.02 -3.13
N ASN C 314 2.01 -48.47 -2.52
CA ASN C 314 2.14 -48.85 -1.10
C ASN C 314 1.78 -47.69 -0.18
N ALA C 315 2.33 -46.50 -0.48
CA ALA C 315 2.07 -45.28 0.27
C ALA C 315 0.60 -44.89 0.14
N TRP C 316 0.01 -45.09 -1.05
CA TRP C 316 -1.36 -44.73 -1.33
C TRP C 316 -2.34 -45.52 -0.51
N GLU C 317 -2.17 -46.86 -0.47
CA GLU C 317 -3.04 -47.77 0.29
C GLU C 317 -2.94 -47.53 1.79
N LYS C 318 -1.69 -47.41 2.28
CA LYS C 318 -1.33 -47.16 3.68
C LYS C 318 -2.00 -45.86 4.20
N SER C 319 -2.14 -44.83 3.34
CA SER C 319 -2.74 -43.53 3.67
C SER C 319 -4.26 -43.43 3.52
N ARG C 320 -4.91 -44.52 3.10
CA ARG C 320 -6.35 -44.50 2.94
C ARG C 320 -7.04 -44.71 4.29
N SER C 321 -6.95 -45.91 4.89
CA SER C 321 -7.51 -46.15 6.23
C SER C 321 -6.36 -46.43 7.20
N ASN C 322 -6.65 -46.44 8.54
CA ASN C 322 -5.66 -46.60 9.64
C ASN C 322 -4.56 -45.49 9.54
N SER C 323 -5.02 -44.40 8.90
CA SER C 323 -4.49 -43.06 8.61
C SER C 323 -5.51 -42.12 9.33
N LEU C 324 -6.49 -42.74 10.07
CA LEU C 324 -7.54 -42.14 10.90
C LEU C 324 -6.84 -41.68 12.20
N SER C 325 -5.66 -42.31 12.51
CA SER C 325 -4.73 -42.00 13.59
C SER C 325 -3.76 -40.88 13.11
N ARG C 326 -4.02 -40.28 11.91
CA ARG C 326 -3.31 -39.16 11.26
C ARG C 326 -4.26 -38.44 10.25
N SER C 327 -3.75 -38.05 9.05
CA SER C 327 -4.54 -37.38 8.00
C SER C 327 -4.07 -37.79 6.59
N THR C 328 -4.97 -38.41 5.77
CA THR C 328 -4.76 -38.95 4.41
C THR C 328 -3.53 -38.41 3.69
N GLU C 329 -3.48 -37.08 3.42
CA GLU C 329 -2.39 -36.43 2.70
C GLU C 329 -1.07 -36.45 3.48
N ASP C 330 -1.06 -36.08 4.79
CA ASP C 330 0.16 -36.12 5.65
C ASP C 330 0.76 -37.54 5.74
N GLN C 331 -0.12 -38.52 5.97
CA GLN C 331 0.17 -39.94 6.05
C GLN C 331 0.80 -40.43 4.74
N PHE C 332 0.21 -40.07 3.57
CA PHE C 332 0.69 -40.41 2.22
C PHE C 332 2.13 -40.02 1.99
N PHE C 333 2.46 -38.73 2.22
CA PHE C 333 3.80 -38.22 1.99
C PHE C 333 4.80 -38.82 2.93
N MET C 334 4.37 -39.11 4.18
CA MET C 334 5.21 -39.79 5.17
C MET C 334 5.67 -41.14 4.60
N TYR C 335 4.72 -41.95 4.12
CA TYR C 335 5.00 -43.26 3.55
C TYR C 335 5.74 -43.17 2.25
N LEU C 336 5.34 -42.25 1.36
CA LEU C 336 6.03 -42.06 0.08
C LEU C 336 7.51 -41.79 0.28
N ARG C 337 7.84 -40.85 1.19
CA ARG C 337 9.20 -40.47 1.57
C ARG C 337 9.92 -41.71 2.05
N VAL C 338 9.40 -42.33 3.12
CA VAL C 338 9.93 -43.53 3.76
C VAL C 338 10.23 -44.63 2.75
N ASN C 339 9.21 -45.07 1.97
CA ASN C 339 9.36 -46.11 0.94
C ASN C 339 10.46 -45.76 -0.07
N THR C 340 10.45 -44.51 -0.58
CA THR C 340 11.46 -44.04 -1.52
C THR C 340 12.86 -44.18 -0.91
N LEU C 341 13.02 -43.66 0.33
CA LEU C 341 14.29 -43.70 1.06
C LEU C 341 14.80 -45.12 1.26
N ASN C 342 13.90 -46.00 1.72
CA ASN C 342 14.20 -47.38 2.00
C ASN C 342 14.59 -48.18 0.77
N LYS C 343 14.27 -47.68 -0.43
CA LYS C 343 14.66 -48.41 -1.64
C LYS C 343 15.85 -47.75 -2.32
N LEU C 344 15.86 -46.42 -2.37
CA LEU C 344 16.91 -45.66 -3.04
C LEU C 344 18.20 -45.48 -2.23
N VAL C 345 18.10 -45.19 -0.91
CA VAL C 345 19.31 -45.00 -0.07
C VAL C 345 20.20 -46.23 -0.12
N PRO C 346 19.65 -47.46 0.08
CA PRO C 346 20.50 -48.65 -0.02
C PRO C 346 21.17 -48.81 -1.40
N TYR C 347 20.39 -48.59 -2.49
CA TYR C 347 20.91 -48.68 -3.85
C TYR C 347 22.05 -47.72 -4.04
N ALA C 348 21.86 -46.45 -3.64
CA ALA C 348 22.88 -45.43 -3.74
C ALA C 348 24.12 -45.88 -2.96
N ALA C 349 23.92 -46.28 -1.69
CA ALA C 349 25.00 -46.76 -0.82
C ALA C 349 25.81 -47.88 -1.49
N GLN C 350 25.10 -48.89 -2.04
CA GLN C 350 25.67 -50.03 -2.73
C GLN C 350 26.44 -49.53 -3.94
N ARG C 351 25.79 -48.74 -4.85
CA ARG C 351 26.38 -48.15 -6.06
C ARG C 351 27.72 -47.50 -5.76
N PHE C 352 27.78 -46.71 -4.66
CA PHE C 352 28.98 -46.01 -4.23
C PHE C 352 30.11 -47.01 -3.96
N ILE C 353 29.82 -48.02 -3.15
CA ILE C 353 30.79 -49.05 -2.77
C ILE C 353 31.23 -49.87 -3.98
N ASP C 354 30.27 -50.24 -4.85
CA ASP C 354 30.52 -51.02 -6.05
C ASP C 354 31.49 -50.32 -7.02
N ASN C 355 31.32 -49.01 -7.25
CA ASN C 355 32.17 -48.27 -8.18
C ASN C 355 33.20 -47.44 -7.47
N LEU C 356 33.46 -47.74 -6.18
CA LEU C 356 34.41 -47.01 -5.32
C LEU C 356 35.80 -46.75 -5.93
N PRO C 357 36.47 -47.68 -6.66
CA PRO C 357 37.76 -47.31 -7.27
C PRO C 357 37.67 -46.04 -8.14
N ALA C 358 36.74 -46.01 -9.13
CA ALA C 358 36.52 -44.87 -10.02
C ALA C 358 36.03 -43.64 -9.31
N ILE C 359 35.14 -43.84 -8.33
CA ILE C 359 34.57 -42.76 -7.53
C ILE C 359 35.67 -42.08 -6.74
N PHE C 360 36.58 -42.90 -6.13
CA PHE C 360 37.73 -42.48 -5.34
C PHE C 360 38.66 -41.67 -6.21
N ALA C 361 39.01 -42.21 -7.40
CA ALA C 361 39.83 -41.53 -8.39
C ALA C 361 39.16 -40.21 -8.86
N GLY C 362 37.82 -40.16 -8.76
CA GLY C 362 36.98 -39.03 -9.14
C GLY C 362 36.81 -38.96 -10.65
N THR C 363 37.07 -40.07 -11.34
CA THR C 363 36.98 -40.20 -12.78
C THR C 363 35.63 -40.78 -13.22
N PHE C 364 34.86 -41.42 -12.27
CA PHE C 364 33.54 -42.04 -12.48
C PHE C 364 32.58 -41.07 -13.21
N ASN C 365 32.18 -41.38 -14.44
CA ASN C 365 31.41 -40.44 -15.25
C ASN C 365 29.87 -40.63 -15.16
N HIS C 366 29.37 -40.97 -13.96
CA HIS C 366 27.94 -41.12 -13.73
C HIS C 366 27.56 -40.70 -12.35
N ALA C 367 26.26 -40.53 -12.13
CA ALA C 367 25.74 -40.23 -10.82
C ALA C 367 25.43 -41.59 -10.18
N LEU C 368 25.25 -41.60 -8.85
CA LEU C 368 25.01 -42.83 -8.11
C LEU C 368 23.70 -43.47 -8.52
N LEU C 369 22.69 -42.65 -8.92
CA LEU C 369 21.41 -43.16 -9.39
C LEU C 369 21.19 -42.79 -10.89
N GLU C 370 21.83 -43.57 -11.78
CA GLU C 370 21.88 -43.47 -13.25
C GLU C 370 20.73 -44.24 -13.97
N ASP C 371 20.53 -43.94 -15.28
CA ASP C 371 19.56 -44.48 -16.24
C ASP C 371 19.05 -45.92 -16.03
N ALA C 372 19.91 -46.93 -16.31
CA ALA C 372 19.67 -48.40 -16.32
C ALA C 372 18.86 -48.99 -15.15
N SER C 373 18.79 -48.30 -14.00
CA SER C 373 18.06 -48.80 -12.82
C SER C 373 16.59 -48.41 -12.74
N GLU C 374 15.75 -49.33 -12.22
CA GLU C 374 14.33 -49.11 -11.94
C GLU C 374 14.25 -48.04 -10.83
N CYS C 375 15.30 -48.00 -9.98
CA CYS C 375 15.49 -47.05 -8.89
C CYS C 375 15.57 -45.64 -9.50
N SER C 376 16.44 -45.46 -10.51
CA SER C 376 16.60 -44.20 -11.22
C SER C 376 15.31 -43.74 -11.90
N ASP C 377 14.53 -44.69 -12.42
CA ASP C 377 13.25 -44.43 -13.10
C ASP C 377 12.20 -43.83 -12.15
N LEU C 378 12.17 -44.29 -10.88
CA LEU C 378 11.25 -43.79 -9.85
C LEU C 378 11.47 -42.31 -9.66
N LEU C 379 12.74 -41.89 -9.56
CA LEU C 379 13.13 -40.49 -9.40
C LEU C 379 12.66 -39.64 -10.58
N LYS C 380 12.86 -40.18 -11.81
CA LYS C 380 12.45 -39.53 -13.06
C LYS C 380 10.95 -39.32 -13.07
N LEU C 381 10.17 -40.32 -12.54
CA LEU C 381 8.71 -40.27 -12.45
C LEU C 381 8.27 -39.04 -11.65
N TYR C 382 8.82 -38.89 -10.42
CA TYR C 382 8.53 -37.76 -9.54
C TYR C 382 8.84 -36.44 -10.24
N LYS C 383 10.02 -36.36 -10.90
CA LYS C 383 10.48 -35.17 -11.61
C LYS C 383 9.50 -34.80 -12.74
N ASN C 384 9.11 -35.79 -13.55
CA ASN C 384 8.21 -35.59 -14.67
C ASN C 384 6.84 -35.10 -14.25
N VAL C 385 6.30 -35.63 -13.14
CA VAL C 385 4.99 -35.21 -12.62
C VAL C 385 5.07 -33.74 -12.20
N ALA C 386 6.14 -33.37 -11.49
CA ALA C 386 6.39 -32.02 -11.00
C ALA C 386 6.59 -31.03 -12.13
N VAL C 387 7.28 -31.47 -13.20
CA VAL C 387 7.56 -30.63 -14.37
C VAL C 387 6.27 -30.27 -15.08
N LYS C 388 5.45 -31.29 -15.31
CA LYS C 388 4.18 -31.19 -16.01
C LYS C 388 3.04 -30.60 -15.19
N HIS C 389 3.07 -30.75 -13.85
CA HIS C 389 1.92 -30.31 -13.05
C HIS C 389 2.22 -29.34 -11.91
N VAL C 390 3.50 -29.07 -11.59
CA VAL C 390 3.79 -28.15 -10.51
C VAL C 390 4.47 -26.91 -11.06
N PHE C 391 5.55 -27.12 -11.79
CA PHE C 391 6.39 -26.08 -12.36
C PHE C 391 5.73 -25.26 -13.41
N SER C 392 4.76 -25.87 -14.08
CA SER C 392 3.96 -25.34 -15.17
C SER C 392 2.83 -24.43 -14.65
N HIS C 393 2.60 -24.39 -13.32
CA HIS C 393 1.56 -23.55 -12.71
C HIS C 393 1.78 -22.07 -12.97
N PRO C 394 0.75 -21.37 -13.44
CA PRO C 394 0.90 -19.96 -13.78
C PRO C 394 1.43 -19.03 -12.71
N ASP C 395 1.04 -19.25 -11.45
CA ASP C 395 1.51 -18.39 -10.36
C ASP C 395 3.00 -18.58 -10.14
N VAL C 396 3.50 -19.82 -10.29
CA VAL C 396 4.91 -20.16 -10.18
C VAL C 396 5.64 -19.49 -11.33
N GLU C 397 5.17 -19.74 -12.59
CA GLU C 397 5.72 -19.20 -13.83
C GLU C 397 5.78 -17.67 -13.81
N ARG C 398 4.74 -17.01 -13.26
CA ARG C 398 4.70 -15.56 -13.20
C ARG C 398 5.78 -15.02 -12.32
N LEU C 399 5.99 -15.62 -11.15
CA LEU C 399 7.05 -15.18 -10.24
C LEU C 399 8.43 -15.38 -10.84
N GLU C 400 8.59 -16.42 -11.69
CA GLU C 400 9.82 -16.72 -12.42
C GLU C 400 10.13 -15.56 -13.40
N LEU C 401 9.09 -15.11 -14.17
CA LEU C 401 9.12 -13.98 -15.12
C LEU C 401 9.46 -12.68 -14.37
N GLN C 402 8.88 -12.53 -13.16
CA GLN C 402 9.07 -11.37 -12.32
C GLN C 402 10.51 -11.30 -11.85
N GLY C 403 11.00 -12.44 -11.39
CA GLY C 403 12.35 -12.59 -10.88
C GLY C 403 13.40 -12.16 -11.87
N TYR C 404 13.18 -12.59 -13.12
CA TYR C 404 14.04 -12.29 -14.24
C TYR C 404 14.11 -10.79 -14.48
N ARG C 405 12.94 -10.08 -14.46
CA ARG C 405 12.86 -8.62 -14.62
C ARG C 405 13.67 -7.94 -13.54
N VAL C 406 13.43 -8.33 -12.27
CA VAL C 406 14.11 -7.81 -11.08
C VAL C 406 15.64 -7.90 -11.20
N ILE C 407 16.19 -9.11 -11.44
CA ILE C 407 17.64 -9.28 -11.53
C ILE C 407 18.21 -8.48 -12.71
N SER C 408 17.55 -8.56 -13.87
CA SER C 408 17.98 -7.83 -15.04
C SER C 408 18.04 -6.33 -14.76
N GLY C 409 17.02 -5.85 -14.06
CA GLY C 409 16.86 -4.45 -13.69
C GLY C 409 17.97 -3.95 -12.80
N LEU C 410 18.29 -4.74 -11.76
CA LEU C 410 19.36 -4.42 -10.82
C LEU C 410 20.69 -4.30 -11.55
N LEU C 411 20.96 -5.24 -12.48
CA LEU C 411 22.19 -5.22 -13.29
C LEU C 411 22.28 -3.94 -14.10
N GLU C 412 21.15 -3.54 -14.69
CA GLU C 412 21.08 -2.32 -15.47
C GLU C 412 21.25 -1.09 -14.57
N ILE C 413 20.77 -1.20 -13.30
CA ILE C 413 20.87 -0.11 -12.31
C ILE C 413 22.35 0.21 -12.03
N TYR C 414 23.16 -0.84 -11.79
CA TYR C 414 24.58 -0.72 -11.46
C TYR C 414 25.49 -0.62 -12.68
N ARG C 415 24.94 -0.84 -13.90
CA ARG C 415 25.67 -0.75 -15.17
C ARG C 415 26.69 0.41 -15.19
N PRO C 416 26.34 1.67 -14.76
CA PRO C 416 27.32 2.77 -14.78
C PRO C 416 28.67 2.54 -14.08
N LEU C 417 28.72 1.59 -13.13
CA LEU C 417 29.97 1.26 -12.46
C LEU C 417 30.90 0.56 -13.45
N LEU C 418 30.34 -0.35 -14.29
CA LEU C 418 31.05 -1.10 -15.33
C LEU C 418 31.35 -0.21 -16.53
N SER C 419 30.66 0.94 -16.64
CA SER C 419 30.81 1.88 -17.72
C SER C 419 31.98 2.84 -17.51
N LEU C 420 32.39 3.06 -16.24
CA LEU C 420 33.52 3.92 -15.85
C LEU C 420 34.87 3.45 -16.43
N SER C 421 35.80 4.40 -16.63
CA SER C 421 37.14 4.09 -17.11
C SER C 421 37.94 3.41 -15.98
N LEU C 422 39.04 2.70 -16.32
CA LEU C 422 39.86 2.05 -15.30
C LEU C 422 40.37 3.06 -14.28
N SER C 423 40.92 4.21 -14.76
CA SER C 423 41.45 5.26 -13.88
C SER C 423 40.36 5.81 -12.97
N ASP C 424 39.17 6.16 -13.53
CA ASP C 424 38.04 6.70 -12.78
C ASP C 424 37.51 5.70 -11.79
N PHE C 425 37.42 4.43 -12.18
CA PHE C 425 36.92 3.43 -11.24
C PHE C 425 37.90 3.19 -10.09
N THR C 426 39.21 3.14 -10.39
CA THR C 426 40.23 2.92 -9.36
C THR C 426 40.32 4.14 -8.45
N GLU C 427 39.98 5.34 -8.99
CA GLU C 427 39.93 6.60 -8.24
C GLU C 427 38.78 6.49 -7.24
N LEU C 428 37.65 5.90 -7.70
CA LEU C 428 36.47 5.68 -6.88
C LEU C 428 36.77 4.65 -5.80
N VAL C 429 37.58 3.64 -6.12
CA VAL C 429 37.97 2.58 -5.18
C VAL C 429 38.87 3.17 -4.10
N GLU C 430 39.81 4.07 -4.52
CA GLU C 430 40.76 4.75 -3.62
C GLU C 430 40.04 5.75 -2.72
N LYS C 431 39.72 6.96 -3.22
CA LYS C 431 38.98 7.97 -2.45
C LYS C 431 37.52 7.60 -2.53
N GLU C 432 37.03 6.77 -1.58
CA GLU C 432 35.66 6.21 -1.50
C GLU C 432 34.54 7.03 -2.15
N ARG C 433 34.55 8.34 -1.91
CA ARG C 433 33.59 9.30 -2.45
C ARG C 433 34.29 10.20 -3.45
N VAL C 434 33.90 10.20 -4.72
CA VAL C 434 34.48 11.08 -5.77
C VAL C 434 33.49 12.22 -6.07
N LYS C 435 34.02 13.43 -6.17
CA LYS C 435 33.26 14.65 -6.39
C LYS C 435 32.48 14.65 -7.72
N ARG C 436 33.16 14.40 -8.85
CA ARG C 436 32.52 14.42 -10.17
C ARG C 436 31.65 13.19 -10.47
N PHE C 437 31.61 12.18 -9.58
CA PHE C 437 30.78 10.98 -9.78
C PHE C 437 29.89 10.73 -8.57
N PRO C 438 28.82 11.53 -8.38
CA PRO C 438 27.98 11.33 -7.19
C PRO C 438 27.22 10.01 -7.20
N ILE C 439 26.52 9.73 -8.33
CA ILE C 439 25.69 8.55 -8.54
C ILE C 439 26.54 7.30 -8.45
N GLU C 440 27.65 7.27 -9.21
CA GLU C 440 28.60 6.16 -9.25
C GLU C 440 29.19 5.82 -7.87
N SER C 441 29.59 6.85 -7.17
CA SER C 441 30.14 6.66 -5.82
C SER C 441 29.02 6.17 -4.94
N ARG C 442 27.85 6.71 -5.18
CA ARG C 442 26.74 6.34 -4.28
C ARG C 442 26.47 4.86 -4.49
N LEU C 443 26.44 4.38 -5.72
CA LEU C 443 26.15 2.93 -5.85
C LEU C 443 27.33 2.18 -5.27
N PHE C 444 28.49 2.57 -5.72
CA PHE C 444 29.66 1.82 -5.26
C PHE C 444 29.53 1.48 -3.77
N HIS C 445 29.02 2.44 -2.97
CA HIS C 445 28.79 2.28 -1.54
C HIS C 445 27.73 1.24 -1.22
N LYS C 446 26.73 1.07 -2.12
CA LYS C 446 25.63 0.10 -2.00
C LYS C 446 26.15 -1.34 -1.94
N LEU C 447 27.29 -1.59 -2.66
CA LEU C 447 27.96 -2.89 -2.73
C LEU C 447 28.49 -3.29 -1.36
N SER C 448 28.23 -4.55 -0.96
CA SER C 448 28.67 -5.11 0.33
C SER C 448 30.17 -5.04 0.47
N THR C 449 30.64 -4.57 1.63
CA THR C 449 32.06 -4.42 1.96
C THR C 449 32.84 -5.69 1.68
N ARG C 450 32.26 -6.87 2.02
CA ARG C 450 32.86 -8.18 1.76
C ARG C 450 33.24 -8.32 0.27
N HIS C 451 32.28 -8.05 -0.63
CA HIS C 451 32.40 -8.09 -2.09
C HIS C 451 33.40 -7.09 -2.63
N ARG C 452 33.45 -5.88 -2.01
CA ARG C 452 34.35 -4.81 -2.41
C ARG C 452 35.77 -5.10 -2.02
N LEU C 453 35.99 -5.68 -0.82
CA LEU C 453 37.32 -6.06 -0.33
C LEU C 453 37.92 -7.05 -1.23
N ALA C 454 37.08 -8.02 -1.70
CA ALA C 454 37.45 -9.09 -2.61
C ALA C 454 38.01 -8.52 -3.89
N TYR C 455 37.37 -7.46 -4.43
CA TYR C 455 37.83 -6.77 -5.64
C TYR C 455 39.20 -6.16 -5.36
N VAL C 456 39.30 -5.37 -4.28
CA VAL C 456 40.53 -4.70 -3.87
C VAL C 456 41.69 -5.69 -3.73
N GLU C 457 41.45 -6.74 -2.95
CA GLU C 457 42.40 -7.82 -2.68
C GLU C 457 42.88 -8.48 -3.98
N ALA C 458 41.97 -8.78 -4.89
CA ALA C 458 42.31 -9.45 -6.14
C ALA C 458 43.12 -8.59 -7.06
N VAL C 459 42.68 -7.33 -7.25
CA VAL C 459 43.28 -6.37 -8.15
C VAL C 459 44.66 -5.93 -7.62
N SER C 460 44.80 -5.86 -6.28
CA SER C 460 46.07 -5.50 -5.61
C SER C 460 47.19 -6.48 -6.00
N LYS C 461 46.85 -7.78 -6.07
CA LYS C 461 47.76 -8.86 -6.40
C LYS C 461 48.21 -8.86 -7.89
N LEU C 462 47.53 -8.08 -8.76
CA LEU C 462 47.87 -8.01 -10.19
C LEU C 462 49.08 -7.10 -10.45
N PRO C 463 49.95 -7.46 -11.44
CA PRO C 463 51.06 -6.55 -11.79
C PRO C 463 50.56 -5.40 -12.66
N SER C 464 50.57 -4.17 -12.12
CA SER C 464 50.05 -2.97 -12.78
C SER C 464 50.64 -2.69 -14.17
N ASP C 465 51.96 -2.92 -14.32
CA ASP C 465 52.76 -2.74 -15.55
C ASP C 465 52.28 -3.60 -16.74
N SER C 466 51.80 -4.82 -16.45
CA SER C 466 51.32 -5.83 -17.40
C SER C 466 50.21 -5.34 -18.34
N PRO C 467 50.23 -5.73 -19.64
CA PRO C 467 49.13 -5.36 -20.54
C PRO C 467 47.85 -6.17 -20.25
N GLU C 468 47.97 -7.20 -19.39
CA GLU C 468 46.89 -8.06 -18.92
C GLU C 468 46.04 -7.30 -17.90
N PHE C 469 46.68 -6.42 -17.10
CA PHE C 469 46.07 -5.64 -16.01
C PHE C 469 44.67 -5.03 -16.32
N PRO C 470 44.46 -4.23 -17.40
CA PRO C 470 43.12 -3.63 -17.62
C PRO C 470 42.00 -4.64 -17.84
N LEU C 471 42.36 -5.79 -18.45
CA LEU C 471 41.49 -6.91 -18.75
C LEU C 471 41.15 -7.62 -17.45
N TRP C 472 42.16 -7.87 -16.61
CA TRP C 472 41.95 -8.52 -15.34
C TRP C 472 41.09 -7.70 -14.40
N GLU C 473 41.34 -6.36 -14.38
CA GLU C 473 40.60 -5.40 -13.56
C GLU C 473 39.12 -5.45 -13.94
N TYR C 474 38.81 -5.35 -15.25
CA TYR C 474 37.43 -5.40 -15.70
C TYR C 474 36.76 -6.73 -15.35
N TYR C 475 37.51 -7.85 -15.45
CA TYR C 475 36.98 -9.15 -15.09
C TYR C 475 36.56 -9.12 -13.62
N TYR C 476 37.46 -8.68 -12.75
CA TYR C 476 37.21 -8.61 -11.32
C TYR C 476 36.14 -7.59 -10.93
N ARG C 477 35.98 -6.52 -11.75
CA ARG C 477 34.97 -5.49 -11.53
C ARG C 477 33.59 -6.09 -11.82
N CYS C 478 33.49 -6.88 -12.90
CA CYS C 478 32.24 -7.59 -13.26
C CYS C 478 31.93 -8.65 -12.25
N ARG C 479 32.99 -9.36 -11.76
CA ARG C 479 32.85 -10.39 -10.73
C ARG C 479 32.23 -9.76 -9.49
N LEU C 480 32.79 -8.59 -9.03
CA LEU C 480 32.32 -7.80 -7.88
C LEU C 480 30.80 -7.56 -7.97
N LEU C 481 30.32 -7.15 -9.15
CA LEU C 481 28.92 -6.88 -9.40
C LEU C 481 28.04 -8.14 -9.30
N GLN C 482 28.43 -9.22 -10.00
CA GLN C 482 27.73 -10.52 -9.97
C GLN C 482 27.67 -11.04 -8.52
N ASP C 483 28.76 -10.88 -7.76
CA ASP C 483 28.86 -11.27 -6.34
C ASP C 483 27.80 -10.57 -5.51
N TYR C 484 27.61 -9.25 -5.74
CA TYR C 484 26.62 -8.46 -4.99
C TYR C 484 25.21 -8.98 -5.21
N ILE C 485 24.80 -9.06 -6.51
CA ILE C 485 23.51 -9.50 -7.02
C ILE C 485 23.19 -10.91 -6.58
N SER C 486 24.05 -11.90 -6.90
CA SER C 486 23.85 -13.32 -6.53
C SER C 486 23.77 -13.51 -5.02
N GLY C 487 24.45 -12.63 -4.29
CA GLY C 487 24.49 -12.61 -2.83
C GLY C 487 23.15 -12.34 -2.17
N MET C 488 22.29 -11.53 -2.83
CA MET C 488 20.97 -11.12 -2.33
C MET C 488 19.99 -12.27 -2.22
N THR C 489 18.97 -12.07 -1.37
CA THR C 489 17.87 -13.01 -1.23
C THR C 489 16.85 -12.60 -2.28
N ASP C 490 15.83 -13.46 -2.53
CA ASP C 490 14.74 -13.18 -3.44
C ASP C 490 14.11 -11.86 -3.05
N LEU C 491 13.87 -11.69 -1.75
CA LEU C 491 13.24 -10.54 -1.17
C LEU C 491 14.07 -9.28 -1.24
N TYR C 492 15.36 -9.34 -0.91
CA TYR C 492 16.22 -8.15 -0.94
C TYR C 492 16.36 -7.61 -2.34
N ALA C 493 16.53 -8.50 -3.31
CA ALA C 493 16.67 -8.14 -4.71
C ALA C 493 15.40 -7.46 -5.18
N TRP C 494 14.24 -8.00 -4.81
CA TRP C 494 12.93 -7.47 -5.18
C TRP C 494 12.72 -6.09 -4.60
N ASP C 495 13.10 -5.89 -3.32
CA ASP C 495 12.98 -4.61 -2.64
C ASP C 495 13.94 -3.58 -3.20
N GLU C 496 15.22 -3.93 -3.31
CA GLU C 496 16.29 -3.07 -3.85
C GLU C 496 15.94 -2.53 -5.19
N TYR C 497 15.39 -3.39 -6.09
CA TYR C 497 14.96 -3.05 -7.43
C TYR C 497 13.86 -2.00 -7.37
N ARG C 498 12.87 -2.21 -6.50
CA ARG C 498 11.77 -1.26 -6.32
C ARG C 498 12.22 0.06 -5.70
N ARG C 499 13.03 0.02 -4.60
CA ARG C 499 13.55 1.20 -3.91
C ARG C 499 14.36 2.03 -4.91
N LEU C 500 15.22 1.40 -5.72
CA LEU C 500 16.05 2.10 -6.70
C LEU C 500 15.31 2.49 -7.93
N MET C 501 14.03 2.10 -8.09
CA MET C 501 13.21 2.55 -9.22
C MET C 501 12.27 3.69 -8.77
N ALA C 502 12.25 3.97 -7.44
CA ALA C 502 11.43 4.94 -6.73
C ALA C 502 9.94 4.62 -6.89
N VAL C 503 9.62 3.31 -6.82
CA VAL C 503 8.27 2.74 -6.95
C VAL C 503 7.77 2.12 -5.59
N GLU C 504 8.50 2.45 -4.47
CA GLU C 504 8.20 2.01 -3.10
C GLU C 504 7.90 3.21 -2.20
N ALA D 2 -4.17 57.87 31.85
CA ALA D 2 -3.09 58.82 31.65
C ALA D 2 -1.71 58.13 31.79
N GLN D 3 -1.44 57.51 32.97
CA GLN D 3 -0.19 56.82 33.30
C GLN D 3 0.05 55.55 32.45
N ILE D 4 0.44 55.76 31.18
CA ILE D 4 0.77 54.71 30.20
C ILE D 4 2.30 54.74 30.09
N ASP D 5 2.98 53.99 30.96
CA ASP D 5 4.45 53.92 31.00
C ASP D 5 4.86 52.54 30.51
N PHE D 6 5.12 52.40 29.19
CA PHE D 6 5.48 51.12 28.55
C PHE D 6 6.75 50.48 29.09
N ARG D 7 7.59 51.25 29.80
CA ARG D 7 8.81 50.76 30.45
C ARG D 7 8.44 49.72 31.53
N LYS D 8 7.30 49.94 32.24
CA LYS D 8 6.71 49.09 33.30
C LYS D 8 6.05 47.79 32.76
N LYS D 9 5.90 47.65 31.43
CA LYS D 9 5.32 46.47 30.79
C LYS D 9 6.33 45.65 29.97
N ILE D 10 7.20 46.32 29.20
CA ILE D 10 8.25 45.69 28.39
C ILE D 10 9.39 45.29 29.35
N ASN D 11 9.20 44.11 29.98
CA ASN D 11 10.08 43.50 30.96
C ASN D 11 11.17 42.68 30.24
N TRP D 12 12.45 43.00 30.50
CA TRP D 12 13.58 42.31 29.90
C TRP D 12 14.25 41.32 30.87
N HIS D 13 13.57 40.96 31.97
CA HIS D 13 14.05 39.99 32.95
C HIS D 13 13.55 38.59 32.68
N ARG D 14 14.24 37.58 33.26
CA ARG D 14 13.94 36.17 33.04
C ARG D 14 13.60 35.44 34.34
N ARG D 15 12.96 34.25 34.22
CA ARG D 15 12.57 33.44 35.38
C ARG D 15 13.81 32.80 35.98
N TYR D 16 14.67 32.25 35.13
CA TYR D 16 15.91 31.58 35.51
C TYR D 16 17.11 32.37 34.92
N ARG D 17 18.26 32.44 35.63
CA ARG D 17 19.49 33.17 35.22
C ARG D 17 19.22 34.63 34.72
N SER D 18 18.28 35.35 35.36
CA SER D 18 17.87 36.72 35.02
C SER D 18 19.04 37.72 34.83
N PRO D 19 18.99 38.64 33.83
CA PRO D 19 20.11 39.58 33.62
C PRO D 19 19.96 40.94 34.35
N GLN D 20 19.61 40.89 35.65
CA GLN D 20 19.35 42.01 36.57
C GLN D 20 20.39 43.13 36.55
N GLY D 21 19.92 44.37 36.77
CA GLY D 21 20.78 45.56 36.85
C GLY D 21 20.53 46.67 35.86
N VAL D 22 21.64 47.25 35.33
CA VAL D 22 21.73 48.36 34.37
C VAL D 22 21.16 47.99 32.97
N LYS D 23 20.87 49.00 32.13
CA LYS D 23 20.21 48.81 30.83
C LYS D 23 20.50 49.87 29.71
N THR D 24 21.44 49.56 28.77
CA THR D 24 21.68 50.41 27.60
C THR D 24 20.52 50.09 26.66
N GLU D 25 20.15 51.04 25.78
CA GLU D 25 19.10 50.82 24.77
C GLU D 25 19.50 49.59 23.93
N HIS D 26 20.79 49.52 23.56
CA HIS D 26 21.36 48.41 22.82
C HIS D 26 21.53 47.14 23.70
N GLU D 27 21.69 47.30 25.04
CA GLU D 27 21.82 46.17 25.98
C GLU D 27 20.48 45.46 26.04
N ILE D 28 19.37 46.23 26.10
CA ILE D 28 17.99 45.75 26.16
C ILE D 28 17.63 45.11 24.80
N LEU D 29 18.06 45.73 23.68
CA LEU D 29 17.86 45.22 22.32
C LEU D 29 18.45 43.80 22.17
N ARG D 30 19.70 43.56 22.67
CA ARG D 30 20.39 42.27 22.64
C ARG D 30 19.64 41.17 23.40
N ILE D 31 18.93 41.54 24.49
CA ILE D 31 18.15 40.61 25.30
C ILE D 31 16.95 40.09 24.51
N PHE D 32 16.22 41.01 23.84
CA PHE D 32 15.05 40.68 23.00
C PHE D 32 15.44 40.05 21.65
N GLU D 33 16.73 40.21 21.26
CA GLU D 33 17.26 39.60 20.06
C GLU D 33 17.64 38.15 20.40
N SER D 34 18.11 37.92 21.66
CA SER D 34 18.41 36.58 22.18
C SER D 34 17.13 35.76 22.19
N ASP D 35 15.98 36.42 22.50
CA ASP D 35 14.64 35.84 22.50
C ASP D 35 14.33 35.26 21.10
N ARG D 36 14.53 36.08 20.03
CA ARG D 36 14.33 35.73 18.61
C ARG D 36 15.05 34.45 18.25
N GLY D 37 16.32 34.36 18.66
CA GLY D 37 17.18 33.21 18.45
C GLY D 37 16.64 31.94 19.08
N ARG D 38 16.09 32.07 20.31
CA ARG D 38 15.49 30.97 21.07
C ARG D 38 14.26 30.40 20.34
N ILE D 39 13.30 31.28 20.00
CA ILE D 39 12.04 30.96 19.33
C ILE D 39 12.26 30.37 17.89
N ILE D 40 13.13 31.00 17.07
CA ILE D 40 13.45 30.57 15.69
C ILE D 40 14.12 29.18 15.68
N ASN D 41 15.06 28.94 16.60
CA ASN D 41 15.75 27.63 16.60
C ASN D 41 14.94 26.57 17.34
N SER D 42 13.85 26.96 17.99
CA SER D 42 13.07 26.00 18.76
C SER D 42 12.45 24.90 17.90
N PRO D 43 12.61 23.63 18.31
CA PRO D 43 11.99 22.51 17.57
C PRO D 43 10.48 22.55 17.63
N ALA D 44 9.93 23.21 18.69
CA ALA D 44 8.51 23.42 18.89
C ALA D 44 7.92 24.25 17.73
N ILE D 45 8.73 25.20 17.18
CA ILE D 45 8.38 26.02 16.02
C ILE D 45 8.58 25.18 14.75
N ARG D 46 9.65 24.41 14.64
CA ARG D 46 9.82 23.60 13.41
C ARG D 46 8.65 22.63 13.28
N ARG D 47 8.33 21.93 14.36
CA ARG D 47 7.20 20.99 14.40
C ARG D 47 5.92 21.57 13.73
N LEU D 48 5.77 22.91 13.68
CA LEU D 48 4.59 23.56 13.11
C LEU D 48 4.43 23.35 11.62
N GLN D 49 5.54 23.06 10.87
CA GLN D 49 5.44 22.83 9.42
C GLN D 49 4.66 21.54 9.08
N GLN D 50 4.38 20.72 10.13
CA GLN D 50 3.66 19.45 10.05
C GLN D 50 2.40 19.47 10.94
N LYS D 51 2.08 20.67 11.48
CA LYS D 51 0.90 21.02 12.27
C LYS D 51 -0.12 21.64 11.28
N THR D 52 -1.41 21.23 11.33
CA THR D 52 -2.45 21.64 10.37
C THR D 52 -3.12 22.96 10.65
N GLN D 53 -3.37 23.65 9.57
CA GLN D 53 -4.18 24.82 9.66
C GLN D 53 -5.13 24.68 8.54
N VAL D 54 -6.42 24.67 8.84
CA VAL D 54 -7.55 24.53 7.91
C VAL D 54 -7.72 23.21 7.19
N PHE D 55 -6.71 22.85 6.39
CA PHE D 55 -6.68 21.62 5.65
C PHE D 55 -5.75 20.65 6.33
N PRO D 56 -6.28 19.52 6.69
CA PRO D 56 -5.44 18.54 7.40
C PRO D 56 -4.62 17.61 6.50
N LEU D 57 -3.49 17.09 7.03
CA LEU D 57 -2.56 16.17 6.34
C LEU D 57 -2.40 16.51 4.82
N GLU D 58 -2.29 17.82 4.52
CA GLU D 58 -2.19 18.36 3.17
C GLU D 58 -0.85 18.06 2.52
N ARG D 59 -0.90 17.54 1.28
CA ARG D 59 0.26 17.17 0.49
C ARG D 59 0.78 18.28 -0.45
N ASN D 60 0.05 19.41 -0.57
CA ASN D 60 0.46 20.55 -1.41
C ASN D 60 1.17 21.59 -0.56
N ALA D 61 2.46 21.84 -0.87
CA ALA D 61 3.29 22.81 -0.14
C ALA D 61 2.78 24.23 -0.29
N ALA D 62 2.07 24.51 -1.41
CA ALA D 62 1.45 25.79 -1.77
C ALA D 62 0.33 26.21 -0.79
N VAL D 63 -0.20 25.23 -0.03
CA VAL D 63 -1.21 25.41 1.01
C VAL D 63 -0.48 25.69 2.32
N ARG D 64 -0.99 26.64 3.10
CA ARG D 64 -0.42 27.04 4.39
C ARG D 64 -0.54 25.96 5.47
N THR D 65 0.54 25.83 6.25
CA THR D 65 0.65 25.00 7.45
C THR D 65 0.54 26.00 8.61
N ARG D 66 0.67 25.52 9.86
CA ARG D 66 0.65 26.43 11.00
C ARG D 66 1.88 27.34 10.94
N LEU D 67 3.03 26.82 10.45
CA LEU D 67 4.29 27.58 10.34
C LEU D 67 4.22 28.72 9.32
N THR D 68 3.81 28.41 8.08
CA THR D 68 3.73 29.42 7.04
C THR D 68 2.71 30.46 7.39
N HIS D 69 1.61 30.07 8.07
CA HIS D 69 0.62 31.03 8.55
C HIS D 69 1.24 31.92 9.60
N SER D 70 1.85 31.34 10.66
CA SER D 70 2.48 32.08 11.75
C SER D 70 3.51 33.08 11.21
N MET D 71 4.22 32.71 10.14
CA MET D 71 5.20 33.56 9.46
C MET D 71 4.55 34.77 8.81
N GLU D 72 3.38 34.56 8.18
CA GLU D 72 2.58 35.61 7.54
C GLU D 72 2.00 36.55 8.60
N VAL D 73 1.51 35.98 9.74
CA VAL D 73 0.95 36.73 10.87
C VAL D 73 2.02 37.68 11.39
N GLN D 74 3.27 37.17 11.51
CA GLN D 74 4.46 37.89 11.96
C GLN D 74 4.67 39.17 11.13
N GLN D 75 4.46 39.11 9.80
CA GLN D 75 4.60 40.30 8.96
C GLN D 75 3.46 41.31 9.18
N VAL D 76 2.20 40.82 9.37
CA VAL D 76 1.04 41.70 9.63
C VAL D 76 1.26 42.40 10.97
N GLY D 77 1.76 41.64 11.96
CA GLY D 77 2.10 42.11 13.30
C GLY D 77 3.13 43.22 13.27
N ARG D 78 4.18 43.01 12.44
CA ARG D 78 5.26 43.98 12.20
C ARG D 78 4.63 45.28 11.68
N TYR D 79 3.84 45.22 10.57
CA TYR D 79 3.13 46.35 9.95
C TYR D 79 2.22 47.09 10.96
N ILE D 80 1.46 46.36 11.81
CA ILE D 80 0.59 46.96 12.83
C ILE D 80 1.43 47.71 13.88
N ALA D 81 2.45 47.03 14.50
CA ALA D 81 3.34 47.64 15.51
C ALA D 81 4.14 48.82 14.93
N LYS D 82 4.57 48.73 13.65
CA LYS D 82 5.28 49.79 12.94
C LYS D 82 4.35 50.99 12.80
N GLU D 83 3.05 50.76 12.44
CA GLU D 83 2.06 51.84 12.31
C GLU D 83 1.67 52.46 13.65
N ILE D 84 1.54 51.65 14.73
CA ILE D 84 1.24 52.17 16.08
C ILE D 84 2.35 53.16 16.49
N LEU D 85 3.64 52.74 16.39
CA LEU D 85 4.85 53.53 16.70
C LEU D 85 5.01 54.80 15.82
N SER D 86 4.62 54.72 14.54
CA SER D 86 4.70 55.85 13.60
C SER D 86 3.73 56.92 14.00
N ARG D 87 2.46 56.50 14.21
CA ARG D 87 1.32 57.32 14.59
C ARG D 87 1.50 58.00 15.95
N LEU D 88 2.14 57.30 16.91
CA LEU D 88 2.45 57.80 18.25
C LEU D 88 3.61 58.80 18.22
N LYS D 89 4.63 58.53 17.34
CA LYS D 89 5.80 59.38 17.12
C LYS D 89 5.34 60.69 16.48
N GLU D 90 4.43 60.58 15.49
CA GLU D 90 3.78 61.66 14.73
C GLU D 90 2.98 62.57 15.69
N LEU D 91 2.31 61.95 16.69
CA LEU D 91 1.52 62.63 17.72
C LEU D 91 2.39 63.14 18.89
N LYS D 92 3.67 62.65 18.99
CA LYS D 92 4.69 62.96 20.02
C LYS D 92 4.50 62.15 21.32
N LEU D 93 3.39 61.38 21.43
CA LEU D 93 3.03 60.53 22.57
C LEU D 93 4.07 59.42 22.84
N LEU D 94 5.01 59.20 21.88
CA LEU D 94 6.05 58.17 21.97
C LEU D 94 6.95 58.38 23.18
N GLU D 95 7.57 59.57 23.28
CA GLU D 95 8.42 59.92 24.42
C GLU D 95 7.58 59.82 25.71
N ALA D 96 6.34 60.34 25.65
CA ALA D 96 5.35 60.40 26.73
C ALA D 96 4.94 59.04 27.29
N TYR D 97 4.91 58.02 26.44
CA TYR D 97 4.51 56.69 26.87
C TYR D 97 5.68 55.73 27.23
N GLY D 98 6.89 56.26 27.31
CA GLY D 98 8.08 55.46 27.64
C GLY D 98 8.54 54.54 26.52
N LEU D 99 7.97 54.76 25.33
CA LEU D 99 8.22 54.01 24.11
C LEU D 99 9.47 54.47 23.37
N ASP D 100 9.92 55.73 23.60
CA ASP D 100 11.06 56.32 22.91
C ASP D 100 12.29 55.41 22.84
N GLU D 101 12.57 54.63 23.91
CA GLU D 101 13.74 53.75 23.93
C GLU D 101 13.41 52.28 23.77
N LEU D 102 12.12 51.94 23.70
CA LEU D 102 11.67 50.55 23.55
C LEU D 102 10.96 50.25 22.22
N THR D 103 11.30 51.00 21.16
CA THR D 103 10.70 50.83 19.83
C THR D 103 10.97 49.45 19.23
N GLY D 104 12.23 49.03 19.28
CA GLY D 104 12.70 47.73 18.81
C GLY D 104 12.06 46.58 19.56
N PRO D 105 12.19 46.54 20.92
CA PRO D 105 11.53 45.47 21.68
C PRO D 105 10.04 45.38 21.42
N PHE D 106 9.31 46.52 21.38
CA PHE D 106 7.88 46.58 21.08
C PHE D 106 7.56 45.78 19.80
N GLU D 107 8.27 46.08 18.70
CA GLU D 107 8.17 45.43 17.39
C GLU D 107 8.54 43.94 17.52
N SER D 108 9.78 43.62 17.97
CA SER D 108 10.26 42.26 18.13
C SER D 108 9.31 41.37 18.96
N ILE D 109 8.86 41.83 20.16
CA ILE D 109 7.92 41.07 21.01
C ILE D 109 6.68 40.67 20.23
N VAL D 110 6.10 41.61 19.46
CA VAL D 110 4.92 41.37 18.61
C VAL D 110 5.25 40.28 17.58
N GLU D 111 6.31 40.51 16.78
CA GLU D 111 6.78 39.58 15.75
C GLU D 111 6.97 38.16 16.32
N MET D 112 7.64 38.05 17.47
CA MET D 112 7.95 36.75 18.11
C MET D 112 6.77 36.04 18.71
N SER D 113 5.87 36.78 19.39
CA SER D 113 4.65 36.18 19.95
C SER D 113 3.69 35.84 18.82
N CYS D 114 3.97 36.39 17.61
CA CYS D 114 3.27 36.13 16.35
C CYS D 114 3.66 34.74 15.83
N LEU D 115 4.78 34.14 16.30
CA LEU D 115 5.17 32.80 15.88
C LEU D 115 4.56 31.75 16.80
N MET D 116 4.72 31.96 18.11
CA MET D 116 4.31 31.03 19.15
C MET D 116 2.81 30.97 19.43
N HIS D 117 1.99 31.92 18.94
CA HIS D 117 0.55 31.93 19.20
C HIS D 117 -0.18 30.58 18.97
N ASP D 118 0.41 29.69 18.14
CA ASP D 118 -0.12 28.36 17.80
C ASP D 118 0.76 27.21 18.28
N ILE D 119 1.91 27.53 18.90
CA ILE D 119 2.91 26.57 19.38
C ILE D 119 2.32 25.39 20.17
N GLY D 120 1.30 25.69 20.97
CA GLY D 120 0.64 24.73 21.86
C GLY D 120 -0.59 24.02 21.32
N ASN D 121 -0.89 24.17 20.01
CA ASN D 121 -2.06 23.52 19.39
C ASN D 121 -1.85 21.98 19.27
N PRO D 122 -2.90 21.16 19.56
CA PRO D 122 -2.74 19.69 19.48
C PRO D 122 -2.78 19.15 18.04
N PRO D 123 -2.49 17.84 17.80
CA PRO D 123 -2.47 17.32 16.44
C PRO D 123 -3.61 17.72 15.52
N PHE D 124 -4.86 17.44 15.82
CA PHE D 124 -5.79 17.86 14.79
C PHE D 124 -6.50 19.14 15.17
N GLY D 125 -5.73 20.16 15.59
CA GLY D 125 -6.21 21.48 15.99
C GLY D 125 -7.40 21.48 16.92
N HIS D 126 -8.60 21.70 16.38
CA HIS D 126 -9.80 21.70 17.21
C HIS D 126 -10.32 20.32 17.47
N PHE D 127 -10.03 19.38 16.57
CA PHE D 127 -10.42 17.99 16.72
C PHE D 127 -9.44 17.24 17.58
N GLY D 128 -8.25 17.81 17.76
CA GLY D 128 -7.25 17.31 18.68
C GLY D 128 -7.77 17.64 20.07
N GLU D 129 -8.17 18.93 20.28
CA GLU D 129 -8.77 19.48 21.52
C GLU D 129 -9.99 18.64 21.90
N ALA D 130 -10.98 18.56 20.96
CA ALA D 130 -12.24 17.83 21.08
C ALA D 130 -12.06 16.43 21.63
N ALA D 131 -11.23 15.62 20.98
CA ALA D 131 -10.93 14.25 21.38
C ALA D 131 -10.35 14.15 22.78
N ILE D 132 -9.37 15.03 23.13
CA ILE D 132 -8.72 15.06 24.44
C ILE D 132 -9.74 15.31 25.54
N ASN D 133 -10.51 16.41 25.43
CA ASN D 133 -11.54 16.80 26.41
C ASN D 133 -12.68 15.81 26.54
N ASP D 134 -13.15 15.27 25.41
CA ASP D 134 -14.24 14.32 25.40
C ASP D 134 -13.83 13.01 26.08
N TRP D 135 -12.57 12.55 25.85
CA TRP D 135 -12.01 11.34 26.47
C TRP D 135 -11.86 11.53 27.97
N PHE D 136 -11.42 12.71 28.38
CA PHE D 136 -11.24 12.96 29.79
C PHE D 136 -12.57 13.16 30.51
N ARG D 137 -13.54 13.82 29.84
CA ARG D 137 -14.88 14.05 30.40
C ARG D 137 -15.60 12.75 30.77
N GLN D 138 -15.58 11.73 29.86
CA GLN D 138 -16.20 10.41 30.11
C GLN D 138 -15.49 9.64 31.24
N ARG D 139 -14.16 9.90 31.46
CA ARG D 139 -13.37 9.25 32.49
C ARG D 139 -13.69 9.86 33.87
N LEU D 140 -13.41 11.17 34.02
CA LEU D 140 -13.63 11.92 35.26
C LEU D 140 -14.64 13.04 35.03
N HIS D 141 -15.96 12.72 35.11
CA HIS D 141 -17.05 13.67 34.85
C HIS D 141 -16.98 14.94 35.70
N PRO D 142 -16.62 16.11 35.11
CA PRO D 142 -16.53 17.34 35.91
C PRO D 142 -17.89 17.95 36.24
N GLU D 143 -18.92 17.50 35.50
CA GLU D 143 -20.30 17.89 35.64
C GLU D 143 -20.82 17.62 37.06
N ASP D 144 -20.50 16.42 37.61
CA ASP D 144 -20.89 15.96 38.94
C ASP D 144 -20.23 16.73 40.08
N ALA D 145 -18.99 17.20 39.85
CA ALA D 145 -18.18 17.92 40.83
C ALA D 145 -18.68 19.30 41.19
N GLU D 146 -19.43 19.96 40.28
CA GLU D 146 -19.96 21.32 40.49
C GLU D 146 -20.82 21.39 41.76
N SER D 147 -21.80 20.46 41.91
CA SER D 147 -22.73 20.36 43.03
C SER D 147 -22.13 19.84 44.36
N GLN D 148 -22.92 19.86 45.44
CA GLN D 148 -22.52 19.31 46.73
C GLN D 148 -22.57 17.74 46.64
N PRO D 149 -23.65 17.10 46.11
CA PRO D 149 -23.66 15.62 45.98
C PRO D 149 -23.20 15.07 44.58
N LEU D 150 -22.94 13.74 44.33
CA LEU D 150 -23.01 12.49 45.14
C LEU D 150 -24.44 11.83 45.06
N THR D 151 -24.67 10.55 45.43
CA THR D 151 -23.74 9.53 45.92
C THR D 151 -23.23 8.75 44.71
N ASP D 152 -24.04 8.73 43.63
CA ASP D 152 -23.70 8.07 42.36
C ASP D 152 -22.83 9.02 41.52
N ASP D 153 -21.60 9.27 42.02
CA ASP D 153 -20.64 10.17 41.40
C ASP D 153 -20.01 9.50 40.22
N ARG D 154 -20.35 9.99 39.01
CA ARG D 154 -19.86 9.51 37.72
C ARG D 154 -18.36 9.85 37.60
N CYS D 155 -17.50 9.09 38.28
CA CYS D 155 -16.06 9.33 38.19
C CYS D 155 -15.36 8.03 38.36
N SER D 156 -14.58 7.64 37.32
CA SER D 156 -13.87 6.37 37.38
C SER D 156 -12.75 6.44 38.39
N VAL D 157 -12.06 7.59 38.46
CA VAL D 157 -10.95 7.86 39.36
C VAL D 157 -11.47 7.88 40.78
N ALA D 158 -11.16 6.82 41.55
CA ALA D 158 -11.61 6.65 42.93
C ALA D 158 -11.20 7.82 43.82
N ALA D 159 -9.94 8.28 43.67
CA ALA D 159 -9.38 9.39 44.44
C ALA D 159 -10.11 10.70 44.21
N LEU D 160 -10.43 11.00 42.93
CA LEU D 160 -11.09 12.25 42.51
C LEU D 160 -12.60 12.33 42.75
N ARG D 161 -13.23 11.20 43.15
CA ARG D 161 -14.66 11.12 43.48
C ARG D 161 -14.86 11.93 44.77
N LEU D 162 -15.85 12.85 44.77
CA LEU D 162 -16.13 13.69 45.94
C LEU D 162 -16.56 12.85 47.16
N ARG D 163 -16.29 13.36 48.37
CA ARG D 163 -16.68 12.70 49.62
C ARG D 163 -17.77 13.57 50.28
N ASP D 164 -18.40 13.10 51.39
CA ASP D 164 -19.47 13.87 52.01
C ASP D 164 -19.37 14.11 53.56
N GLY D 165 -18.18 14.18 54.16
CA GLY D 165 -16.85 14.00 53.59
C GLY D 165 -16.23 15.28 53.07
N GLU D 166 -16.70 16.45 53.59
CA GLU D 166 -16.15 17.75 53.18
C GLU D 166 -14.78 17.99 53.80
N GLU D 167 -13.84 18.36 52.93
CA GLU D 167 -12.44 18.61 53.20
C GLU D 167 -11.94 19.64 52.15
N PRO D 168 -10.76 20.30 52.33
CA PRO D 168 -10.31 21.22 51.28
C PRO D 168 -9.96 20.44 50.02
N LEU D 169 -9.77 19.11 50.16
CA LEU D 169 -9.47 18.13 49.11
C LEU D 169 -10.61 18.04 48.11
N ASN D 170 -11.87 18.26 48.57
CA ASN D 170 -13.07 18.25 47.75
C ASN D 170 -12.98 19.37 46.69
N GLU D 171 -12.43 20.55 47.09
CA GLU D 171 -12.23 21.70 46.22
C GLU D 171 -11.12 21.40 45.21
N LEU D 172 -10.06 20.70 45.66
CA LEU D 172 -8.96 20.28 44.79
C LEU D 172 -9.48 19.32 43.72
N ARG D 173 -10.41 18.40 44.12
CA ARG D 173 -11.06 17.40 43.27
C ARG D 173 -11.86 18.08 42.15
N ARG D 174 -12.54 19.19 42.49
CA ARG D 174 -13.33 20.01 41.57
C ARG D 174 -12.38 20.67 40.55
N LYS D 175 -11.35 21.38 41.06
CA LYS D 175 -10.33 22.06 40.28
C LYS D 175 -9.63 21.10 39.29
N ILE D 176 -9.11 19.94 39.77
CA ILE D 176 -8.42 18.92 38.96
C ILE D 176 -9.35 18.38 37.84
N ARG D 177 -10.59 17.98 38.20
CA ARG D 177 -11.58 17.45 37.27
C ARG D 177 -11.96 18.43 36.15
N GLN D 178 -12.11 19.73 36.49
CA GLN D 178 -12.44 20.76 35.50
C GLN D 178 -11.22 21.14 34.66
N ASP D 179 -10.02 21.13 35.27
CA ASP D 179 -8.78 21.47 34.58
C ASP D 179 -8.41 20.46 33.45
N LEU D 180 -8.45 19.15 33.76
CA LEU D 180 -8.09 18.07 32.82
C LEU D 180 -9.07 17.93 31.64
N CYS D 181 -10.31 18.38 31.85
CA CYS D 181 -11.36 18.37 30.83
C CYS D 181 -11.41 19.68 30.04
N HIS D 182 -10.45 20.60 30.30
CA HIS D 182 -10.41 21.87 29.58
C HIS D 182 -9.04 22.18 28.96
N PHE D 183 -8.59 21.29 28.07
CA PHE D 183 -7.36 21.46 27.30
C PHE D 183 -7.59 22.56 26.23
N GLU D 184 -6.69 23.55 26.17
CA GLU D 184 -6.74 24.59 25.15
C GLU D 184 -5.33 24.83 24.63
N GLY D 185 -5.19 24.93 23.30
CA GLY D 185 -3.92 25.20 22.62
C GLY D 185 -3.10 26.30 23.28
N ASN D 186 -3.78 27.41 23.68
CA ASN D 186 -3.20 28.58 24.36
C ASN D 186 -2.66 28.20 25.73
N ALA D 187 -3.47 27.48 26.54
CA ALA D 187 -3.14 27.02 27.88
C ALA D 187 -1.91 26.09 27.88
N GLN D 188 -1.85 25.19 26.87
CA GLN D 188 -0.79 24.21 26.61
C GLN D 188 0.44 24.90 26.06
N GLY D 189 0.24 26.04 25.39
CA GLY D 189 1.32 26.88 24.84
C GLY D 189 2.21 27.47 25.93
N ILE D 190 1.60 27.95 27.03
CA ILE D 190 2.31 28.49 28.19
C ILE D 190 3.04 27.34 28.90
N ARG D 191 2.35 26.18 29.04
CA ARG D 191 2.90 24.96 29.66
C ARG D 191 4.14 24.53 28.88
N LEU D 192 4.04 24.59 27.56
CA LEU D 192 5.06 24.25 26.57
C LEU D 192 6.29 25.11 26.78
N VAL D 193 6.19 26.43 26.50
CA VAL D 193 7.31 27.36 26.61
C VAL D 193 7.97 27.33 27.97
N HIS D 194 7.19 27.15 29.05
CA HIS D 194 7.78 27.19 30.37
C HIS D 194 8.17 25.83 30.96
N THR D 195 7.19 25.01 31.37
CA THR D 195 7.40 23.74 32.07
C THR D 195 8.08 22.64 31.22
N LEU D 196 7.64 22.48 29.95
CA LEU D 196 8.11 21.41 29.08
C LEU D 196 9.37 21.75 28.28
N MET D 197 9.40 22.88 27.58
CA MET D 197 10.56 23.27 26.79
C MET D 197 11.69 23.87 27.61
N ARG D 198 11.35 24.64 28.66
CA ARG D 198 12.27 25.39 29.51
C ARG D 198 13.10 26.38 28.68
N MET D 199 12.40 27.11 27.80
CA MET D 199 12.96 28.11 26.88
C MET D 199 13.53 29.33 27.57
N ASN D 200 13.06 29.60 28.81
CA ASN D 200 13.40 30.76 29.63
C ASN D 200 12.73 32.02 29.05
N LEU D 201 13.46 32.83 28.25
CA LEU D 201 12.99 34.08 27.61
C LEU D 201 12.64 35.17 28.61
N THR D 202 12.29 36.35 28.08
CA THR D 202 11.87 37.53 28.86
C THR D 202 10.43 37.33 29.29
N TRP D 203 10.01 38.06 30.35
CA TRP D 203 8.65 38.01 30.88
C TRP D 203 7.62 38.57 29.88
N ALA D 204 8.02 39.61 29.12
CA ALA D 204 7.22 40.30 28.10
C ALA D 204 6.85 39.40 26.91
N GLN D 205 7.77 38.50 26.52
CA GLN D 205 7.55 37.55 25.43
C GLN D 205 6.58 36.46 25.87
N VAL D 206 6.69 36.05 27.16
CA VAL D 206 5.80 35.06 27.73
C VAL D 206 4.40 35.66 27.84
N GLY D 207 4.31 36.91 28.27
CA GLY D 207 3.04 37.64 28.34
C GLY D 207 2.45 37.83 26.96
N GLY D 208 3.33 37.96 25.96
CA GLY D 208 2.99 38.11 24.56
C GLY D 208 2.19 36.94 24.02
N ILE D 209 2.36 35.73 24.59
CA ILE D 209 1.69 34.51 24.13
C ILE D 209 0.52 34.07 25.06
N LEU D 210 0.19 34.89 26.06
CA LEU D 210 -0.95 34.63 26.94
C LEU D 210 -2.16 35.36 26.33
N LYS D 211 -2.86 34.67 25.38
CA LYS D 211 -4.04 35.18 24.65
C LYS D 211 -5.30 35.26 25.51
N TYR D 212 -5.49 34.31 26.46
CA TYR D 212 -6.67 34.29 27.34
C TYR D 212 -6.30 34.29 28.81
N THR D 213 -7.20 34.80 29.68
CA THR D 213 -6.96 34.91 31.12
C THR D 213 -7.87 34.06 32.03
N ARG D 214 -8.57 33.05 31.45
CA ARG D 214 -9.44 32.17 32.24
C ARG D 214 -8.66 30.95 32.77
N PRO D 215 -8.69 30.67 34.11
CA PRO D 215 -8.02 29.45 34.61
C PRO D 215 -8.79 28.24 34.10
N ALA D 216 -8.09 27.23 33.56
CA ALA D 216 -8.75 26.04 33.00
C ALA D 216 -9.84 25.43 33.90
N TRP D 217 -9.58 25.39 35.23
CA TRP D 217 -10.48 24.86 36.26
C TRP D 217 -11.71 25.71 36.53
N TRP D 218 -11.79 26.92 35.94
CA TRP D 218 -12.94 27.83 36.11
C TRP D 218 -14.25 27.14 35.77
N ARG D 219 -15.33 27.52 36.53
CA ARG D 219 -16.66 26.92 36.35
C ARG D 219 -17.82 27.85 35.92
N GLY D 220 -18.01 29.00 36.57
CA GLY D 220 -19.12 29.91 36.27
C GLY D 220 -18.80 31.13 35.43
N GLU D 221 -19.27 31.14 34.17
CA GLU D 221 -19.10 32.09 33.05
C GLU D 221 -18.68 33.54 33.37
N THR D 222 -19.13 34.13 34.52
CA THR D 222 -18.82 35.51 34.99
C THR D 222 -17.27 35.83 34.82
N PRO D 223 -16.88 37.12 34.61
CA PRO D 223 -17.71 38.32 34.62
C PRO D 223 -18.22 38.73 33.23
N GLU D 224 -18.73 39.96 33.17
CA GLU D 224 -19.24 40.68 32.02
C GLU D 224 -18.19 41.78 31.77
N THR D 225 -17.30 41.93 32.78
CA THR D 225 -16.17 42.84 32.88
C THR D 225 -15.02 42.30 32.02
N HIS D 226 -14.89 40.97 31.96
CA HIS D 226 -13.82 40.26 31.24
C HIS D 226 -14.34 39.10 30.36
N HIS D 227 -15.66 39.02 30.04
CA HIS D 227 -16.29 37.91 29.28
C HIS D 227 -15.56 37.48 27.98
N TYR D 228 -14.87 38.44 27.31
CA TYR D 228 -14.09 38.17 26.10
C TYR D 228 -12.74 37.59 26.47
N LEU D 229 -12.06 38.22 27.44
CA LEU D 229 -10.74 37.77 27.92
C LEU D 229 -10.86 36.36 28.53
N MET D 230 -12.03 36.06 29.14
CA MET D 230 -12.35 34.77 29.77
C MET D 230 -13.05 33.78 28.77
N LYS D 231 -13.06 34.09 27.45
CA LYS D 231 -13.66 33.27 26.37
C LYS D 231 -13.24 31.79 26.46
N LYS D 232 -11.93 31.53 26.34
CA LYS D 232 -11.30 30.21 26.38
C LYS D 232 -10.33 30.18 27.59
N PRO D 233 -9.90 29.00 28.11
CA PRO D 233 -8.90 29.03 29.20
C PRO D 233 -7.49 29.36 28.66
N GLY D 234 -6.81 30.29 29.34
CA GLY D 234 -5.48 30.72 28.94
C GLY D 234 -4.33 30.01 29.60
N TYR D 235 -4.59 29.30 30.72
CA TYR D 235 -3.59 28.55 31.49
C TYR D 235 -4.19 27.45 32.35
N TYR D 236 -3.36 26.45 32.75
CA TYR D 236 -3.76 25.30 33.58
C TYR D 236 -3.44 25.49 35.06
N LEU D 237 -3.94 24.55 35.89
CA LEU D 237 -3.71 24.49 37.34
C LEU D 237 -2.22 24.31 37.59
N SER D 238 -1.56 23.51 36.72
CA SER D 238 -0.13 23.21 36.73
C SER D 238 0.76 24.45 36.49
N GLU D 239 0.19 25.58 36.01
CA GLU D 239 0.97 26.81 35.80
C GLU D 239 0.39 28.00 36.59
N GLU D 240 -0.59 27.76 37.49
CA GLU D 240 -1.21 28.81 38.31
C GLU D 240 -0.17 29.75 38.95
N ALA D 241 0.92 29.14 39.44
CA ALA D 241 2.04 29.81 40.09
C ALA D 241 2.84 30.64 39.12
N TYR D 242 3.17 30.06 37.94
CA TYR D 242 3.94 30.74 36.90
C TYR D 242 3.21 32.00 36.51
N ILE D 243 1.93 31.83 36.13
CA ILE D 243 1.01 32.88 35.73
C ILE D 243 0.91 33.95 36.82
N ALA D 244 0.96 33.53 38.09
CA ALA D 244 0.94 34.44 39.23
C ALA D 244 2.22 35.31 39.26
N ARG D 245 3.39 34.70 39.05
CA ARG D 245 4.70 35.38 39.00
C ARG D 245 4.75 36.33 37.79
N LEU D 246 4.21 35.87 36.63
CA LEU D 246 4.10 36.60 35.35
C LEU D 246 3.20 37.83 35.53
N ARG D 247 2.08 37.67 36.28
CA ARG D 247 1.11 38.71 36.62
C ARG D 247 1.81 39.84 37.37
N LYS D 248 2.71 39.47 38.31
CA LYS D 248 3.50 40.41 39.11
C LYS D 248 4.55 41.13 38.23
N GLU D 249 5.32 40.34 37.45
CA GLU D 249 6.41 40.82 36.59
C GLU D 249 5.95 41.78 35.49
N LEU D 250 4.72 41.62 35.02
CA LEU D 250 4.20 42.48 33.96
C LEU D 250 3.17 43.48 34.47
N ASN D 251 2.99 43.54 35.81
CA ASN D 251 2.03 44.42 36.49
C ASN D 251 0.63 44.29 35.86
N LEU D 252 0.15 43.04 35.81
CA LEU D 252 -1.14 42.66 35.29
C LEU D 252 -2.08 42.37 36.44
N ALA D 253 -3.30 42.87 36.32
CA ALA D 253 -4.36 42.64 37.29
C ALA D 253 -4.89 41.23 37.10
N LEU D 254 -5.62 40.70 38.08
CA LEU D 254 -6.17 39.36 37.95
C LEU D 254 -7.09 39.30 36.74
N TYR D 255 -6.89 38.26 35.91
CA TYR D 255 -7.60 38.01 34.66
C TYR D 255 -7.38 39.13 33.61
N SER D 256 -6.28 39.91 33.74
CA SER D 256 -5.93 40.98 32.81
C SER D 256 -4.80 40.58 31.86
N ARG D 257 -4.97 40.92 30.56
CA ARG D 257 -4.09 40.60 29.43
C ARG D 257 -2.90 41.56 29.21
N PHE D 258 -1.86 41.07 28.50
CA PHE D 258 -0.67 41.83 28.16
C PHE D 258 -1.01 42.82 27.04
N PRO D 259 -0.57 44.10 27.15
CA PRO D 259 -0.91 45.11 26.12
C PRO D 259 -0.51 44.80 24.66
N LEU D 260 0.55 44.01 24.44
CA LEU D 260 0.96 43.75 23.07
C LEU D 260 0.19 42.62 22.42
N THR D 261 -0.51 41.80 23.22
CA THR D 261 -1.31 40.65 22.75
C THR D 261 -2.34 41.09 21.72
N TRP D 262 -3.03 42.19 22.02
CA TRP D 262 -4.04 42.85 21.20
C TRP D 262 -3.60 43.04 19.73
N ILE D 263 -2.29 43.34 19.51
CA ILE D 263 -1.64 43.60 18.22
C ILE D 263 -1.51 42.30 17.49
N MET D 264 -0.92 41.30 18.15
CA MET D 264 -0.68 39.96 17.64
C MET D 264 -2.00 39.31 17.20
N GLU D 265 -3.02 39.39 18.07
CA GLU D 265 -4.37 38.85 17.90
C GLU D 265 -4.98 39.38 16.62
N ALA D 266 -4.90 40.71 16.40
CA ALA D 266 -5.42 41.41 15.24
C ALA D 266 -4.75 40.89 14.01
N ALA D 267 -3.39 40.86 14.01
CA ALA D 267 -2.56 40.40 12.90
C ALA D 267 -2.93 38.99 12.43
N ASP D 268 -3.25 38.09 13.38
CA ASP D 268 -3.69 36.71 13.18
C ASP D 268 -5.01 36.63 12.46
N ASP D 269 -6.04 37.34 12.92
CA ASP D 269 -7.34 37.43 12.27
C ASP D 269 -7.26 37.97 10.82
N ILE D 270 -6.47 39.04 10.58
CA ILE D 270 -6.27 39.67 9.26
C ILE D 270 -5.58 38.72 8.26
N SER D 271 -4.66 37.90 8.73
CA SER D 271 -3.99 37.07 7.75
C SER D 271 -4.67 35.73 7.47
N TYR D 272 -5.39 35.09 8.45
CA TYR D 272 -6.02 33.78 8.14
C TYR D 272 -7.28 33.89 7.26
N CYS D 273 -8.09 34.95 7.42
CA CYS D 273 -9.33 35.18 6.66
C CYS D 273 -9.09 35.14 5.17
N VAL D 274 -8.12 35.94 4.70
CA VAL D 274 -7.76 36.09 3.29
C VAL D 274 -7.02 34.86 2.79
N ALA D 275 -6.05 34.36 3.57
CA ALA D 275 -5.23 33.22 3.20
C ALA D 275 -6.00 31.94 2.95
N ASP D 276 -7.04 31.68 3.74
CA ASP D 276 -7.83 30.48 3.61
C ASP D 276 -8.66 30.45 2.33
N LEU D 277 -9.09 31.64 1.86
CA LEU D 277 -9.83 31.77 0.61
C LEU D 277 -8.88 31.58 -0.57
N GLU D 278 -7.59 32.01 -0.44
CA GLU D 278 -6.52 31.85 -1.44
C GLU D 278 -6.24 30.35 -1.65
N ASP D 279 -6.07 29.64 -0.51
CA ASP D 279 -5.83 28.22 -0.39
C ASP D 279 -7.00 27.41 -0.97
N ALA D 280 -8.26 27.83 -0.71
CA ALA D 280 -9.49 27.18 -1.21
C ALA D 280 -9.57 27.22 -2.73
N VAL D 281 -9.11 28.33 -3.34
CA VAL D 281 -9.05 28.52 -4.80
C VAL D 281 -7.98 27.60 -5.37
N GLU D 282 -6.80 27.51 -4.68
CA GLU D 282 -5.67 26.62 -5.01
C GLU D 282 -6.11 25.17 -4.94
N LYS D 283 -6.74 24.78 -3.81
CA LYS D 283 -7.31 23.45 -3.56
C LYS D 283 -8.50 23.14 -4.50
N ARG D 284 -8.73 24.02 -5.50
CA ARG D 284 -9.77 23.94 -6.53
C ARG D 284 -11.18 23.75 -5.94
N ILE D 285 -11.44 24.25 -4.69
CA ILE D 285 -12.75 24.17 -4.01
C ILE D 285 -13.75 25.04 -4.79
N PHE D 286 -13.29 26.18 -5.31
CA PHE D 286 -14.05 27.09 -6.17
C PHE D 286 -13.11 27.92 -7.03
N THR D 287 -13.65 28.58 -8.07
CA THR D 287 -12.84 29.46 -8.91
C THR D 287 -12.80 30.83 -8.23
N VAL D 288 -11.91 31.69 -8.71
CA VAL D 288 -11.78 33.06 -8.23
C VAL D 288 -13.08 33.85 -8.52
N GLU D 289 -13.73 33.56 -9.69
CA GLU D 289 -15.00 34.17 -10.08
C GLU D 289 -16.12 33.68 -9.17
N GLN D 290 -16.14 32.36 -8.86
CA GLN D 290 -17.09 31.73 -7.94
C GLN D 290 -16.98 32.40 -6.56
N LEU D 291 -15.73 32.60 -6.08
CA LEU D 291 -15.45 33.26 -4.80
C LEU D 291 -15.99 34.67 -4.78
N TYR D 292 -15.71 35.47 -5.84
CA TYR D 292 -16.19 36.84 -5.92
C TYR D 292 -17.68 36.95 -5.75
N HIS D 293 -18.42 36.01 -6.36
CA HIS D 293 -19.86 35.96 -6.25
C HIS D 293 -20.31 35.60 -4.82
N HIS D 294 -19.52 34.76 -4.09
CA HIS D 294 -19.80 34.38 -2.70
C HIS D 294 -19.61 35.54 -1.74
N LEU D 295 -18.71 36.42 -2.07
CA LEU D 295 -18.44 37.58 -1.27
C LEU D 295 -19.57 38.58 -1.50
N HIS D 296 -20.02 38.82 -2.77
CA HIS D 296 -21.11 39.76 -3.06
C HIS D 296 -22.45 39.30 -2.48
N GLU D 297 -22.72 37.98 -2.40
CA GLU D 297 -23.95 37.47 -1.78
C GLU D 297 -23.94 37.74 -0.27
N ALA D 298 -22.80 37.44 0.38
CA ALA D 298 -22.59 37.57 1.81
C ALA D 298 -22.65 39.03 2.34
N TRP D 299 -22.29 40.03 1.51
CA TRP D 299 -22.31 41.47 1.89
C TRP D 299 -23.74 42.01 1.97
N GLY D 300 -24.52 41.80 0.90
CA GLY D 300 -25.93 42.15 0.80
C GLY D 300 -26.33 43.62 0.76
N GLN D 301 -25.47 44.49 0.21
CA GLN D 301 -25.75 45.93 0.07
C GLN D 301 -24.95 46.56 -1.06
N HIS D 302 -25.35 47.78 -1.46
CA HIS D 302 -24.73 48.51 -2.57
C HIS D 302 -24.13 49.87 -2.15
N GLU D 303 -24.97 50.95 -2.13
CA GLU D 303 -24.61 52.33 -1.81
C GLU D 303 -24.26 52.57 -0.32
N LYS D 304 -23.22 51.86 0.16
CA LYS D 304 -22.66 51.92 1.52
C LYS D 304 -21.47 52.94 1.69
N GLY D 305 -20.67 53.27 0.64
CA GLY D 305 -20.77 52.80 -0.76
C GLY D 305 -19.45 52.67 -1.54
N SER D 306 -18.49 51.80 -1.10
CA SER D 306 -18.51 50.88 0.05
C SER D 306 -17.07 50.47 0.40
N LEU D 307 -16.89 49.64 1.44
CA LEU D 307 -15.56 49.09 1.74
C LEU D 307 -15.39 47.94 0.78
N PHE D 308 -16.49 47.22 0.46
CA PHE D 308 -16.52 46.12 -0.52
C PHE D 308 -16.01 46.65 -1.86
N SER D 309 -16.49 47.83 -2.27
CA SER D 309 -16.14 48.52 -3.51
C SER D 309 -14.70 49.04 -3.53
N LEU D 310 -14.12 49.31 -2.34
CA LEU D 310 -12.75 49.81 -2.18
C LEU D 310 -11.75 48.67 -1.98
N VAL D 311 -12.22 47.46 -1.59
CA VAL D 311 -11.32 46.34 -1.32
C VAL D 311 -11.56 45.15 -2.26
N VAL D 312 -12.70 44.43 -2.12
CA VAL D 312 -12.96 43.23 -2.92
C VAL D 312 -13.37 43.56 -4.38
N GLU D 313 -14.28 44.53 -4.63
CA GLU D 313 -14.63 44.89 -6.01
C GLU D 313 -13.40 45.54 -6.71
N ASN D 314 -12.54 46.29 -5.95
CA ASN D 314 -11.31 46.93 -6.42
C ASN D 314 -10.31 45.88 -6.91
N ALA D 315 -10.19 44.76 -6.16
CA ALA D 315 -9.31 43.64 -6.51
C ALA D 315 -9.83 42.91 -7.74
N TRP D 316 -11.17 42.71 -7.85
CA TRP D 316 -11.77 42.02 -9.00
C TRP D 316 -11.59 42.78 -10.30
N GLU D 317 -11.74 44.11 -10.26
CA GLU D 317 -11.57 44.91 -11.46
C GLU D 317 -10.10 45.04 -11.83
N LYS D 318 -9.20 45.18 -10.83
CA LYS D 318 -7.76 45.28 -11.03
C LYS D 318 -7.16 44.02 -11.65
N SER D 319 -7.68 42.82 -11.29
CA SER D 319 -7.18 41.55 -11.84
C SER D 319 -7.55 41.34 -13.34
N ARG D 320 -7.85 42.46 -14.04
CA ARG D 320 -8.19 42.56 -15.46
C ARG D 320 -7.92 43.99 -16.01
N SER D 321 -7.37 44.15 -17.26
CA SER D 321 -6.95 43.08 -18.18
C SER D 321 -5.50 42.63 -17.91
N ASN D 322 -4.67 43.54 -17.33
CA ASN D 322 -3.26 43.42 -16.89
C ASN D 322 -2.21 43.13 -18.01
N SER D 323 -1.02 43.78 -17.88
CA SER D 323 0.15 43.67 -18.76
C SER D 323 1.42 44.01 -17.92
N LEU D 324 2.45 43.12 -17.83
CA LEU D 324 2.65 41.83 -18.51
C LEU D 324 1.67 40.69 -18.11
N SER D 325 0.93 40.85 -16.97
CA SER D 325 -0.09 39.94 -16.42
C SER D 325 0.43 38.57 -15.97
N ARG D 326 0.36 38.31 -14.65
CA ARG D 326 0.73 37.01 -14.08
C ARG D 326 -0.43 36.05 -14.35
N SER D 327 -1.44 36.00 -13.47
CA SER D 327 -2.63 35.18 -13.69
C SER D 327 -3.83 35.88 -13.09
N THR D 328 -5.00 35.78 -13.77
CA THR D 328 -6.28 36.40 -13.38
C THR D 328 -6.65 36.18 -11.91
N GLU D 329 -6.14 35.07 -11.32
CA GLU D 329 -6.32 34.65 -9.92
C GLU D 329 -5.19 35.21 -9.05
N ASP D 330 -3.93 35.18 -9.55
CA ASP D 330 -2.72 35.66 -8.86
C ASP D 330 -2.82 37.16 -8.54
N GLN D 331 -3.23 37.96 -9.56
CA GLN D 331 -3.43 39.41 -9.43
C GLN D 331 -4.50 39.65 -8.37
N PHE D 332 -5.63 38.89 -8.42
CA PHE D 332 -6.76 39.03 -7.48
C PHE D 332 -6.36 38.93 -6.03
N PHE D 333 -5.72 37.81 -5.62
CA PHE D 333 -5.35 37.59 -4.24
C PHE D 333 -4.23 38.52 -3.76
N MET D 334 -3.39 39.01 -4.69
CA MET D 334 -2.35 40.00 -4.40
C MET D 334 -3.03 41.33 -4.00
N TYR D 335 -3.99 41.80 -4.84
CA TYR D 335 -4.72 43.02 -4.61
C TYR D 335 -5.65 42.90 -3.42
N LEU D 336 -6.39 41.79 -3.29
CA LEU D 336 -7.28 41.59 -2.15
C LEU D 336 -6.51 41.71 -0.83
N ARG D 337 -5.36 41.02 -0.72
CA ARG D 337 -4.47 41.07 0.44
C ARG D 337 -4.07 42.53 0.71
N VAL D 338 -3.41 43.15 -0.28
CA VAL D 338 -2.94 44.54 -0.24
C VAL D 338 -4.01 45.51 0.23
N ASN D 339 -5.17 45.54 -0.48
CA ASN D 339 -6.32 46.40 -0.16
C ASN D 339 -6.79 46.18 1.27
N THR D 340 -6.97 44.89 1.68
CA THR D 340 -7.38 44.54 3.05
C THR D 340 -6.40 45.11 4.05
N LEU D 341 -5.07 44.85 3.86
CA LEU D 341 -3.99 45.35 4.72
C LEU D 341 -3.98 46.87 4.85
N ASN D 342 -4.08 47.56 3.71
CA ASN D 342 -4.08 49.01 3.63
C ASN D 342 -5.28 49.65 4.31
N LYS D 343 -6.36 48.91 4.52
CA LYS D 343 -7.53 49.46 5.19
C LYS D 343 -7.62 49.01 6.63
N LEU D 344 -7.32 47.72 6.91
CA LEU D 344 -7.43 47.14 8.24
C LEU D 344 -6.25 47.41 9.16
N VAL D 345 -4.99 47.33 8.65
CA VAL D 345 -3.81 47.60 9.50
C VAL D 345 -3.88 49.00 10.12
N PRO D 346 -4.16 50.06 9.32
CA PRO D 346 -4.30 51.39 9.93
C PRO D 346 -5.42 51.46 10.98
N TYR D 347 -6.60 50.87 10.68
CA TYR D 347 -7.73 50.84 11.62
C TYR D 347 -7.32 50.15 12.92
N ALA D 348 -6.70 48.96 12.83
CA ALA D 348 -6.23 48.22 13.98
C ALA D 348 -5.25 49.10 14.77
N ALA D 349 -4.24 49.70 14.08
CA ALA D 349 -3.23 50.60 14.68
C ALA D 349 -3.90 51.73 15.44
N GLN D 350 -4.92 52.40 14.80
CA GLN D 350 -5.69 53.49 15.40
C GLN D 350 -6.53 53.01 16.59
N ARG D 351 -7.24 51.87 16.44
CA ARG D 351 -8.03 51.24 17.51
C ARG D 351 -7.17 51.02 18.75
N PHE D 352 -5.94 50.46 18.58
CA PHE D 352 -4.99 50.23 19.65
C PHE D 352 -4.68 51.53 20.39
N ILE D 353 -4.30 52.61 19.66
CA ILE D 353 -3.96 53.92 20.21
C ILE D 353 -5.16 54.54 20.90
N ASP D 354 -6.34 54.45 20.27
CA ASP D 354 -7.59 55.01 20.78
C ASP D 354 -8.01 54.42 22.13
N ASN D 355 -7.91 53.09 22.28
CA ASN D 355 -8.31 52.43 23.52
C ASN D 355 -7.11 52.02 24.37
N LEU D 356 -5.93 52.63 24.11
CA LEU D 356 -4.67 52.35 24.80
C LEU D 356 -4.78 52.32 26.34
N PRO D 357 -5.50 53.24 27.07
CA PRO D 357 -5.59 53.09 28.53
C PRO D 357 -6.07 51.71 28.98
N ALA D 358 -7.24 51.25 28.46
CA ALA D 358 -7.82 49.94 28.77
C ALA D 358 -6.97 48.76 28.29
N ILE D 359 -6.36 48.84 27.07
CA ILE D 359 -5.47 47.83 26.47
C ILE D 359 -4.20 47.69 27.35
N PHE D 360 -3.67 48.84 27.85
CA PHE D 360 -2.50 48.92 28.73
C PHE D 360 -2.80 48.23 30.06
N ALA D 361 -3.94 48.58 30.66
CA ALA D 361 -4.43 47.97 31.89
C ALA D 361 -4.74 46.47 31.68
N GLY D 362 -5.07 46.10 30.44
CA GLY D 362 -5.43 44.76 30.03
C GLY D 362 -6.87 44.41 30.30
N THR D 363 -7.66 45.39 30.79
CA THR D 363 -9.07 45.29 31.21
C THR D 363 -10.05 45.30 30.04
N PHE D 364 -9.60 45.69 28.83
CA PHE D 364 -10.39 45.73 27.61
C PHE D 364 -10.96 44.34 27.32
N ASN D 365 -12.29 44.20 27.13
CA ASN D 365 -12.83 42.86 26.84
C ASN D 365 -13.59 42.85 25.49
N HIS D 366 -12.88 43.27 24.43
CA HIS D 366 -13.27 43.28 23.02
C HIS D 366 -11.99 43.26 22.20
N ALA D 367 -11.96 42.52 21.09
CA ALA D 367 -10.75 42.47 20.29
C ALA D 367 -10.61 43.75 19.48
N LEU D 368 -9.36 44.09 19.12
CA LEU D 368 -8.93 45.26 18.33
C LEU D 368 -9.73 45.49 17.01
N LEU D 369 -10.51 44.47 16.57
CA LEU D 369 -11.40 44.48 15.41
C LEU D 369 -12.84 44.17 15.89
N GLU D 370 -13.49 45.22 16.46
CA GLU D 370 -14.84 45.24 17.05
C GLU D 370 -15.98 45.51 16.10
N ASP D 371 -16.93 44.56 16.16
CA ASP D 371 -18.19 44.40 15.47
C ASP D 371 -18.78 45.66 14.77
N ALA D 372 -18.87 46.83 15.47
CA ALA D 372 -19.47 48.08 14.97
C ALA D 372 -19.00 48.51 13.55
N SER D 373 -17.68 48.71 13.38
CA SER D 373 -16.96 49.18 12.17
C SER D 373 -17.21 48.41 10.90
N GLU D 374 -17.18 49.13 9.76
CA GLU D 374 -17.31 48.57 8.40
C GLU D 374 -16.08 47.67 8.16
N CYS D 375 -14.96 48.03 8.81
CA CYS D 375 -13.70 47.30 8.79
C CYS D 375 -13.90 45.93 9.40
N SER D 376 -14.54 45.86 10.60
CA SER D 376 -14.85 44.62 11.30
C SER D 376 -15.75 43.72 10.46
N ASP D 377 -16.69 44.33 9.71
CA ASP D 377 -17.64 43.65 8.85
C ASP D 377 -16.95 42.91 7.69
N LEU D 378 -15.89 43.53 7.10
CA LEU D 378 -15.10 42.95 6.02
C LEU D 378 -14.49 41.63 6.47
N LEU D 379 -13.91 41.61 7.69
CA LEU D 379 -13.33 40.40 8.27
C LEU D 379 -14.35 39.31 8.45
N LYS D 380 -15.55 39.67 8.97
CA LYS D 380 -16.67 38.76 9.18
C LYS D 380 -17.09 38.15 7.86
N LEU D 381 -17.11 38.96 6.77
CA LEU D 381 -17.46 38.53 5.41
C LEU D 381 -16.55 37.40 4.94
N TYR D 382 -15.21 37.58 5.03
CA TYR D 382 -14.23 36.57 4.66
C TYR D 382 -14.44 35.29 5.44
N LYS D 383 -14.66 35.42 6.76
CA LYS D 383 -14.88 34.30 7.67
C LYS D 383 -16.14 33.51 7.27
N ASN D 384 -17.26 34.22 7.05
CA ASN D 384 -18.55 33.62 6.67
C ASN D 384 -18.50 32.87 5.36
N VAL D 385 -17.78 33.41 4.34
CA VAL D 385 -17.61 32.75 3.04
C VAL D 385 -16.85 31.43 3.24
N ALA D 386 -15.76 31.46 4.02
CA ALA D 386 -14.92 30.31 4.34
C ALA D 386 -15.66 29.26 5.14
N VAL D 387 -16.53 29.70 6.07
CA VAL D 387 -17.33 28.79 6.91
C VAL D 387 -18.32 28.01 6.07
N LYS D 388 -19.04 28.73 5.20
CA LYS D 388 -20.07 28.18 4.33
C LYS D 388 -19.53 27.44 3.10
N HIS D 389 -18.33 27.79 2.60
CA HIS D 389 -17.85 27.19 1.35
C HIS D 389 -16.47 26.54 1.40
N VAL D 390 -15.72 26.66 2.50
CA VAL D 390 -14.41 26.01 2.57
C VAL D 390 -14.41 24.93 3.63
N PHE D 391 -14.71 25.30 4.88
CA PHE D 391 -14.70 24.40 6.05
C PHE D 391 -15.76 23.30 6.01
N SER D 392 -16.82 23.55 5.22
CA SER D 392 -17.95 22.67 5.00
C SER D 392 -17.64 21.59 3.99
N HIS D 393 -16.52 21.71 3.26
CA HIS D 393 -16.13 20.73 2.25
C HIS D 393 -15.98 19.31 2.81
N PRO D 394 -16.61 18.30 2.16
CA PRO D 394 -16.56 16.93 2.68
C PRO D 394 -15.18 16.32 2.90
N ASP D 395 -14.21 16.63 2.04
CA ASP D 395 -12.86 16.10 2.21
C ASP D 395 -12.20 16.67 3.46
N VAL D 396 -12.45 17.96 3.74
CA VAL D 396 -11.96 18.68 4.92
C VAL D 396 -12.61 18.01 6.14
N GLU D 397 -13.96 17.95 6.14
CA GLU D 397 -14.78 17.37 7.21
C GLU D 397 -14.40 15.92 7.54
N ARG D 398 -14.09 15.11 6.49
CA ARG D 398 -13.69 13.71 6.68
C ARG D 398 -12.39 13.60 7.43
N LEU D 399 -11.39 14.42 7.06
CA LEU D 399 -10.10 14.40 7.75
C LEU D 399 -10.23 14.81 9.20
N GLU D 400 -11.19 15.68 9.50
CA GLU D 400 -11.49 16.14 10.86
C GLU D 400 -12.04 14.93 11.66
N LEU D 401 -13.01 14.18 11.06
CA LEU D 401 -13.60 12.95 11.64
C LEU D 401 -12.51 11.93 11.91
N GLN D 402 -11.55 11.82 10.97
CA GLN D 402 -10.42 10.92 11.05
C GLN D 402 -9.52 11.31 12.20
N GLY D 403 -9.19 12.59 12.27
CA GLY D 403 -8.34 13.16 13.30
C GLY D 403 -8.82 12.86 14.70
N TYR D 404 -10.14 13.01 14.88
CA TYR D 404 -10.82 12.76 16.14
C TYR D 404 -10.65 11.31 16.55
N ARG D 405 -10.85 10.35 15.61
CA ARG D 405 -10.67 8.91 15.86
C ARG D 405 -9.24 8.62 16.30
N VAL D 406 -8.25 9.14 15.56
CA VAL D 406 -6.82 9.01 15.82
C VAL D 406 -6.45 9.43 17.24
N ILE D 407 -6.79 10.68 17.63
CA ILE D 407 -6.44 11.19 18.96
C ILE D 407 -7.14 10.38 20.04
N SER D 408 -8.44 10.11 19.86
CA SER D 408 -9.23 9.32 20.81
C SER D 408 -8.62 7.94 21.01
N GLY D 409 -8.21 7.33 19.90
CA GLY D 409 -7.58 6.02 19.86
C GLY D 409 -6.27 5.97 20.63
N LEU D 410 -5.39 6.96 20.41
CA LEU D 410 -4.12 7.06 21.10
C LEU D 410 -4.34 7.16 22.60
N LEU D 411 -5.32 7.97 23.03
CA LEU D 411 -5.67 8.13 24.44
C LEU D 411 -6.08 6.80 25.05
N GLU D 412 -6.91 6.03 24.32
CA GLU D 412 -7.36 4.73 24.75
C GLU D 412 -6.21 3.74 24.77
N ILE D 413 -5.23 3.91 23.86
CA ILE D 413 -4.04 3.05 23.79
C ILE D 413 -3.23 3.16 25.07
N TYR D 414 -3.00 4.41 25.54
CA TYR D 414 -2.21 4.69 26.74
C TYR D 414 -3.01 4.62 28.03
N ARG D 415 -4.37 4.51 27.94
CA ARG D 415 -5.28 4.40 29.10
C ARG D 415 -4.70 3.56 30.25
N PRO D 416 -4.14 2.33 30.01
CA PRO D 416 -3.56 1.52 31.11
C PRO D 416 -2.54 2.20 32.03
N LEU D 417 -1.86 3.26 31.55
CA LEU D 417 -0.91 4.01 32.39
C LEU D 417 -1.68 4.77 33.48
N LEU D 418 -2.84 5.37 33.10
CA LEU D 418 -3.73 6.09 34.01
C LEU D 418 -4.53 5.13 34.89
N SER D 419 -4.59 3.85 34.49
CA SER D 419 -5.31 2.80 35.22
C SER D 419 -4.48 2.21 36.36
N LEU D 420 -3.14 2.39 36.34
CA LEU D 420 -2.24 1.90 37.39
C LEU D 420 -2.46 2.57 38.74
N SER D 421 -2.16 1.86 39.85
CA SER D 421 -2.26 2.40 41.21
C SER D 421 -1.11 3.40 41.41
N LEU D 422 -1.21 4.31 42.41
CA LEU D 422 -0.14 5.27 42.67
C LEU D 422 1.19 4.56 42.93
N SER D 423 1.19 3.53 43.80
CA SER D 423 2.39 2.75 44.13
C SER D 423 3.00 2.09 42.89
N ASP D 424 2.17 1.39 42.10
CA ASP D 424 2.59 0.70 40.90
C ASP D 424 3.12 1.66 39.86
N PHE D 425 2.46 2.82 39.67
CA PHE D 425 2.94 3.81 38.69
C PHE D 425 4.24 4.48 39.13
N THR D 426 4.40 4.77 40.43
CA THR D 426 5.63 5.37 40.92
C THR D 426 6.77 4.34 40.89
N GLU D 427 6.43 3.02 41.00
CA GLU D 427 7.37 1.91 40.89
C GLU D 427 7.87 1.87 39.44
N LEU D 428 6.94 2.10 38.49
CA LEU D 428 7.22 2.16 37.06
C LEU D 428 8.10 3.37 36.74
N VAL D 429 7.86 4.51 37.43
CA VAL D 429 8.64 5.74 37.25
C VAL D 429 10.06 5.52 37.76
N GLU D 430 10.19 4.85 38.93
CA GLU D 430 11.46 4.53 39.58
C GLU D 430 12.27 3.51 38.76
N LYS D 431 11.94 2.21 38.88
CA LYS D 431 12.61 1.16 38.09
C LYS D 431 11.93 1.12 36.72
N GLU D 432 12.48 1.91 35.76
CA GLU D 432 11.97 2.11 34.38
C GLU D 432 11.17 0.92 33.79
N ARG D 433 11.72 -0.33 33.84
CA ARG D 433 11.04 -1.54 33.38
C ARG D 433 10.61 -2.42 34.57
N VAL D 434 9.27 -2.55 34.79
CA VAL D 434 8.67 -3.40 35.83
C VAL D 434 8.29 -4.74 35.21
N LYS D 435 8.65 -5.83 35.88
CA LYS D 435 8.44 -7.17 35.37
C LYS D 435 6.97 -7.58 35.25
N ARG D 436 6.15 -7.30 36.26
CA ARG D 436 4.73 -7.67 36.24
C ARG D 436 3.87 -6.74 35.34
N PHE D 437 4.45 -5.68 34.77
CA PHE D 437 3.72 -4.75 33.89
C PHE D 437 4.47 -4.57 32.58
N PRO D 438 4.45 -5.57 31.66
CA PRO D 438 5.21 -5.43 30.41
C PRO D 438 4.68 -4.33 29.50
N ILE D 439 3.37 -4.36 29.25
CA ILE D 439 2.63 -3.43 28.38
C ILE D 439 2.79 -2.00 28.89
N GLU D 440 2.51 -1.80 30.19
CA GLU D 440 2.58 -0.52 30.87
C GLU D 440 4.00 0.03 30.83
N SER D 441 4.99 -0.84 31.03
CA SER D 441 6.41 -0.51 30.97
C SER D 441 6.74 0.07 29.61
N ARG D 442 6.52 -0.73 28.56
CA ARG D 442 6.77 -0.38 27.16
C ARG D 442 6.06 0.93 26.73
N LEU D 443 4.78 1.09 27.14
CA LEU D 443 3.99 2.29 26.84
C LEU D 443 4.60 3.50 27.52
N PHE D 444 5.06 3.36 28.78
CA PHE D 444 5.68 4.43 29.55
C PHE D 444 6.93 4.95 28.82
N HIS D 445 7.71 4.06 28.17
CA HIS D 445 8.92 4.39 27.42
C HIS D 445 8.63 5.19 26.16
N LYS D 446 7.44 4.96 25.58
CA LYS D 446 6.97 5.65 24.37
C LYS D 446 6.88 7.16 24.60
N LEU D 447 6.55 7.56 25.85
CA LEU D 447 6.40 8.96 26.26
C LEU D 447 7.74 9.68 26.19
N SER D 448 7.75 10.87 25.58
CA SER D 448 8.95 11.70 25.42
C SER D 448 9.60 12.02 26.75
N THR D 449 10.92 11.86 26.83
CA THR D 449 11.71 12.09 28.04
C THR D 449 11.44 13.46 28.63
N ARG D 450 11.28 14.50 27.77
CA ARG D 450 10.95 15.87 28.18
C ARG D 450 9.69 15.88 29.04
N HIS D 451 8.61 15.23 28.54
CA HIS D 451 7.29 15.11 29.19
C HIS D 451 7.35 14.33 30.48
N ARG D 452 8.19 13.28 30.52
CA ARG D 452 8.37 12.42 31.68
C ARG D 452 9.11 13.13 32.78
N LEU D 453 10.17 13.91 32.43
CA LEU D 453 10.96 14.68 33.40
C LEU D 453 10.09 15.71 34.09
N ALA D 454 9.19 16.35 33.33
CA ALA D 454 8.23 17.33 33.78
C ALA D 454 7.36 16.72 34.87
N TYR D 455 6.88 15.46 34.68
CA TYR D 455 6.07 14.72 35.67
C TYR D 455 6.90 14.52 36.92
N VAL D 456 8.11 13.95 36.76
CA VAL D 456 9.04 13.67 37.85
C VAL D 456 9.32 14.94 38.69
N GLU D 457 9.73 16.02 38.01
CA GLU D 457 10.03 17.33 38.59
C GLU D 457 8.85 17.85 39.39
N ALA D 458 7.63 17.78 38.83
CA ALA D 458 6.43 18.29 39.48
C ALA D 458 6.04 17.51 40.71
N VAL D 459 6.01 16.18 40.58
CA VAL D 459 5.62 15.26 41.65
C VAL D 459 6.67 15.24 42.77
N SER D 460 7.97 15.42 42.42
CA SER D 460 9.06 15.48 43.39
C SER D 460 8.85 16.63 44.40
N LYS D 461 8.40 17.78 43.91
CA LYS D 461 8.14 19.00 44.67
C LYS D 461 6.93 18.88 45.63
N LEU D 462 6.07 17.85 45.45
CA LEU D 462 4.90 17.64 46.32
C LEU D 462 5.26 17.03 47.68
N PRO D 463 4.58 17.45 48.79
CA PRO D 463 4.82 16.78 50.09
C PRO D 463 4.11 15.43 50.14
N SER D 464 4.89 14.33 50.16
CA SER D 464 4.38 12.95 50.13
C SER D 464 3.36 12.62 51.23
N ASP D 465 3.59 13.13 52.45
CA ASP D 465 2.76 12.96 53.65
C ASP D 465 1.31 13.48 53.48
N SER D 466 1.14 14.58 52.72
CA SER D 466 -0.11 15.29 52.45
C SER D 466 -1.23 14.41 51.87
N PRO D 467 -2.50 14.62 52.30
CA PRO D 467 -3.61 13.85 51.70
C PRO D 467 -3.94 14.34 50.28
N GLU D 468 -3.36 15.50 49.89
CA GLU D 468 -3.47 16.12 48.57
C GLU D 468 -2.65 15.34 47.55
N PHE D 469 -1.49 14.79 48.00
CA PHE D 469 -0.50 14.07 47.19
C PHE D 469 -1.09 13.08 46.13
N PRO D 470 -1.97 12.09 46.48
CA PRO D 470 -2.48 11.17 45.45
C PRO D 470 -3.27 11.83 44.32
N LEU D 471 -3.98 12.92 44.68
CA LEU D 471 -4.79 13.73 43.78
C LEU D 471 -3.88 14.52 42.87
N TRP D 472 -2.84 15.15 43.44
CA TRP D 472 -1.88 15.92 42.66
C TRP D 472 -1.11 15.06 41.69
N GLU D 473 -0.70 13.85 42.13
CA GLU D 473 0.03 12.87 41.33
C GLU D 473 -0.81 12.49 40.13
N TYR D 474 -2.09 12.12 40.34
CA TYR D 474 -2.97 11.75 39.24
C TYR D 474 -3.17 12.90 38.26
N TYR D 475 -3.26 14.14 38.77
CA TYR D 475 -3.39 15.33 37.93
C TYR D 475 -2.17 15.42 37.01
N TYR D 476 -0.96 15.33 37.60
CA TYR D 476 0.30 15.39 36.86
C TYR D 476 0.54 14.19 35.93
N ARG D 477 -0.07 13.04 36.25
CA ARG D 477 0.02 11.83 35.44
C ARG D 477 -0.80 12.03 34.18
N CYS D 478 -2.01 12.61 34.33
CA CYS D 478 -2.91 12.93 33.22
C CYS D 478 -2.31 14.03 32.39
N ARG D 479 -1.67 15.03 33.05
CA ARG D 479 -1.01 16.14 32.37
C ARG D 479 0.07 15.57 31.47
N LEU D 480 0.94 14.67 32.01
CA LEU D 480 2.01 13.97 31.30
C LEU D 480 1.49 13.36 29.97
N LEU D 481 0.35 12.66 30.04
CA LEU D 481 -0.28 12.03 28.88
C LEU D 481 -0.76 13.03 27.85
N GLN D 482 -1.51 14.08 28.28
CA GLN D 482 -2.00 15.16 27.42
C GLN D 482 -0.83 15.85 26.74
N ASP D 483 0.28 16.08 27.48
CA ASP D 483 1.51 16.69 26.99
C ASP D 483 2.10 15.89 25.84
N TYR D 484 2.13 14.54 25.96
CA TYR D 484 2.66 13.66 24.93
C TYR D 484 1.88 13.79 23.62
N ILE D 485 0.53 13.57 23.71
CA ILE D 485 -0.48 13.61 22.66
C ILE D 485 -0.50 14.96 21.96
N SER D 486 -0.73 16.06 22.69
CA SER D 486 -0.77 17.41 22.13
C SER D 486 0.55 17.80 21.46
N GLY D 487 1.64 17.24 21.96
CA GLY D 487 3.01 17.45 21.47
C GLY D 487 3.24 16.95 20.06
N MET D 488 2.53 15.87 19.66
CA MET D 488 2.64 15.24 18.33
C MET D 488 2.14 16.13 17.21
N THR D 489 2.64 15.86 16.00
CA THR D 489 2.19 16.53 14.78
C THR D 489 0.99 15.75 14.29
N ASP D 490 0.26 16.31 13.32
CA ASP D 490 -0.87 15.62 12.71
C ASP D 490 -0.41 14.23 12.24
N LEU D 491 0.73 14.23 11.55
CA LEU D 491 1.34 13.08 10.95
C LEU D 491 1.84 12.03 11.93
N TYR D 492 2.59 12.42 12.96
CA TYR D 492 3.11 11.47 13.96
C TYR D 492 1.97 10.77 14.68
N ALA D 493 0.93 11.52 15.06
CA ALA D 493 -0.23 10.99 15.76
C ALA D 493 -0.92 9.95 14.89
N TRP D 494 -1.08 10.26 13.61
CA TRP D 494 -1.72 9.38 12.64
C TRP D 494 -0.94 8.09 12.48
N ASP D 495 0.40 8.19 12.38
CA ASP D 495 1.29 7.04 12.23
C ASP D 495 1.31 6.19 13.47
N GLU D 496 1.54 6.82 14.65
CA GLU D 496 1.60 6.18 15.96
C GLU D 496 0.36 5.33 16.21
N TYR D 497 -0.82 5.89 15.88
CA TYR D 497 -2.10 5.22 16.03
C TYR D 497 -2.16 3.95 15.19
N ARG D 498 -1.68 4.03 13.95
CA ARG D 498 -1.67 2.89 13.02
C ARG D 498 -0.66 1.82 13.39
N ARG D 499 0.56 2.24 13.80
CA ARG D 499 1.63 1.35 14.25
C ARG D 499 1.17 0.58 15.50
N LEU D 500 0.57 1.31 16.48
CA LEU D 500 0.09 0.70 17.73
C LEU D 500 -1.20 -0.07 17.59
N MET D 501 -1.85 -0.04 16.43
CA MET D 501 -3.06 -0.83 16.21
C MET D 501 -2.72 -2.11 15.45
N ALA D 502 -1.45 -2.21 14.96
CA ALA D 502 -0.87 -3.29 14.14
C ALA D 502 -1.62 -3.38 12.80
N VAL D 503 -1.90 -2.20 12.22
CA VAL D 503 -2.64 -2.05 10.96
C VAL D 503 -1.78 -1.44 9.84
N GLU D 504 -0.42 -1.43 9.99
CA GLU D 504 0.58 -0.93 9.01
C GLU D 504 1.53 0.16 9.60
N GLN D 505 1.66 1.27 8.81
CA GLN D 505 2.51 2.46 8.88
C GLN D 505 1.71 3.68 9.39
N ALA E 2 22.00 -52.44 36.36
CA ALA E 2 22.21 -52.06 37.77
C ALA E 2 22.63 -50.59 37.93
N GLN E 3 21.76 -49.83 38.62
CA GLN E 3 21.83 -48.38 38.91
C GLN E 3 21.81 -47.57 37.61
N ILE E 4 22.95 -46.93 37.21
CA ILE E 4 22.97 -46.16 35.96
C ILE E 4 23.05 -47.15 34.80
N ASP E 5 21.89 -47.39 34.17
CA ASP E 5 21.75 -48.26 33.01
C ASP E 5 20.93 -47.52 31.96
N PHE E 6 21.62 -46.90 31.00
CA PHE E 6 21.00 -46.12 29.93
C PHE E 6 20.14 -46.94 29.00
N ARG E 7 20.29 -48.27 29.04
CA ARG E 7 19.46 -49.15 28.26
C ARG E 7 18.00 -49.01 28.79
N LYS E 8 17.84 -48.80 30.13
CA LYS E 8 16.57 -48.60 30.83
C LYS E 8 15.94 -47.19 30.57
N LYS E 9 16.69 -46.24 29.98
CA LYS E 9 16.20 -44.88 29.71
C LYS E 9 16.05 -44.56 28.23
N ILE E 10 17.02 -45.01 27.39
CA ILE E 10 16.97 -44.79 25.93
C ILE E 10 16.03 -45.85 25.34
N ASN E 11 14.73 -45.49 25.34
CA ASN E 11 13.64 -46.35 24.91
C ASN E 11 13.26 -46.13 23.47
N TRP E 12 13.52 -47.15 22.62
CA TRP E 12 13.21 -47.12 21.19
C TRP E 12 11.76 -47.50 20.83
N HIS E 13 10.95 -47.84 21.82
CA HIS E 13 9.58 -48.23 21.57
C HIS E 13 8.72 -47.01 21.31
N ARG E 14 7.57 -47.24 20.66
CA ARG E 14 6.64 -46.15 20.30
C ARG E 14 5.27 -46.33 20.96
N ARG E 15 4.43 -45.26 20.95
CA ARG E 15 3.08 -45.39 21.52
C ARG E 15 2.21 -46.20 20.59
N TYR E 16 2.24 -45.85 19.32
CA TYR E 16 1.43 -46.49 18.31
C TYR E 16 2.34 -47.32 17.41
N ARG E 17 1.83 -48.46 16.85
CA ARG E 17 2.53 -49.43 15.96
C ARG E 17 4.03 -49.66 16.32
N SER E 18 4.33 -49.86 17.61
CA SER E 18 5.70 -49.94 18.16
C SER E 18 6.59 -51.06 17.61
N PRO E 19 7.90 -50.76 17.37
CA PRO E 19 8.83 -51.83 16.98
C PRO E 19 8.96 -52.77 18.16
N GLN E 20 8.97 -54.10 17.93
CA GLN E 20 9.02 -55.03 19.04
C GLN E 20 10.02 -56.19 18.90
N GLY E 21 10.67 -56.53 20.03
CA GLY E 21 11.59 -57.65 20.23
C GLY E 21 13.00 -57.60 19.68
N VAL E 22 13.95 -57.96 20.53
CA VAL E 22 15.38 -58.08 20.25
C VAL E 22 16.03 -56.81 19.60
N LYS E 23 16.15 -56.76 18.23
CA LYS E 23 16.77 -55.65 17.47
C LYS E 23 18.32 -55.56 17.65
N THR E 24 19.01 -55.36 16.52
CA THR E 24 20.45 -55.19 16.36
C THR E 24 20.83 -53.78 16.79
N GLU E 25 22.12 -53.54 17.15
CA GLU E 25 22.62 -52.19 17.47
C GLU E 25 22.24 -51.27 16.29
N HIS E 26 22.40 -51.80 15.04
CA HIS E 26 22.07 -51.09 13.80
C HIS E 26 20.58 -50.86 13.71
N GLU E 27 19.81 -51.92 13.97
CA GLU E 27 18.35 -51.82 13.94
C GLU E 27 17.79 -50.72 14.84
N ILE E 28 18.33 -50.62 16.08
CA ILE E 28 17.97 -49.60 17.05
C ILE E 28 18.39 -48.22 16.54
N LEU E 29 19.58 -48.12 15.92
CA LEU E 29 20.06 -46.86 15.34
C LEU E 29 19.03 -46.34 14.35
N ARG E 30 18.63 -47.20 13.41
CA ARG E 30 17.65 -46.93 12.37
C ARG E 30 16.33 -46.37 12.94
N ILE E 31 15.87 -46.90 14.12
CA ILE E 31 14.64 -46.47 14.83
C ILE E 31 14.76 -45.00 15.20
N PHE E 32 15.91 -44.64 15.79
CA PHE E 32 16.16 -43.27 16.22
C PHE E 32 16.43 -42.30 15.06
N GLU E 33 16.96 -42.86 13.95
CA GLU E 33 17.22 -42.13 12.72
C GLU E 33 15.88 -41.83 12.08
N SER E 34 14.89 -42.76 12.20
CA SER E 34 13.54 -42.53 11.69
C SER E 34 12.93 -41.29 12.35
N ASP E 35 13.16 -41.13 13.67
CA ASP E 35 12.68 -39.97 14.42
C ASP E 35 13.25 -38.69 13.80
N ARG E 36 14.56 -38.66 13.46
CA ARG E 36 15.22 -37.50 12.84
C ARG E 36 14.49 -37.06 11.62
N GLY E 37 14.20 -38.02 10.74
CA GLY E 37 13.48 -37.80 9.49
C GLY E 37 12.09 -37.24 9.70
N ARG E 38 11.36 -37.79 10.69
CA ARG E 38 10.02 -37.34 11.05
C ARG E 38 10.07 -35.88 11.49
N ILE E 39 10.96 -35.56 12.42
CA ILE E 39 11.14 -34.23 13.00
C ILE E 39 11.60 -33.19 11.92
N ILE E 40 12.65 -33.51 11.15
CA ILE E 40 13.19 -32.63 10.11
C ILE E 40 12.14 -32.33 9.01
N ASN E 41 11.40 -33.35 8.58
CA ASN E 41 10.40 -33.13 7.57
C ASN E 41 9.08 -32.62 8.15
N SER E 42 9.00 -32.40 9.48
CA SER E 42 7.77 -31.91 10.11
C SER E 42 7.47 -30.47 9.77
N PRO E 43 6.21 -30.18 9.36
CA PRO E 43 5.85 -28.79 9.06
C PRO E 43 5.90 -27.90 10.30
N ALA E 44 5.77 -28.51 11.48
CA ALA E 44 5.85 -27.84 12.78
C ALA E 44 7.25 -27.20 12.95
N ILE E 45 8.31 -27.88 12.42
CA ILE E 45 9.68 -27.38 12.42
C ILE E 45 9.83 -26.35 11.31
N ARG E 46 9.32 -26.63 10.09
CA ARG E 46 9.40 -25.67 8.97
C ARG E 46 8.82 -24.29 9.39
N ARG E 47 7.63 -24.30 10.05
CA ARG E 47 6.92 -23.13 10.56
C ARG E 47 7.85 -22.23 11.39
N LEU E 48 8.95 -22.79 11.94
CA LEU E 48 9.88 -22.02 12.76
C LEU E 48 10.63 -20.94 12.00
N GLN E 49 10.82 -21.09 10.67
CA GLN E 49 11.55 -20.07 9.90
C GLN E 49 10.74 -18.74 9.76
N GLN E 50 9.52 -18.74 10.27
CA GLN E 50 8.59 -17.60 10.26
C GLN E 50 8.12 -17.24 11.70
N LYS E 51 8.67 -17.93 12.71
CA LYS E 51 8.37 -17.61 14.11
C LYS E 51 9.56 -16.75 14.62
N THR E 52 9.33 -15.86 15.58
CA THR E 52 10.34 -14.90 16.00
C THR E 52 11.29 -15.32 17.11
N GLN E 53 12.51 -14.78 17.03
CA GLN E 53 13.58 -14.95 18.00
C GLN E 53 14.19 -13.56 18.15
N VAL E 54 14.01 -12.94 19.36
CA VAL E 54 14.44 -11.60 19.82
C VAL E 54 13.83 -10.47 18.93
N PHE E 55 14.15 -10.36 17.62
CA PHE E 55 13.63 -9.32 16.72
C PHE E 55 12.35 -9.77 15.98
N PRO E 56 11.13 -9.26 16.35
CA PRO E 56 9.89 -9.71 15.66
C PRO E 56 9.78 -9.29 14.19
N LEU E 57 8.97 -10.09 13.40
CA LEU E 57 8.66 -9.92 11.97
C LEU E 57 9.87 -9.30 11.17
N GLU E 58 11.10 -9.75 11.47
CA GLU E 58 12.34 -9.23 10.90
C GLU E 58 12.47 -9.53 9.39
N ARG E 59 12.78 -8.49 8.56
CA ARG E 59 12.92 -8.57 7.08
C ARG E 59 14.37 -8.86 6.60
N ASN E 60 15.36 -8.95 7.55
CA ASN E 60 16.78 -9.25 7.27
C ASN E 60 17.05 -10.73 7.57
N ALA E 61 17.43 -11.50 6.53
CA ALA E 61 17.70 -12.93 6.64
C ALA E 61 18.89 -13.23 7.53
N ALA E 62 19.82 -12.25 7.64
CA ALA E 62 21.04 -12.29 8.47
C ALA E 62 20.75 -12.39 9.99
N VAL E 63 19.51 -12.04 10.38
CA VAL E 63 19.01 -12.13 11.75
C VAL E 63 18.37 -13.52 11.94
N ARG E 64 18.62 -14.11 13.10
CA ARG E 64 18.10 -15.43 13.42
C ARG E 64 16.58 -15.43 13.64
N THR E 65 15.98 -16.54 13.19
CA THR E 65 14.58 -16.91 13.37
C THR E 65 14.60 -18.07 14.37
N ARG E 66 13.43 -18.56 14.80
CA ARG E 66 13.41 -19.65 15.74
C ARG E 66 14.11 -20.87 15.18
N LEU E 67 14.00 -21.10 13.84
CA LEU E 67 14.64 -22.24 13.15
C LEU E 67 16.15 -22.15 13.10
N THR E 68 16.70 -21.00 12.66
CA THR E 68 18.14 -20.83 12.61
C THR E 68 18.74 -20.88 14.01
N HIS E 69 18.07 -20.29 15.01
CA HIS E 69 18.56 -20.41 16.38
C HIS E 69 18.49 -21.87 16.83
N SER E 70 17.33 -22.54 16.68
CA SER E 70 17.15 -23.93 17.09
C SER E 70 18.23 -24.81 16.47
N MET E 71 18.62 -24.54 15.22
CA MET E 71 19.66 -25.23 14.49
C MET E 71 21.01 -25.07 15.19
N GLU E 72 21.26 -23.84 15.71
CA GLU E 72 22.50 -23.50 16.42
C GLU E 72 22.55 -24.23 17.77
N VAL E 73 21.39 -24.31 18.50
CA VAL E 73 21.25 -25.03 19.79
C VAL E 73 21.65 -26.48 19.56
N GLN E 74 21.14 -27.07 18.47
CA GLN E 74 21.38 -28.44 18.03
C GLN E 74 22.88 -28.72 17.94
N GLN E 75 23.68 -27.76 17.44
CA GLN E 75 25.14 -27.95 17.36
C GLN E 75 25.79 -27.91 18.74
N VAL E 76 25.33 -27.02 19.64
CA VAL E 76 25.88 -26.92 21.01
C VAL E 76 25.57 -28.23 21.75
N GLY E 77 24.35 -28.73 21.56
CA GLY E 77 23.86 -29.98 22.13
C GLY E 77 24.69 -31.16 21.68
N ARG E 78 25.04 -31.17 20.37
CA ARG E 78 25.89 -32.19 19.75
C ARG E 78 27.25 -32.19 20.47
N TYR E 79 27.93 -31.02 20.55
CA TYR E 79 29.21 -30.83 21.21
C TYR E 79 29.17 -31.28 22.69
N ILE E 80 28.10 -30.93 23.45
CA ILE E 80 27.95 -31.34 24.86
C ILE E 80 27.80 -32.86 24.95
N ALA E 81 26.88 -33.44 24.14
CA ALA E 81 26.61 -34.87 24.07
C ALA E 81 27.93 -35.63 23.75
N LYS E 82 28.64 -35.16 22.71
CA LYS E 82 29.90 -35.71 22.22
C LYS E 82 30.93 -35.69 23.33
N GLU E 83 31.02 -34.58 24.10
CA GLU E 83 31.96 -34.46 25.22
C GLU E 83 31.60 -35.35 26.40
N ILE E 84 30.30 -35.49 26.75
CA ILE E 84 29.86 -36.38 27.82
C ILE E 84 30.34 -37.81 27.52
N LEU E 85 30.01 -38.28 26.29
CA LEU E 85 30.39 -39.63 25.84
C LEU E 85 31.93 -39.85 25.81
N SER E 86 32.69 -38.85 25.31
CA SER E 86 34.15 -38.92 25.22
C SER E 86 34.75 -39.13 26.59
N ARG E 87 34.26 -38.36 27.57
CA ARG E 87 34.77 -38.42 28.94
C ARG E 87 34.39 -39.74 29.61
N LEU E 88 33.13 -40.20 29.39
CA LEU E 88 32.66 -41.48 29.92
C LEU E 88 33.51 -42.64 29.37
N LYS E 89 33.93 -42.51 28.07
CA LYS E 89 34.81 -43.45 27.40
C LYS E 89 36.20 -43.39 28.07
N GLU E 90 36.71 -42.19 28.42
CA GLU E 90 38.00 -42.07 29.11
C GLU E 90 37.94 -42.85 30.41
N LEU E 91 36.92 -42.55 31.21
CA LEU E 91 36.65 -43.09 32.53
C LEU E 91 36.35 -44.58 32.52
N LYS E 92 36.13 -45.15 31.33
CA LYS E 92 35.80 -46.56 31.08
C LYS E 92 34.33 -46.94 31.50
N LEU E 93 33.59 -45.94 31.97
CA LEU E 93 32.21 -46.05 32.43
C LEU E 93 31.14 -46.25 31.35
N LEU E 94 31.54 -46.14 30.05
CA LEU E 94 30.60 -46.25 28.92
C LEU E 94 29.89 -47.58 28.89
N GLU E 95 30.67 -48.67 28.91
CA GLU E 95 30.13 -50.03 28.93
C GLU E 95 29.31 -50.23 30.21
N ALA E 96 29.85 -49.74 31.35
CA ALA E 96 29.28 -49.82 32.68
C ALA E 96 27.91 -49.16 32.79
N TYR E 97 27.67 -48.09 32.04
CA TYR E 97 26.39 -47.39 32.08
C TYR E 97 25.40 -47.77 30.95
N GLY E 98 25.65 -48.89 30.26
CA GLY E 98 24.82 -49.37 29.16
C GLY E 98 24.80 -48.51 27.90
N LEU E 99 25.69 -47.52 27.84
CA LEU E 99 25.79 -46.60 26.74
C LEU E 99 26.63 -47.11 25.59
N ASP E 100 27.49 -48.11 25.81
CA ASP E 100 28.39 -48.64 24.78
C ASP E 100 27.72 -48.96 23.44
N GLU E 101 26.44 -49.36 23.46
CA GLU E 101 25.70 -49.70 22.24
C GLU E 101 24.69 -48.58 21.83
N LEU E 102 24.51 -47.57 22.69
CA LEU E 102 23.58 -46.48 22.47
C LEU E 102 24.24 -45.10 22.29
N THR E 103 25.46 -45.07 21.73
CA THR E 103 26.21 -43.85 21.53
C THR E 103 25.51 -42.86 20.58
N GLY E 104 25.09 -43.41 19.44
CA GLY E 104 24.37 -42.68 18.40
C GLY E 104 23.04 -42.17 18.89
N PRO E 105 22.13 -43.05 19.43
CA PRO E 105 20.85 -42.57 19.96
C PRO E 105 21.02 -41.47 21.00
N PHE E 106 22.00 -41.62 21.92
CA PHE E 106 22.27 -40.63 22.95
C PHE E 106 22.46 -39.25 22.32
N GLU E 107 23.39 -39.15 21.35
CA GLU E 107 23.70 -37.94 20.59
C GLU E 107 22.46 -37.45 19.83
N SER E 108 21.88 -38.31 18.94
CA SER E 108 20.68 -37.98 18.16
C SER E 108 19.53 -37.45 19.01
N ILE E 109 19.15 -38.13 20.13
CA ILE E 109 18.07 -37.69 21.02
C ILE E 109 18.30 -36.25 21.48
N VAL E 110 19.55 -35.92 21.89
CA VAL E 110 19.94 -34.58 22.32
C VAL E 110 19.74 -33.60 21.15
N GLU E 111 20.36 -33.87 20.00
CA GLU E 111 20.27 -33.05 18.79
C GLU E 111 18.80 -32.79 18.40
N MET E 112 17.97 -33.83 18.38
CA MET E 112 16.58 -33.67 17.98
C MET E 112 15.76 -32.90 18.98
N SER E 113 15.87 -33.21 20.29
CA SER E 113 15.13 -32.45 21.29
C SER E 113 15.61 -31.01 21.36
N CYS E 114 16.81 -30.75 20.78
CA CYS E 114 17.36 -29.40 20.68
C CYS E 114 16.63 -28.62 19.61
N LEU E 115 16.47 -29.23 18.42
CA LEU E 115 15.75 -28.69 17.27
C LEU E 115 14.26 -28.45 17.59
N MET E 116 13.67 -29.37 18.40
CA MET E 116 12.26 -29.30 18.80
C MET E 116 11.99 -28.45 20.02
N HIS E 117 13.02 -27.94 20.71
CA HIS E 117 12.78 -27.20 21.96
C HIS E 117 11.76 -26.04 21.85
N ASP E 118 11.66 -25.36 20.70
CA ASP E 118 10.76 -24.21 20.57
C ASP E 118 9.49 -24.50 19.75
N ILE E 119 9.27 -25.78 19.41
CA ILE E 119 8.18 -26.23 18.52
C ILE E 119 6.80 -25.71 18.94
N GLY E 120 6.55 -25.68 20.26
CA GLY E 120 5.28 -25.29 20.85
C GLY E 120 5.08 -23.82 21.19
N ASN E 121 6.11 -22.99 20.95
CA ASN E 121 6.05 -21.57 21.26
C ASN E 121 4.97 -20.84 20.44
N PRO E 122 4.18 -19.94 21.08
CA PRO E 122 3.13 -19.25 20.34
C PRO E 122 3.67 -18.10 19.47
N PRO E 123 2.89 -17.46 18.58
CA PRO E 123 3.48 -16.31 17.86
C PRO E 123 3.85 -15.18 18.82
N PHE E 124 5.05 -14.58 18.63
CA PHE E 124 5.54 -13.31 19.21
C PHE E 124 6.54 -13.30 20.44
N GLY E 125 6.66 -14.23 21.37
CA GLY E 125 5.93 -15.43 21.68
C GLY E 125 5.72 -15.38 23.17
N HIS E 126 6.66 -14.75 23.99
CA HIS E 126 6.38 -14.56 25.42
C HIS E 126 5.18 -13.61 25.54
N PHE E 127 5.00 -12.78 24.51
CA PHE E 127 3.87 -11.89 24.41
C PHE E 127 2.64 -12.66 23.94
N GLY E 128 2.82 -13.77 23.23
CA GLY E 128 1.71 -14.62 22.83
C GLY E 128 1.17 -15.32 24.05
N GLU E 129 2.10 -15.87 24.89
CA GLU E 129 1.83 -16.57 26.16
C GLU E 129 1.07 -15.58 26.98
N ALA E 130 1.62 -14.35 27.10
CA ALA E 130 1.03 -13.23 27.84
C ALA E 130 -0.40 -12.98 27.40
N ALA E 131 -0.61 -12.69 26.10
CA ALA E 131 -1.92 -12.41 25.54
C ALA E 131 -2.91 -13.55 25.77
N ILE E 132 -2.48 -14.83 25.52
CA ILE E 132 -3.31 -16.02 25.71
C ILE E 132 -3.76 -16.16 27.17
N ASN E 133 -2.81 -16.15 28.13
CA ASN E 133 -3.12 -16.28 29.57
C ASN E 133 -3.91 -15.12 30.13
N ASP E 134 -3.59 -13.90 29.71
CA ASP E 134 -4.28 -12.70 30.19
C ASP E 134 -5.73 -12.69 29.70
N TRP E 135 -5.92 -13.09 28.43
CA TRP E 135 -7.24 -13.21 27.83
C TRP E 135 -8.09 -14.25 28.58
N PHE E 136 -7.50 -15.41 28.92
CA PHE E 136 -8.22 -16.48 29.59
C PHE E 136 -8.46 -16.18 31.06
N ARG E 137 -7.51 -15.50 31.72
CA ARG E 137 -7.63 -15.13 33.12
C ARG E 137 -8.85 -14.23 33.37
N GLN E 138 -9.11 -13.26 32.47
CA GLN E 138 -10.21 -12.32 32.63
C GLN E 138 -11.55 -12.92 32.24
N ARG E 139 -11.53 -14.08 31.56
CA ARG E 139 -12.73 -14.83 31.20
C ARG E 139 -13.11 -15.75 32.38
N LEU E 140 -12.22 -16.68 32.73
CA LEU E 140 -12.41 -17.65 33.82
C LEU E 140 -11.37 -17.43 34.91
N HIS E 141 -11.62 -16.49 35.84
CA HIS E 141 -10.69 -16.12 36.92
C HIS E 141 -10.26 -17.33 37.78
N PRO E 142 -9.01 -17.83 37.62
CA PRO E 142 -8.59 -19.00 38.44
C PRO E 142 -8.28 -18.60 39.89
N GLU E 143 -8.23 -17.26 40.10
CA GLU E 143 -7.96 -16.52 41.33
C GLU E 143 -8.92 -16.93 42.42
N ASP E 144 -10.19 -17.02 42.04
CA ASP E 144 -11.32 -17.29 42.91
C ASP E 144 -11.56 -18.77 43.19
N ALA E 145 -11.05 -19.65 42.30
CA ALA E 145 -11.17 -21.10 42.44
C ALA E 145 -10.22 -21.70 43.51
N GLU E 146 -9.11 -20.99 43.79
CA GLU E 146 -8.05 -21.38 44.72
C GLU E 146 -8.63 -21.76 46.03
N SER E 147 -9.31 -20.80 46.69
CA SER E 147 -9.96 -20.93 47.99
C SER E 147 -11.25 -21.77 47.99
N GLN E 148 -11.80 -22.01 49.19
CA GLN E 148 -13.04 -22.75 49.40
C GLN E 148 -14.18 -22.00 48.69
N PRO E 149 -15.09 -22.68 47.93
CA PRO E 149 -16.19 -21.97 47.24
C PRO E 149 -17.20 -21.24 48.17
N LEU E 150 -17.49 -19.90 48.01
CA LEU E 150 -17.12 -18.87 47.02
C LEU E 150 -17.95 -18.99 45.72
N THR E 151 -19.13 -18.29 45.56
CA THR E 151 -19.97 -17.36 46.36
C THR E 151 -20.21 -16.09 45.53
N ASP E 152 -19.25 -15.76 44.63
CA ASP E 152 -19.26 -14.61 43.72
C ASP E 152 -18.02 -14.63 42.82
N ASP E 153 -17.54 -15.83 42.44
CA ASP E 153 -16.34 -15.90 41.59
C ASP E 153 -16.62 -15.29 40.22
N ARG E 154 -15.72 -14.38 39.81
CA ARG E 154 -15.75 -13.60 38.57
C ARG E 154 -15.67 -14.45 37.25
N CYS E 155 -15.77 -15.80 37.35
CA CYS E 155 -15.73 -16.70 36.20
C CYS E 155 -17.00 -16.58 35.40
N SER E 156 -16.88 -16.13 34.14
CA SER E 156 -17.99 -15.94 33.21
C SER E 156 -18.65 -17.28 32.86
N VAL E 157 -17.83 -18.34 32.75
CA VAL E 157 -18.25 -19.70 32.40
C VAL E 157 -19.10 -20.24 33.52
N ALA E 158 -20.40 -20.36 33.25
CA ALA E 158 -21.40 -20.82 34.21
C ALA E 158 -21.10 -22.21 34.74
N ALA E 159 -20.68 -23.12 33.86
CA ALA E 159 -20.35 -24.50 34.21
C ALA E 159 -19.16 -24.60 35.17
N LEU E 160 -18.00 -23.98 34.78
CA LEU E 160 -16.72 -23.96 35.49
C LEU E 160 -16.73 -23.16 36.82
N ARG E 161 -17.82 -22.41 37.08
CA ARG E 161 -18.05 -21.63 38.29
C ARG E 161 -18.14 -22.61 39.45
N LEU E 162 -17.43 -22.33 40.56
CA LEU E 162 -17.45 -23.18 41.75
C LEU E 162 -18.83 -23.20 42.40
N ARG E 163 -19.06 -24.14 43.34
CA ARG E 163 -20.34 -24.23 44.06
C ARG E 163 -20.49 -23.07 45.10
N ASP E 164 -21.54 -23.08 45.96
CA ASP E 164 -21.75 -21.98 46.91
C ASP E 164 -21.60 -22.30 48.43
N GLY E 165 -21.84 -23.54 48.91
CA GLY E 165 -22.13 -24.78 48.19
C GLY E 165 -20.85 -25.61 48.12
N GLU E 166 -20.96 -26.96 48.06
CA GLU E 166 -19.76 -27.82 48.02
C GLU E 166 -19.95 -29.17 47.30
N GLU E 167 -18.87 -29.62 46.58
CA GLU E 167 -18.78 -30.87 45.81
C GLU E 167 -17.32 -31.22 45.42
N PRO E 168 -16.98 -32.51 45.10
CA PRO E 168 -15.61 -32.81 44.67
C PRO E 168 -15.42 -32.56 43.17
N LEU E 169 -16.54 -32.32 42.44
CA LEU E 169 -16.54 -32.01 41.01
C LEU E 169 -15.97 -30.60 40.81
N ASN E 170 -15.94 -29.82 41.92
CA ASN E 170 -15.37 -28.48 42.02
C ASN E 170 -13.84 -28.57 41.82
N GLU E 171 -13.23 -29.71 42.22
CA GLU E 171 -11.79 -29.94 42.05
C GLU E 171 -11.46 -29.92 40.56
N LEU E 172 -12.34 -30.50 39.70
CA LEU E 172 -12.14 -30.49 38.25
C LEU E 172 -12.18 -29.06 37.73
N ARG E 173 -13.14 -28.26 38.24
CA ARG E 173 -13.33 -26.85 37.88
C ARG E 173 -12.06 -26.06 38.16
N ARG E 174 -11.46 -26.29 39.35
CA ARG E 174 -10.21 -25.65 39.79
C ARG E 174 -9.12 -26.00 38.79
N LYS E 175 -8.88 -27.32 38.58
CA LYS E 175 -7.88 -27.87 37.66
C LYS E 175 -8.03 -27.24 36.24
N ILE E 176 -9.27 -27.25 35.67
CA ILE E 176 -9.57 -26.70 34.33
C ILE E 176 -9.27 -25.18 34.26
N ARG E 177 -9.78 -24.41 35.24
CA ARG E 177 -9.55 -22.96 35.32
C ARG E 177 -8.08 -22.57 35.44
N GLN E 178 -7.27 -23.33 36.21
CA GLN E 178 -5.84 -23.03 36.36
C GLN E 178 -5.07 -23.38 35.12
N ASP E 179 -5.37 -24.56 34.52
CA ASP E 179 -4.73 -25.13 33.32
C ASP E 179 -4.85 -24.23 32.07
N LEU E 180 -6.08 -23.74 31.80
CA LEU E 180 -6.35 -22.88 30.64
C LEU E 180 -5.69 -21.51 30.77
N CYS E 181 -5.44 -21.07 32.00
CA CYS E 181 -4.75 -19.81 32.28
C CYS E 181 -3.26 -20.00 32.40
N HIS E 182 -2.79 -21.24 32.19
CA HIS E 182 -1.39 -21.57 32.29
C HIS E 182 -0.81 -22.18 31.03
N PHE E 183 -1.04 -21.50 29.90
CA PHE E 183 -0.44 -21.88 28.65
C PHE E 183 1.09 -21.67 28.78
N GLU E 184 1.87 -22.63 28.31
CA GLU E 184 3.33 -22.59 28.29
C GLU E 184 3.79 -23.38 27.08
N GLY E 185 4.61 -22.75 26.26
CA GLY E 185 5.17 -23.36 25.05
C GLY E 185 5.68 -24.79 25.21
N ASN E 186 6.37 -25.07 26.36
CA ASN E 186 6.91 -26.40 26.72
C ASN E 186 5.80 -27.44 26.80
N ALA E 187 4.71 -27.09 27.52
CA ALA E 187 3.53 -27.93 27.72
C ALA E 187 2.76 -28.14 26.40
N GLN E 188 2.72 -27.08 25.52
CA GLN E 188 2.08 -27.05 24.20
C GLN E 188 2.91 -27.86 23.21
N GLY E 189 4.21 -27.94 23.45
CA GLY E 189 5.10 -28.75 22.63
C GLY E 189 4.75 -30.23 22.74
N ILE E 190 4.57 -30.74 24.00
CA ILE E 190 4.19 -32.13 24.24
C ILE E 190 2.85 -32.40 23.58
N ARG E 191 1.88 -31.46 23.74
CA ARG E 191 0.55 -31.52 23.15
C ARG E 191 0.68 -31.62 21.64
N LEU E 192 1.57 -30.80 21.07
CA LEU E 192 1.84 -30.70 19.66
C LEU E 192 2.42 -31.99 19.12
N VAL E 193 3.57 -32.48 19.64
CA VAL E 193 4.20 -33.72 19.13
C VAL E 193 3.31 -34.93 19.27
N HIS E 194 2.47 -34.97 20.32
CA HIS E 194 1.61 -36.12 20.53
C HIS E 194 0.18 -35.99 19.99
N THR E 195 -0.67 -35.23 20.65
CA THR E 195 -2.10 -35.10 20.36
C THR E 195 -2.41 -34.46 19.02
N LEU E 196 -1.65 -33.41 18.63
CA LEU E 196 -1.89 -32.61 17.45
C LEU E 196 -1.15 -33.02 16.17
N MET E 197 0.12 -33.35 16.26
CA MET E 197 0.92 -33.74 15.09
C MET E 197 0.94 -35.22 14.86
N ARG E 198 0.66 -36.00 15.92
CA ARG E 198 0.66 -37.47 15.92
C ARG E 198 1.93 -38.01 15.24
N MET E 199 3.09 -37.49 15.68
CA MET E 199 4.42 -37.80 15.16
C MET E 199 4.87 -39.22 15.41
N ASN E 200 4.37 -39.82 16.51
CA ASN E 200 4.70 -41.17 16.96
C ASN E 200 6.22 -41.35 17.09
N LEU E 201 6.83 -40.46 17.86
CA LEU E 201 8.26 -40.52 18.13
C LEU E 201 8.50 -41.67 19.14
N THR E 202 9.78 -41.99 19.41
CA THR E 202 10.14 -43.01 20.40
C THR E 202 9.92 -42.36 21.76
N TRP E 203 9.69 -43.18 22.78
CA TRP E 203 9.48 -42.69 24.13
C TRP E 203 10.62 -41.81 24.60
N ALA E 204 11.87 -42.23 24.32
CA ALA E 204 13.05 -41.46 24.68
C ALA E 204 13.01 -40.09 24.03
N GLN E 205 12.72 -40.03 22.73
CA GLN E 205 12.66 -38.76 22.02
C GLN E 205 11.64 -37.75 22.60
N VAL E 206 10.54 -38.25 23.12
CA VAL E 206 9.49 -37.43 23.72
C VAL E 206 9.94 -36.95 25.10
N GLY E 207 10.62 -37.82 25.84
CA GLY E 207 11.14 -37.48 27.15
C GLY E 207 12.13 -36.33 27.10
N GLY E 208 12.83 -36.22 25.97
CA GLY E 208 13.82 -35.19 25.69
C GLY E 208 13.25 -33.79 25.58
N ILE E 209 11.98 -33.68 25.16
CA ILE E 209 11.34 -32.37 25.01
C ILE E 209 10.48 -32.01 26.23
N LEU E 210 10.48 -32.87 27.28
CA LEU E 210 9.76 -32.60 28.52
C LEU E 210 10.75 -31.89 29.47
N LYS E 211 10.82 -30.52 29.34
CA LYS E 211 11.74 -29.63 30.08
C LYS E 211 11.31 -29.43 31.53
N TYR E 212 10.00 -29.37 31.80
CA TYR E 212 9.49 -29.18 33.17
C TYR E 212 8.53 -30.26 33.58
N THR E 213 8.44 -30.52 34.88
CA THR E 213 7.62 -31.61 35.39
C THR E 213 6.37 -31.15 36.13
N ARG E 214 6.10 -29.82 36.06
CA ARG E 214 4.93 -29.22 36.72
C ARG E 214 3.68 -29.36 35.87
N PRO E 215 2.59 -29.91 36.46
CA PRO E 215 1.31 -29.97 35.71
C PRO E 215 0.75 -28.55 35.61
N ALA E 216 0.30 -28.13 34.41
CA ALA E 216 -0.22 -26.77 34.19
C ALA E 216 -1.23 -26.31 35.25
N TRP E 217 -2.11 -27.23 35.70
CA TRP E 217 -3.14 -26.98 36.70
C TRP E 217 -2.62 -26.79 38.10
N TRP E 218 -1.32 -27.04 38.34
CA TRP E 218 -0.70 -26.91 39.65
C TRP E 218 -1.02 -25.54 40.24
N ARG E 219 -1.59 -25.57 41.45
CA ARG E 219 -2.03 -24.38 42.17
C ARG E 219 -1.19 -24.15 43.39
N GLY E 220 -0.65 -25.24 43.94
CA GLY E 220 0.22 -25.26 45.11
C GLY E 220 1.44 -24.37 44.96
N GLU E 221 1.89 -23.79 46.05
CA GLU E 221 3.04 -22.91 46.03
C GLU E 221 4.30 -23.77 45.82
N THR E 222 4.25 -24.94 46.45
CA THR E 222 5.20 -26.05 46.57
C THR E 222 5.67 -26.70 45.21
N PRO E 223 6.62 -27.68 45.22
CA PRO E 223 7.25 -28.45 46.31
C PRO E 223 8.79 -28.52 46.30
N GLU E 224 9.46 -27.79 47.22
CA GLU E 224 10.93 -27.80 47.42
C GLU E 224 11.44 -29.25 47.33
N THR E 225 12.50 -29.49 46.54
CA THR E 225 13.13 -30.78 46.20
C THR E 225 13.04 -30.88 44.69
N HIS E 226 11.92 -30.35 44.16
CA HIS E 226 11.60 -30.30 42.73
C HIS E 226 11.25 -28.89 42.27
N HIS E 227 11.57 -27.85 43.09
CA HIS E 227 11.25 -26.45 42.81
C HIS E 227 11.81 -25.93 41.51
N TYR E 228 12.95 -26.48 41.04
CA TYR E 228 13.54 -26.11 39.76
C TYR E 228 12.87 -26.83 38.61
N LEU E 229 12.74 -28.16 38.71
CA LEU E 229 12.13 -28.99 37.68
C LEU E 229 10.68 -28.61 37.42
N MET E 230 10.02 -28.07 38.46
CA MET E 230 8.62 -27.64 38.41
C MET E 230 8.49 -26.09 38.25
N LYS E 231 9.59 -25.41 37.84
CA LYS E 231 9.71 -23.96 37.60
C LYS E 231 8.49 -23.41 36.81
N LYS E 232 8.19 -24.04 35.69
CA LYS E 232 7.09 -23.69 34.77
C LYS E 232 6.24 -24.87 34.41
N PRO E 233 5.09 -24.70 33.85
CA PRO E 233 4.33 -25.91 33.55
C PRO E 233 5.00 -26.68 32.41
N GLY E 234 5.06 -27.98 32.57
CA GLY E 234 5.69 -28.87 31.59
C GLY E 234 4.73 -29.67 30.76
N TYR E 235 3.44 -29.77 31.19
CA TYR E 235 2.37 -30.51 30.52
C TYR E 235 0.99 -30.08 30.98
N TYR E 236 -0.01 -30.21 30.09
CA TYR E 236 -1.41 -29.86 30.38
C TYR E 236 -2.24 -31.03 30.94
N LEU E 237 -3.44 -30.72 31.41
CA LEU E 237 -4.42 -31.66 31.94
C LEU E 237 -4.80 -32.65 30.83
N SER E 238 -4.88 -32.14 29.58
CA SER E 238 -5.18 -32.87 28.35
C SER E 238 -4.14 -33.94 28.00
N GLU E 239 -2.93 -33.90 28.60
CA GLU E 239 -1.89 -34.91 28.36
C GLU E 239 -1.47 -35.66 29.63
N GLU E 240 -2.20 -35.46 30.76
CA GLU E 240 -1.89 -36.09 32.05
C GLU E 240 -1.63 -37.61 31.88
N ALA E 241 -2.46 -38.26 31.04
CA ALA E 241 -2.40 -39.68 30.72
C ALA E 241 -1.18 -40.05 29.90
N TYR E 242 -0.88 -39.26 28.88
CA TYR E 242 0.26 -39.49 28.00
C TYR E 242 1.51 -39.47 28.85
N ILE E 243 1.68 -38.38 29.61
CA ILE E 243 2.78 -38.13 30.53
C ILE E 243 2.90 -39.29 31.53
N ALA E 244 1.75 -39.86 31.93
CA ALA E 244 1.72 -41.01 32.81
C ALA E 244 2.34 -42.25 32.14
N ARG E 245 1.99 -42.52 30.84
CA ARG E 245 2.56 -43.67 30.08
C ARG E 245 4.05 -43.44 29.84
N LEU E 246 4.40 -42.19 29.51
CA LEU E 246 5.76 -41.74 29.26
C LEU E 246 6.60 -41.95 30.50
N ARG E 247 6.06 -41.59 31.68
CA ARG E 247 6.73 -41.75 32.95
C ARG E 247 7.09 -43.23 33.13
N LYS E 248 6.12 -44.14 32.87
CA LYS E 248 6.30 -45.59 32.99
C LYS E 248 7.36 -46.09 32.00
N GLU E 249 7.23 -45.68 30.71
CA GLU E 249 8.10 -46.09 29.61
C GLU E 249 9.55 -45.66 29.80
N LEU E 250 9.77 -44.53 30.48
CA LEU E 250 11.12 -44.04 30.70
C LEU E 250 11.61 -44.25 32.13
N ASN E 251 10.81 -44.97 32.95
CA ASN E 251 11.08 -45.26 34.36
C ASN E 251 11.42 -43.97 35.12
N LEU E 252 10.48 -43.01 35.01
CA LEU E 252 10.54 -41.71 35.65
C LEU E 252 9.60 -41.67 36.84
N ALA E 253 10.09 -41.12 37.95
CA ALA E 253 9.34 -40.92 39.18
C ALA E 253 8.39 -39.74 38.96
N LEU E 254 7.37 -39.58 39.81
CA LEU E 254 6.48 -38.44 39.65
C LEU E 254 7.27 -37.15 39.79
N TYR E 255 7.05 -36.24 38.82
CA TYR E 255 7.71 -34.95 38.67
C TYR E 255 9.24 -35.08 38.46
N SER E 256 9.72 -36.26 38.02
CA SER E 256 11.14 -36.44 37.70
C SER E 256 11.32 -36.25 36.18
N ARG E 257 12.49 -35.69 35.79
CA ARG E 257 12.87 -35.34 34.42
C ARG E 257 13.68 -36.45 33.72
N PHE E 258 13.64 -36.44 32.35
CA PHE E 258 14.41 -37.37 31.52
C PHE E 258 15.93 -36.98 31.54
N PRO E 259 16.85 -37.96 31.74
CA PRO E 259 18.28 -37.62 31.89
C PRO E 259 18.93 -36.80 30.78
N LEU E 260 18.44 -36.89 29.56
CA LEU E 260 19.10 -36.16 28.49
C LEU E 260 18.67 -34.69 28.39
N THR E 261 17.55 -34.33 29.03
CA THR E 261 16.99 -32.98 28.98
C THR E 261 17.99 -31.93 29.44
N TRP E 262 18.70 -32.21 30.55
CA TRP E 262 19.68 -31.29 31.12
C TRP E 262 20.70 -30.82 30.12
N ILE E 263 21.11 -31.72 29.17
CA ILE E 263 22.08 -31.48 28.10
C ILE E 263 21.53 -30.45 27.16
N MET E 264 20.33 -30.71 26.63
CA MET E 264 19.60 -29.85 25.70
C MET E 264 19.40 -28.45 26.27
N GLU E 265 18.95 -28.38 27.54
CA GLU E 265 18.68 -27.17 28.31
C GLU E 265 19.90 -26.27 28.34
N ALA E 266 21.06 -26.88 28.65
CA ALA E 266 22.35 -26.20 28.74
C ALA E 266 22.69 -25.59 27.40
N ALA E 267 22.50 -26.37 26.35
CA ALA E 267 22.86 -25.83 25.03
C ALA E 267 22.01 -24.61 24.72
N ASP E 268 20.71 -24.64 25.03
CA ASP E 268 19.86 -23.50 24.62
C ASP E 268 20.36 -22.22 25.28
N ASP E 269 20.67 -22.26 26.57
CA ASP E 269 21.13 -21.00 27.19
C ASP E 269 22.45 -20.57 26.57
N ILE E 270 23.39 -21.49 26.46
CA ILE E 270 24.63 -21.07 25.96
C ILE E 270 24.51 -20.39 24.67
N SER E 271 23.70 -20.90 23.78
CA SER E 271 23.53 -20.30 22.46
C SER E 271 22.83 -18.98 22.32
N TYR E 272 21.75 -18.78 23.04
CA TYR E 272 21.02 -17.56 22.92
C TYR E 272 21.70 -16.31 23.34
N CYS E 273 22.50 -16.34 24.38
CA CYS E 273 23.16 -15.14 24.84
C CYS E 273 24.09 -14.56 23.85
N VAL E 274 24.93 -15.37 23.27
CA VAL E 274 25.91 -14.87 22.32
C VAL E 274 25.27 -14.42 21.01
N ALA E 275 24.36 -15.22 20.46
CA ALA E 275 23.70 -14.94 19.19
C ALA E 275 22.91 -13.64 19.16
N ASP E 276 22.24 -13.32 20.26
CA ASP E 276 21.42 -12.11 20.33
C ASP E 276 22.27 -10.83 20.32
N LEU E 277 23.48 -10.88 20.88
CA LEU E 277 24.40 -9.75 20.87
C LEU E 277 24.98 -9.57 19.46
N GLU E 278 25.18 -10.69 18.72
CA GLU E 278 25.68 -10.69 17.33
C GLU E 278 24.67 -9.98 16.43
N ASP E 279 23.38 -10.37 16.59
CA ASP E 279 22.21 -9.85 15.89
C ASP E 279 22.01 -8.35 16.15
N ALA E 280 22.19 -7.93 17.41
CA ALA E 280 22.08 -6.52 17.82
C ALA E 280 23.07 -5.65 17.08
N VAL E 281 24.34 -6.13 16.95
CA VAL E 281 25.43 -5.46 16.23
C VAL E 281 25.06 -5.34 14.75
N GLU E 282 24.48 -6.42 14.17
CA GLU E 282 23.99 -6.49 12.78
C GLU E 282 22.87 -5.47 12.60
N LYS E 283 21.85 -5.50 13.48
CA LYS E 283 20.71 -4.58 13.48
C LYS E 283 21.14 -3.12 13.80
N ARG E 284 22.48 -2.88 13.84
CA ARG E 284 23.16 -1.60 14.12
C ARG E 284 22.69 -0.93 15.44
N ILE E 285 22.28 -1.74 16.46
CA ILE E 285 21.84 -1.27 17.79
C ILE E 285 23.05 -0.64 18.50
N PHE E 286 24.25 -1.23 18.31
CA PHE E 286 25.53 -0.74 18.80
C PHE E 286 26.66 -1.31 17.96
N THR E 287 27.85 -0.73 18.07
CA THR E 287 29.00 -1.28 17.35
C THR E 287 29.61 -2.39 18.18
N VAL E 288 30.54 -3.16 17.57
CA VAL E 288 31.30 -4.20 18.28
C VAL E 288 32.14 -3.61 19.40
N GLU E 289 32.72 -2.39 19.19
CA GLU E 289 33.50 -1.62 20.17
C GLU E 289 32.57 -1.24 21.33
N GLN E 290 31.37 -0.70 20.99
CA GLN E 290 30.34 -0.28 21.95
C GLN E 290 29.96 -1.47 22.84
N LEU E 291 29.73 -2.65 22.22
CA LEU E 291 29.39 -3.89 22.91
C LEU E 291 30.48 -4.29 23.89
N TYR E 292 31.74 -4.29 23.44
CA TYR E 292 32.85 -4.65 24.30
C TYR E 292 32.88 -3.82 25.57
N HIS E 293 32.61 -2.51 25.43
CA HIS E 293 32.60 -1.64 26.58
C HIS E 293 31.43 -1.94 27.52
N HIS E 294 30.27 -2.34 26.98
CA HIS E 294 29.12 -2.69 27.82
C HIS E 294 29.41 -3.94 28.65
N LEU E 295 30.09 -4.92 28.05
CA LEU E 295 30.48 -6.17 28.71
C LEU E 295 31.50 -5.88 29.83
N HIS E 296 32.48 -4.99 29.53
CA HIS E 296 33.58 -4.48 30.39
C HIS E 296 32.98 -3.56 31.47
N GLU E 297 31.94 -4.07 32.11
CA GLU E 297 31.18 -3.45 33.15
C GLU E 297 30.87 -4.57 34.13
N ALA E 298 29.94 -5.51 33.77
CA ALA E 298 29.63 -6.63 34.66
C ALA E 298 30.89 -7.52 34.95
N TRP E 299 31.92 -7.44 34.07
CA TRP E 299 33.29 -8.00 34.10
C TRP E 299 33.44 -9.44 34.78
N GLY E 300 33.71 -9.57 36.10
CA GLY E 300 33.96 -8.54 37.11
C GLY E 300 35.43 -8.42 37.47
N GLN E 301 36.05 -7.21 37.30
CA GLN E 301 37.47 -7.06 37.56
C GLN E 301 37.79 -6.96 39.04
N HIS E 302 37.73 -8.14 39.67
CA HIS E 302 38.04 -8.49 41.04
C HIS E 302 38.94 -9.73 40.86
N GLU E 303 38.95 -10.24 39.57
CA GLU E 303 39.69 -11.38 39.02
C GLU E 303 41.25 -11.29 39.27
N LYS E 304 42.02 -10.32 38.68
CA LYS E 304 41.66 -9.23 37.75
C LYS E 304 41.86 -9.66 36.29
N GLY E 305 42.71 -10.67 36.09
CA GLY E 305 43.03 -11.29 34.79
C GLY E 305 42.65 -12.75 34.75
N SER E 306 41.32 -13.06 34.56
CA SER E 306 40.74 -14.41 34.51
C SER E 306 39.69 -14.60 33.37
N LEU E 307 38.53 -15.29 33.61
CA LEU E 307 37.53 -15.70 32.61
C LEU E 307 37.06 -14.60 31.63
N PHE E 308 36.74 -13.37 32.11
CA PHE E 308 36.34 -12.28 31.21
C PHE E 308 37.51 -12.02 30.22
N SER E 309 38.75 -11.94 30.77
CA SER E 309 39.97 -11.73 30.01
C SER E 309 40.28 -12.94 29.10
N LEU E 310 39.86 -14.14 29.53
CA LEU E 310 40.06 -15.40 28.82
C LEU E 310 39.13 -15.63 27.66
N VAL E 311 37.92 -15.02 27.69
CA VAL E 311 36.87 -15.23 26.70
C VAL E 311 36.58 -13.96 25.92
N VAL E 312 35.96 -12.96 26.53
CA VAL E 312 35.54 -11.74 25.84
C VAL E 312 36.73 -10.80 25.55
N GLU E 313 37.71 -10.68 26.47
CA GLU E 313 38.86 -9.82 26.21
C GLU E 313 39.74 -10.47 25.14
N ASN E 314 39.81 -11.83 25.13
CA ASN E 314 40.56 -12.66 24.16
C ASN E 314 40.00 -12.50 22.76
N ALA E 315 38.65 -12.55 22.64
CA ALA E 315 37.94 -12.36 21.38
C ALA E 315 38.12 -10.92 20.87
N TRP E 316 38.16 -9.95 21.80
CA TRP E 316 38.36 -8.55 21.48
C TRP E 316 39.74 -8.30 20.88
N GLU E 317 40.78 -8.84 21.52
CA GLU E 317 42.16 -8.67 21.10
C GLU E 317 42.45 -9.41 19.78
N LYS E 318 41.87 -10.61 19.61
CA LYS E 318 42.02 -11.43 18.42
C LYS E 318 41.40 -10.73 17.20
N SER E 319 40.31 -9.95 17.41
CA SER E 319 39.60 -9.20 16.35
C SER E 319 40.41 -8.00 15.77
N ARG E 320 41.31 -7.41 16.57
CA ARG E 320 42.14 -6.30 16.13
C ARG E 320 43.28 -6.82 15.23
N SER E 321 43.50 -6.09 14.10
CA SER E 321 44.51 -6.23 13.04
C SER E 321 44.57 -7.62 12.33
N ASN E 322 45.33 -7.66 11.20
CA ASN E 322 45.59 -8.77 10.25
C ASN E 322 44.29 -9.22 9.52
N SER E 323 43.43 -10.05 10.20
CA SER E 323 42.12 -10.54 9.75
C SER E 323 42.12 -11.51 8.51
N LEU E 324 42.56 -11.00 7.33
CA LEU E 324 42.55 -11.64 6.00
C LEU E 324 41.08 -11.84 5.53
N SER E 325 40.55 -10.75 4.86
CA SER E 325 39.20 -10.48 4.33
C SER E 325 38.11 -10.81 5.40
N ARG E 326 38.54 -10.77 6.70
CA ARG E 326 37.72 -11.02 7.88
C ARG E 326 37.37 -9.68 8.52
N SER E 327 36.06 -9.35 8.53
CA SER E 327 35.56 -8.10 9.11
C SER E 327 35.64 -8.21 10.61
N THR E 328 36.23 -7.20 11.27
CA THR E 328 36.41 -7.14 12.71
C THR E 328 35.15 -7.61 13.45
N GLU E 329 33.96 -7.18 12.98
CA GLU E 329 32.65 -7.56 13.51
C GLU E 329 32.42 -9.11 13.50
N ASP E 330 32.65 -9.75 12.33
CA ASP E 330 32.48 -11.20 12.11
C ASP E 330 33.50 -12.02 12.89
N GLN E 331 34.81 -11.65 12.83
CA GLN E 331 35.84 -12.41 13.51
C GLN E 331 35.74 -12.26 15.03
N PHE E 332 35.26 -11.12 15.57
CA PHE E 332 35.08 -10.99 17.04
C PHE E 332 34.06 -12.02 17.54
N PHE E 333 32.82 -12.05 16.96
CA PHE E 333 31.76 -12.98 17.36
C PHE E 333 32.15 -14.43 17.15
N MET E 334 32.93 -14.72 16.10
CA MET E 334 33.46 -16.06 15.83
C MET E 334 34.29 -16.51 17.06
N TYR E 335 35.23 -15.65 17.51
CA TYR E 335 36.10 -15.95 18.65
C TYR E 335 35.32 -15.97 19.94
N LEU E 336 34.41 -15.00 20.15
CA LEU E 336 33.59 -14.97 21.35
C LEU E 336 32.81 -16.27 21.51
N ARG E 337 32.15 -16.75 20.43
CA ARG E 337 31.39 -18.00 20.40
C ARG E 337 32.34 -19.14 20.77
N VAL E 338 33.41 -19.33 19.99
CA VAL E 338 34.43 -20.35 20.16
C VAL E 338 34.93 -20.41 21.60
N ASN E 339 35.46 -19.27 22.13
CA ASN E 339 35.97 -19.17 23.50
C ASN E 339 34.92 -19.59 24.53
N THR E 340 33.66 -19.07 24.38
CA THR E 340 32.53 -19.41 25.26
C THR E 340 32.29 -20.92 25.23
N LEU E 341 32.19 -21.51 24.02
CA LEU E 341 31.98 -22.95 23.82
C LEU E 341 33.07 -23.80 24.48
N ASN E 342 34.33 -23.42 24.23
CA ASN E 342 35.51 -24.10 24.75
C ASN E 342 35.61 -24.06 26.25
N LYS E 343 34.92 -23.13 26.91
CA LYS E 343 34.97 -23.07 28.37
C LYS E 343 33.70 -23.66 29.00
N LEU E 344 32.53 -23.35 28.41
CA LEU E 344 31.26 -23.78 28.95
C LEU E 344 30.86 -25.22 28.61
N VAL E 345 31.08 -25.67 27.34
CA VAL E 345 30.71 -27.04 26.94
C VAL E 345 31.41 -28.07 27.83
N PRO E 346 32.74 -27.97 28.05
CA PRO E 346 33.39 -28.93 28.95
C PRO E 346 32.81 -28.90 30.36
N TYR E 347 32.57 -27.69 30.93
CA TYR E 347 31.98 -27.54 32.26
C TYR E 347 30.66 -28.26 32.35
N ALA E 348 29.75 -27.97 31.39
CA ALA E 348 28.43 -28.58 31.31
C ALA E 348 28.60 -30.10 31.26
N ALA E 349 29.46 -30.61 30.33
CA ALA E 349 29.75 -32.03 30.15
C ALA E 349 30.19 -32.68 31.46
N GLN E 350 31.14 -32.02 32.17
CA GLN E 350 31.65 -32.48 33.47
C GLN E 350 30.56 -32.47 34.53
N ARG E 351 29.79 -31.36 34.64
CA ARG E 351 28.67 -31.21 35.56
C ARG E 351 27.69 -32.37 35.42
N PHE E 352 27.32 -32.72 34.17
CA PHE E 352 26.43 -33.84 33.87
C PHE E 352 26.98 -35.16 34.43
N ILE E 353 28.27 -35.47 34.13
CA ILE E 353 28.94 -36.69 34.58
C ILE E 353 29.05 -36.72 36.10
N ASP E 354 29.40 -35.58 36.70
CA ASP E 354 29.57 -35.43 38.15
C ASP E 354 28.30 -35.73 38.93
N ASN E 355 27.17 -35.22 38.46
CA ASN E 355 25.91 -35.41 39.17
C ASN E 355 25.04 -36.46 38.48
N LEU E 356 25.65 -37.32 37.63
CA LEU E 356 24.96 -38.37 36.84
C LEU E 356 23.98 -39.24 37.65
N PRO E 357 24.27 -39.71 38.90
CA PRO E 357 23.24 -40.48 39.63
C PRO E 357 21.87 -39.75 39.71
N ALA E 358 21.88 -38.50 40.25
CA ALA E 358 20.70 -37.66 40.41
C ALA E 358 20.07 -37.26 39.07
N ILE E 359 20.91 -36.98 38.04
CA ILE E 359 20.46 -36.60 36.68
C ILE E 359 19.80 -37.82 36.00
N PHE E 360 20.31 -39.02 36.28
CA PHE E 360 19.74 -40.26 35.76
C PHE E 360 18.38 -40.50 36.41
N ALA E 361 18.31 -40.38 37.75
CA ALA E 361 17.07 -40.52 38.52
C ALA E 361 16.03 -39.45 38.14
N GLY E 362 16.52 -38.32 37.62
CA GLY E 362 15.70 -37.18 37.22
C GLY E 362 15.24 -36.35 38.39
N THR E 363 15.92 -36.50 39.54
CA THR E 363 15.61 -35.81 40.79
C THR E 363 16.48 -34.56 40.98
N PHE E 364 17.63 -34.46 40.23
CA PHE E 364 18.59 -33.35 40.28
C PHE E 364 17.89 -32.00 40.15
N ASN E 365 17.91 -31.19 41.23
CA ASN E 365 17.14 -29.94 41.27
C ASN E 365 17.92 -28.68 40.81
N HIS E 366 18.80 -28.82 39.80
CA HIS E 366 19.57 -27.69 39.27
C HIS E 366 19.81 -27.87 37.80
N ALA E 367 20.26 -26.81 37.15
CA ALA E 367 20.63 -26.88 35.75
C ALA E 367 22.13 -27.18 35.77
N LEU E 368 22.67 -27.64 34.64
CA LEU E 368 24.09 -27.97 34.56
C LEU E 368 24.99 -26.77 34.79
N LEU E 369 24.44 -25.55 34.65
CA LEU E 369 25.19 -24.32 34.86
C LEU E 369 24.62 -23.59 36.11
N GLU E 370 25.00 -24.13 37.29
CA GLU E 370 24.64 -23.66 38.63
C GLU E 370 25.29 -22.32 38.88
N ASP E 371 24.45 -21.33 39.22
CA ASP E 371 24.76 -19.93 39.58
C ASP E 371 26.15 -19.68 40.29
N ALA E 372 26.61 -20.66 41.13
CA ALA E 372 27.86 -20.64 41.90
C ALA E 372 29.11 -20.49 41.04
N SER E 373 29.15 -21.17 39.87
CA SER E 373 30.28 -21.18 38.94
C SER E 373 30.56 -19.87 38.22
N GLU E 374 31.87 -19.62 37.96
CA GLU E 374 32.38 -18.47 37.19
C GLU E 374 31.84 -18.61 35.74
N CYS E 375 31.65 -19.88 35.32
CA CYS E 375 31.11 -20.27 34.03
C CYS E 375 29.68 -19.74 33.92
N SER E 376 28.85 -20.02 34.95
CA SER E 376 27.45 -19.54 35.03
C SER E 376 27.37 -18.01 34.98
N ASP E 377 28.34 -17.34 35.60
CA ASP E 377 28.43 -15.89 35.66
C ASP E 377 28.62 -15.25 34.27
N LEU E 378 29.43 -15.90 33.40
CA LEU E 378 29.71 -15.42 32.04
C LEU E 378 28.40 -15.34 31.26
N LEU E 379 27.57 -16.39 31.39
CA LEU E 379 26.28 -16.45 30.73
C LEU E 379 25.37 -15.33 31.19
N LYS E 380 25.36 -15.06 32.51
CA LYS E 380 24.55 -13.99 33.14
C LYS E 380 24.99 -12.64 32.59
N LEU E 381 26.31 -12.45 32.35
CA LEU E 381 26.90 -11.22 31.79
C LEU E 381 26.28 -10.91 30.42
N TYR E 382 26.31 -11.91 29.51
CA TYR E 382 25.74 -11.79 28.16
C TYR E 382 24.25 -11.44 28.24
N LYS E 383 23.50 -12.12 29.13
CA LYS E 383 22.09 -11.91 29.33
C LYS E 383 21.81 -10.48 29.77
N ASN E 384 22.54 -10.02 30.80
CA ASN E 384 22.38 -8.69 31.37
C ASN E 384 22.65 -7.58 30.36
N VAL E 385 23.68 -7.73 29.50
CA VAL E 385 24.00 -6.75 28.45
C VAL E 385 22.83 -6.66 27.48
N ALA E 386 22.31 -7.83 27.05
CA ALA E 386 21.19 -7.95 26.12
C ALA E 386 19.88 -7.38 26.70
N VAL E 387 19.66 -7.60 28.00
CA VAL E 387 18.47 -7.11 28.68
C VAL E 387 18.41 -5.57 28.71
N LYS E 388 19.49 -4.92 29.14
CA LYS E 388 19.53 -3.46 29.29
C LYS E 388 19.93 -2.71 28.01
N HIS E 389 20.33 -3.41 26.92
CA HIS E 389 20.76 -2.71 25.70
C HIS E 389 20.18 -3.25 24.39
N VAL E 390 19.62 -4.49 24.38
CA VAL E 390 19.05 -5.04 23.14
C VAL E 390 17.54 -5.10 23.26
N PHE E 391 17.04 -5.78 24.28
CA PHE E 391 15.61 -5.97 24.56
C PHE E 391 14.83 -4.72 24.95
N SER E 392 15.55 -3.70 25.35
CA SER E 392 15.07 -2.40 25.73
C SER E 392 14.90 -1.47 24.52
N HIS E 393 15.40 -1.90 23.34
CA HIS E 393 15.31 -1.11 22.11
C HIS E 393 13.87 -0.83 21.70
N PRO E 394 13.54 0.46 21.40
CA PRO E 394 12.15 0.82 21.07
C PRO E 394 11.50 0.05 19.94
N ASP E 395 12.25 -0.27 18.88
CA ASP E 395 11.70 -1.02 17.75
C ASP E 395 11.31 -2.42 18.18
N VAL E 396 12.14 -3.04 19.04
CA VAL E 396 11.89 -4.38 19.58
C VAL E 396 10.64 -4.31 20.44
N GLU E 397 10.64 -3.38 21.42
CA GLU E 397 9.54 -3.14 22.37
C GLU E 397 8.25 -2.85 21.63
N ARG E 398 8.33 -2.07 20.53
CA ARG E 398 7.16 -1.71 19.76
C ARG E 398 6.48 -2.93 19.18
N LEU E 399 7.27 -3.82 18.56
CA LEU E 399 6.74 -5.07 17.99
C LEU E 399 6.14 -6.02 18.98
N GLU E 400 6.65 -5.97 20.19
CA GLU E 400 6.17 -6.70 21.34
C GLU E 400 4.80 -6.25 21.75
N LEU E 401 4.57 -4.95 21.84
CA LEU E 401 3.30 -4.28 22.12
C LEU E 401 2.27 -4.63 21.03
N GLN E 402 2.75 -4.64 19.76
CA GLN E 402 1.97 -4.95 18.58
C GLN E 402 1.49 -6.38 18.64
N GLY E 403 2.44 -7.29 18.91
CA GLY E 403 2.20 -8.72 18.98
C GLY E 403 1.11 -9.06 19.97
N TYR E 404 1.16 -8.43 21.14
CA TYR E 404 0.20 -8.60 22.20
C TYR E 404 -1.19 -8.21 21.73
N ARG E 405 -1.33 -7.02 21.05
CA ARG E 405 -2.62 -6.55 20.48
C ARG E 405 -3.17 -7.58 19.50
N VAL E 406 -2.33 -8.05 18.56
CA VAL E 406 -2.66 -9.05 17.53
C VAL E 406 -3.24 -10.33 18.16
N ILE E 407 -2.50 -10.97 19.08
CA ILE E 407 -2.96 -12.21 19.70
C ILE E 407 -4.22 -12.00 20.48
N SER E 408 -4.26 -10.94 21.29
CA SER E 408 -5.43 -10.61 22.08
C SER E 408 -6.65 -10.41 21.20
N GLY E 409 -6.44 -9.72 20.07
CA GLY E 409 -7.46 -9.43 19.06
C GLY E 409 -8.04 -10.67 18.45
N LEU E 410 -7.18 -11.61 18.04
CA LEU E 410 -7.58 -12.88 17.46
C LEU E 410 -8.45 -13.67 18.45
N LEU E 411 -8.03 -13.71 19.73
CA LEU E 411 -8.78 -14.39 20.78
C LEU E 411 -10.16 -13.80 20.94
N GLU E 412 -10.25 -12.47 20.90
CA GLU E 412 -11.52 -11.76 21.01
C GLU E 412 -12.36 -12.00 19.76
N ILE E 413 -11.72 -12.19 18.58
CA ILE E 413 -12.39 -12.48 17.30
C ILE E 413 -13.14 -13.79 17.40
N TYR E 414 -12.48 -14.84 17.94
CA TYR E 414 -13.05 -16.19 18.07
C TYR E 414 -13.87 -16.38 19.34
N ARG E 415 -13.84 -15.41 20.29
CA ARG E 415 -14.61 -15.46 21.54
C ARG E 415 -16.03 -16.06 21.35
N PRO E 416 -16.84 -15.65 20.32
CA PRO E 416 -18.19 -16.24 20.15
C PRO E 416 -18.29 -17.76 20.08
N LEU E 417 -17.20 -18.46 19.72
CA LEU E 417 -17.22 -19.92 19.67
C LEU E 417 -17.29 -20.45 21.11
N LEU E 418 -16.54 -19.81 22.04
CA LEU E 418 -16.50 -20.16 23.46
C LEU E 418 -17.75 -19.68 24.17
N SER E 419 -18.50 -18.75 23.54
CA SER E 419 -19.72 -18.16 24.08
C SER E 419 -20.93 -19.05 23.85
N LEU E 420 -20.90 -19.88 22.81
CA LEU E 420 -21.95 -20.83 22.43
C LEU E 420 -22.26 -21.84 23.53
N SER E 421 -23.52 -22.33 23.56
CA SER E 421 -23.96 -23.34 24.53
C SER E 421 -23.36 -24.71 24.10
N LEU E 422 -23.28 -25.69 25.02
CA LEU E 422 -22.75 -27.02 24.69
C LEU E 422 -23.51 -27.61 23.53
N SER E 423 -24.86 -27.60 23.59
CA SER E 423 -25.73 -28.14 22.55
C SER E 423 -25.48 -27.47 21.20
N ASP E 424 -25.48 -26.12 21.16
CA ASP E 424 -25.25 -25.34 19.96
C ASP E 424 -23.86 -25.58 19.38
N PHE E 425 -22.84 -25.64 20.25
CA PHE E 425 -21.49 -25.88 19.75
C PHE E 425 -21.34 -27.30 19.20
N THR E 426 -21.94 -28.30 19.86
CA THR E 426 -21.86 -29.69 19.39
C THR E 426 -22.68 -29.87 18.11
N GLU E 427 -23.74 -29.04 17.93
CA GLU E 427 -24.57 -29.01 16.72
C GLU E 427 -23.70 -28.48 15.59
N LEU E 428 -22.87 -27.47 15.88
CA LEU E 428 -21.93 -26.88 14.94
C LEU E 428 -20.83 -27.88 14.59
N VAL E 429 -20.40 -28.69 15.56
CA VAL E 429 -19.37 -29.72 15.36
C VAL E 429 -19.93 -30.82 14.46
N GLU E 430 -21.20 -31.21 14.69
CA GLU E 430 -21.92 -32.24 13.92
C GLU E 430 -22.19 -31.77 12.49
N LYS E 431 -23.24 -30.96 12.28
CA LYS E 431 -23.56 -30.42 10.97
C LYS E 431 -22.67 -29.19 10.76
N GLU E 432 -21.47 -29.41 10.17
CA GLU E 432 -20.39 -28.42 9.92
C GLU E 432 -20.90 -26.98 9.76
N ARG E 433 -22.02 -26.87 9.08
CA ARG E 433 -22.66 -25.61 8.84
C ARG E 433 -23.92 -25.59 9.62
N VAL E 434 -24.15 -24.49 10.29
CA VAL E 434 -25.43 -24.26 11.00
C VAL E 434 -26.06 -22.99 10.45
N LYS E 435 -27.33 -23.07 10.07
CA LYS E 435 -28.04 -21.94 9.48
C LYS E 435 -28.22 -20.78 10.45
N ARG E 436 -28.59 -21.09 11.71
CA ARG E 436 -28.81 -20.13 12.80
C ARG E 436 -27.53 -19.43 13.32
N PHE E 437 -26.34 -19.88 12.89
CA PHE E 437 -25.06 -19.34 13.35
C PHE E 437 -24.11 -19.15 12.17
N PRO E 438 -24.31 -18.12 11.32
CA PRO E 438 -23.42 -17.96 10.15
C PRO E 438 -21.98 -17.64 10.52
N ILE E 439 -21.79 -16.62 11.38
CA ILE E 439 -20.52 -16.11 11.84
C ILE E 439 -19.75 -17.22 12.56
N GLU E 440 -20.41 -17.87 13.55
CA GLU E 440 -19.86 -18.95 14.37
C GLU E 440 -19.45 -20.14 13.49
N SER E 441 -20.32 -20.50 12.49
CA SER E 441 -20.05 -21.54 11.49
C SER E 441 -18.74 -21.25 10.78
N ARG E 442 -18.67 -20.07 10.14
CA ARG E 442 -17.53 -19.56 9.38
C ARG E 442 -16.23 -19.52 10.18
N LEU E 443 -16.33 -19.07 11.46
CA LEU E 443 -15.22 -18.99 12.39
C LEU E 443 -14.75 -20.39 12.75
N PHE E 444 -15.68 -21.32 12.96
CA PHE E 444 -15.35 -22.72 13.28
C PHE E 444 -14.56 -23.36 12.15
N HIS E 445 -14.92 -23.05 10.90
CA HIS E 445 -14.26 -23.54 9.70
C HIS E 445 -12.82 -23.04 9.59
N LYS E 446 -12.54 -21.81 10.09
CA LYS E 446 -11.23 -21.16 10.08
C LYS E 446 -10.17 -22.00 10.84
N LEU E 447 -10.63 -22.70 11.90
CA LEU E 447 -9.81 -23.56 12.76
C LEU E 447 -9.25 -24.76 11.98
N SER E 448 -7.96 -25.02 12.17
CA SER E 448 -7.20 -26.11 11.53
C SER E 448 -7.89 -27.45 11.73
N THR E 449 -8.00 -28.22 10.65
CA THR E 449 -8.62 -29.55 10.69
C THR E 449 -7.93 -30.44 11.68
N ARG E 450 -6.57 -30.38 11.76
CA ARG E 450 -5.79 -31.15 12.75
C ARG E 450 -6.29 -30.82 14.17
N HIS E 451 -6.47 -29.53 14.44
CA HIS E 451 -6.92 -29.02 15.72
C HIS E 451 -8.32 -29.41 16.00
N ARG E 452 -9.17 -29.34 14.96
CA ARG E 452 -10.60 -29.65 15.05
C ARG E 452 -10.82 -31.12 15.38
N LEU E 453 -10.02 -32.01 14.75
CA LEU E 453 -10.10 -33.45 14.94
C LEU E 453 -9.73 -33.82 16.35
N ALA E 454 -8.72 -33.12 16.88
CA ALA E 454 -8.21 -33.30 18.24
C ALA E 454 -9.32 -33.07 19.24
N TYR E 455 -10.13 -32.00 19.05
CA TYR E 455 -11.29 -31.70 19.89
C TYR E 455 -12.30 -32.86 19.80
N VAL E 456 -12.69 -33.22 18.58
CA VAL E 456 -13.63 -34.30 18.30
C VAL E 456 -13.19 -35.61 18.97
N GLU E 457 -11.95 -36.03 18.69
CA GLU E 457 -11.34 -37.24 19.22
C GLU E 457 -11.39 -37.24 20.76
N ALA E 458 -11.04 -36.12 21.39
CA ALA E 458 -11.01 -36.01 22.85
C ALA E 458 -12.37 -36.08 23.47
N VAL E 459 -13.31 -35.32 22.94
CA VAL E 459 -14.68 -35.23 23.44
C VAL E 459 -15.45 -36.53 23.19
N SER E 460 -15.14 -37.23 22.08
CA SER E 460 -15.76 -38.52 21.73
C SER E 460 -15.49 -39.58 22.82
N LYS E 461 -14.26 -39.59 23.35
CA LYS E 461 -13.79 -40.50 24.39
C LYS E 461 -14.45 -40.26 25.76
N LEU E 462 -15.09 -39.08 25.97
CA LEU E 462 -15.74 -38.75 27.25
C LEU E 462 -17.08 -39.47 27.42
N PRO E 463 -17.42 -39.91 28.67
CA PRO E 463 -18.76 -40.50 28.90
C PRO E 463 -19.81 -39.39 28.99
N SER E 464 -20.72 -39.34 28.00
CA SER E 464 -21.74 -38.31 27.89
C SER E 464 -22.64 -38.15 29.13
N ASP E 465 -23.01 -39.28 29.76
CA ASP E 465 -23.86 -39.38 30.96
C ASP E 465 -23.28 -38.63 32.19
N SER E 466 -21.93 -38.63 32.33
CA SER E 466 -21.15 -38.03 33.42
C SER E 466 -21.44 -36.54 33.67
N PRO E 467 -21.51 -36.10 34.95
CA PRO E 467 -21.69 -34.67 35.22
C PRO E 467 -20.41 -33.87 34.92
N GLU E 468 -19.29 -34.58 34.69
CA GLU E 468 -17.98 -34.04 34.35
C GLU E 468 -17.98 -33.57 32.89
N PHE E 469 -18.73 -34.29 32.02
CA PHE E 469 -18.83 -34.06 30.57
C PHE E 469 -18.91 -32.56 30.13
N PRO E 470 -19.86 -31.71 30.61
CA PRO E 470 -19.89 -30.31 30.13
C PRO E 470 -18.64 -29.49 30.43
N LEU E 471 -18.00 -29.80 31.56
CA LEU E 471 -16.78 -29.18 32.05
C LEU E 471 -15.61 -29.62 31.16
N TRP E 472 -15.53 -30.92 30.87
CA TRP E 472 -14.48 -31.47 30.02
C TRP E 472 -14.57 -30.94 28.62
N GLU E 473 -15.81 -30.84 28.08
CA GLU E 473 -16.07 -30.32 26.74
C GLU E 473 -15.56 -28.89 26.64
N TYR E 474 -15.94 -28.02 27.61
CA TYR E 474 -15.49 -26.63 27.60
C TYR E 474 -13.96 -26.53 27.68
N TYR E 475 -13.32 -27.41 28.48
CA TYR E 475 -11.88 -27.45 28.59
C TYR E 475 -11.29 -27.71 27.21
N TYR E 476 -11.78 -28.75 26.52
CA TYR E 476 -11.32 -29.15 25.20
C TYR E 476 -11.65 -28.16 24.12
N ARG E 477 -12.72 -27.36 24.32
CA ARG E 477 -13.12 -26.32 23.39
C ARG E 477 -12.14 -25.16 23.46
N CYS E 478 -11.75 -24.78 24.70
CA CYS E 478 -10.75 -23.74 24.94
C CYS E 478 -9.40 -24.19 24.46
N ARG E 479 -9.07 -25.49 24.69
CA ARG E 479 -7.81 -26.07 24.25
C ARG E 479 -7.71 -25.93 22.74
N LEU E 480 -8.79 -26.33 22.01
CA LEU E 480 -8.92 -26.24 20.55
C LEU E 480 -8.55 -24.83 20.04
N LEU E 481 -9.08 -23.79 20.71
CA LEU E 481 -8.82 -22.40 20.37
C LEU E 481 -7.35 -21.99 20.60
N GLN E 482 -6.80 -22.32 21.77
CA GLN E 482 -5.41 -22.04 22.12
C GLN E 482 -4.48 -22.74 21.13
N ASP E 483 -4.85 -23.97 20.73
CA ASP E 483 -4.12 -24.80 19.77
C ASP E 483 -3.99 -24.04 18.48
N TYR E 484 -5.12 -23.50 17.96
CA TYR E 484 -5.18 -22.76 16.70
C TYR E 484 -4.23 -21.58 16.69
N ILE E 485 -4.39 -20.66 17.69
CA ILE E 485 -3.64 -19.44 17.92
C ILE E 485 -2.16 -19.71 18.08
N SER E 486 -1.78 -20.56 19.05
CA SER E 486 -0.38 -20.90 19.30
C SER E 486 0.30 -21.54 18.08
N GLY E 487 -0.52 -22.24 17.28
CA GLY E 487 -0.13 -22.93 16.06
C GLY E 487 0.39 -22.01 14.96
N MET E 488 -0.13 -20.78 14.90
CA MET E 488 0.22 -19.77 13.89
C MET E 488 1.64 -19.24 14.05
N THR E 489 2.17 -18.69 12.94
CA THR E 489 3.47 -18.01 12.91
C THR E 489 3.19 -16.57 13.28
N ASP E 490 4.24 -15.78 13.54
CA ASP E 490 4.14 -14.36 13.83
C ASP E 490 3.37 -13.68 12.72
N LEU E 491 3.73 -14.04 11.48
CA LEU E 491 3.17 -13.48 10.26
C LEU E 491 1.75 -13.88 9.99
N TYR E 492 1.39 -15.16 10.16
CA TYR E 492 0.02 -15.62 9.92
C TYR E 492 -0.93 -14.97 10.88
N ALA E 493 -0.55 -14.89 12.15
CA ALA E 493 -1.35 -14.26 13.19
C ALA E 493 -1.60 -12.81 12.87
N TRP E 494 -0.55 -12.10 12.43
CA TRP E 494 -0.62 -10.70 12.08
C TRP E 494 -1.54 -10.48 10.90
N ASP E 495 -1.45 -11.35 9.87
CA ASP E 495 -2.29 -11.28 8.68
C ASP E 495 -3.73 -11.60 8.98
N GLU E 496 -3.98 -12.75 9.64
CA GLU E 496 -5.32 -13.19 10.05
C GLU E 496 -6.06 -12.11 10.81
N TYR E 497 -5.39 -11.45 11.76
CA TYR E 497 -5.94 -10.37 12.57
C TYR E 497 -6.39 -9.21 11.66
N ARG E 498 -5.58 -8.86 10.67
CA ARG E 498 -5.87 -7.79 9.73
C ARG E 498 -6.99 -8.15 8.75
N ARG E 499 -6.98 -9.39 8.22
CA ARG E 499 -8.00 -9.88 7.28
C ARG E 499 -9.34 -9.90 7.99
N LEU E 500 -9.37 -10.41 9.26
CA LEU E 500 -10.61 -10.49 10.05
C LEU E 500 -11.03 -9.16 10.66
N MET E 501 -10.23 -8.09 10.51
CA MET E 501 -10.63 -6.76 10.97
C MET E 501 -11.17 -5.94 9.78
N ALA E 502 -11.05 -6.51 8.55
CA ALA E 502 -11.43 -5.93 7.26
C ALA E 502 -10.63 -4.65 6.99
N VAL E 503 -9.33 -4.70 7.33
CA VAL E 503 -8.34 -3.62 7.16
C VAL E 503 -7.24 -4.04 6.13
N GLU E 504 -7.41 -5.22 5.47
CA GLU E 504 -6.50 -5.81 4.49
C GLU E 504 -7.19 -6.05 3.13
N ALA F 2 -65.15 -15.14 -10.04
CA ALA F 2 -63.77 -14.69 -10.23
C ALA F 2 -63.38 -14.51 -11.72
N GLN F 3 -63.48 -13.26 -12.21
CA GLN F 3 -63.13 -12.96 -13.61
C GLN F 3 -61.67 -12.49 -13.75
N ILE F 4 -60.93 -13.16 -14.63
CA ILE F 4 -59.57 -12.79 -14.95
C ILE F 4 -59.64 -11.69 -16.02
N ASP F 5 -59.33 -10.45 -15.61
CA ASP F 5 -59.28 -9.28 -16.48
C ASP F 5 -58.00 -8.53 -16.17
N PHE F 6 -56.97 -8.75 -16.98
CA PHE F 6 -55.65 -8.13 -16.82
C PHE F 6 -55.65 -6.64 -17.00
N ARG F 7 -56.73 -6.10 -17.58
CA ARG F 7 -56.90 -4.66 -17.71
C ARG F 7 -57.00 -4.06 -16.31
N LYS F 8 -57.65 -4.79 -15.38
CA LYS F 8 -57.81 -4.45 -13.96
C LYS F 8 -56.51 -4.63 -13.11
N LYS F 9 -55.46 -5.28 -13.67
CA LYS F 9 -54.19 -5.49 -12.95
C LYS F 9 -53.02 -4.72 -13.53
N ILE F 10 -52.92 -4.63 -14.87
CA ILE F 10 -51.85 -3.89 -15.55
C ILE F 10 -52.26 -2.41 -15.55
N ASN F 11 -51.92 -1.72 -14.44
CA ASN F 11 -52.26 -0.33 -14.17
C ASN F 11 -51.17 0.64 -14.59
N TRP F 12 -51.51 1.50 -15.59
CA TRP F 12 -50.55 2.47 -16.13
C TRP F 12 -50.60 3.83 -15.45
N HIS F 13 -51.35 3.96 -14.35
CA HIS F 13 -51.40 5.21 -13.63
C HIS F 13 -50.22 5.32 -12.69
N ARG F 14 -49.92 6.55 -12.27
CA ARG F 14 -48.80 6.85 -11.36
C ARG F 14 -49.27 7.48 -10.03
N ARG F 15 -48.39 7.48 -9.02
CA ARG F 15 -48.72 8.06 -7.73
C ARG F 15 -48.74 9.58 -7.84
N TYR F 16 -47.73 10.13 -8.53
CA TYR F 16 -47.55 11.57 -8.73
C TYR F 16 -47.69 11.91 -10.22
N ARG F 17 -48.25 13.11 -10.53
CA ARG F 17 -48.51 13.65 -11.89
C ARG F 17 -48.83 12.51 -12.90
N SER F 18 -49.92 11.77 -12.58
CA SER F 18 -50.38 10.58 -13.30
C SER F 18 -51.02 10.83 -14.65
N PRO F 19 -50.71 9.95 -15.65
CA PRO F 19 -51.41 10.06 -16.95
C PRO F 19 -52.88 9.74 -16.71
N GLN F 20 -53.81 10.41 -17.39
CA GLN F 20 -55.22 10.17 -17.08
C GLN F 20 -56.09 9.70 -18.18
N GLY F 21 -56.99 8.80 -17.81
CA GLY F 21 -58.05 8.16 -18.60
C GLY F 21 -58.10 8.21 -20.12
N VAL F 22 -58.44 7.03 -20.68
CA VAL F 22 -58.64 6.61 -22.08
C VAL F 22 -57.25 6.12 -22.60
N LYS F 23 -56.52 6.83 -23.51
CA LYS F 23 -55.21 6.34 -24.00
C LYS F 23 -55.29 5.13 -25.01
N THR F 24 -54.51 5.25 -26.09
CA THR F 24 -54.33 4.33 -27.21
C THR F 24 -53.49 3.19 -26.73
N GLU F 25 -53.57 2.01 -27.43
CA GLU F 25 -52.74 0.83 -27.15
C GLU F 25 -51.29 1.32 -27.16
N HIS F 26 -50.95 2.21 -28.15
CA HIS F 26 -49.62 2.81 -28.30
C HIS F 26 -49.32 3.75 -27.15
N GLU F 27 -50.29 4.61 -26.78
CA GLU F 27 -50.13 5.55 -25.66
C GLU F 27 -49.76 4.84 -24.36
N ILE F 28 -50.46 3.71 -24.06
CA ILE F 28 -50.22 2.86 -22.89
C ILE F 28 -48.84 2.23 -22.98
N LEU F 29 -48.45 1.77 -24.19
CA LEU F 29 -47.13 1.18 -24.40
C LEU F 29 -46.05 2.19 -23.99
N ARG F 30 -46.16 3.43 -24.52
CA ARG F 30 -45.25 4.52 -24.24
C ARG F 30 -45.08 4.76 -22.73
N ILE F 31 -46.18 4.65 -21.93
CA ILE F 31 -46.19 4.82 -20.46
C ILE F 31 -45.27 3.81 -19.83
N PHE F 32 -45.40 2.54 -20.23
CA PHE F 32 -44.60 1.45 -19.69
C PHE F 32 -43.17 1.48 -20.18
N GLU F 33 -42.97 2.07 -21.39
CA GLU F 33 -41.64 2.22 -21.98
C GLU F 33 -40.93 3.32 -21.22
N SER F 34 -41.67 4.34 -20.73
CA SER F 34 -41.08 5.41 -19.91
C SER F 34 -40.49 4.81 -18.64
N ASP F 35 -41.21 3.85 -18.04
CA ASP F 35 -40.72 3.17 -16.85
C ASP F 35 -39.37 2.48 -17.11
N ARG F 36 -39.22 1.79 -18.28
CA ARG F 36 -37.98 1.10 -18.67
C ARG F 36 -36.82 2.08 -18.63
N GLY F 37 -37.02 3.23 -19.25
CA GLY F 37 -36.03 4.30 -19.32
C GLY F 37 -35.64 4.81 -17.96
N ARG F 38 -36.64 5.00 -17.07
CA ARG F 38 -36.45 5.47 -15.70
C ARG F 38 -35.55 4.47 -14.94
N ILE F 39 -35.93 3.19 -14.96
CA ILE F 39 -35.24 2.10 -14.30
C ILE F 39 -33.80 1.91 -14.84
N ILE F 40 -33.63 1.83 -16.18
CA ILE F 40 -32.34 1.62 -16.84
C ILE F 40 -31.37 2.78 -16.56
N ASN F 41 -31.87 4.00 -16.62
CA ASN F 41 -31.01 5.12 -16.35
C ASN F 41 -30.87 5.42 -14.86
N SER F 42 -31.52 4.61 -13.98
CA SER F 42 -31.41 4.81 -12.53
C SER F 42 -30.05 4.47 -11.97
N PRO F 43 -29.46 5.37 -11.17
CA PRO F 43 -28.17 5.08 -10.53
C PRO F 43 -28.27 3.91 -9.55
N ALA F 44 -29.48 3.65 -9.01
CA ALA F 44 -29.76 2.53 -8.13
C ALA F 44 -29.46 1.20 -8.85
N ILE F 45 -29.73 1.14 -10.18
CA ILE F 45 -29.44 -0.01 -11.02
C ILE F 45 -27.95 -0.01 -11.37
N ARG F 46 -27.36 1.14 -11.73
CA ARG F 46 -25.93 1.23 -12.04
C ARG F 46 -25.09 0.70 -10.87
N ARG F 47 -25.44 1.12 -9.64
CA ARG F 47 -24.80 0.69 -8.38
C ARG F 47 -24.73 -0.87 -8.27
N LEU F 48 -25.56 -1.60 -9.01
CA LEU F 48 -25.54 -3.05 -8.96
C LEU F 48 -24.27 -3.67 -9.51
N GLN F 49 -23.57 -2.97 -10.44
CA GLN F 49 -22.34 -3.54 -11.03
C GLN F 49 -21.18 -3.61 -9.99
N GLN F 50 -21.40 -3.04 -8.81
CA GLN F 50 -20.44 -2.97 -7.71
C GLN F 50 -21.04 -3.63 -6.45
N LYS F 51 -22.26 -4.25 -6.61
CA LYS F 51 -22.92 -5.01 -5.53
C LYS F 51 -22.77 -6.50 -5.84
N THR F 52 -22.41 -7.29 -4.79
CA THR F 52 -22.03 -8.70 -4.89
C THR F 52 -23.13 -9.73 -5.16
N GLN F 53 -22.78 -10.73 -5.95
CA GLN F 53 -23.66 -11.87 -6.18
C GLN F 53 -22.72 -13.01 -6.16
N VAL F 54 -22.81 -13.83 -5.12
CA VAL F 54 -21.94 -14.96 -4.84
C VAL F 54 -20.48 -14.71 -4.42
N PHE F 55 -19.65 -14.07 -5.22
CA PHE F 55 -18.27 -13.87 -4.83
C PHE F 55 -18.07 -12.44 -4.48
N PRO F 56 -17.83 -12.15 -3.21
CA PRO F 56 -17.72 -10.71 -2.83
C PRO F 56 -16.49 -9.99 -3.40
N LEU F 57 -16.59 -8.62 -3.53
CA LEU F 57 -15.55 -7.70 -4.01
C LEU F 57 -14.63 -8.34 -5.12
N GLU F 58 -15.24 -9.08 -6.06
CA GLU F 58 -14.56 -9.82 -7.13
C GLU F 58 -13.99 -8.89 -8.18
N ARG F 59 -12.71 -9.10 -8.61
CA ARG F 59 -12.09 -8.23 -9.60
C ARG F 59 -11.93 -8.92 -11.00
N ASN F 60 -12.59 -10.09 -11.18
CA ASN F 60 -12.69 -10.76 -12.49
C ASN F 60 -14.03 -10.34 -13.05
N ALA F 61 -14.01 -9.60 -14.17
CA ALA F 61 -15.23 -9.10 -14.80
C ALA F 61 -16.11 -10.21 -15.33
N ALA F 62 -15.49 -11.38 -15.65
CA ALA F 62 -16.10 -12.61 -16.17
C ALA F 62 -17.06 -13.24 -15.18
N VAL F 63 -16.91 -12.90 -13.88
CA VAL F 63 -17.76 -13.34 -12.78
C VAL F 63 -18.94 -12.35 -12.67
N ARG F 64 -20.13 -12.88 -12.44
CA ARG F 64 -21.35 -12.08 -12.31
C ARG F 64 -21.37 -11.22 -11.04
N THR F 65 -21.96 -10.02 -11.21
CA THR F 65 -22.26 -9.04 -10.18
C THR F 65 -23.77 -9.07 -10.08
N ARG F 66 -24.36 -8.16 -9.25
CA ARG F 66 -25.82 -8.17 -9.10
C ARG F 66 -26.47 -7.61 -10.36
N LEU F 67 -25.77 -6.80 -11.14
CA LEU F 67 -26.29 -6.26 -12.40
C LEU F 67 -26.30 -7.28 -13.52
N THR F 68 -25.16 -7.98 -13.74
CA THR F 68 -25.09 -9.00 -14.80
C THR F 68 -26.03 -10.14 -14.51
N HIS F 69 -26.20 -10.53 -13.26
CA HIS F 69 -27.19 -11.51 -12.93
C HIS F 69 -28.58 -11.04 -13.14
N SER F 70 -28.96 -9.86 -12.65
CA SER F 70 -30.30 -9.26 -12.85
C SER F 70 -30.64 -9.19 -14.35
N MET F 71 -29.62 -8.91 -15.20
CA MET F 71 -29.74 -8.85 -16.66
C MET F 71 -30.11 -10.20 -17.24
N GLU F 72 -29.50 -11.27 -16.71
CA GLU F 72 -29.74 -12.65 -17.11
C GLU F 72 -31.14 -13.08 -16.67
N VAL F 73 -31.57 -12.71 -15.41
CA VAL F 73 -32.91 -12.99 -14.85
C VAL F 73 -33.97 -12.39 -15.81
N GLN F 74 -33.73 -11.14 -16.24
CA GLN F 74 -34.53 -10.38 -17.19
C GLN F 74 -34.80 -11.20 -18.47
N GLN F 75 -33.77 -11.91 -19.01
CA GLN F 75 -33.99 -12.74 -20.19
C GLN F 75 -34.84 -13.97 -19.91
N VAL F 76 -34.65 -14.62 -18.73
CA VAL F 76 -35.45 -15.80 -18.34
C VAL F 76 -36.90 -15.37 -18.18
N GLY F 77 -37.10 -14.20 -17.55
CA GLY F 77 -38.41 -13.58 -17.33
C GLY F 77 -39.13 -13.32 -18.63
N ARG F 78 -38.37 -12.79 -19.64
CA ARG F 78 -38.86 -12.52 -20.98
C ARG F 78 -39.39 -13.81 -21.58
N TYR F 79 -38.56 -14.89 -21.61
CA TYR F 79 -38.89 -16.20 -22.13
C TYR F 79 -40.14 -16.80 -21.44
N ILE F 80 -40.24 -16.68 -20.09
CA ILE F 80 -41.42 -17.19 -19.35
C ILE F 80 -42.70 -16.44 -19.75
N ALA F 81 -42.68 -15.09 -19.72
CA ALA F 81 -43.85 -14.30 -20.11
C ALA F 81 -44.23 -14.58 -21.57
N LYS F 82 -43.20 -14.61 -22.47
CA LYS F 82 -43.40 -14.91 -23.89
C LYS F 82 -44.14 -16.23 -24.06
N GLU F 83 -43.73 -17.25 -23.27
CA GLU F 83 -44.39 -18.56 -23.30
C GLU F 83 -45.78 -18.54 -22.69
N ILE F 84 -46.01 -17.79 -21.59
CA ILE F 84 -47.35 -17.69 -20.99
C ILE F 84 -48.34 -17.12 -22.02
N LEU F 85 -47.94 -16.01 -22.66
CA LEU F 85 -48.76 -15.36 -23.67
C LEU F 85 -49.04 -16.25 -24.89
N SER F 86 -48.01 -17.01 -25.36
CA SER F 86 -48.11 -17.93 -26.51
C SER F 86 -49.15 -18.98 -26.27
N ARG F 87 -49.15 -19.59 -25.05
CA ARG F 87 -50.12 -20.64 -24.70
C ARG F 87 -51.50 -20.04 -24.62
N LEU F 88 -51.63 -18.92 -23.89
CA LEU F 88 -52.92 -18.24 -23.74
C LEU F 88 -53.54 -17.92 -25.12
N LYS F 89 -52.70 -17.56 -26.11
CA LYS F 89 -53.08 -17.29 -27.48
C LYS F 89 -53.52 -18.57 -28.13
N GLU F 90 -52.83 -19.71 -27.86
CA GLU F 90 -53.23 -21.03 -28.40
C GLU F 90 -54.60 -21.42 -27.86
N LEU F 91 -54.89 -21.11 -26.57
CA LEU F 91 -56.15 -21.42 -25.91
C LEU F 91 -57.25 -20.37 -26.17
N LYS F 92 -56.91 -19.38 -26.98
CA LYS F 92 -57.74 -18.27 -27.40
C LYS F 92 -58.10 -17.30 -26.21
N LEU F 93 -57.81 -17.75 -24.96
CA LEU F 93 -58.01 -17.04 -23.70
C LEU F 93 -57.40 -15.61 -23.60
N LEU F 94 -56.52 -15.22 -24.57
CA LEU F 94 -55.86 -13.92 -24.53
C LEU F 94 -56.83 -12.76 -24.54
N GLU F 95 -57.76 -12.74 -25.52
CA GLU F 95 -58.80 -11.70 -25.59
C GLU F 95 -59.70 -11.76 -24.35
N ALA F 96 -60.07 -12.99 -23.94
CA ALA F 96 -60.88 -13.31 -22.79
C ALA F 96 -60.32 -12.81 -21.47
N TYR F 97 -58.98 -12.76 -21.33
CA TYR F 97 -58.32 -12.29 -20.11
C TYR F 97 -57.86 -10.81 -20.14
N GLY F 98 -58.34 -10.03 -21.13
CA GLY F 98 -57.99 -8.62 -21.29
C GLY F 98 -56.54 -8.34 -21.64
N LEU F 99 -55.79 -9.40 -21.97
CA LEU F 99 -54.38 -9.33 -22.32
C LEU F 99 -54.14 -8.99 -23.76
N ASP F 100 -55.12 -9.19 -24.65
CA ASP F 100 -54.96 -8.94 -26.09
C ASP F 100 -54.33 -7.57 -26.43
N GLU F 101 -54.58 -6.53 -25.62
CA GLU F 101 -54.00 -5.21 -25.90
C GLU F 101 -52.84 -4.83 -24.95
N LEU F 102 -52.57 -5.68 -23.96
CA LEU F 102 -51.52 -5.48 -22.97
C LEU F 102 -50.36 -6.50 -23.04
N THR F 103 -50.08 -7.01 -24.25
CA THR F 103 -49.04 -8.01 -24.46
C THR F 103 -47.65 -7.47 -24.12
N GLY F 104 -47.36 -6.28 -24.65
CA GLY F 104 -46.10 -5.55 -24.43
C GLY F 104 -45.90 -5.20 -22.97
N PRO F 105 -46.85 -4.47 -22.33
CA PRO F 105 -46.72 -4.16 -20.89
C PRO F 105 -46.52 -5.40 -20.04
N PHE F 106 -47.29 -6.49 -20.30
CA PHE F 106 -47.15 -7.77 -19.58
C PHE F 106 -45.66 -8.22 -19.56
N GLU F 107 -45.06 -8.32 -20.75
CA GLU F 107 -43.67 -8.69 -20.96
C GLU F 107 -42.74 -7.69 -20.27
N SER F 108 -42.84 -6.37 -20.64
CA SER F 108 -42.02 -5.30 -20.06
C SER F 108 -42.04 -5.28 -18.53
N ILE F 109 -43.23 -5.32 -17.90
CA ILE F 109 -43.36 -5.33 -16.43
C ILE F 109 -42.52 -6.46 -15.82
N VAL F 110 -42.60 -7.68 -16.40
CA VAL F 110 -41.83 -8.84 -15.95
C VAL F 110 -40.34 -8.55 -16.10
N GLU F 111 -39.89 -8.18 -17.32
CA GLU F 111 -38.51 -7.82 -17.62
C GLU F 111 -37.96 -6.75 -16.63
N MET F 112 -38.71 -5.66 -16.40
CA MET F 112 -38.25 -4.61 -15.51
C MET F 112 -38.20 -5.03 -14.06
N SER F 113 -39.26 -5.70 -13.54
CA SER F 113 -39.25 -6.15 -12.14
C SER F 113 -38.21 -7.23 -11.93
N CYS F 114 -37.70 -7.83 -13.04
CA CYS F 114 -36.60 -8.79 -13.01
C CYS F 114 -35.31 -8.08 -12.74
N LEU F 115 -35.04 -7.00 -13.50
CA LEU F 115 -33.86 -6.13 -13.39
C LEU F 115 -33.81 -5.46 -12.01
N MET F 116 -34.98 -5.08 -11.47
CA MET F 116 -35.10 -4.40 -10.18
C MET F 116 -35.18 -5.32 -8.98
N HIS F 117 -35.33 -6.66 -9.17
CA HIS F 117 -35.30 -7.57 -8.03
C HIS F 117 -33.84 -7.36 -7.61
N ASP F 118 -33.61 -7.14 -6.33
CA ASP F 118 -32.26 -6.91 -5.80
C ASP F 118 -31.81 -5.47 -5.66
N ILE F 119 -32.56 -4.56 -6.17
CA ILE F 119 -32.24 -3.12 -6.08
C ILE F 119 -32.00 -2.67 -4.64
N GLY F 120 -32.77 -3.25 -3.70
CA GLY F 120 -32.72 -2.91 -2.29
C GLY F 120 -31.80 -3.73 -1.40
N ASN F 121 -31.06 -4.69 -1.97
CA ASN F 121 -30.14 -5.54 -1.22
C ASN F 121 -28.99 -4.75 -0.61
N PRO F 122 -28.62 -5.02 0.67
CA PRO F 122 -27.58 -4.24 1.33
C PRO F 122 -26.15 -4.62 0.90
N PRO F 123 -25.08 -3.87 1.31
CA PRO F 123 -23.74 -4.18 0.86
C PRO F 123 -23.31 -5.63 0.91
N PHE F 124 -23.36 -6.33 2.05
CA PHE F 124 -22.79 -7.67 1.86
C PHE F 124 -23.84 -8.79 1.81
N GLY F 125 -24.91 -8.52 1.07
CA GLY F 125 -26.01 -9.46 0.84
C GLY F 125 -26.68 -9.88 2.13
N HIS F 126 -26.73 -11.15 2.41
CA HIS F 126 -27.33 -11.63 3.64
C HIS F 126 -26.55 -11.32 4.84
N PHE F 127 -25.34 -10.86 4.65
CA PHE F 127 -24.48 -10.52 5.78
C PHE F 127 -24.67 -9.09 6.13
N GLY F 128 -25.26 -8.37 5.22
CA GLY F 128 -25.77 -7.01 5.42
C GLY F 128 -27.12 -7.10 6.14
N GLU F 129 -28.01 -7.94 5.77
CA GLU F 129 -29.15 -7.96 6.58
C GLU F 129 -28.74 -8.39 7.98
N ALA F 130 -27.93 -9.40 8.07
CA ALA F 130 -27.43 -9.98 9.33
C ALA F 130 -26.90 -8.90 10.23
N ALA F 131 -25.87 -8.18 9.78
CA ALA F 131 -25.22 -7.11 10.56
C ALA F 131 -26.19 -6.03 10.99
N ILE F 132 -27.06 -5.55 10.05
CA ILE F 132 -28.07 -4.51 10.31
C ILE F 132 -29.06 -4.96 11.40
N ASN F 133 -29.70 -6.12 11.21
CA ASN F 133 -30.68 -6.66 12.17
C ASN F 133 -30.10 -7.01 13.51
N ASP F 134 -28.88 -7.59 13.52
CA ASP F 134 -28.21 -7.98 14.76
C ASP F 134 -27.84 -6.75 15.58
N TRP F 135 -27.37 -5.66 14.91
CA TRP F 135 -27.02 -4.38 15.55
C TRP F 135 -28.25 -3.75 16.14
N PHE F 136 -29.36 -3.80 15.42
CA PHE F 136 -30.58 -3.17 15.91
C PHE F 136 -31.23 -3.98 17.03
N ARG F 137 -31.15 -5.33 16.95
CA ARG F 137 -31.71 -6.23 17.96
C ARG F 137 -31.10 -6.01 19.33
N GLN F 138 -29.76 -5.85 19.41
CA GLN F 138 -29.05 -5.59 20.67
C GLN F 138 -29.35 -4.19 21.23
N ARG F 139 -29.69 -3.22 20.35
CA ARG F 139 -30.02 -1.86 20.77
C ARG F 139 -31.43 -1.83 21.37
N LEU F 140 -32.44 -2.17 20.56
CA LEU F 140 -33.86 -2.18 20.94
C LEU F 140 -34.42 -3.61 20.84
N HIS F 141 -34.24 -4.44 21.90
CA HIS F 141 -34.68 -5.84 21.93
C HIS F 141 -36.18 -6.04 21.62
N PRO F 142 -36.54 -6.56 20.42
CA PRO F 142 -37.97 -6.73 20.09
C PRO F 142 -38.59 -7.94 20.78
N GLU F 143 -37.73 -8.82 21.29
CA GLU F 143 -38.08 -10.04 22.00
C GLU F 143 -38.95 -9.73 23.23
N ASP F 144 -38.58 -8.68 23.98
CA ASP F 144 -39.24 -8.20 25.20
C ASP F 144 -40.61 -7.60 24.92
N ALA F 145 -40.76 -6.93 23.77
CA ALA F 145 -41.98 -6.24 23.39
C ALA F 145 -43.19 -7.13 23.07
N GLU F 146 -43.01 -8.44 22.75
CA GLU F 146 -44.09 -9.36 22.37
C GLU F 146 -45.27 -9.44 23.38
N SER F 147 -45.01 -9.13 24.65
CA SER F 147 -46.02 -9.17 25.73
C SER F 147 -46.24 -7.78 26.36
N GLN F 148 -46.17 -7.69 27.72
CA GLN F 148 -46.28 -6.48 28.52
C GLN F 148 -45.04 -6.22 29.43
N PRO F 149 -44.33 -7.25 29.97
CA PRO F 149 -43.17 -6.96 30.86
C PRO F 149 -41.76 -6.88 30.21
N LEU F 150 -40.79 -6.06 30.74
CA LEU F 150 -40.78 -5.06 31.85
C LEU F 150 -40.62 -5.63 33.31
N THR F 151 -40.05 -4.82 34.27
CA THR F 151 -39.50 -3.47 34.05
C THR F 151 -38.07 -3.60 33.48
N ASP F 152 -37.60 -4.86 33.42
CA ASP F 152 -36.33 -5.38 32.90
C ASP F 152 -36.23 -5.27 31.36
N ASP F 153 -36.99 -4.32 30.74
CA ASP F 153 -37.00 -4.06 29.30
C ASP F 153 -35.58 -3.69 28.86
N ARG F 154 -34.96 -4.62 28.12
CA ARG F 154 -33.59 -4.52 27.63
C ARG F 154 -33.37 -3.44 26.57
N CYS F 155 -34.45 -2.79 26.09
CA CYS F 155 -34.41 -1.74 25.07
C CYS F 155 -33.72 -0.49 25.59
N SER F 156 -32.60 -0.10 24.97
CA SER F 156 -31.79 1.07 25.34
C SER F 156 -32.55 2.37 25.11
N VAL F 157 -33.36 2.41 24.03
CA VAL F 157 -34.17 3.56 23.64
C VAL F 157 -35.24 3.78 24.67
N ALA F 158 -35.06 4.86 25.46
CA ALA F 158 -35.94 5.24 26.55
C ALA F 158 -37.40 5.39 26.11
N ALA F 159 -37.61 6.04 24.97
CA ALA F 159 -38.93 6.27 24.41
C ALA F 159 -39.66 4.96 24.06
N LEU F 160 -38.95 4.02 23.41
CA LEU F 160 -39.48 2.75 22.92
C LEU F 160 -39.73 1.65 23.98
N ARG F 161 -39.33 1.87 25.25
CA ARG F 161 -39.56 0.90 26.32
C ARG F 161 -41.03 0.93 26.64
N LEU F 162 -41.67 -0.26 26.74
CA LEU F 162 -43.11 -0.49 26.92
C LEU F 162 -43.80 0.04 28.24
N ARG F 163 -43.32 1.19 28.77
CA ARG F 163 -43.84 1.87 29.97
C ARG F 163 -45.37 1.70 30.17
N ASP F 164 -45.89 1.06 31.28
CA ASP F 164 -45.26 0.33 32.42
C ASP F 164 -46.31 -0.24 33.48
N GLY F 165 -47.31 -1.04 33.09
CA GLY F 165 -47.69 -1.45 31.74
C GLY F 165 -49.06 -0.93 31.41
N GLU F 166 -49.12 0.36 30.97
CA GLU F 166 -50.32 1.16 30.64
C GLU F 166 -50.35 1.67 29.17
N GLU F 167 -51.57 2.07 28.68
CA GLU F 167 -51.91 2.68 27.36
C GLU F 167 -51.57 1.83 26.05
N PRO F 168 -52.28 2.12 24.92
CA PRO F 168 -52.05 1.36 23.68
C PRO F 168 -50.97 1.96 22.79
N LEU F 169 -50.28 3.01 23.29
CA LEU F 169 -49.14 3.67 22.63
C LEU F 169 -48.03 2.62 22.55
N ASN F 170 -48.11 1.62 23.47
CA ASN F 170 -47.28 0.42 23.60
C ASN F 170 -47.22 -0.31 22.26
N GLU F 171 -48.38 -0.43 21.59
CA GLU F 171 -48.54 -1.12 20.32
C GLU F 171 -47.64 -0.54 19.26
N LEU F 172 -47.52 0.81 19.22
CA LEU F 172 -46.63 1.50 18.27
C LEU F 172 -45.18 1.10 18.56
N ARG F 173 -44.79 1.06 19.84
CA ARG F 173 -43.46 0.68 20.30
C ARG F 173 -43.11 -0.74 19.83
N ARG F 174 -44.08 -1.70 19.96
CA ARG F 174 -43.96 -3.10 19.50
C ARG F 174 -43.67 -3.12 17.99
N LYS F 175 -44.56 -2.46 17.21
CA LYS F 175 -44.47 -2.33 15.77
C LYS F 175 -43.09 -1.76 15.35
N ILE F 176 -42.69 -0.58 15.93
CA ILE F 176 -41.40 0.09 15.64
C ILE F 176 -40.18 -0.83 15.94
N ARG F 177 -40.16 -1.44 17.17
CA ARG F 177 -39.10 -2.35 17.59
C ARG F 177 -38.93 -3.58 16.70
N GLN F 178 -40.06 -4.18 16.24
CA GLN F 178 -40.00 -5.36 15.36
C GLN F 178 -39.55 -4.98 13.95
N ASP F 179 -40.07 -3.84 13.40
CA ASP F 179 -39.80 -3.30 12.06
C ASP F 179 -38.33 -3.01 11.84
N LEU F 180 -37.71 -2.26 12.77
CA LEU F 180 -36.32 -1.86 12.67
C LEU F 180 -35.35 -3.05 12.76
N CYS F 181 -35.78 -4.13 13.41
CA CYS F 181 -35.01 -5.35 13.54
C CYS F 181 -35.32 -6.33 12.42
N HIS F 182 -36.19 -5.91 11.47
CA HIS F 182 -36.58 -6.74 10.36
C HIS F 182 -36.30 -6.12 8.99
N PHE F 183 -35.07 -5.65 8.80
CA PHE F 183 -34.62 -5.14 7.53
C PHE F 183 -34.60 -6.33 6.55
N GLU F 184 -35.08 -6.08 5.33
CA GLU F 184 -35.08 -7.04 4.23
C GLU F 184 -34.93 -6.24 2.94
N GLY F 185 -34.09 -6.75 2.04
CA GLY F 185 -33.85 -6.15 0.74
C GLY F 185 -35.13 -5.89 -0.03
N ASN F 186 -36.09 -6.85 0.01
CA ASN F 186 -37.39 -6.75 -0.66
C ASN F 186 -38.17 -5.51 -0.20
N ALA F 187 -38.30 -5.34 1.12
CA ALA F 187 -39.01 -4.22 1.73
C ALA F 187 -38.29 -2.91 1.42
N GLN F 188 -36.94 -2.93 1.48
CA GLN F 188 -36.03 -1.80 1.24
C GLN F 188 -36.10 -1.41 -0.23
N GLY F 189 -36.47 -2.36 -1.07
CA GLY F 189 -36.62 -2.14 -2.50
C GLY F 189 -37.80 -1.23 -2.78
N ILE F 190 -38.94 -1.50 -2.12
CA ILE F 190 -40.16 -0.68 -2.23
C ILE F 190 -39.87 0.74 -1.67
N ARG F 191 -39.17 0.79 -0.52
CA ARG F 191 -38.77 2.03 0.15
C ARG F 191 -37.89 2.84 -0.77
N LEU F 192 -36.97 2.16 -1.50
CA LEU F 192 -36.03 2.71 -2.45
C LEU F 192 -36.74 3.30 -3.67
N VAL F 193 -37.48 2.47 -4.46
CA VAL F 193 -38.17 2.95 -5.66
C VAL F 193 -39.16 4.06 -5.35
N HIS F 194 -39.83 3.98 -4.19
CA HIS F 194 -40.84 4.94 -3.84
C HIS F 194 -40.35 6.16 -3.07
N THR F 195 -39.93 6.01 -1.82
CA THR F 195 -39.60 7.17 -0.98
C THR F 195 -38.24 7.77 -1.25
N LEU F 196 -37.25 6.94 -1.48
CA LEU F 196 -35.86 7.37 -1.63
C LEU F 196 -35.45 7.83 -3.02
N MET F 197 -35.83 7.10 -4.05
CA MET F 197 -35.46 7.43 -5.43
C MET F 197 -36.49 8.31 -6.10
N ARG F 198 -37.75 8.26 -5.60
CA ARG F 198 -38.89 8.97 -6.16
C ARG F 198 -38.94 8.77 -7.68
N MET F 199 -38.91 7.48 -8.09
CA MET F 199 -38.91 7.07 -9.49
C MET F 199 -40.20 7.31 -10.17
N ASN F 200 -41.32 7.32 -9.41
CA ASN F 200 -42.69 7.52 -9.89
C ASN F 200 -43.02 6.55 -11.03
N LEU F 201 -42.82 5.26 -10.73
CA LEU F 201 -43.15 4.19 -11.66
C LEU F 201 -44.70 4.04 -11.72
N THR F 202 -45.18 3.22 -12.67
CA THR F 202 -46.61 2.92 -12.77
C THR F 202 -46.91 1.96 -11.61
N TRP F 203 -48.16 1.95 -11.14
CA TRP F 203 -48.60 1.06 -10.06
C TRP F 203 -48.27 -0.40 -10.39
N ALA F 204 -48.54 -0.82 -11.65
CA ALA F 204 -48.25 -2.18 -12.12
C ALA F 204 -46.77 -2.50 -11.96
N GLN F 205 -45.88 -1.58 -12.34
CA GLN F 205 -44.44 -1.77 -12.23
C GLN F 205 -43.95 -1.96 -10.79
N VAL F 206 -44.59 -1.27 -9.84
CA VAL F 206 -44.27 -1.34 -8.41
C VAL F 206 -44.79 -2.65 -7.83
N GLY F 207 -45.97 -3.07 -8.27
CA GLY F 207 -46.57 -4.32 -7.81
C GLY F 207 -45.70 -5.51 -8.13
N GLY F 208 -44.95 -5.40 -9.23
CA GLY F 208 -44.04 -6.44 -9.71
C GLY F 208 -42.84 -6.67 -8.83
N ILE F 209 -42.39 -5.64 -8.09
CA ILE F 209 -41.23 -5.78 -7.21
C ILE F 209 -41.65 -6.06 -5.76
N LEU F 210 -42.97 -6.23 -5.49
CA LEU F 210 -43.48 -6.58 -4.16
C LEU F 210 -43.75 -8.08 -4.17
N LYS F 211 -42.67 -8.80 -3.86
CA LYS F 211 -42.49 -10.23 -3.71
C LYS F 211 -43.14 -10.92 -2.56
N TYR F 212 -43.10 -10.24 -1.43
CA TYR F 212 -43.59 -10.70 -0.13
C TYR F 212 -44.67 -9.78 0.40
N THR F 213 -45.66 -10.34 1.08
CA THR F 213 -46.79 -9.57 1.56
C THR F 213 -46.82 -9.40 3.09
N ARG F 214 -45.74 -9.81 3.75
CA ARG F 214 -45.61 -9.70 5.20
C ARG F 214 -45.13 -8.32 5.63
N PRO F 215 -45.86 -7.66 6.54
CA PRO F 215 -45.39 -6.37 7.07
C PRO F 215 -44.19 -6.63 7.97
N ALA F 216 -43.11 -5.86 7.80
CA ALA F 216 -41.88 -6.04 8.60
C ALA F 216 -42.13 -6.21 10.10
N TRP F 217 -43.07 -5.43 10.65
CA TRP F 217 -43.44 -5.43 12.07
C TRP F 217 -44.20 -6.66 12.52
N TRP F 218 -44.62 -7.54 11.59
CA TRP F 218 -45.36 -8.76 11.90
C TRP F 218 -44.63 -9.54 12.97
N ARG F 219 -45.37 -9.87 14.06
CA ARG F 219 -44.84 -10.55 15.24
C ARG F 219 -45.28 -12.01 15.39
N GLY F 220 -46.50 -12.33 14.95
CA GLY F 220 -47.03 -13.68 15.03
C GLY F 220 -46.42 -14.68 14.07
N GLU F 221 -46.67 -15.97 14.33
CA GLU F 221 -46.25 -17.08 13.46
C GLU F 221 -47.48 -17.43 12.65
N THR F 222 -48.50 -16.55 12.79
CA THR F 222 -49.86 -16.59 12.26
C THR F 222 -49.93 -16.63 10.68
N PRO F 223 -48.90 -16.41 9.79
CA PRO F 223 -49.16 -16.65 8.37
C PRO F 223 -49.85 -18.02 8.18
N GLU F 224 -51.10 -18.01 7.69
CA GLU F 224 -51.91 -19.23 7.47
C GLU F 224 -52.47 -19.06 6.08
N THR F 225 -52.23 -20.05 5.16
CA THR F 225 -52.60 -20.03 3.72
C THR F 225 -51.93 -18.85 3.01
N HIS F 226 -51.01 -18.22 3.72
CA HIS F 226 -50.20 -17.08 3.33
C HIS F 226 -48.81 -17.30 3.84
N HIS F 227 -48.56 -18.53 4.37
CA HIS F 227 -47.27 -18.95 4.92
C HIS F 227 -46.14 -18.69 3.98
N TYR F 228 -46.43 -18.85 2.66
CA TYR F 228 -45.44 -18.65 1.62
C TYR F 228 -45.28 -17.20 1.23
N LEU F 229 -46.39 -16.53 0.89
CA LEU F 229 -46.37 -15.13 0.46
C LEU F 229 -45.82 -14.20 1.55
N MET F 230 -46.00 -14.60 2.82
CA MET F 230 -45.55 -13.87 3.98
C MET F 230 -44.25 -14.44 4.58
N LYS F 231 -43.52 -15.27 3.80
CA LYS F 231 -42.23 -15.92 4.11
C LYS F 231 -41.26 -14.93 4.80
N LYS F 232 -41.02 -13.80 4.19
CA LYS F 232 -40.16 -12.74 4.70
C LYS F 232 -40.82 -11.39 4.62
N PRO F 233 -40.28 -10.35 5.21
CA PRO F 233 -41.03 -9.10 5.15
C PRO F 233 -40.95 -8.54 3.74
N GLY F 234 -42.08 -8.04 3.28
CA GLY F 234 -42.22 -7.47 1.95
C GLY F 234 -42.29 -5.95 1.92
N TYR F 235 -42.57 -5.30 3.07
CA TYR F 235 -42.67 -3.86 3.21
C TYR F 235 -42.55 -3.42 4.65
N TYR F 236 -42.03 -2.20 4.86
CA TYR F 236 -41.86 -1.61 6.20
C TYR F 236 -43.08 -0.83 6.71
N LEU F 237 -43.07 -0.49 8.01
CA LEU F 237 -44.08 0.32 8.66
C LEU F 237 -44.16 1.64 7.91
N SER F 238 -42.99 2.22 7.53
CA SER F 238 -42.80 3.47 6.79
C SER F 238 -43.49 3.51 5.41
N GLU F 239 -43.89 2.36 4.86
CA GLU F 239 -44.58 2.34 3.58
C GLU F 239 -45.98 1.75 3.66
N GLU F 240 -46.51 1.57 4.90
CA GLU F 240 -47.82 0.96 5.11
C GLU F 240 -48.87 1.58 4.18
N ALA F 241 -48.86 2.93 4.16
CA ALA F 241 -49.78 3.77 3.39
C ALA F 241 -49.61 3.58 1.90
N TYR F 242 -48.35 3.56 1.42
CA TYR F 242 -48.04 3.37 0.02
C TYR F 242 -48.62 2.03 -0.44
N ILE F 243 -48.24 0.97 0.28
CA ILE F 243 -48.69 -0.39 0.06
C ILE F 243 -50.21 -0.45 0.08
N ALA F 244 -50.84 0.35 0.95
CA ALA F 244 -52.30 0.43 1.02
C ALA F 244 -52.89 1.00 -0.28
N ARG F 245 -52.29 2.08 -0.83
CA ARG F 245 -52.76 2.67 -2.08
C ARG F 245 -52.50 1.71 -3.24
N LEU F 246 -51.31 1.09 -3.22
CA LEU F 246 -50.88 0.10 -4.22
C LEU F 246 -51.88 -1.06 -4.25
N ARG F 247 -52.31 -1.54 -3.06
CA ARG F 247 -53.29 -2.61 -2.91
C ARG F 247 -54.56 -2.20 -3.63
N LYS F 248 -55.03 -0.96 -3.39
CA LYS F 248 -56.25 -0.41 -4.03
C LYS F 248 -56.10 -0.31 -5.53
N GLU F 249 -54.98 0.29 -5.99
CA GLU F 249 -54.70 0.54 -7.40
C GLU F 249 -54.55 -0.75 -8.23
N LEU F 250 -54.08 -1.82 -7.60
CA LEU F 250 -53.91 -3.09 -8.30
C LEU F 250 -54.97 -4.12 -7.93
N ASN F 251 -56.00 -3.69 -7.17
CA ASN F 251 -57.11 -4.54 -6.68
C ASN F 251 -56.57 -5.83 -6.06
N LEU F 252 -55.69 -5.63 -5.06
CA LEU F 252 -55.06 -6.69 -4.28
C LEU F 252 -55.71 -6.77 -2.91
N ALA F 253 -55.97 -8.01 -2.46
CA ALA F 253 -56.53 -8.27 -1.15
C ALA F 253 -55.41 -8.12 -0.13
N LEU F 254 -55.75 -7.99 1.17
CA LEU F 254 -54.70 -7.87 2.18
C LEU F 254 -53.80 -9.09 2.14
N TYR F 255 -52.47 -8.84 2.13
CA TYR F 255 -51.42 -9.85 2.04
C TYR F 255 -51.49 -10.68 0.73
N SER F 256 -52.16 -10.15 -0.32
CA SER F 256 -52.20 -10.80 -1.63
C SER F 256 -51.14 -10.16 -2.52
N ARG F 257 -50.51 -11.00 -3.38
CA ARG F 257 -49.42 -10.64 -4.28
C ARG F 257 -49.89 -10.22 -5.69
N PHE F 258 -49.05 -9.44 -6.41
CA PHE F 258 -49.32 -9.03 -7.77
C PHE F 258 -49.14 -10.25 -8.74
N PRO F 259 -50.09 -10.49 -9.68
CA PRO F 259 -49.99 -11.68 -10.55
C PRO F 259 -48.71 -11.88 -11.35
N LEU F 260 -47.99 -10.85 -11.67
CA LEU F 260 -46.81 -11.04 -12.48
C LEU F 260 -45.58 -11.42 -11.67
N THR F 261 -45.63 -11.27 -10.34
CA THR F 261 -44.51 -11.51 -9.45
C THR F 261 -43.99 -12.95 -9.56
N TRP F 262 -44.89 -13.94 -9.59
CA TRP F 262 -44.56 -15.38 -9.65
C TRP F 262 -43.74 -15.73 -10.89
N ILE F 263 -43.87 -14.92 -11.97
CA ILE F 263 -43.11 -15.08 -13.22
C ILE F 263 -41.67 -14.68 -12.93
N MET F 264 -41.50 -13.47 -12.39
CA MET F 264 -40.20 -12.88 -12.05
C MET F 264 -39.44 -13.76 -11.07
N GLU F 265 -40.14 -14.23 -10.03
CA GLU F 265 -39.64 -15.08 -8.95
C GLU F 265 -39.04 -16.34 -9.52
N ALA F 266 -39.78 -16.99 -10.44
CA ALA F 266 -39.38 -18.23 -11.12
C ALA F 266 -38.11 -17.98 -11.91
N ALA F 267 -38.10 -16.90 -12.73
CA ALA F 267 -36.97 -16.51 -13.57
C ALA F 267 -35.70 -16.32 -12.77
N ASP F 268 -35.79 -15.79 -11.57
CA ASP F 268 -34.66 -15.59 -10.67
C ASP F 268 -34.06 -16.88 -10.18
N ASP F 269 -34.90 -17.79 -9.68
CA ASP F 269 -34.45 -19.12 -9.25
C ASP F 269 -33.74 -19.89 -10.38
N ILE F 270 -34.39 -20.03 -11.55
CA ILE F 270 -33.84 -20.74 -12.70
C ILE F 270 -32.40 -20.23 -13.08
N SER F 271 -32.21 -18.91 -13.20
CA SER F 271 -30.95 -18.30 -13.64
C SER F 271 -29.80 -18.30 -12.66
N TYR F 272 -30.06 -18.16 -11.39
CA TYR F 272 -28.95 -18.17 -10.51
C TYR F 272 -28.28 -19.46 -10.30
N CYS F 273 -29.02 -20.55 -10.20
CA CYS F 273 -28.38 -21.82 -9.89
C CYS F 273 -27.37 -22.26 -10.92
N VAL F 274 -27.74 -22.27 -12.17
CA VAL F 274 -26.83 -22.69 -13.22
C VAL F 274 -25.65 -21.75 -13.32
N ALA F 275 -25.90 -20.47 -13.20
CA ALA F 275 -24.91 -19.45 -13.28
C ALA F 275 -23.90 -19.47 -12.24
N ASP F 276 -24.26 -19.81 -11.03
CA ASP F 276 -23.29 -19.87 -9.94
C ASP F 276 -22.25 -20.95 -10.06
N LEU F 277 -22.66 -22.06 -10.66
CA LEU F 277 -21.81 -23.21 -10.94
C LEU F 277 -20.83 -22.87 -12.09
N GLU F 278 -21.28 -22.04 -13.09
CA GLU F 278 -20.48 -21.57 -14.21
C GLU F 278 -19.31 -20.73 -13.68
N ASP F 279 -19.63 -19.78 -12.78
CA ASP F 279 -18.72 -18.87 -12.10
C ASP F 279 -17.70 -19.61 -11.25
N ALA F 280 -18.14 -20.67 -10.51
CA ALA F 280 -17.28 -21.50 -9.66
C ALA F 280 -16.19 -22.16 -10.50
N VAL F 281 -16.56 -22.68 -11.70
CA VAL F 281 -15.65 -23.32 -12.65
C VAL F 281 -14.62 -22.28 -13.14
N GLU F 282 -15.10 -21.04 -13.45
CA GLU F 282 -14.27 -19.91 -13.87
C GLU F 282 -13.30 -19.53 -12.74
N LYS F 283 -13.82 -19.35 -11.51
CA LYS F 283 -13.04 -19.05 -10.32
C LYS F 283 -12.11 -20.22 -9.92
N ARG F 284 -12.01 -21.25 -10.82
CA ARG F 284 -11.18 -22.45 -10.69
C ARG F 284 -11.44 -23.24 -9.37
N ILE F 285 -12.69 -23.14 -8.79
CA ILE F 285 -13.09 -23.83 -7.56
C ILE F 285 -13.07 -25.36 -7.83
N PHE F 286 -13.50 -25.75 -9.04
CA PHE F 286 -13.48 -27.14 -9.52
C PHE F 286 -13.47 -27.13 -11.04
N THR F 287 -13.14 -28.28 -11.65
CA THR F 287 -13.17 -28.39 -13.10
C THR F 287 -14.61 -28.71 -13.52
N VAL F 288 -14.89 -28.61 -14.83
CA VAL F 288 -16.20 -28.95 -15.39
C VAL F 288 -16.49 -30.46 -15.19
N GLU F 289 -15.42 -31.31 -15.26
CA GLU F 289 -15.52 -32.75 -15.04
C GLU F 289 -15.82 -33.03 -13.57
N GLN F 290 -15.13 -32.30 -12.65
CA GLN F 290 -15.34 -32.37 -11.20
C GLN F 290 -16.79 -32.03 -10.87
N LEU F 291 -17.31 -30.95 -11.49
CA LEU F 291 -18.69 -30.50 -11.32
C LEU F 291 -19.67 -31.57 -11.74
N TYR F 292 -19.47 -32.16 -12.94
CA TYR F 292 -20.36 -33.20 -13.44
C TYR F 292 -20.50 -34.35 -12.47
N HIS F 293 -19.38 -34.73 -11.84
CA HIS F 293 -19.39 -35.81 -10.87
C HIS F 293 -20.13 -35.42 -9.60
N HIS F 294 -20.04 -34.15 -9.17
CA HIS F 294 -20.77 -33.70 -7.99
C HIS F 294 -22.27 -33.74 -8.21
N LEU F 295 -22.72 -33.37 -9.42
CA LEU F 295 -24.13 -33.35 -9.82
C LEU F 295 -24.66 -34.78 -9.88
N HIS F 296 -23.86 -35.69 -10.44
CA HIS F 296 -24.25 -37.08 -10.60
C HIS F 296 -24.42 -37.82 -9.27
N GLU F 297 -23.64 -37.44 -8.26
CA GLU F 297 -23.70 -38.02 -6.91
C GLU F 297 -24.89 -37.44 -6.13
N ALA F 298 -25.27 -36.17 -6.40
CA ALA F 298 -26.39 -35.48 -5.76
C ALA F 298 -27.79 -35.96 -6.24
N TRP F 299 -27.90 -36.59 -7.43
CA TRP F 299 -29.15 -37.23 -7.88
C TRP F 299 -29.02 -38.68 -7.39
N GLY F 300 -30.15 -39.35 -7.13
CA GLY F 300 -30.19 -40.75 -6.73
C GLY F 300 -30.35 -41.71 -7.90
N GLN F 301 -29.91 -41.27 -9.11
CA GLN F 301 -29.99 -42.00 -10.38
C GLN F 301 -29.29 -41.28 -11.59
N HIS F 302 -29.27 -42.02 -12.72
CA HIS F 302 -28.70 -41.71 -14.04
C HIS F 302 -29.83 -42.04 -15.07
N GLU F 303 -30.31 -43.32 -15.03
CA GLU F 303 -31.30 -44.07 -15.86
C GLU F 303 -32.40 -43.21 -16.52
N LYS F 304 -32.36 -43.16 -17.88
CA LYS F 304 -33.29 -42.45 -18.77
C LYS F 304 -34.72 -43.00 -18.56
N GLY F 305 -35.75 -42.16 -18.60
CA GLY F 305 -35.73 -40.73 -18.90
C GLY F 305 -35.73 -39.82 -17.70
N SER F 306 -34.65 -39.93 -16.90
CA SER F 306 -34.36 -39.10 -15.72
C SER F 306 -34.09 -37.72 -16.29
N LEU F 307 -34.65 -36.69 -15.65
CA LEU F 307 -34.44 -35.32 -16.10
C LEU F 307 -32.96 -35.00 -16.14
N PHE F 308 -32.16 -35.62 -15.23
CA PHE F 308 -30.70 -35.49 -15.19
C PHE F 308 -30.10 -35.87 -16.53
N SER F 309 -30.38 -37.10 -17.00
CA SER F 309 -29.89 -37.62 -18.28
C SER F 309 -30.33 -36.77 -19.49
N LEU F 310 -31.53 -36.19 -19.39
CA LEU F 310 -32.17 -35.39 -20.42
C LEU F 310 -31.62 -33.96 -20.46
N VAL F 311 -31.06 -33.44 -19.31
CA VAL F 311 -30.52 -32.08 -19.11
C VAL F 311 -29.00 -32.06 -18.83
N VAL F 312 -28.55 -32.51 -17.64
CA VAL F 312 -27.15 -32.44 -17.26
C VAL F 312 -26.30 -33.51 -18.00
N GLU F 313 -26.77 -34.78 -18.13
CA GLU F 313 -26.04 -35.81 -18.86
C GLU F 313 -25.93 -35.41 -20.34
N ASN F 314 -27.04 -34.83 -20.89
CA ASN F 314 -27.15 -34.35 -22.27
C ASN F 314 -26.12 -33.27 -22.54
N ALA F 315 -26.01 -32.29 -21.63
CA ALA F 315 -25.04 -31.20 -21.70
C ALA F 315 -23.59 -31.73 -21.58
N TRP F 316 -23.41 -32.77 -20.77
CA TRP F 316 -22.11 -33.37 -20.56
C TRP F 316 -21.62 -34.08 -21.80
N GLU F 317 -22.43 -34.89 -22.47
CA GLU F 317 -21.89 -35.58 -23.63
C GLU F 317 -21.85 -34.67 -24.87
N LYS F 318 -22.74 -33.68 -24.95
CA LYS F 318 -22.70 -32.67 -26.03
C LYS F 318 -21.40 -31.84 -25.83
N SER F 319 -20.98 -31.61 -24.54
CA SER F 319 -19.75 -30.90 -24.13
C SER F 319 -18.51 -31.55 -24.71
N ARG F 320 -18.47 -32.90 -24.70
CA ARG F 320 -17.37 -33.66 -25.25
C ARG F 320 -17.53 -33.62 -26.79
N SER F 321 -17.44 -34.78 -27.47
CA SER F 321 -17.56 -34.94 -28.94
C SER F 321 -16.61 -34.00 -29.75
N ASN F 322 -16.34 -34.35 -31.03
CA ASN F 322 -15.51 -33.49 -31.88
C ASN F 322 -16.33 -32.28 -32.41
N SER F 323 -17.69 -32.32 -32.21
CA SER F 323 -18.65 -31.27 -32.55
C SER F 323 -18.48 -30.07 -31.57
N LEU F 324 -17.29 -29.45 -31.66
CA LEU F 324 -16.79 -28.34 -30.86
C LEU F 324 -16.92 -26.99 -31.58
N SER F 325 -16.94 -25.91 -30.79
CA SER F 325 -16.93 -24.51 -31.22
C SER F 325 -15.54 -24.01 -30.83
N ARG F 326 -15.33 -23.92 -29.50
CA ARG F 326 -14.13 -23.48 -28.80
C ARG F 326 -14.04 -24.31 -27.49
N SER F 327 -14.10 -23.60 -26.35
CA SER F 327 -14.01 -24.05 -24.97
C SER F 327 -15.10 -25.06 -24.61
N THR F 328 -14.66 -26.27 -24.18
CA THR F 328 -15.53 -27.37 -23.74
C THR F 328 -16.22 -27.00 -22.45
N GLU F 329 -15.52 -26.21 -21.62
CA GLU F 329 -16.00 -25.60 -20.36
C GLU F 329 -17.17 -24.68 -20.73
N ASP F 330 -17.04 -23.95 -21.86
CA ASP F 330 -18.06 -23.05 -22.36
C ASP F 330 -19.23 -23.83 -22.99
N GLN F 331 -18.94 -24.83 -23.86
CA GLN F 331 -19.94 -25.69 -24.51
C GLN F 331 -20.89 -26.29 -23.49
N PHE F 332 -20.34 -26.84 -22.39
CA PHE F 332 -21.10 -27.48 -21.32
C PHE F 332 -22.15 -26.56 -20.70
N PHE F 333 -21.72 -25.39 -20.24
CA PHE F 333 -22.62 -24.45 -19.58
C PHE F 333 -23.67 -23.92 -20.53
N MET F 334 -23.31 -23.72 -21.82
CA MET F 334 -24.24 -23.26 -22.85
C MET F 334 -25.38 -24.27 -22.96
N TYR F 335 -25.05 -25.57 -23.09
CA TYR F 335 -26.04 -26.63 -23.19
C TYR F 335 -26.79 -26.83 -21.90
N LEU F 336 -26.09 -26.81 -20.74
CA LEU F 336 -26.74 -26.97 -19.45
C LEU F 336 -27.83 -25.91 -19.27
N ARG F 337 -27.51 -24.62 -19.55
CA ARG F 337 -28.43 -23.48 -19.47
C ARG F 337 -29.62 -23.75 -20.39
N VAL F 338 -29.34 -23.93 -21.69
CA VAL F 338 -30.32 -24.21 -22.72
C VAL F 338 -31.28 -25.33 -22.33
N ASN F 339 -30.75 -26.53 -22.02
CA ASN F 339 -31.54 -27.70 -21.62
C ASN F 339 -32.42 -27.37 -20.41
N THR F 340 -31.85 -26.73 -19.37
CA THR F 340 -32.58 -26.33 -18.18
C THR F 340 -33.74 -25.41 -18.56
N LEU F 341 -33.47 -24.36 -19.37
CA LEU F 341 -34.47 -23.39 -19.85
C LEU F 341 -35.60 -24.06 -20.62
N ASN F 342 -35.23 -24.94 -21.55
CA ASN F 342 -36.15 -25.66 -22.40
C ASN F 342 -37.05 -26.62 -21.64
N LYS F 343 -36.68 -26.99 -20.41
CA LYS F 343 -37.53 -27.87 -19.63
C LYS F 343 -38.28 -27.10 -18.56
N LEU F 344 -37.60 -26.17 -17.89
CA LEU F 344 -38.20 -25.40 -16.78
C LEU F 344 -39.08 -24.22 -17.21
N VAL F 345 -38.68 -23.44 -18.24
CA VAL F 345 -39.50 -22.29 -18.71
C VAL F 345 -40.89 -22.76 -19.10
N PRO F 346 -41.03 -23.81 -19.94
CA PRO F 346 -42.37 -24.29 -20.27
C PRO F 346 -43.19 -24.72 -19.04
N TYR F 347 -42.56 -25.47 -18.11
CA TYR F 347 -43.21 -25.92 -16.87
C TYR F 347 -43.72 -24.74 -16.08
N ALA F 348 -42.85 -23.73 -15.86
CA ALA F 348 -43.20 -22.51 -15.14
C ALA F 348 -44.39 -21.86 -15.85
N ALA F 349 -44.28 -21.66 -17.18
CA ALA F 349 -45.32 -21.06 -18.02
C ALA F 349 -46.66 -21.77 -17.84
N GLN F 350 -46.65 -23.13 -17.90
CA GLN F 350 -47.83 -23.97 -17.74
C GLN F 350 -48.40 -23.87 -16.33
N ARG F 351 -47.55 -23.98 -15.31
CA ARG F 351 -47.95 -23.84 -13.90
C ARG F 351 -48.72 -22.48 -13.69
N PHE F 352 -48.15 -21.37 -14.20
CA PHE F 352 -48.78 -20.06 -14.13
C PHE F 352 -50.19 -20.09 -14.72
N ILE F 353 -50.35 -20.61 -15.96
CA ILE F 353 -51.62 -20.70 -16.65
C ILE F 353 -52.60 -21.62 -15.92
N ASP F 354 -52.10 -22.75 -15.42
CA ASP F 354 -52.90 -23.74 -14.71
C ASP F 354 -53.52 -23.17 -13.43
N ASN F 355 -52.73 -22.42 -12.65
CA ASN F 355 -53.25 -21.86 -11.40
C ASN F 355 -53.59 -20.38 -11.51
N LEU F 356 -53.80 -19.90 -12.77
CA LEU F 356 -54.10 -18.49 -13.07
C LEU F 356 -55.21 -17.87 -12.23
N PRO F 357 -56.36 -18.51 -11.94
CA PRO F 357 -57.38 -17.86 -11.08
C PRO F 357 -56.76 -17.38 -9.75
N ALA F 358 -56.05 -18.31 -9.10
CA ALA F 358 -55.34 -18.11 -7.85
C ALA F 358 -54.26 -17.03 -8.01
N ILE F 359 -53.31 -17.25 -8.95
CA ILE F 359 -52.20 -16.36 -9.28
C ILE F 359 -52.70 -14.91 -9.54
N PHE F 360 -53.91 -14.78 -10.19
CA PHE F 360 -54.56 -13.50 -10.48
C PHE F 360 -55.05 -12.85 -9.21
N ALA F 361 -55.78 -13.63 -8.37
CA ALA F 361 -56.26 -13.18 -7.08
C ALA F 361 -55.09 -12.79 -6.14
N GLY F 362 -53.92 -13.38 -6.36
CA GLY F 362 -52.72 -13.18 -5.56
C GLY F 362 -52.74 -13.92 -4.25
N THR F 363 -53.67 -14.90 -4.12
CA THR F 363 -53.91 -15.73 -2.94
C THR F 363 -53.12 -17.03 -2.99
N PHE F 364 -52.66 -17.45 -4.22
CA PHE F 364 -51.90 -18.67 -4.49
C PHE F 364 -50.73 -18.81 -3.51
N ASN F 365 -50.76 -19.83 -2.61
CA ASN F 365 -49.72 -19.92 -1.56
C ASN F 365 -48.52 -20.78 -1.96
N HIS F 366 -48.11 -20.67 -3.21
CA HIS F 366 -46.99 -21.46 -3.69
C HIS F 366 -46.19 -20.79 -4.78
N ALA F 367 -44.98 -21.30 -5.02
CA ALA F 367 -44.16 -20.78 -6.10
C ALA F 367 -44.46 -21.61 -7.34
N LEU F 368 -44.09 -21.05 -8.50
CA LEU F 368 -44.32 -21.67 -9.80
C LEU F 368 -43.59 -23.02 -9.94
N LEU F 369 -42.41 -23.17 -9.32
CA LEU F 369 -41.68 -24.45 -9.40
C LEU F 369 -41.59 -25.09 -8.00
N GLU F 370 -42.75 -25.67 -7.57
CA GLU F 370 -43.03 -26.35 -6.31
C GLU F 370 -42.71 -27.84 -6.35
N ASP F 371 -41.99 -28.26 -5.28
CA ASP F 371 -41.42 -29.55 -4.83
C ASP F 371 -41.92 -30.80 -5.53
N ALA F 372 -43.25 -30.84 -5.74
CA ALA F 372 -44.05 -31.86 -6.41
C ALA F 372 -43.39 -32.50 -7.65
N SER F 373 -42.68 -31.66 -8.40
CA SER F 373 -42.13 -31.86 -9.73
C SER F 373 -40.67 -32.28 -9.83
N GLU F 374 -40.36 -33.07 -10.88
CA GLU F 374 -39.02 -33.51 -11.27
C GLU F 374 -38.24 -32.24 -11.66
N CYS F 375 -38.97 -31.25 -12.20
CA CYS F 375 -38.48 -29.94 -12.62
C CYS F 375 -37.93 -29.22 -11.39
N SER F 376 -38.73 -29.16 -10.30
CA SER F 376 -38.34 -28.54 -9.03
C SER F 376 -37.10 -29.21 -8.43
N ASP F 377 -36.98 -30.53 -8.59
CA ASP F 377 -35.87 -31.34 -8.09
C ASP F 377 -34.55 -30.95 -8.76
N LEU F 378 -34.58 -30.66 -10.08
CA LEU F 378 -33.39 -30.26 -10.85
C LEU F 378 -32.79 -28.99 -10.27
N LEU F 379 -33.66 -27.99 -9.94
CA LEU F 379 -33.25 -26.73 -9.33
C LEU F 379 -32.59 -26.96 -8.01
N LYS F 380 -33.19 -27.86 -7.17
CA LYS F 380 -32.68 -28.23 -5.85
C LYS F 380 -31.30 -28.82 -5.99
N LEU F 381 -31.08 -29.65 -7.03
CA LEU F 381 -29.80 -30.30 -7.32
C LEU F 381 -28.69 -29.27 -7.49
N TYR F 382 -28.91 -28.28 -8.38
CA TYR F 382 -27.97 -27.20 -8.64
C TYR F 382 -27.65 -26.44 -7.37
N LYS F 383 -28.65 -26.16 -6.58
CA LYS F 383 -28.45 -25.48 -5.34
C LYS F 383 -27.65 -26.31 -4.38
N ASN F 384 -27.93 -27.60 -4.26
CA ASN F 384 -27.24 -28.44 -3.30
C ASN F 384 -25.78 -28.51 -3.61
N VAL F 385 -25.45 -28.66 -4.86
CA VAL F 385 -24.08 -28.72 -5.25
C VAL F 385 -23.37 -27.45 -4.94
N ALA F 386 -23.98 -26.32 -5.15
CA ALA F 386 -23.38 -25.05 -4.88
C ALA F 386 -23.19 -24.84 -3.45
N VAL F 387 -24.15 -25.24 -2.66
CA VAL F 387 -24.11 -25.03 -1.21
C VAL F 387 -23.01 -25.75 -0.59
N LYS F 388 -22.81 -26.99 -1.02
CA LYS F 388 -21.76 -27.89 -0.57
C LYS F 388 -20.39 -27.65 -1.18
N HIS F 389 -20.30 -27.10 -2.39
CA HIS F 389 -19.00 -26.96 -3.05
C HIS F 389 -18.61 -25.56 -3.52
N VAL F 390 -19.52 -24.58 -3.47
CA VAL F 390 -19.17 -23.22 -3.91
C VAL F 390 -19.20 -22.24 -2.74
N PHE F 391 -20.33 -22.16 -2.09
CA PHE F 391 -20.53 -21.24 -1.00
C PHE F 391 -19.75 -21.55 0.23
N SER F 392 -19.34 -22.80 0.37
CA SER F 392 -18.54 -23.36 1.46
C SER F 392 -17.07 -23.00 1.31
N HIS F 393 -16.67 -22.45 0.16
CA HIS F 393 -15.29 -22.10 -0.12
C HIS F 393 -14.74 -21.08 0.89
N PRO F 394 -13.55 -21.36 1.49
CA PRO F 394 -13.00 -20.46 2.51
C PRO F 394 -12.82 -19.01 2.13
N ASP F 395 -12.43 -18.73 0.88
CA ASP F 395 -12.23 -17.36 0.43
C ASP F 395 -13.56 -16.62 0.40
N VAL F 396 -14.64 -17.33 -0.02
CA VAL F 396 -16.00 -16.80 -0.07
C VAL F 396 -16.45 -16.50 1.36
N GLU F 397 -16.37 -17.49 2.25
CA GLU F 397 -16.75 -17.39 3.67
C GLU F 397 -15.99 -16.28 4.40
N ARG F 398 -14.69 -16.09 4.09
CA ARG F 398 -13.89 -15.06 4.74
C ARG F 398 -14.41 -13.68 4.41
N LEU F 399 -14.70 -13.41 3.13
CA LEU F 399 -15.23 -12.11 2.72
C LEU F 399 -16.62 -11.84 3.30
N GLU F 400 -17.39 -12.87 3.58
CA GLU F 400 -18.63 -12.78 4.29
C GLU F 400 -18.42 -12.40 5.76
N LEU F 401 -17.48 -13.00 6.46
CA LEU F 401 -17.07 -12.64 7.82
C LEU F 401 -16.62 -11.18 7.87
N GLN F 402 -15.87 -10.77 6.81
CA GLN F 402 -15.32 -9.43 6.65
C GLN F 402 -16.45 -8.46 6.48
N GLY F 403 -17.37 -8.80 5.59
CA GLY F 403 -18.53 -7.98 5.27
C GLY F 403 -19.36 -7.63 6.49
N TYR F 404 -19.59 -8.64 7.33
CA TYR F 404 -20.32 -8.52 8.56
C TYR F 404 -19.65 -7.51 9.50
N ARG F 405 -18.31 -7.61 9.68
CA ARG F 405 -17.53 -6.67 10.52
C ARG F 405 -17.67 -5.25 9.98
N VAL F 406 -17.48 -5.06 8.65
CA VAL F 406 -17.59 -3.77 7.96
C VAL F 406 -18.94 -3.10 8.22
N ILE F 407 -20.07 -3.80 7.92
CA ILE F 407 -21.40 -3.21 8.12
C ILE F 407 -21.65 -2.91 9.59
N SER F 408 -21.32 -3.85 10.48
CA SER F 408 -21.48 -3.67 11.90
C SER F 408 -20.70 -2.45 12.38
N GLY F 409 -19.48 -2.31 11.87
CA GLY F 409 -18.56 -1.22 12.18
C GLY F 409 -19.11 0.13 11.80
N LEU F 410 -19.64 0.23 10.56
CA LEU F 410 -20.24 1.46 10.05
C LEU F 410 -21.41 1.88 10.93
N LEU F 411 -22.26 0.90 11.33
CA LEU F 411 -23.41 1.15 12.20
C LEU F 411 -22.97 1.73 13.52
N GLU F 412 -21.90 1.15 14.07
CA GLU F 412 -21.33 1.61 15.33
C GLU F 412 -20.70 3.00 15.16
N ILE F 413 -20.16 3.30 13.95
CA ILE F 413 -19.54 4.59 13.65
C ILE F 413 -20.59 5.70 13.73
N TYR F 414 -21.78 5.47 13.13
CA TYR F 414 -22.87 6.45 13.10
C TYR F 414 -23.76 6.41 14.32
N ARG F 415 -23.59 5.38 15.21
CA ARG F 415 -24.36 5.22 16.47
C ARG F 415 -24.64 6.56 17.17
N PRO F 416 -23.63 7.48 17.36
CA PRO F 416 -23.91 8.77 18.04
C PRO F 416 -25.05 9.61 17.51
N LEU F 417 -25.44 9.43 16.23
CA LEU F 417 -26.56 10.17 15.64
C LEU F 417 -27.86 9.66 16.30
N LEU F 418 -27.97 8.33 16.51
CA LEU F 418 -29.12 7.68 17.15
C LEU F 418 -29.11 7.90 18.65
N SER F 419 -27.95 8.29 19.21
CA SER F 419 -27.76 8.52 20.63
C SER F 419 -28.24 9.89 21.08
N LEU F 420 -28.21 10.87 20.17
CA LEU F 420 -28.66 12.25 20.34
C LEU F 420 -30.12 12.34 20.81
N SER F 421 -30.45 13.43 21.53
CA SER F 421 -31.81 13.68 21.99
C SER F 421 -32.65 14.17 20.81
N LEU F 422 -34.00 14.09 20.91
CA LEU F 422 -34.88 14.55 19.83
C LEU F 422 -34.61 16.01 19.51
N SER F 423 -34.56 16.88 20.54
CA SER F 423 -34.30 18.31 20.38
C SER F 423 -32.96 18.57 19.70
N ASP F 424 -31.87 17.93 20.19
CA ASP F 424 -30.53 18.08 19.62
C ASP F 424 -30.46 17.58 18.19
N PHE F 425 -31.10 16.44 17.89
CA PHE F 425 -31.06 15.91 16.54
C PHE F 425 -31.83 16.81 15.59
N THR F 426 -33.01 17.32 16.01
CA THR F 426 -33.83 18.19 15.16
C THR F 426 -33.16 19.55 14.98
N GLU F 427 -32.32 19.96 15.96
CA GLU F 427 -31.52 21.19 15.91
C GLU F 427 -30.47 21.00 14.83
N LEU F 428 -29.88 19.78 14.78
CA LEU F 428 -28.89 19.39 13.78
C LEU F 428 -29.52 19.31 12.40
N VAL F 429 -30.78 18.84 12.32
CA VAL F 429 -31.51 18.74 11.06
C VAL F 429 -31.82 20.13 10.54
N GLU F 430 -32.21 21.07 11.45
CA GLU F 430 -32.55 22.46 11.13
C GLU F 430 -31.33 23.20 10.60
N LYS F 431 -30.39 23.62 11.45
CA LYS F 431 -29.18 24.23 10.88
C LYS F 431 -28.17 23.11 10.73
N GLU F 432 -27.82 22.77 9.46
CA GLU F 432 -26.90 21.68 9.12
C GLU F 432 -25.67 21.58 10.06
N ARG F 433 -25.12 22.71 10.53
CA ARG F 433 -23.99 22.67 11.42
C ARG F 433 -24.25 23.26 12.81
N VAL F 434 -24.19 22.40 13.84
CA VAL F 434 -24.29 22.73 15.27
C VAL F 434 -22.86 22.73 15.83
N LYS F 435 -22.50 23.81 16.55
CA LYS F 435 -21.14 24.00 17.08
C LYS F 435 -20.80 23.09 18.27
N ARG F 436 -21.75 22.78 19.16
CA ARG F 436 -21.46 21.87 20.29
C ARG F 436 -21.39 20.38 19.87
N PHE F 437 -21.73 20.03 18.61
CA PHE F 437 -21.69 18.66 18.11
C PHE F 437 -20.87 18.60 16.83
N PRO F 438 -19.52 18.68 16.92
CA PRO F 438 -18.72 18.66 15.67
C PRO F 438 -18.79 17.35 14.92
N ILE F 439 -18.50 16.25 15.62
CA ILE F 439 -18.46 14.91 15.06
C ILE F 439 -19.87 14.50 14.59
N GLU F 440 -20.90 14.74 15.44
CA GLU F 440 -22.33 14.47 15.18
C GLU F 440 -22.83 15.22 13.95
N SER F 441 -22.38 16.49 13.76
CA SER F 441 -22.70 17.33 12.61
C SER F 441 -22.06 16.77 11.33
N ARG F 442 -20.72 16.52 11.37
CA ARG F 442 -19.92 15.96 10.28
C ARG F 442 -20.45 14.60 9.78
N LEU F 443 -20.87 13.73 10.74
CA LEU F 443 -21.45 12.42 10.48
C LEU F 443 -22.79 12.59 9.78
N PHE F 444 -23.61 13.56 10.22
CA PHE F 444 -24.90 13.85 9.63
C PHE F 444 -24.73 14.26 8.16
N HIS F 445 -23.68 15.05 7.85
CA HIS F 445 -23.36 15.51 6.49
C HIS F 445 -22.98 14.37 5.57
N LYS F 446 -22.34 13.31 6.13
CA LYS F 446 -21.90 12.09 5.40
C LYS F 446 -23.09 11.36 4.75
N LEU F 447 -24.27 11.44 5.39
CA LEU F 447 -25.51 10.83 4.93
C LEU F 447 -25.98 11.49 3.62
N SER F 448 -26.36 10.66 2.63
CA SER F 448 -26.81 11.09 1.31
C SER F 448 -28.02 11.99 1.44
N THR F 449 -27.99 13.11 0.71
CA THR F 449 -29.06 14.12 0.70
C THR F 449 -30.43 13.50 0.46
N ARG F 450 -30.50 12.51 -0.47
CA ARG F 450 -31.72 11.77 -0.77
C ARG F 450 -32.33 11.16 0.49
N HIS F 451 -31.51 10.44 1.26
CA HIS F 451 -31.87 9.77 2.52
C HIS F 451 -32.29 10.73 3.60
N ARG F 452 -31.62 11.90 3.66
CA ARG F 452 -31.87 12.94 4.63
C ARG F 452 -33.19 13.65 4.35
N LEU F 453 -33.48 13.93 3.06
CA LEU F 453 -34.72 14.59 2.66
C LEU F 453 -35.91 13.74 3.02
N ALA F 454 -35.76 12.42 2.81
CA ALA F 454 -36.77 11.42 3.11
C ALA F 454 -37.14 11.47 4.60
N TYR F 455 -36.13 11.62 5.51
CA TYR F 455 -36.34 11.77 6.95
C TYR F 455 -37.14 13.05 7.19
N VAL F 456 -36.65 14.18 6.66
CA VAL F 456 -37.28 15.50 6.79
C VAL F 456 -38.75 15.46 6.34
N GLU F 457 -38.99 14.95 5.13
CA GLU F 457 -40.31 14.81 4.51
C GLU F 457 -41.25 13.98 5.39
N ALA F 458 -40.76 12.87 5.93
CA ALA F 458 -41.58 11.99 6.75
C ALA F 458 -41.95 12.59 8.09
N VAL F 459 -40.95 13.16 8.77
CA VAL F 459 -41.09 13.75 10.08
C VAL F 459 -41.94 15.04 10.01
N SER F 460 -41.82 15.79 8.89
CA SER F 460 -42.61 17.02 8.66
C SER F 460 -44.12 16.73 8.69
N LYS F 461 -44.52 15.60 8.09
CA LYS F 461 -45.90 15.14 7.98
C LYS F 461 -46.51 14.71 9.35
N LEU F 462 -45.67 14.45 10.38
CA LEU F 462 -46.13 14.04 11.70
C LEU F 462 -46.70 15.21 12.52
N PRO F 463 -47.78 15.00 13.32
CA PRO F 463 -48.28 16.07 14.20
C PRO F 463 -47.38 16.19 15.44
N SER F 464 -46.64 17.31 15.54
CA SER F 464 -45.66 17.56 16.60
C SER F 464 -46.21 17.41 18.04
N ASP F 465 -47.45 17.88 18.26
CA ASP F 465 -48.18 17.86 19.53
C ASP F 465 -48.40 16.43 20.10
N SER F 466 -48.63 15.45 19.18
CA SER F 466 -48.91 14.04 19.46
C SER F 466 -47.87 13.34 20.37
N PRO F 467 -48.33 12.46 21.31
CA PRO F 467 -47.36 11.71 22.12
C PRO F 467 -46.66 10.61 21.31
N GLU F 468 -47.16 10.35 20.08
CA GLU F 468 -46.62 9.39 19.13
C GLU F 468 -45.36 9.94 18.48
N PHE F 469 -45.31 11.29 18.29
CA PHE F 469 -44.22 12.03 17.63
C PHE F 469 -42.79 11.59 18.00
N PRO F 470 -42.35 11.52 19.28
CA PRO F 470 -40.96 11.12 19.57
C PRO F 470 -40.59 9.72 19.13
N LEU F 471 -41.58 8.81 19.16
CA LEU F 471 -41.47 7.42 18.77
C LEU F 471 -41.35 7.35 17.27
N TRP F 472 -42.19 8.10 16.56
CA TRP F 472 -42.17 8.15 15.10
C TRP F 472 -40.88 8.72 14.56
N GLU F 473 -40.39 9.80 15.21
CA GLU F 473 -39.14 10.47 14.85
C GLU F 473 -37.99 9.50 14.95
N TYR F 474 -37.87 8.79 16.10
CA TYR F 474 -36.80 7.81 16.28
C TYR F 474 -36.87 6.68 15.26
N TYR F 475 -38.10 6.24 14.91
CA TYR F 475 -38.29 5.22 13.88
C TYR F 475 -37.69 5.71 12.57
N TYR F 476 -38.06 6.94 12.15
CA TYR F 476 -37.59 7.56 10.92
C TYR F 476 -36.12 7.90 10.93
N ARG F 477 -35.55 8.13 12.12
CA ARG F 477 -34.13 8.43 12.30
C ARG F 477 -33.32 7.16 12.08
N CYS F 478 -33.81 6.03 12.61
CA CYS F 478 -33.20 4.72 12.42
C CYS F 478 -33.33 4.29 10.96
N ARG F 479 -34.52 4.56 10.34
CA ARG F 479 -34.76 4.23 8.94
C ARG F 479 -33.76 4.99 8.08
N LEU F 480 -33.57 6.32 8.33
CA LEU F 480 -32.57 7.17 7.64
C LEU F 480 -31.16 6.50 7.63
N LEU F 481 -30.73 5.97 8.79
CA LEU F 481 -29.44 5.33 8.94
C LEU F 481 -29.33 4.03 8.14
N GLN F 482 -30.35 3.14 8.27
CA GLN F 482 -30.42 1.88 7.54
C GLN F 482 -30.41 2.14 6.02
N ASP F 483 -31.13 3.19 5.57
CA ASP F 483 -31.20 3.64 4.17
C ASP F 483 -29.81 3.99 3.65
N TYR F 484 -28.99 4.71 4.46
CA TYR F 484 -27.64 5.11 4.07
C TYR F 484 -26.77 3.90 3.83
N ILE F 485 -26.65 3.02 4.87
CA ILE F 485 -25.86 1.78 4.92
C ILE F 485 -26.25 0.81 3.81
N SER F 486 -27.54 0.41 3.75
CA SER F 486 -28.04 -0.52 2.72
C SER F 486 -27.82 0.03 1.30
N GLY F 487 -27.84 1.36 1.19
CA GLY F 487 -27.63 2.10 -0.05
C GLY F 487 -26.26 1.93 -0.68
N MET F 488 -25.24 1.72 0.15
CA MET F 488 -23.85 1.56 -0.28
C MET F 488 -23.60 0.29 -1.06
N THR F 489 -22.53 0.30 -1.86
CA THR F 489 -22.07 -0.87 -2.59
C THR F 489 -21.14 -1.61 -1.63
N ASP F 490 -20.78 -2.84 -1.96
CA ASP F 490 -19.85 -3.64 -1.20
C ASP F 490 -18.58 -2.84 -0.99
N LEU F 491 -18.09 -2.22 -2.06
CA LEU F 491 -16.88 -1.44 -2.10
C LEU F 491 -16.93 -0.15 -1.33
N TYR F 492 -18.02 0.62 -1.47
CA TYR F 492 -18.12 1.89 -0.75
C TYR F 492 -18.16 1.67 0.74
N ALA F 493 -18.92 0.67 1.20
CA ALA F 493 -19.04 0.32 2.60
C ALA F 493 -17.68 -0.08 3.16
N TRP F 494 -16.93 -0.89 2.43
CA TRP F 494 -15.60 -1.35 2.81
C TRP F 494 -14.63 -0.19 2.93
N ASP F 495 -14.66 0.75 1.95
CA ASP F 495 -13.80 1.92 1.95
C ASP F 495 -14.14 2.88 3.05
N GLU F 496 -15.44 3.25 3.18
CA GLU F 496 -15.97 4.15 4.21
C GLU F 496 -15.56 3.72 5.58
N TYR F 497 -15.67 2.41 5.87
CA TYR F 497 -15.29 1.80 7.13
C TYR F 497 -13.79 2.01 7.42
N ARG F 498 -12.94 1.82 6.42
CA ARG F 498 -11.49 2.00 6.54
C ARG F 498 -11.08 3.46 6.66
N ARG F 499 -11.69 4.36 5.88
CA ARG F 499 -11.43 5.79 5.91
C ARG F 499 -11.84 6.34 7.28
N LEU F 500 -13.03 5.94 7.81
CA LEU F 500 -13.53 6.38 9.10
C LEU F 500 -12.86 5.69 10.29
N MET F 501 -11.99 4.71 10.06
CA MET F 501 -11.23 4.08 11.14
C MET F 501 -9.81 4.68 11.20
N ALA F 502 -9.46 5.52 10.19
CA ALA F 502 -8.17 6.18 9.97
C ALA F 502 -7.06 5.14 9.78
N VAL F 503 -7.39 4.10 9.00
CA VAL F 503 -6.51 2.97 8.63
C VAL F 503 -6.24 2.93 7.07
N GLU F 504 -6.78 3.95 6.33
CA GLU F 504 -6.67 4.12 4.88
C GLU F 504 -6.26 5.58 4.62
#